data_7FRZ
#
_entry.id   7FRZ
#
_cell.length_a   207.176
_cell.length_b   112.984
_cell.length_c   187.820
_cell.angle_alpha   90.000
_cell.angle_beta   92.260
_cell.angle_gamma   90.000
#
_symmetry.space_group_name_H-M   'C 1 2 1'
#
loop_
_entity.id
_entity.type
_entity.pdbx_description
1 polymer 'Pyruvate kinase PKLR'
2 non-polymer 1,6-di-O-phosphono-beta-D-fructofuranose
3 non-polymer 'OXALATE ION'
4 non-polymer 'MAGNESIUM ION'
5 non-polymer 'POTASSIUM ION'
6 non-polymer 3,4-dihydroxy-N-{[4-(3-hydroxybenzene-1-sulfonyl)phenyl]methyl}benzene-1-sulfonamide
7 water water
#
_entity_poly.entity_id   1
_entity_poly.type   'polypeptide(L)'
_entity_poly.pdbx_seq_one_letter_code
;GSMEGPAGYLRRADVAQLTQELGTAFFQQQQLPAAMADTFLEHLCLLDIDSEPVAARSTSIIATIGPASRSVERLKEMIK
AGMNIARLNFSHGSHEYHAESIANVREAVESFAGSPLSYRPVAIALDTKGPGSGPGLSEQDVRDLRFGVEHGVDIVFASF
VRKASDVAAVRAALGPEGHGIKIISKIENHEGVKRFDEILEVSDGIMVARGDLGIEIPAEKVFLAQKMMIGRCNLAGKPV
VCATQMLESMITKPRPTRAETSDVANAVLDGADCIMLSGETAKGNFPVEAVKMQHAIAREAEAAVYHRQLFEELRRAAPL
SRDPTEVTAIGAVEAAFKCCAAAIIVLTTTGRSAQLLSRYRPRAAVIAVTRSAQAARQVHLCRGVFPLLYREPPEAIWAD
DVDRRVQFGIESGKLRGFLRVGDLVIVVTGWRPGSGYTNIMRVLSIS
;
_entity_poly.pdbx_strand_id   A,B,C,D,E,F,G,H
#
loop_
_chem_comp.id
_chem_comp.type
_chem_comp.name
_chem_comp.formula
FBP D-saccharide, beta linking 1,6-di-O-phosphono-beta-D-fructofuranose 'C6 H14 O12 P2'
K non-polymer 'POTASSIUM ION' 'K 1'
MG non-polymer 'MAGNESIUM ION' 'Mg 2'
O99 non-polymer 3,4-dihydroxy-N-{[4-(3-hydroxybenzene-1-sulfonyl)phenyl]methyl}benzene-1-sulfonamide 'C19 H17 N O7 S2'
OXL non-polymer 'OXALATE ION' 'C2 O4 -2'
#
# COMPACT_ATOMS: atom_id res chain seq x y z
N ALA A 25 9.06 20.68 -25.90
CA ALA A 25 9.08 19.84 -27.10
C ALA A 25 10.50 19.66 -27.64
N PHE A 26 11.30 20.74 -27.60
CA PHE A 26 12.70 20.73 -28.06
C PHE A 26 13.49 19.70 -27.27
N PHE A 27 13.31 19.69 -25.94
CA PHE A 27 14.05 18.80 -25.05
C PHE A 27 13.56 17.36 -25.03
N GLN A 28 12.48 17.03 -25.76
CA GLN A 28 12.01 15.64 -25.87
C GLN A 28 12.52 14.96 -27.15
N GLN A 29 12.84 15.76 -28.19
CA GLN A 29 13.37 15.26 -29.46
C GLN A 29 14.87 14.91 -29.33
N GLN A 30 15.44 14.27 -30.37
CA GLN A 30 16.84 13.86 -30.56
C GLN A 30 17.52 13.25 -29.32
N GLN A 31 16.78 12.41 -28.56
CA GLN A 31 17.22 11.72 -27.35
C GLN A 31 17.87 12.65 -26.33
N LEU A 32 17.37 13.89 -26.22
CA LEU A 32 17.94 14.87 -25.29
C LEU A 32 17.81 14.44 -23.82
N PRO A 33 16.69 13.82 -23.34
CA PRO A 33 16.70 13.30 -21.96
C PRO A 33 17.81 12.27 -21.74
N ALA A 34 18.02 11.37 -22.70
CA ALA A 34 19.07 10.35 -22.63
C ALA A 34 20.49 10.97 -22.69
N ALA A 35 20.68 12.05 -23.46
CA ALA A 35 21.97 12.73 -23.60
C ALA A 35 22.40 13.48 -22.36
N MET A 36 21.41 13.95 -21.54
CA MET A 36 21.63 14.68 -20.28
C MET A 36 21.80 13.75 -19.07
N ALA A 37 21.62 12.43 -19.21
CA ALA A 37 21.69 11.52 -18.07
C ALA A 37 23.02 11.56 -17.33
N ASP A 38 22.99 11.30 -16.00
CA ASP A 38 24.17 11.34 -15.14
C ASP A 38 25.06 10.10 -15.25
N THR A 39 24.51 8.99 -15.74
CA THR A 39 25.26 7.75 -15.91
C THR A 39 24.92 7.15 -17.28
N PHE A 40 25.79 6.27 -17.79
CA PHE A 40 25.53 5.56 -19.02
C PHE A 40 24.31 4.63 -18.87
N LEU A 41 24.13 4.02 -17.67
CA LEU A 41 22.98 3.16 -17.41
C LEU A 41 21.68 3.95 -17.54
N GLU A 42 21.62 5.15 -16.94
CA GLU A 42 20.45 6.01 -17.03
C GLU A 42 20.23 6.50 -18.46
N HIS A 43 21.32 6.76 -19.20
CA HIS A 43 21.28 7.15 -20.61
C HIS A 43 20.56 6.07 -21.43
N LEU A 44 20.93 4.78 -21.21
CA LEU A 44 20.29 3.67 -21.92
C LEU A 44 18.81 3.56 -21.55
N CYS A 45 18.50 3.66 -20.26
CA CYS A 45 17.13 3.57 -19.77
C CYS A 45 16.23 4.68 -20.33
N LEU A 46 16.81 5.85 -20.67
CA LEU A 46 16.05 6.97 -21.19
C LEU A 46 15.92 7.00 -22.72
N LEU A 47 16.52 6.06 -23.45
CA LEU A 47 16.39 6.03 -24.92
C LEU A 47 14.91 5.80 -25.28
N ASP A 48 14.39 6.59 -26.22
CA ASP A 48 12.97 6.59 -26.53
C ASP A 48 12.75 6.42 -28.02
N ILE A 49 11.98 5.41 -28.43
CA ILE A 49 11.66 5.20 -29.85
C ILE A 49 10.76 6.34 -30.41
N ASP A 50 10.05 7.07 -29.54
CA ASP A 50 9.22 8.20 -29.96
C ASP A 50 9.98 9.53 -30.02
N SER A 51 11.24 9.57 -29.57
CA SER A 51 12.05 10.78 -29.62
C SER A 51 12.66 10.84 -31.03
N GLU A 52 12.13 11.73 -31.89
CA GLU A 52 12.57 11.80 -33.28
C GLU A 52 13.86 12.55 -33.50
N PRO A 53 14.70 12.08 -34.44
CA PRO A 53 15.93 12.80 -34.75
C PRO A 53 15.63 14.12 -35.46
N VAL A 54 16.31 15.20 -35.07
CA VAL A 54 16.10 16.50 -35.70
C VAL A 54 17.32 16.93 -36.50
N ALA A 55 18.53 16.63 -35.98
CA ALA A 55 19.76 17.01 -36.66
C ALA A 55 19.98 16.28 -37.99
N ALA A 56 20.74 16.92 -38.88
CA ALA A 56 21.10 16.33 -40.16
C ALA A 56 22.03 15.14 -39.91
N ARG A 57 21.96 14.13 -40.79
CA ARG A 57 22.77 12.93 -40.66
C ARG A 57 24.26 13.29 -40.84
N SER A 58 25.05 13.02 -39.81
CA SER A 58 26.46 13.38 -39.77
C SER A 58 27.45 12.31 -40.24
N THR A 59 27.10 11.01 -40.16
CA THR A 59 28.01 9.94 -40.59
C THR A 59 27.89 9.79 -42.09
N SER A 60 28.99 9.96 -42.84
CA SER A 60 28.94 9.86 -44.30
C SER A 60 28.74 8.45 -44.79
N ILE A 61 28.08 8.32 -45.94
CA ILE A 61 27.83 7.03 -46.56
C ILE A 61 28.71 6.90 -47.78
N ILE A 62 29.49 5.82 -47.85
CA ILE A 62 30.33 5.53 -48.99
C ILE A 62 29.62 4.42 -49.74
N ALA A 63 29.29 4.66 -51.03
CA ALA A 63 28.62 3.64 -51.82
C ALA A 63 29.56 3.15 -52.90
N THR A 64 29.65 1.83 -53.08
CA THR A 64 30.52 1.27 -54.11
C THR A 64 29.81 1.30 -55.46
N ILE A 65 30.48 1.84 -56.49
CA ILE A 65 29.89 1.94 -57.82
C ILE A 65 30.16 0.65 -58.62
N GLY A 66 29.12 0.13 -59.25
CA GLY A 66 29.19 -1.06 -60.09
C GLY A 66 28.03 -1.14 -61.06
N PRO A 67 27.80 -2.32 -61.66
CA PRO A 67 26.69 -2.46 -62.61
C PRO A 67 25.32 -1.97 -62.12
N ALA A 68 25.03 -2.16 -60.83
CA ALA A 68 23.75 -1.75 -60.25
C ALA A 68 23.64 -0.26 -59.92
N SER A 69 24.76 0.47 -59.97
CA SER A 69 24.75 1.88 -59.59
C SER A 69 25.61 2.73 -60.53
N ARG A 70 25.69 2.36 -61.81
CA ARG A 70 26.52 3.09 -62.76
C ARG A 70 25.82 4.14 -63.61
N SER A 71 24.51 3.98 -63.86
CA SER A 71 23.77 4.94 -64.70
C SER A 71 23.65 6.29 -64.04
N VAL A 72 23.68 7.37 -64.85
CA VAL A 72 23.58 8.75 -64.36
C VAL A 72 22.25 8.96 -63.60
N GLU A 73 21.17 8.38 -64.09
CA GLU A 73 19.86 8.49 -63.46
C GLU A 73 19.81 7.77 -62.10
N ARG A 74 20.47 6.60 -62.01
CA ARG A 74 20.56 5.82 -60.79
C ARG A 74 21.43 6.56 -59.76
N LEU A 75 22.56 7.14 -60.21
CA LEU A 75 23.47 7.91 -59.37
C LEU A 75 22.81 9.16 -58.80
N LYS A 76 21.89 9.79 -59.55
CA LYS A 76 21.14 10.95 -59.05
C LYS A 76 20.24 10.54 -57.89
N GLU A 77 19.63 9.35 -57.99
CA GLU A 77 18.77 8.82 -56.94
C GLU A 77 19.58 8.51 -55.68
N MET A 78 20.82 8.00 -55.86
CA MET A 78 21.69 7.68 -54.74
CA MET A 78 21.69 7.68 -54.74
C MET A 78 22.20 8.92 -54.04
N ILE A 79 22.42 10.01 -54.80
CA ILE A 79 22.86 11.28 -54.23
C ILE A 79 21.72 11.83 -53.36
N LYS A 80 20.49 11.78 -53.89
CA LYS A 80 19.31 12.22 -53.15
C LYS A 80 19.06 11.35 -51.90
N ALA A 81 19.34 10.03 -51.99
CA ALA A 81 19.19 9.11 -50.86
C ALA A 81 20.25 9.35 -49.75
N GLY A 82 21.38 9.95 -50.10
CA GLY A 82 22.39 10.27 -49.11
C GLY A 82 23.84 9.89 -49.38
N MET A 83 24.16 9.36 -50.57
CA MET A 83 25.54 8.99 -50.88
C MET A 83 26.46 10.21 -50.85
N ASN A 84 27.56 10.15 -50.10
CA ASN A 84 28.51 11.26 -49.98
C ASN A 84 29.82 10.99 -50.68
N ILE A 85 30.22 9.70 -50.73
CA ILE A 85 31.47 9.28 -51.35
C ILE A 85 31.20 8.11 -52.27
N ALA A 86 31.70 8.17 -53.50
CA ALA A 86 31.53 7.09 -54.48
C ALA A 86 32.83 6.30 -54.50
N ARG A 87 32.76 4.99 -54.22
CA ARG A 87 33.94 4.13 -54.19
C ARG A 87 34.10 3.34 -55.47
N LEU A 88 35.28 3.40 -56.11
CA LEU A 88 35.56 2.62 -57.32
C LEU A 88 36.46 1.48 -56.92
N ASN A 89 35.96 0.25 -56.99
CA ASN A 89 36.75 -0.90 -56.61
C ASN A 89 37.62 -1.34 -57.77
N PHE A 90 38.92 -1.02 -57.69
CA PHE A 90 39.86 -1.38 -58.75
C PHE A 90 40.27 -2.86 -58.76
N SER A 91 39.66 -3.69 -57.90
CA SER A 91 39.87 -5.14 -57.96
C SER A 91 39.12 -5.75 -59.16
N HIS A 92 38.14 -5.03 -59.74
CA HIS A 92 37.33 -5.46 -60.88
C HIS A 92 37.22 -4.29 -61.87
N GLY A 93 37.12 -4.62 -63.15
CA GLY A 93 36.96 -3.61 -64.19
C GLY A 93 38.23 -2.97 -64.69
N SER A 94 38.18 -2.48 -65.92
CA SER A 94 39.31 -1.82 -66.57
C SER A 94 39.37 -0.32 -66.25
N HIS A 95 40.45 0.36 -66.67
CA HIS A 95 40.58 1.79 -66.51
C HIS A 95 39.47 2.52 -67.29
N GLU A 96 39.10 2.00 -68.48
CA GLU A 96 38.04 2.56 -69.31
C GLU A 96 36.71 2.50 -68.59
N TYR A 97 36.44 1.38 -67.92
CA TYR A 97 35.22 1.16 -67.14
C TYR A 97 35.13 2.16 -65.97
N HIS A 98 36.24 2.32 -65.22
CA HIS A 98 36.27 3.25 -64.09
C HIS A 98 36.22 4.71 -64.50
N ALA A 99 36.81 5.07 -65.65
CA ALA A 99 36.74 6.43 -66.17
C ALA A 99 35.30 6.81 -66.51
N GLU A 100 34.53 5.85 -67.06
CA GLU A 100 33.13 6.07 -67.38
C GLU A 100 32.31 6.21 -66.09
N SER A 101 32.65 5.42 -65.04
CA SER A 101 32.02 5.51 -63.73
C SER A 101 32.24 6.90 -63.14
N ILE A 102 33.49 7.40 -63.19
CA ILE A 102 33.86 8.73 -62.72
C ILE A 102 33.07 9.82 -63.45
N ALA A 103 33.01 9.73 -64.80
CA ALA A 103 32.28 10.70 -65.62
C ALA A 103 30.79 10.70 -65.31
N ASN A 104 30.21 9.51 -65.04
CA ASN A 104 28.79 9.39 -64.69
C ASN A 104 28.49 9.98 -63.33
N VAL A 105 29.41 9.78 -62.36
CA VAL A 105 29.26 10.36 -61.03
C VAL A 105 29.29 11.88 -61.14
N ARG A 106 30.31 12.44 -61.83
CA ARG A 106 30.42 13.88 -62.01
C ARG A 106 29.22 14.50 -62.74
N GLU A 107 28.68 13.79 -63.74
CA GLU A 107 27.49 14.27 -64.46
C GLU A 107 26.28 14.31 -63.53
N ALA A 108 26.07 13.25 -62.73
CA ALA A 108 24.96 13.22 -61.78
C ALA A 108 25.11 14.29 -60.68
N VAL A 109 26.34 14.50 -60.17
CA VAL A 109 26.61 15.50 -59.13
C VAL A 109 26.37 16.92 -59.66
N GLU A 110 26.88 17.23 -60.86
CA GLU A 110 26.73 18.55 -61.44
C GLU A 110 25.33 18.86 -61.94
N SER A 111 24.44 17.86 -62.04
CA SER A 111 23.06 18.10 -62.42
C SER A 111 22.27 18.90 -61.35
N PHE A 112 22.82 19.03 -60.13
CA PHE A 112 22.22 19.79 -59.04
C PHE A 112 22.95 21.14 -58.78
N ALA A 113 24.02 21.44 -59.56
CA ALA A 113 24.84 22.66 -59.41
C ALA A 113 24.11 23.97 -59.79
N GLY A 114 22.93 23.86 -60.40
CA GLY A 114 22.10 25.01 -60.77
C GLY A 114 21.60 25.78 -59.57
N SER A 115 21.50 25.12 -58.41
CA SER A 115 21.06 25.73 -57.17
C SER A 115 22.24 25.64 -56.18
N PRO A 116 23.11 26.67 -56.15
CA PRO A 116 24.30 26.60 -55.29
C PRO A 116 24.06 26.50 -53.78
N LEU A 117 22.92 27.03 -53.28
CA LEU A 117 22.60 26.96 -51.86
C LEU A 117 22.21 25.53 -51.41
N SER A 118 21.90 24.61 -52.36
CA SER A 118 21.52 23.24 -52.00
C SER A 118 22.43 22.14 -52.64
N TYR A 119 23.39 22.52 -53.48
CA TYR A 119 24.31 21.60 -54.16
C TYR A 119 25.09 20.71 -53.17
N ARG A 120 25.10 19.40 -53.44
CA ARG A 120 25.82 18.47 -52.58
C ARG A 120 27.07 17.88 -53.25
N PRO A 121 28.27 18.26 -52.76
CA PRO A 121 29.49 17.68 -53.33
C PRO A 121 29.62 16.18 -53.04
N VAL A 122 30.21 15.40 -53.94
CA VAL A 122 30.38 13.96 -53.74
C VAL A 122 31.84 13.61 -54.01
N ALA A 123 32.52 13.02 -53.04
CA ALA A 123 33.93 12.64 -53.22
C ALA A 123 34.06 11.38 -54.07
N ILE A 124 35.20 11.20 -54.72
CA ILE A 124 35.48 10.00 -55.49
C ILE A 124 36.68 9.31 -54.87
N ALA A 125 36.49 8.08 -54.43
CA ALA A 125 37.54 7.31 -53.78
C ALA A 125 37.94 6.12 -54.64
N LEU A 126 39.24 5.89 -54.74
CA LEU A 126 39.76 4.77 -55.52
C LEU A 126 40.21 3.69 -54.54
N ASP A 127 39.59 2.51 -54.57
CA ASP A 127 40.00 1.42 -53.70
C ASP A 127 40.95 0.53 -54.51
N THR A 128 42.23 0.44 -54.09
CA THR A 128 43.22 -0.34 -54.83
C THR A 128 43.00 -1.86 -54.77
N LYS A 129 43.54 -2.58 -55.78
CA LYS A 129 43.46 -4.04 -55.86
C LYS A 129 44.26 -4.70 -54.73
N GLY A 130 45.43 -4.15 -54.43
CA GLY A 130 46.27 -4.66 -53.36
C GLY A 130 47.53 -5.36 -53.79
N PRO A 131 48.35 -5.76 -52.81
CA PRO A 131 49.62 -6.43 -53.14
C PRO A 131 49.51 -7.92 -53.50
N GLY A 132 48.41 -8.56 -53.09
CA GLY A 132 48.20 -9.99 -53.31
C GLY A 132 49.29 -10.83 -52.67
N SER A 133 49.97 -11.65 -53.47
CA SER A 133 51.09 -12.47 -52.99
C SER A 133 52.39 -11.65 -52.72
N GLY A 134 52.47 -10.44 -53.28
CA GLY A 134 53.63 -9.56 -53.15
C GLY A 134 53.92 -9.01 -51.77
N GLY A 136 55.10 -5.69 -51.20
CA GLY A 136 54.73 -4.29 -51.17
C GLY A 136 53.83 -3.88 -52.32
N LEU A 137 53.99 -2.64 -52.79
CA LEU A 137 53.17 -2.06 -53.86
C LEU A 137 53.32 -2.78 -55.20
N SER A 138 52.21 -3.36 -55.68
CA SER A 138 52.20 -4.08 -56.95
C SER A 138 52.29 -3.12 -58.15
N GLU A 139 52.63 -3.65 -59.34
CA GLU A 139 52.73 -2.84 -60.56
C GLU A 139 51.36 -2.37 -61.05
N GLN A 140 50.31 -3.17 -60.80
CA GLN A 140 48.96 -2.76 -61.17
C GLN A 140 48.52 -1.61 -60.28
N ASP A 141 48.87 -1.64 -58.98
CA ASP A 141 48.55 -0.56 -58.05
C ASP A 141 49.23 0.74 -58.48
N VAL A 142 50.47 0.68 -58.99
CA VAL A 142 51.16 1.89 -59.46
C VAL A 142 50.43 2.51 -60.65
N ARG A 143 49.95 1.67 -61.57
CA ARG A 143 49.21 2.15 -62.74
C ARG A 143 47.84 2.70 -62.36
N ASP A 144 47.17 2.05 -61.40
CA ASP A 144 45.86 2.48 -60.92
C ASP A 144 45.95 3.79 -60.14
N LEU A 145 47.00 3.95 -59.32
CA LEU A 145 47.20 5.18 -58.56
C LEU A 145 47.50 6.34 -59.50
N ARG A 146 48.27 6.10 -60.58
CA ARG A 146 48.54 7.13 -61.57
C ARG A 146 47.27 7.51 -62.32
N PHE A 147 46.38 6.53 -62.58
CA PHE A 147 45.08 6.77 -63.20
C PHE A 147 44.24 7.70 -62.29
N GLY A 148 44.25 7.43 -60.99
CA GLY A 148 43.52 8.24 -60.02
C GLY A 148 43.97 9.68 -60.00
N VAL A 149 45.29 9.92 -60.03
CA VAL A 149 45.82 11.28 -60.06
C VAL A 149 45.39 11.98 -61.35
N GLU A 150 45.50 11.28 -62.50
CA GLU A 150 45.12 11.82 -63.81
C GLU A 150 43.63 12.12 -63.90
N HIS A 151 42.80 11.37 -63.18
CA HIS A 151 41.35 11.59 -63.19
C HIS A 151 40.83 12.42 -62.00
N GLY A 152 41.73 12.95 -61.18
CA GLY A 152 41.37 13.81 -60.06
C GLY A 152 40.57 13.20 -58.92
N VAL A 153 40.92 11.96 -58.51
CA VAL A 153 40.25 11.33 -57.38
C VAL A 153 40.62 12.07 -56.08
N ASP A 154 39.72 12.04 -55.10
CA ASP A 154 39.95 12.76 -53.86
C ASP A 154 40.60 11.90 -52.79
N ILE A 155 40.28 10.61 -52.77
CA ILE A 155 40.72 9.69 -51.75
C ILE A 155 41.22 8.38 -52.35
N VAL A 156 42.19 7.74 -51.67
CA VAL A 156 42.65 6.42 -52.03
C VAL A 156 42.41 5.51 -50.81
N PHE A 157 41.70 4.39 -51.00
CA PHE A 157 41.54 3.41 -49.96
C PHE A 157 42.61 2.37 -50.29
N ALA A 158 43.76 2.47 -49.63
CA ALA A 158 44.89 1.57 -49.89
C ALA A 158 44.69 0.18 -49.27
N SER A 159 44.49 -0.84 -50.11
CA SER A 159 44.28 -2.21 -49.66
C SER A 159 45.49 -2.85 -48.99
N PHE A 160 45.22 -3.74 -48.02
CA PHE A 160 46.18 -4.54 -47.26
C PHE A 160 47.43 -3.77 -46.78
N VAL A 161 47.24 -2.66 -46.04
CA VAL A 161 48.37 -1.92 -45.49
C VAL A 161 48.85 -2.69 -44.26
N ARG A 162 50.16 -3.03 -44.20
CA ARG A 162 50.76 -3.80 -43.10
C ARG A 162 51.77 -3.02 -42.27
N LYS A 163 52.31 -1.93 -42.79
CA LYS A 163 53.33 -1.15 -42.09
C LYS A 163 53.37 0.28 -42.65
N ALA A 164 54.07 1.20 -41.97
CA ALA A 164 54.16 2.59 -42.41
C ALA A 164 54.80 2.75 -43.81
N SER A 165 55.73 1.85 -44.18
CA SER A 165 56.39 1.91 -45.48
C SER A 165 55.43 1.62 -46.64
N ASP A 166 54.33 0.89 -46.39
CA ASP A 166 53.32 0.63 -47.42
C ASP A 166 52.59 1.94 -47.77
N VAL A 167 52.34 2.79 -46.77
CA VAL A 167 51.68 4.09 -46.95
C VAL A 167 52.61 5.02 -47.73
N ALA A 168 53.90 5.03 -47.38
CA ALA A 168 54.91 5.84 -48.06
C ALA A 168 55.02 5.45 -49.54
N ALA A 169 54.89 4.14 -49.85
CA ALA A 169 54.92 3.67 -51.22
C ALA A 169 53.73 4.21 -52.00
N VAL A 170 52.53 4.19 -51.41
CA VAL A 170 51.33 4.73 -52.05
C VAL A 170 51.47 6.24 -52.26
N ARG A 171 52.01 6.93 -51.27
CA ARG A 171 52.23 8.37 -51.34
C ARG A 171 53.18 8.72 -52.49
N ALA A 172 54.27 7.95 -52.64
CA ALA A 172 55.26 8.14 -53.70
C ALA A 172 54.65 7.86 -55.08
N ALA A 173 53.81 6.81 -55.18
CA ALA A 173 53.14 6.46 -56.44
C ALA A 173 52.14 7.53 -56.88
N LEU A 174 51.60 8.32 -55.95
CA LEU A 174 50.70 9.43 -56.31
C LEU A 174 51.48 10.62 -56.93
N GLY A 175 52.78 10.69 -56.69
CA GLY A 175 53.67 11.71 -57.24
C GLY A 175 53.42 13.12 -56.78
N PRO A 176 54.07 14.08 -57.46
CA PRO A 176 53.89 15.49 -57.08
C PRO A 176 52.50 16.05 -57.44
N GLU A 177 51.86 15.50 -58.48
CA GLU A 177 50.51 15.96 -58.88
C GLU A 177 49.39 15.49 -57.91
N GLY A 178 49.68 14.50 -57.07
CA GLY A 178 48.72 13.94 -56.12
C GLY A 178 49.06 14.12 -54.65
N HIS A 179 49.58 15.31 -54.28
CA HIS A 179 49.92 15.63 -52.90
C HIS A 179 48.67 15.77 -52.02
N GLY A 180 47.62 16.35 -52.59
CA GLY A 180 46.37 16.64 -51.90
C GLY A 180 45.42 15.49 -51.72
N ILE A 181 45.68 14.34 -52.33
CA ILE A 181 44.82 13.16 -52.20
C ILE A 181 44.94 12.54 -50.80
N LYS A 182 43.80 12.18 -50.18
CA LYS A 182 43.82 11.57 -48.85
C LYS A 182 44.09 10.08 -48.96
N ILE A 183 44.97 9.55 -48.12
CA ILE A 183 45.26 8.12 -48.10
C ILE A 183 44.61 7.51 -46.86
N ILE A 184 43.58 6.68 -47.08
CA ILE A 184 42.89 5.98 -46.00
C ILE A 184 43.42 4.54 -46.05
N SER A 185 44.17 4.12 -45.05
CA SER A 185 44.75 2.77 -45.02
C SER A 185 43.75 1.70 -44.59
N LYS A 186 43.60 0.66 -45.41
CA LYS A 186 42.72 -0.44 -45.07
C LYS A 186 43.46 -1.45 -44.21
N ILE A 187 42.96 -1.73 -42.99
CA ILE A 187 43.57 -2.70 -42.10
C ILE A 187 42.79 -3.99 -42.32
N GLU A 188 43.44 -5.00 -42.97
CA GLU A 188 42.77 -6.24 -43.36
C GLU A 188 43.40 -7.51 -42.81
N ASN A 189 44.47 -7.40 -42.00
CA ASN A 189 45.13 -8.61 -41.49
C ASN A 189 45.75 -8.40 -40.10
N HIS A 190 46.28 -9.48 -39.49
CA HIS A 190 46.89 -9.41 -38.18
C HIS A 190 48.03 -8.41 -38.10
N GLU A 191 48.89 -8.35 -39.13
CA GLU A 191 50.03 -7.42 -39.12
C GLU A 191 49.60 -5.96 -39.08
N GLY A 192 48.57 -5.62 -39.85
CA GLY A 192 48.02 -4.27 -39.89
C GLY A 192 47.46 -3.86 -38.54
N VAL A 193 46.80 -4.81 -37.83
CA VAL A 193 46.26 -4.56 -36.49
C VAL A 193 47.39 -4.34 -35.50
N LYS A 194 48.45 -5.17 -35.58
CA LYS A 194 49.59 -5.07 -34.68
C LYS A 194 50.44 -3.83 -34.91
N ARG A 195 50.58 -3.42 -36.16
CA ARG A 195 51.34 -2.24 -36.49
C ARG A 195 50.47 -0.99 -36.69
N PHE A 196 49.23 -1.01 -36.15
CA PHE A 196 48.24 0.05 -36.27
C PHE A 196 48.75 1.45 -35.96
N ASP A 197 49.41 1.65 -34.83
CA ASP A 197 49.86 2.98 -34.43
C ASP A 197 50.80 3.64 -35.44
N GLU A 198 51.74 2.86 -36.00
CA GLU A 198 52.67 3.39 -36.99
C GLU A 198 51.99 3.68 -38.33
N ILE A 199 50.96 2.88 -38.68
CA ILE A 199 50.20 3.07 -39.91
C ILE A 199 49.33 4.33 -39.79
N LEU A 200 48.61 4.48 -38.66
CA LEU A 200 47.76 5.65 -38.43
C LEU A 200 48.55 6.95 -38.42
N GLU A 201 49.76 6.93 -37.85
CA GLU A 201 50.62 8.10 -37.75
C GLU A 201 50.94 8.71 -39.13
N VAL A 202 51.16 7.86 -40.15
CA VAL A 202 51.48 8.35 -41.48
C VAL A 202 50.28 8.38 -42.45
N SER A 203 49.11 7.87 -42.03
CA SER A 203 47.92 7.88 -42.90
C SER A 203 47.02 9.07 -42.59
N ASP A 204 46.12 9.41 -43.52
CA ASP A 204 45.13 10.44 -43.27
C ASP A 204 43.92 9.87 -42.46
N GLY A 205 43.73 8.55 -42.53
CA GLY A 205 42.66 7.84 -41.85
C GLY A 205 42.75 6.35 -42.05
N ILE A 206 41.75 5.62 -41.56
CA ILE A 206 41.75 4.17 -41.58
C ILE A 206 40.42 3.60 -42.04
N MET A 207 40.46 2.42 -42.65
CA MET A 207 39.25 1.69 -42.98
C MET A 207 39.36 0.34 -42.26
N VAL A 208 38.32 -0.03 -41.52
CA VAL A 208 38.25 -1.33 -40.88
C VAL A 208 37.61 -2.23 -41.94
N ALA A 209 38.47 -2.89 -42.73
CA ALA A 209 38.08 -3.76 -43.83
C ALA A 209 37.74 -5.13 -43.25
N ARG A 210 36.52 -5.28 -42.73
CA ARG A 210 36.09 -6.48 -42.01
C ARG A 210 36.03 -7.77 -42.84
N GLY A 211 35.85 -7.68 -44.15
CA GLY A 211 35.81 -8.84 -45.03
C GLY A 211 37.06 -9.69 -44.96
N ASP A 212 38.20 -9.11 -45.36
CA ASP A 212 39.47 -9.81 -45.29
C ASP A 212 39.93 -10.00 -43.85
N LEU A 213 39.68 -8.99 -42.98
CA LEU A 213 40.06 -9.08 -41.57
C LEU A 213 39.42 -10.30 -40.88
N GLY A 214 38.17 -10.59 -41.22
CA GLY A 214 37.42 -11.73 -40.71
C GLY A 214 37.89 -13.10 -41.19
N ILE A 215 38.75 -13.12 -42.21
CA ILE A 215 39.35 -14.34 -42.75
C ILE A 215 40.79 -14.46 -42.21
N GLU A 216 41.51 -13.33 -42.06
CA GLU A 216 42.88 -13.28 -41.55
C GLU A 216 42.99 -13.54 -40.05
N ILE A 217 42.00 -13.06 -39.29
CA ILE A 217 41.93 -13.27 -37.83
C ILE A 217 40.61 -14.00 -37.53
N PRO A 218 40.47 -14.63 -36.34
CA PRO A 218 39.20 -15.33 -36.04
C PRO A 218 37.99 -14.38 -36.15
N ALA A 219 36.90 -14.82 -36.79
CA ALA A 219 35.72 -13.99 -36.97
C ALA A 219 35.19 -13.37 -35.67
N GLU A 220 35.26 -14.12 -34.57
CA GLU A 220 34.80 -13.67 -33.26
C GLU A 220 35.66 -12.58 -32.62
N LYS A 221 36.79 -12.21 -33.24
CA LYS A 221 37.68 -11.16 -32.73
C LYS A 221 37.60 -9.85 -33.54
N VAL A 222 36.88 -9.85 -34.69
CA VAL A 222 36.79 -8.67 -35.53
C VAL A 222 36.20 -7.46 -34.79
N PHE A 223 35.15 -7.68 -33.98
CA PHE A 223 34.56 -6.58 -33.22
C PHE A 223 35.56 -5.88 -32.27
N LEU A 224 36.56 -6.62 -31.75
CA LEU A 224 37.57 -6.05 -30.88
C LEU A 224 38.48 -5.14 -31.69
N ALA A 225 38.88 -5.60 -32.89
CA ALA A 225 39.75 -4.83 -33.77
C ALA A 225 39.02 -3.57 -34.25
N GLN A 226 37.72 -3.69 -34.59
CA GLN A 226 36.91 -2.57 -35.02
C GLN A 226 36.81 -1.50 -33.92
N LYS A 227 36.43 -1.91 -32.70
CA LYS A 227 36.26 -0.97 -31.59
C LYS A 227 37.57 -0.31 -31.18
N MET A 228 38.68 -1.06 -31.24
CA MET A 228 39.99 -0.52 -30.90
C MET A 228 40.44 0.53 -31.92
N MET A 229 40.31 0.21 -33.22
CA MET A 229 40.75 1.12 -34.28
C MET A 229 39.91 2.38 -34.33
N ILE A 230 38.59 2.24 -34.12
CA ILE A 230 37.71 3.41 -34.08
C ILE A 230 38.09 4.31 -32.89
N GLY A 231 38.31 3.71 -31.73
CA GLY A 231 38.74 4.45 -30.55
C GLY A 231 40.04 5.20 -30.75
N ARG A 232 41.04 4.52 -31.34
CA ARG A 232 42.34 5.15 -31.59
C ARG A 232 42.27 6.26 -32.63
N CYS A 233 41.40 6.10 -33.66
CA CYS A 233 41.22 7.14 -34.67
C CYS A 233 40.54 8.33 -34.09
N ASN A 234 39.53 8.11 -33.22
CA ASN A 234 38.81 9.19 -32.51
C ASN A 234 39.78 9.96 -31.61
N LEU A 235 40.70 9.24 -30.95
CA LEU A 235 41.71 9.83 -30.09
CA LEU A 235 41.72 9.83 -30.08
C LEU A 235 42.66 10.70 -30.93
N ALA A 236 43.08 10.19 -32.10
CA ALA A 236 43.97 10.89 -33.02
C ALA A 236 43.30 12.04 -33.81
N GLY A 237 41.97 12.05 -33.84
CA GLY A 237 41.23 13.05 -34.61
C GLY A 237 41.34 12.80 -36.10
N LYS A 238 41.46 11.53 -36.52
CA LYS A 238 41.58 11.15 -37.93
C LYS A 238 40.39 10.29 -38.34
N PRO A 239 39.88 10.46 -39.58
CA PRO A 239 38.69 9.69 -40.00
C PRO A 239 38.84 8.16 -39.99
N VAL A 240 37.77 7.48 -39.61
CA VAL A 240 37.74 6.01 -39.60
C VAL A 240 36.46 5.54 -40.30
N VAL A 241 36.62 4.57 -41.21
CA VAL A 241 35.49 4.02 -41.97
C VAL A 241 35.18 2.61 -41.48
N CYS A 242 33.90 2.29 -41.23
CA CYS A 242 33.54 0.90 -40.94
C CYS A 242 33.01 0.31 -42.24
N ALA A 243 33.55 -0.85 -42.63
CA ALA A 243 33.19 -1.43 -43.92
C ALA A 243 32.88 -2.92 -43.88
N THR A 244 32.12 -3.38 -44.90
CA THR A 244 31.81 -4.76 -45.32
C THR A 244 30.70 -5.48 -44.57
N GLN A 245 29.72 -5.99 -45.37
CA GLN A 245 28.56 -6.78 -44.96
C GLN A 245 27.65 -6.09 -43.98
N MET A 246 27.65 -4.75 -43.95
CA MET A 246 26.82 -3.99 -43.04
C MET A 246 25.34 -4.26 -43.27
N LEU A 247 24.90 -4.33 -44.55
CA LEU A 247 23.51 -4.62 -44.92
C LEU A 247 23.51 -5.70 -46.02
N GLU A 248 24.37 -6.71 -45.89
CA GLU A 248 24.57 -7.78 -46.87
C GLU A 248 23.31 -8.39 -47.47
N SER A 249 22.31 -8.72 -46.65
CA SER A 249 21.07 -9.31 -47.15
C SER A 249 20.30 -8.41 -48.12
N MET A 250 20.53 -7.09 -48.06
CA MET A 250 19.87 -6.15 -48.99
C MET A 250 20.38 -6.26 -50.43
N ILE A 251 21.37 -7.14 -50.70
CA ILE A 251 21.81 -7.40 -52.07
C ILE A 251 20.62 -8.07 -52.83
N THR A 252 19.85 -8.94 -52.15
CA THR A 252 18.71 -9.60 -52.79
C THR A 252 17.34 -9.29 -52.14
N LYS A 253 17.33 -8.80 -50.87
CA LYS A 253 16.07 -8.54 -50.18
C LYS A 253 15.81 -7.04 -49.96
N PRO A 254 14.54 -6.60 -49.97
CA PRO A 254 14.26 -5.16 -49.82
C PRO A 254 14.47 -4.58 -48.42
N ARG A 255 14.50 -5.44 -47.40
CA ARG A 255 14.70 -5.04 -46.01
C ARG A 255 15.87 -5.81 -45.41
N PRO A 256 16.63 -5.18 -44.51
CA PRO A 256 17.76 -5.90 -43.89
C PRO A 256 17.36 -6.76 -42.70
N THR A 257 18.29 -7.59 -42.21
CA THR A 257 18.03 -8.40 -41.02
C THR A 257 18.17 -7.52 -39.75
N ARG A 258 17.74 -8.06 -38.60
CA ARG A 258 17.87 -7.36 -37.32
C ARG A 258 19.33 -7.17 -36.92
N ALA A 259 20.21 -8.10 -37.31
CA ALA A 259 21.64 -8.00 -37.02
C ALA A 259 22.30 -6.90 -37.83
N GLU A 260 21.85 -6.69 -39.07
CA GLU A 260 22.38 -5.69 -39.98
C GLU A 260 22.06 -4.27 -39.54
N THR A 261 20.80 -3.98 -39.14
CA THR A 261 20.47 -2.64 -38.66
C THR A 261 21.24 -2.34 -37.36
N SER A 262 21.35 -3.36 -36.49
CA SER A 262 22.10 -3.27 -35.24
C SER A 262 23.58 -2.95 -35.53
N ASP A 263 24.17 -3.63 -36.53
CA ASP A 263 25.56 -3.43 -36.93
C ASP A 263 25.83 -2.00 -37.38
N VAL A 264 24.94 -1.43 -38.21
CA VAL A 264 25.10 -0.06 -38.68
C VAL A 264 25.02 0.90 -37.50
N ALA A 265 24.01 0.71 -36.64
CA ALA A 265 23.83 1.57 -35.47
C ALA A 265 25.04 1.51 -34.54
N ASN A 266 25.59 0.30 -34.33
CA ASN A 266 26.73 0.11 -33.47
C ASN A 266 28.01 0.68 -34.04
N ALA A 267 28.19 0.67 -35.38
CA ALA A 267 29.37 1.29 -35.97
C ALA A 267 29.36 2.81 -35.72
N VAL A 268 28.18 3.42 -35.84
CA VAL A 268 28.00 4.84 -35.57
C VAL A 268 28.22 5.12 -34.08
N LEU A 269 27.62 4.32 -33.19
CA LEU A 269 27.80 4.49 -31.75
C LEU A 269 29.24 4.28 -31.31
N ASP A 270 29.99 3.39 -32.00
CA ASP A 270 31.42 3.13 -31.75
C ASP A 270 32.25 4.38 -32.00
N GLY A 271 31.86 5.19 -32.98
CA GLY A 271 32.55 6.42 -33.32
C GLY A 271 33.03 6.51 -34.75
N ALA A 272 32.51 5.65 -35.65
CA ALA A 272 32.91 5.71 -37.07
C ALA A 272 32.49 7.01 -37.74
N ASP A 273 33.41 7.59 -38.50
CA ASP A 273 33.12 8.80 -39.27
C ASP A 273 32.30 8.47 -40.52
N CYS A 274 32.58 7.30 -41.15
CA CYS A 274 31.91 6.85 -42.36
C CYS A 274 31.45 5.43 -42.23
N ILE A 275 30.37 5.10 -42.93
CA ILE A 275 29.85 3.74 -43.05
C ILE A 275 29.83 3.41 -44.55
N MET A 276 30.09 2.16 -44.91
CA MET A 276 30.23 1.79 -46.30
C MET A 276 29.27 0.69 -46.77
N LEU A 277 28.93 0.75 -48.06
CA LEU A 277 28.13 -0.25 -48.75
C LEU A 277 29.00 -0.79 -49.89
N SER A 278 29.12 -2.12 -50.00
CA SER A 278 29.94 -2.72 -51.06
C SER A 278 29.04 -3.37 -52.14
N GLY A 279 28.79 -4.68 -52.08
CA GLY A 279 27.92 -5.38 -53.00
C GLY A 279 26.49 -4.87 -52.98
N GLU A 280 26.06 -4.31 -51.83
CA GLU A 280 24.71 -3.75 -51.65
C GLU A 280 24.41 -2.67 -52.68
N THR A 281 25.42 -1.90 -53.08
CA THR A 281 25.24 -0.84 -54.07
C THR A 281 25.90 -1.17 -55.41
N ALA A 282 27.02 -1.91 -55.39
CA ALA A 282 27.73 -2.26 -56.61
C ALA A 282 26.99 -3.28 -57.48
N LYS A 283 26.39 -4.33 -56.87
CA LYS A 283 25.74 -5.37 -57.66
C LYS A 283 24.35 -5.80 -57.21
N GLY A 284 23.87 -5.25 -56.09
CA GLY A 284 22.59 -5.65 -55.54
C GLY A 284 21.36 -5.14 -56.27
N ASN A 285 20.19 -5.65 -55.88
CA ASN A 285 18.92 -5.26 -56.47
C ASN A 285 18.30 -4.02 -55.82
N PHE A 286 18.83 -3.58 -54.66
CA PHE A 286 18.27 -2.41 -53.97
C PHE A 286 19.37 -1.40 -53.57
N PRO A 287 20.16 -0.87 -54.54
CA PRO A 287 21.23 0.07 -54.17
C PRO A 287 20.74 1.35 -53.51
N VAL A 288 19.65 1.94 -54.02
CA VAL A 288 19.09 3.17 -53.47
C VAL A 288 18.49 2.92 -52.08
N GLU A 289 17.81 1.78 -51.90
CA GLU A 289 17.20 1.42 -50.63
C GLU A 289 18.25 1.15 -49.56
N ALA A 290 19.42 0.60 -49.96
CA ALA A 290 20.53 0.34 -49.04
C ALA A 290 21.09 1.66 -48.51
N VAL A 291 21.20 2.67 -49.39
CA VAL A 291 21.68 4.00 -48.99
C VAL A 291 20.65 4.65 -48.06
N LYS A 292 19.35 4.55 -48.40
CA LYS A 292 18.28 5.10 -47.57
C LYS A 292 18.26 4.46 -46.18
N MET A 293 18.50 3.15 -46.10
CA MET A 293 18.51 2.43 -44.84
C MET A 293 19.69 2.88 -43.96
N GLN A 294 20.89 3.00 -44.54
CA GLN A 294 22.04 3.49 -43.77
C GLN A 294 21.82 4.92 -43.29
N HIS A 295 21.17 5.76 -44.13
CA HIS A 295 20.85 7.13 -43.75
C HIS A 295 19.91 7.13 -42.54
N ALA A 296 18.83 6.34 -42.60
CA ALA A 296 17.84 6.27 -41.53
C ALA A 296 18.45 5.79 -40.20
N ILE A 297 19.27 4.72 -40.24
CA ILE A 297 19.90 4.17 -39.04
C ILE A 297 20.90 5.16 -38.44
N ALA A 298 21.78 5.71 -39.28
CA ALA A 298 22.79 6.68 -38.81
C ALA A 298 22.17 7.88 -38.10
N ARG A 299 21.05 8.44 -38.63
CA ARG A 299 20.38 9.55 -37.98
C ARG A 299 19.90 9.19 -36.57
N GLU A 300 19.31 7.97 -36.41
CA GLU A 300 18.83 7.51 -35.13
C GLU A 300 19.98 7.30 -34.15
N ALA A 301 21.06 6.65 -34.64
CA ALA A 301 22.24 6.35 -33.84
C ALA A 301 22.98 7.59 -33.38
N GLU A 302 23.06 8.61 -34.24
CA GLU A 302 23.72 9.85 -33.85
C GLU A 302 23.01 10.58 -32.71
N ALA A 303 21.68 10.56 -32.71
CA ALA A 303 20.92 11.17 -31.62
C ALA A 303 21.11 10.40 -30.30
N ALA A 304 21.37 9.09 -30.37
CA ALA A 304 21.59 8.25 -29.19
C ALA A 304 23.03 8.30 -28.65
N VAL A 305 23.90 9.15 -29.20
CA VAL A 305 25.27 9.29 -28.71
C VAL A 305 25.22 9.97 -27.32
N TYR A 306 25.96 9.41 -26.35
CA TYR A 306 25.99 9.93 -24.99
C TYR A 306 27.02 11.07 -24.90
N HIS A 307 26.69 12.24 -25.45
CA HIS A 307 27.58 13.42 -25.50
C HIS A 307 28.13 13.85 -24.16
N ARG A 308 27.36 13.69 -23.07
CA ARG A 308 27.82 14.11 -21.75
C ARG A 308 29.17 13.48 -21.37
N GLN A 309 29.29 12.15 -21.48
CA GLN A 309 30.56 11.50 -21.18
C GLN A 309 31.53 11.60 -22.37
N LEU A 310 31.02 11.48 -23.60
CA LEU A 310 31.85 11.55 -24.81
C LEU A 310 32.66 12.84 -24.90
N PHE A 311 32.01 14.01 -24.76
CA PHE A 311 32.72 15.27 -24.85
C PHE A 311 33.75 15.41 -23.74
N GLU A 312 33.39 14.97 -22.52
CA GLU A 312 34.33 15.00 -21.40
C GLU A 312 35.58 14.17 -21.66
N GLU A 313 35.39 12.96 -22.22
CA GLU A 313 36.49 12.09 -22.52
C GLU A 313 37.34 12.60 -23.67
N LEU A 314 36.72 13.14 -24.74
CA LEU A 314 37.48 13.67 -25.88
C LEU A 314 38.28 14.87 -25.44
N ARG A 315 37.69 15.73 -24.65
CA ARG A 315 38.34 16.91 -24.09
C ARG A 315 39.57 16.52 -23.25
N ARG A 316 39.41 15.56 -22.32
CA ARG A 316 40.48 15.12 -21.43
C ARG A 316 41.59 14.40 -22.18
N ALA A 317 41.22 13.57 -23.18
CA ALA A 317 42.19 12.79 -23.95
C ALA A 317 43.01 13.63 -24.90
N ALA A 318 42.41 14.69 -25.44
CA ALA A 318 43.12 15.54 -26.40
C ALA A 318 44.21 16.29 -25.70
N PRO A 319 45.44 16.22 -26.23
CA PRO A 319 46.55 16.89 -25.55
C PRO A 319 46.46 18.39 -25.53
N LEU A 320 47.16 19.02 -24.60
CA LEU A 320 47.24 20.49 -24.55
C LEU A 320 47.93 20.98 -25.83
N SER A 321 47.50 22.12 -26.33
CA SER A 321 48.05 22.60 -27.59
C SER A 321 48.28 24.05 -27.62
N ARG A 322 49.32 24.48 -28.30
CA ARG A 322 49.58 25.91 -28.49
CA ARG A 322 49.59 25.90 -28.49
C ARG A 322 49.25 26.37 -29.93
N ASP A 323 48.58 25.51 -30.73
CA ASP A 323 48.14 25.81 -32.08
C ASP A 323 46.81 26.54 -31.97
N PRO A 324 46.71 27.77 -32.47
CA PRO A 324 45.45 28.53 -32.34
C PRO A 324 44.22 27.90 -32.98
N THR A 325 44.38 27.08 -34.03
CA THR A 325 43.24 26.42 -34.65
C THR A 325 42.67 25.38 -33.68
N GLU A 326 43.58 24.60 -33.05
CA GLU A 326 43.27 23.56 -32.06
C GLU A 326 42.57 24.20 -30.84
N VAL A 327 43.10 25.34 -30.37
CA VAL A 327 42.56 26.06 -29.23
C VAL A 327 41.17 26.67 -29.54
N THR A 328 41.01 27.24 -30.74
CA THR A 328 39.74 27.83 -31.14
C THR A 328 38.70 26.76 -31.32
N ALA A 329 39.09 25.58 -31.87
CA ALA A 329 38.16 24.47 -32.09
C ALA A 329 37.50 23.98 -30.81
N ILE A 330 38.28 23.79 -29.72
CA ILE A 330 37.70 23.32 -28.46
C ILE A 330 36.85 24.41 -27.80
N GLY A 331 37.27 25.67 -27.93
CA GLY A 331 36.51 26.79 -27.39
C GLY A 331 35.16 26.92 -28.09
N ALA A 332 35.14 26.71 -29.42
CA ALA A 332 33.93 26.77 -30.22
C ALA A 332 32.97 25.62 -29.92
N VAL A 333 33.49 24.38 -29.76
CA VAL A 333 32.63 23.23 -29.44
C VAL A 333 32.03 23.39 -28.04
N GLU A 334 32.82 23.90 -27.09
CA GLU A 334 32.37 24.18 -25.74
C GLU A 334 31.24 25.21 -25.76
N ALA A 335 31.43 26.30 -26.55
CA ALA A 335 30.45 27.39 -26.70
C ALA A 335 29.16 26.87 -27.36
N ALA A 336 29.28 26.01 -28.37
CA ALA A 336 28.13 25.43 -29.05
C ALA A 336 27.30 24.58 -28.08
N PHE A 337 27.94 23.79 -27.20
CA PHE A 337 27.20 22.99 -26.22
C PHE A 337 26.50 23.89 -25.17
N LYS A 338 27.13 24.97 -24.77
CA LYS A 338 26.59 25.91 -23.78
C LYS A 338 25.25 26.56 -24.20
N CYS A 339 25.07 26.83 -25.51
CA CYS A 339 23.86 27.47 -25.98
C CYS A 339 22.98 26.59 -26.86
N CYS A 340 23.32 25.31 -27.05
CA CYS A 340 22.61 24.41 -27.94
C CYS A 340 22.57 24.99 -29.35
N ALA A 341 23.75 25.47 -29.81
CA ALA A 341 23.92 26.08 -31.13
C ALA A 341 23.46 25.12 -32.21
N ALA A 342 22.69 25.65 -33.17
CA ALA A 342 22.21 24.81 -34.27
C ALA A 342 23.36 24.40 -35.19
N ALA A 343 24.42 25.23 -35.28
CA ALA A 343 25.55 24.96 -36.14
C ALA A 343 26.80 25.73 -35.72
N ILE A 344 27.96 25.27 -36.21
CA ILE A 344 29.23 25.92 -36.09
C ILE A 344 29.61 26.17 -37.54
N ILE A 345 29.67 27.43 -37.94
CA ILE A 345 30.02 27.77 -39.32
C ILE A 345 31.48 28.07 -39.34
N VAL A 346 32.24 27.32 -40.14
CA VAL A 346 33.69 27.51 -40.19
C VAL A 346 34.17 27.77 -41.60
N LEU A 347 35.14 28.68 -41.75
CA LEU A 347 35.75 28.99 -43.04
C LEU A 347 37.00 28.16 -43.12
N THR A 348 37.11 27.35 -44.16
CA THR A 348 38.27 26.50 -44.30
C THR A 348 38.76 26.44 -45.77
N THR A 349 40.08 26.37 -45.95
CA THR A 349 40.67 26.28 -47.27
C THR A 349 40.98 24.82 -47.57
N THR A 350 41.66 24.13 -46.63
CA THR A 350 42.06 22.72 -46.76
C THR A 350 41.10 21.74 -46.08
N GLY A 351 40.18 22.24 -45.25
CA GLY A 351 39.28 21.41 -44.47
C GLY A 351 39.77 21.18 -43.04
N ARG A 352 41.03 21.53 -42.73
CA ARG A 352 41.63 21.29 -41.42
C ARG A 352 40.86 21.91 -40.23
N SER A 353 40.42 23.17 -40.34
CA SER A 353 39.67 23.80 -39.26
C SER A 353 38.36 23.06 -38.95
N ALA A 354 37.71 22.52 -39.99
CA ALA A 354 36.49 21.75 -39.81
C ALA A 354 36.80 20.38 -39.16
N GLN A 355 37.93 19.77 -39.54
CA GLN A 355 38.36 18.50 -38.98
C GLN A 355 38.63 18.64 -37.47
N LEU A 356 39.30 19.72 -37.05
CA LEU A 356 39.59 19.95 -35.63
C LEU A 356 38.32 20.23 -34.80
N LEU A 357 37.24 20.71 -35.44
CA LEU A 357 35.98 20.89 -34.76
C LEU A 357 35.31 19.51 -34.61
N SER A 358 35.31 18.72 -35.69
CA SER A 358 34.73 17.39 -35.80
C SER A 358 35.27 16.38 -34.78
N ARG A 359 36.54 16.49 -34.44
CA ARG A 359 37.19 15.57 -33.50
C ARG A 359 36.57 15.63 -32.08
N TYR A 360 35.95 16.77 -31.71
CA TYR A 360 35.30 16.90 -30.41
C TYR A 360 33.84 16.43 -30.40
N ARG A 361 33.36 15.89 -31.53
CA ARG A 361 32.02 15.37 -31.71
C ARG A 361 30.91 16.29 -31.22
N PRO A 362 30.85 17.53 -31.75
CA PRO A 362 29.76 18.42 -31.33
C PRO A 362 28.40 17.88 -31.79
N ARG A 363 27.34 18.21 -31.06
CA ARG A 363 25.98 17.88 -31.49
C ARG A 363 25.59 18.89 -32.62
N ALA A 364 26.13 20.13 -32.58
CA ALA A 364 25.92 21.17 -33.58
C ALA A 364 26.58 20.75 -34.90
N ALA A 365 25.89 20.94 -36.02
CA ALA A 365 26.43 20.62 -37.34
C ALA A 365 27.60 21.54 -37.64
N VAL A 366 28.66 21.03 -38.26
CA VAL A 366 29.80 21.87 -38.63
C VAL A 366 29.65 22.22 -40.09
N ILE A 367 29.16 23.42 -40.38
CA ILE A 367 28.96 23.87 -41.75
C ILE A 367 30.26 24.49 -42.23
N ALA A 368 30.97 23.77 -43.12
CA ALA A 368 32.27 24.23 -43.61
C ALA A 368 32.12 24.93 -44.95
N VAL A 369 32.32 26.26 -44.97
CA VAL A 369 32.25 27.10 -46.19
C VAL A 369 33.65 27.18 -46.81
N THR A 370 33.86 26.56 -47.99
CA THR A 370 35.16 26.52 -48.67
C THR A 370 35.07 26.88 -50.15
N ARG A 371 36.14 27.45 -50.68
CA ARG A 371 36.23 27.71 -52.12
C ARG A 371 36.79 26.46 -52.85
N SER A 372 37.60 25.64 -52.15
CA SER A 372 38.23 24.47 -52.71
C SER A 372 37.23 23.34 -52.96
N ALA A 373 37.00 22.99 -54.23
CA ALA A 373 36.09 21.91 -54.58
C ALA A 373 36.61 20.55 -54.05
N GLN A 374 37.94 20.35 -54.03
CA GLN A 374 38.52 19.12 -53.50
C GLN A 374 38.33 19.03 -51.99
N ALA A 375 38.59 20.12 -51.25
CA ALA A 375 38.39 20.12 -49.79
C ALA A 375 36.92 19.87 -49.46
N ALA A 376 35.99 20.47 -50.22
CA ALA A 376 34.56 20.24 -50.04
C ALA A 376 34.20 18.77 -50.18
N ARG A 377 34.82 18.05 -51.12
CA ARG A 377 34.56 16.63 -51.30
C ARG A 377 35.21 15.81 -50.20
N GLN A 378 36.47 16.13 -49.86
CA GLN A 378 37.22 15.40 -48.85
C GLN A 378 36.72 15.52 -47.40
N VAL A 379 36.12 16.67 -47.01
CA VAL A 379 35.61 16.81 -45.64
C VAL A 379 34.44 15.88 -45.31
N HIS A 380 33.91 15.15 -46.30
CA HIS A 380 32.88 14.13 -46.05
C HIS A 380 33.50 12.98 -45.18
N LEU A 381 34.83 12.85 -45.15
CA LEU A 381 35.50 11.87 -44.33
C LEU A 381 35.32 12.17 -42.82
N CYS A 382 35.04 13.43 -42.45
CA CYS A 382 34.90 13.82 -41.05
C CYS A 382 33.45 13.91 -40.62
N ARG A 383 33.09 13.14 -39.59
CA ARG A 383 31.71 13.16 -39.09
C ARG A 383 31.21 14.54 -38.68
N GLY A 384 30.01 14.87 -39.13
CA GLY A 384 29.36 16.14 -38.78
C GLY A 384 29.81 17.36 -39.55
N VAL A 385 30.61 17.18 -40.61
CA VAL A 385 31.03 18.29 -41.45
C VAL A 385 30.19 18.32 -42.70
N PHE A 386 29.49 19.43 -42.91
CA PHE A 386 28.61 19.65 -44.05
C PHE A 386 29.29 20.66 -44.94
N PRO A 387 29.89 20.21 -46.05
CA PRO A 387 30.60 21.14 -46.93
C PRO A 387 29.70 21.99 -47.84
N LEU A 388 30.02 23.29 -47.91
CA LEU A 388 29.32 24.21 -48.80
C LEU A 388 30.38 24.78 -49.72
N LEU A 389 30.23 24.54 -51.04
CA LEU A 389 31.20 25.05 -51.99
C LEU A 389 30.80 26.47 -52.38
N TYR A 390 31.60 27.46 -51.94
CA TYR A 390 31.36 28.88 -52.15
C TYR A 390 31.69 29.30 -53.57
N ARG A 391 30.65 29.62 -54.34
CA ARG A 391 30.76 30.04 -55.74
C ARG A 391 30.10 31.40 -55.99
N GLU A 392 30.17 32.28 -54.99
CA GLU A 392 29.60 33.61 -55.12
CA GLU A 392 29.61 33.63 -55.08
C GLU A 392 30.72 34.61 -55.44
N PRO A 393 30.38 35.75 -56.09
CA PRO A 393 31.44 36.74 -56.45
C PRO A 393 32.25 37.26 -55.27
N PRO A 394 33.55 37.58 -55.48
CA PRO A 394 34.37 38.09 -54.37
C PRO A 394 34.08 39.53 -53.92
N GLU A 395 34.38 39.81 -52.67
CA GLU A 395 34.28 41.15 -52.15
C GLU A 395 35.68 41.77 -52.23
N ALA A 396 35.75 43.09 -52.43
CA ALA A 396 37.04 43.77 -52.54
C ALA A 396 37.77 43.76 -51.17
N ILE A 397 37.02 44.06 -50.08
CA ILE A 397 37.53 44.07 -48.72
C ILE A 397 37.54 42.64 -48.15
N TRP A 398 38.72 42.11 -47.71
CA TRP A 398 38.82 40.76 -47.13
C TRP A 398 37.82 40.53 -45.99
N ALA A 399 37.66 41.51 -45.09
CA ALA A 399 36.70 41.44 -43.99
C ALA A 399 35.26 41.28 -44.50
N ASP A 400 34.88 42.03 -45.57
CA ASP A 400 33.56 41.92 -46.20
C ASP A 400 33.40 40.58 -46.91
N ASP A 401 34.50 40.06 -47.47
CA ASP A 401 34.48 38.76 -48.14
C ASP A 401 34.19 37.66 -47.10
N VAL A 402 34.89 37.74 -45.95
CA VAL A 402 34.73 36.84 -44.82
C VAL A 402 33.29 36.88 -44.32
N ASP A 403 32.71 38.08 -44.07
CA ASP A 403 31.32 38.22 -43.60
CA ASP A 403 31.33 38.16 -43.60
C ASP A 403 30.36 37.60 -44.62
N ARG A 404 30.65 37.79 -45.92
CA ARG A 404 29.80 37.25 -46.98
C ARG A 404 29.83 35.72 -46.97
N ARG A 405 31.01 35.11 -46.77
CA ARG A 405 31.08 33.64 -46.67
C ARG A 405 30.32 33.12 -45.44
N VAL A 406 30.30 33.91 -44.36
CA VAL A 406 29.53 33.59 -43.15
C VAL A 406 28.04 33.64 -43.47
N GLN A 407 27.57 34.72 -44.13
CA GLN A 407 26.16 34.86 -44.54
C GLN A 407 25.78 33.75 -45.51
N PHE A 408 26.71 33.30 -46.36
CA PHE A 408 26.44 32.22 -47.29
C PHE A 408 26.11 30.93 -46.53
N GLY A 409 26.89 30.63 -45.49
CA GLY A 409 26.71 29.46 -44.65
C GLY A 409 25.35 29.49 -43.98
N ILE A 410 24.95 30.68 -43.49
CA ILE A 410 23.68 30.96 -42.83
C ILE A 410 22.48 30.79 -43.78
N GLU A 411 22.58 31.27 -45.03
CA GLU A 411 21.49 31.13 -46.00
C GLU A 411 21.34 29.69 -46.42
N SER A 412 22.46 29.01 -46.74
CA SER A 412 22.42 27.58 -47.10
C SER A 412 21.90 26.71 -45.95
N GLY A 413 22.21 27.10 -44.72
CA GLY A 413 21.75 26.41 -43.53
C GLY A 413 20.26 26.60 -43.35
N LYS A 414 19.75 27.80 -43.65
CA LYS A 414 18.31 28.10 -43.54
C LYS A 414 17.52 27.34 -44.59
N LEU A 415 18.00 27.35 -45.84
CA LEU A 415 17.35 26.64 -46.95
C LEU A 415 17.30 25.13 -46.68
N ARG A 416 18.40 24.58 -46.14
CA ARG A 416 18.47 23.14 -45.89
C ARG A 416 17.83 22.66 -44.59
N GLY A 417 17.35 23.57 -43.77
CA GLY A 417 16.70 23.21 -42.51
C GLY A 417 17.59 23.13 -41.27
N PHE A 418 18.90 23.38 -41.41
CA PHE A 418 19.82 23.36 -40.27
C PHE A 418 19.54 24.53 -39.33
N LEU A 419 19.13 25.69 -39.87
CA LEU A 419 18.97 26.91 -39.09
C LEU A 419 17.62 27.58 -39.26
N ARG A 420 17.20 28.31 -38.25
CA ARG A 420 15.98 29.10 -38.26
C ARG A 420 16.28 30.45 -37.58
N VAL A 421 15.47 31.47 -37.85
CA VAL A 421 15.62 32.79 -37.23
C VAL A 421 15.47 32.64 -35.73
N GLY A 422 16.39 33.22 -34.97
CA GLY A 422 16.38 33.08 -33.52
C GLY A 422 17.41 32.10 -33.01
N ASP A 423 17.91 31.19 -33.86
CA ASP A 423 18.94 30.22 -33.47
C ASP A 423 20.28 30.91 -33.16
N LEU A 424 21.13 30.25 -32.39
CA LEU A 424 22.48 30.76 -32.15
C LEU A 424 23.43 29.89 -32.96
N VAL A 425 24.43 30.52 -33.55
CA VAL A 425 25.49 29.83 -34.25
C VAL A 425 26.83 30.28 -33.70
N ILE A 426 27.83 29.44 -33.88
CA ILE A 426 29.18 29.77 -33.52
C ILE A 426 29.90 29.93 -34.84
N VAL A 427 30.60 31.05 -35.03
CA VAL A 427 31.30 31.29 -36.30
C VAL A 427 32.80 31.25 -36.06
N VAL A 428 33.50 30.40 -36.80
CA VAL A 428 34.92 30.21 -36.65
C VAL A 428 35.65 30.72 -37.88
N THR A 429 36.49 31.75 -37.70
CA THR A 429 37.27 32.38 -38.76
C THR A 429 38.76 32.60 -38.30
N GLY A 430 39.57 33.17 -39.19
CA GLY A 430 40.97 33.49 -38.96
C GLY A 430 41.20 34.98 -39.01
N TRP A 431 42.42 35.40 -38.66
CA TRP A 431 42.77 36.81 -38.61
C TRP A 431 43.33 37.37 -39.95
N ARG A 432 43.78 36.48 -40.84
CA ARG A 432 44.33 36.89 -42.12
C ARG A 432 44.03 35.81 -43.19
N PRO A 433 44.06 36.15 -44.51
CA PRO A 433 43.78 35.12 -45.52
C PRO A 433 44.86 34.03 -45.58
N GLY A 434 44.53 32.91 -46.19
CA GLY A 434 45.43 31.76 -46.27
C GLY A 434 45.16 30.75 -45.17
N SER A 435 45.47 29.47 -45.42
CA SER A 435 45.24 28.40 -44.44
C SER A 435 46.21 28.47 -43.21
N GLY A 436 45.77 27.94 -42.07
CA GLY A 436 46.56 27.88 -40.85
C GLY A 436 46.45 29.04 -39.89
N TYR A 437 45.51 29.96 -40.12
CA TYR A 437 45.37 31.14 -39.27
C TYR A 437 44.07 31.25 -38.51
N THR A 438 43.28 30.15 -38.41
CA THR A 438 42.01 30.19 -37.65
C THR A 438 42.33 30.52 -36.17
N ASN A 439 41.68 31.53 -35.62
CA ASN A 439 41.95 31.95 -34.24
C ASN A 439 40.76 32.73 -33.60
N ILE A 440 39.59 32.78 -34.29
CA ILE A 440 38.46 33.56 -33.80
C ILE A 440 37.20 32.73 -33.71
N MET A 441 36.47 32.92 -32.62
CA MET A 441 35.18 32.28 -32.45
CA MET A 441 35.20 32.26 -32.36
C MET A 441 34.17 33.37 -32.04
N ARG A 442 33.04 33.41 -32.73
CA ARG A 442 32.02 34.45 -32.50
C ARG A 442 30.66 33.81 -32.24
N VAL A 443 29.88 34.40 -31.33
CA VAL A 443 28.53 33.94 -31.07
C VAL A 443 27.58 34.85 -31.83
N LEU A 444 26.81 34.29 -32.76
CA LEU A 444 25.92 35.05 -33.64
C LEU A 444 24.49 34.58 -33.54
N SER A 445 23.55 35.52 -33.50
CA SER A 445 22.12 35.21 -33.48
C SER A 445 21.61 35.24 -34.91
N ILE A 446 20.88 34.22 -35.34
CA ILE A 446 20.36 34.13 -36.69
C ILE A 446 19.21 35.10 -36.94
N SER A 447 19.45 35.99 -37.94
CA SER A 447 18.59 37.05 -38.45
C SER A 447 18.22 38.07 -37.38
N ARG B 12 49.96 11.13 -19.47
CA ARG B 12 51.24 11.65 -19.98
C ARG B 12 51.13 12.14 -21.44
N ALA B 13 50.51 11.34 -22.34
CA ALA B 13 50.36 11.73 -23.76
C ALA B 13 49.50 12.98 -23.95
N ASP B 14 48.60 13.28 -22.98
CA ASP B 14 47.76 14.49 -23.02
C ASP B 14 48.55 15.78 -22.65
N VAL B 15 49.79 15.65 -22.15
CA VAL B 15 50.62 16.81 -21.86
C VAL B 15 52.04 16.68 -22.44
N ALA B 16 52.35 15.58 -23.18
CA ALA B 16 53.68 15.28 -23.71
C ALA B 16 54.26 16.34 -24.66
N GLN B 17 53.53 16.74 -25.71
CA GLN B 17 54.05 17.74 -26.63
C GLN B 17 54.18 19.09 -25.98
N LEU B 18 53.24 19.45 -25.09
CA LEU B 18 53.35 20.72 -24.37
C LEU B 18 54.46 20.70 -23.31
N THR B 19 54.84 19.50 -22.82
CA THR B 19 55.95 19.31 -21.86
C THR B 19 57.26 19.47 -22.62
N GLN B 20 57.35 18.89 -23.82
CA GLN B 20 58.52 19.04 -24.67
C GLN B 20 58.68 20.52 -25.07
N GLU B 21 57.57 21.21 -25.38
CA GLU B 21 57.60 22.62 -25.78
C GLU B 21 57.88 23.60 -24.65
N LEU B 22 57.07 23.59 -23.58
CA LEU B 22 57.25 24.52 -22.46
C LEU B 22 58.33 24.10 -21.45
N GLY B 23 58.70 22.83 -21.46
CA GLY B 23 59.73 22.28 -20.59
C GLY B 23 59.22 21.60 -19.33
N THR B 24 60.02 20.69 -18.76
CA THR B 24 59.64 20.00 -17.53
C THR B 24 59.59 20.96 -16.36
N ALA B 25 60.42 22.01 -16.33
CA ALA B 25 60.40 22.98 -15.25
C ALA B 25 59.07 23.72 -15.16
N PHE B 26 58.47 24.04 -16.31
CA PHE B 26 57.16 24.72 -16.36
C PHE B 26 56.11 23.87 -15.66
N PHE B 27 56.10 22.57 -15.96
CA PHE B 27 55.12 21.65 -15.42
C PHE B 27 55.39 21.19 -13.98
N GLN B 28 56.49 21.64 -13.35
CA GLN B 28 56.76 21.34 -11.95
C GLN B 28 56.31 22.50 -11.05
N GLN B 29 56.26 23.73 -11.58
CA GLN B 29 55.83 24.91 -10.84
C GLN B 29 54.30 24.94 -10.70
N GLN B 30 53.79 25.88 -9.87
CA GLN B 30 52.39 26.19 -9.57
C GLN B 30 51.47 24.96 -9.37
N GLN B 31 51.98 23.91 -8.69
CA GLN B 31 51.29 22.65 -8.39
C GLN B 31 50.65 22.03 -9.63
N LEU B 32 51.31 22.14 -10.79
CA LEU B 32 50.76 21.61 -12.03
C LEU B 32 50.64 20.09 -12.00
N PRO B 33 51.59 19.28 -11.44
CA PRO B 33 51.33 17.84 -11.33
C PRO B 33 50.06 17.55 -10.51
N ALA B 34 49.86 18.28 -9.39
CA ALA B 34 48.69 18.11 -8.55
C ALA B 34 47.39 18.54 -9.26
N ALA B 35 47.45 19.59 -10.10
CA ALA B 35 46.29 20.12 -10.83
C ALA B 35 45.83 19.19 -11.95
N MET B 36 46.74 18.39 -12.53
CA MET B 36 46.46 17.43 -13.61
C MET B 36 46.06 16.03 -13.09
N ALA B 37 46.06 15.79 -11.76
CA ALA B 37 45.76 14.48 -11.21
C ALA B 37 44.36 13.96 -11.59
N ASP B 38 44.22 12.63 -11.70
CA ASP B 38 42.96 12.00 -12.10
C ASP B 38 41.92 11.92 -10.98
N THR B 39 42.38 12.00 -9.72
CA THR B 39 41.49 11.95 -8.55
C THR B 39 41.90 13.02 -7.55
N PHE B 40 40.99 13.41 -6.66
CA PHE B 40 41.29 14.37 -5.60
C PHE B 40 42.34 13.79 -4.63
N LEU B 41 42.31 12.45 -4.39
CA LEU B 41 43.29 11.80 -3.54
C LEU B 41 44.70 11.97 -4.12
N GLU B 42 44.86 11.72 -5.42
CA GLU B 42 46.13 11.84 -6.10
C GLU B 42 46.57 13.32 -6.14
N HIS B 43 45.60 14.24 -6.29
CA HIS B 43 45.86 15.69 -6.26
C HIS B 43 46.52 16.07 -4.93
N LEU B 44 45.97 15.57 -3.78
CA LEU B 44 46.52 15.84 -2.46
C LEU B 44 47.93 15.26 -2.33
N CYS B 45 48.10 13.99 -2.75
CA CYS B 45 49.38 13.30 -2.69
C CYS B 45 50.47 14.01 -3.48
N LEU B 46 50.10 14.72 -4.56
CA LEU B 46 51.05 15.40 -5.42
C LEU B 46 51.37 16.84 -5.02
N LEU B 47 50.74 17.38 -3.96
CA LEU B 47 51.04 18.75 -3.52
C LEU B 47 52.51 18.81 -3.06
N ASP B 48 53.26 19.82 -3.48
CA ASP B 48 54.70 19.88 -3.27
C ASP B 48 55.10 21.24 -2.71
N ILE B 49 55.79 21.26 -1.56
CA ILE B 49 56.26 22.52 -0.98
C ILE B 49 57.34 23.20 -1.84
N ASP B 50 58.03 22.42 -2.69
CA ASP B 50 59.05 22.92 -3.61
C ASP B 50 58.48 23.43 -4.95
N SER B 51 57.19 23.25 -5.19
CA SER B 51 56.52 23.73 -6.40
C SER B 51 56.14 25.18 -6.16
N GLU B 52 56.90 26.14 -6.72
CA GLU B 52 56.66 27.55 -6.47
C GLU B 52 55.51 28.17 -7.25
N PRO B 53 54.75 29.08 -6.63
CA PRO B 53 53.68 29.75 -7.37
C PRO B 53 54.26 30.72 -8.41
N VAL B 54 53.67 30.75 -9.61
CA VAL B 54 54.14 31.64 -10.67
C VAL B 54 53.10 32.73 -10.96
N ALA B 55 51.82 32.38 -10.94
CA ALA B 55 50.74 33.31 -11.23
C ALA B 55 50.61 34.45 -10.22
N ALA B 56 50.05 35.58 -10.67
CA ALA B 56 49.77 36.73 -9.81
C ALA B 56 48.66 36.31 -8.82
N ARG B 57 48.68 36.89 -7.63
CA ARG B 57 47.70 36.58 -6.61
C ARG B 57 46.31 37.03 -7.04
N SER B 58 45.39 36.09 -7.12
CA SER B 58 44.05 36.37 -7.61
C SER B 58 42.98 36.67 -6.54
N THR B 59 43.14 36.23 -5.30
CA THR B 59 42.16 36.49 -4.24
C THR B 59 42.45 37.87 -3.66
N SER B 60 41.49 38.76 -3.69
CA SER B 60 41.70 40.13 -3.20
C SER B 60 41.79 40.20 -1.70
N ILE B 61 42.54 41.18 -1.20
CA ILE B 61 42.69 41.40 0.23
C ILE B 61 41.95 42.66 0.60
N ILE B 62 41.04 42.55 1.57
CA ILE B 62 40.30 43.69 2.09
C ILE B 62 40.96 44.04 3.42
N ALA B 63 41.45 45.27 3.57
CA ALA B 63 42.07 45.66 4.82
C ALA B 63 41.24 46.72 5.51
N THR B 64 40.96 46.55 6.80
CA THR B 64 40.17 47.53 7.54
C THR B 64 41.05 48.71 7.94
N ILE B 65 40.59 49.93 7.64
CA ILE B 65 41.33 51.14 7.95
C ILE B 65 40.99 51.63 9.35
N GLY B 66 42.01 51.96 10.11
CA GLY B 66 41.87 52.47 11.47
C GLY B 66 43.11 53.21 11.91
N PRO B 67 43.26 53.46 13.23
CA PRO B 67 44.46 54.18 13.71
C PRO B 67 45.80 53.61 13.26
N ALA B 68 45.89 52.29 13.14
CA ALA B 68 47.13 51.64 12.71
C ALA B 68 47.41 51.69 11.21
N SER B 69 46.41 52.08 10.39
CA SER B 69 46.57 52.07 8.94
C SER B 69 45.96 53.30 8.26
N ARG B 70 46.01 54.47 8.92
CA ARG B 70 45.38 55.68 8.38
C ARG B 70 46.29 56.65 7.67
N SER B 71 47.58 56.68 8.06
CA SER B 71 48.52 57.61 7.47
C SER B 71 48.74 57.30 5.98
N VAL B 72 48.94 58.35 5.18
CA VAL B 72 49.16 58.23 3.73
C VAL B 72 50.38 57.36 3.44
N GLU B 73 51.44 57.53 4.23
CA GLU B 73 52.68 56.77 4.07
C GLU B 73 52.48 55.28 4.41
N ARG B 74 51.67 54.98 5.45
CA ARG B 74 51.35 53.63 5.88
C ARG B 74 50.47 52.96 4.81
N LEU B 75 49.48 53.71 4.26
CA LEU B 75 48.59 53.24 3.21
C LEU B 75 49.33 52.91 1.92
N LYS B 76 50.42 53.64 1.62
CA LYS B 76 51.22 53.35 0.43
C LYS B 76 51.92 52.02 0.61
N GLU B 77 52.40 51.72 1.84
CA GLU B 77 53.04 50.45 2.12
C GLU B 77 52.04 49.29 2.01
N MET B 78 50.79 49.51 2.44
CA MET B 78 49.76 48.49 2.36
CA MET B 78 49.76 48.49 2.36
C MET B 78 49.33 48.21 0.92
N ILE B 79 49.35 49.25 0.06
CA ILE B 79 49.01 49.09 -1.36
C ILE B 79 50.12 48.24 -2.00
N LYS B 80 51.38 48.54 -1.68
CA LYS B 80 52.52 47.77 -2.19
C LYS B 80 52.52 46.33 -1.66
N ALA B 81 52.04 46.12 -0.41
CA ALA B 81 51.95 44.77 0.19
C ALA B 81 50.83 43.93 -0.44
N GLY B 82 49.81 44.58 -1.04
CA GLY B 82 48.75 43.87 -1.72
C GLY B 82 47.32 44.24 -1.41
N MET B 83 47.07 45.30 -0.62
CA MET B 83 45.69 45.70 -0.30
C MET B 83 44.95 46.12 -1.58
N ASN B 84 43.75 45.55 -1.81
CA ASN B 84 42.94 45.84 -3.00
C ASN B 84 41.70 46.63 -2.64
N ILE B 85 41.15 46.40 -1.43
CA ILE B 85 39.94 47.06 -0.98
C ILE B 85 40.16 47.61 0.43
N ALA B 86 39.83 48.88 0.66
CA ALA B 86 39.96 49.50 1.97
C ALA B 86 38.58 49.50 2.63
N ARG B 87 38.47 48.91 3.82
CA ARG B 87 37.19 48.83 4.51
C ARG B 87 37.08 49.89 5.61
N LEU B 88 35.97 50.64 5.63
CA LEU B 88 35.74 51.65 6.64
C LEU B 88 34.67 51.11 7.54
N ASN B 89 35.00 50.85 8.80
CA ASN B 89 34.03 50.29 9.73
C ASN B 89 33.25 51.40 10.39
N PHE B 90 32.01 51.60 9.96
CA PHE B 90 31.16 52.65 10.51
C PHE B 90 30.57 52.33 11.89
N SER B 91 30.97 51.21 12.50
CA SER B 91 30.58 50.91 13.88
C SER B 91 31.39 51.80 14.87
N HIS B 92 32.50 52.39 14.41
CA HIS B 92 33.38 53.24 15.20
C HIS B 92 33.76 54.49 14.37
N GLY B 93 33.97 55.61 15.04
CA GLY B 93 34.39 56.84 14.37
C GLY B 93 33.26 57.68 13.80
N SER B 94 33.53 58.98 13.64
CA SER B 94 32.57 59.92 13.10
C SER B 94 32.65 60.02 11.56
N HIS B 95 31.72 60.75 10.93
CA HIS B 95 31.75 60.99 9.49
C HIS B 95 33.02 61.76 9.11
N GLU B 96 33.44 62.70 9.96
CA GLU B 96 34.65 63.48 9.73
C GLU B 96 35.89 62.58 9.70
N TYR B 97 35.94 61.63 10.65
CA TYR B 97 37.02 60.65 10.75
C TYR B 97 37.09 59.78 9.48
N HIS B 98 35.94 59.25 9.03
CA HIS B 98 35.90 58.40 7.84
C HIS B 98 36.19 59.16 6.55
N ALA B 99 35.79 60.44 6.46
CA ALA B 99 36.08 61.27 5.30
C ALA B 99 37.59 61.48 5.15
N GLU B 100 38.30 61.66 6.29
CA GLU B 100 39.75 61.81 6.28
C GLU B 100 40.41 60.51 5.88
N SER B 101 39.86 59.36 6.33
CA SER B 101 40.35 58.02 5.96
C SER B 101 40.25 57.84 4.44
N ILE B 102 39.07 58.20 3.86
CA ILE B 102 38.83 58.12 2.42
C ILE B 102 39.84 58.98 1.66
N ALA B 103 40.03 60.25 2.10
CA ALA B 103 40.95 61.18 1.46
C ALA B 103 42.39 60.67 1.50
N ASN B 104 42.79 60.02 2.61
CA ASN B 104 44.13 59.47 2.77
C ASN B 104 44.34 58.26 1.85
N VAL B 105 43.31 57.42 1.71
CA VAL B 105 43.37 56.28 0.81
C VAL B 105 43.53 56.78 -0.63
N ARG B 106 42.68 57.72 -1.06
CA ARG B 106 42.77 58.29 -2.41
C ARG B 106 44.11 58.96 -2.70
N GLU B 107 44.68 59.67 -1.70
CA GLU B 107 45.98 60.30 -1.86
C GLU B 107 47.08 59.25 -2.07
N ALA B 108 47.07 58.17 -1.25
CA ALA B 108 48.05 57.09 -1.38
C ALA B 108 47.89 56.33 -2.72
N VAL B 109 46.64 56.09 -3.17
CA VAL B 109 46.38 55.40 -4.44
C VAL B 109 46.84 56.22 -5.63
N GLU B 110 46.51 57.52 -5.63
CA GLU B 110 46.88 58.40 -6.74
C GLU B 110 48.37 58.73 -6.79
N SER B 111 49.13 58.46 -5.72
CA SER B 111 50.58 58.67 -5.74
C SER B 111 51.30 57.74 -6.75
N PHE B 112 50.62 56.68 -7.26
CA PHE B 112 51.18 55.76 -8.25
C PHE B 112 50.58 55.98 -9.68
N ALA B 113 49.65 56.95 -9.84
CA ALA B 113 48.96 57.26 -11.10
C ALA B 113 49.84 57.86 -12.21
N GLY B 114 51.06 58.25 -11.86
CA GLY B 114 52.01 58.79 -12.81
C GLY B 114 52.44 57.79 -13.88
N SER B 115 52.34 56.50 -13.54
CA SER B 115 52.67 55.43 -14.47
C SER B 115 51.41 54.63 -14.72
N PRO B 116 50.64 54.98 -15.76
CA PRO B 116 49.38 54.27 -16.05
C PRO B 116 49.47 52.77 -16.35
N LEU B 117 50.59 52.30 -16.91
CA LEU B 117 50.76 50.87 -17.21
C LEU B 117 50.95 50.03 -15.93
N SER B 118 51.27 50.65 -14.77
CA SER B 118 51.47 49.91 -13.51
C SER B 118 50.55 50.36 -12.34
N TYR B 119 49.71 51.39 -12.54
CA TYR B 119 48.79 51.93 -11.53
C TYR B 119 47.85 50.86 -10.96
N ARG B 120 47.73 50.82 -9.63
CA ARG B 120 46.85 49.87 -8.98
C ARG B 120 45.61 50.51 -8.35
N PRO B 121 44.43 50.27 -8.93
CA PRO B 121 43.21 50.84 -8.33
C PRO B 121 42.86 50.19 -6.97
N VAL B 122 42.26 50.95 -6.03
CA VAL B 122 41.88 50.41 -4.71
C VAL B 122 40.43 50.78 -4.44
N ALA B 123 39.56 49.80 -4.21
CA ALA B 123 38.16 50.08 -3.91
C ALA B 123 37.96 50.57 -2.48
N ILE B 124 36.89 51.31 -2.23
CA ILE B 124 36.56 51.79 -0.91
C ILE B 124 35.23 51.20 -0.52
N ALA B 125 35.20 50.45 0.58
CA ALA B 125 34.00 49.79 1.05
C ALA B 125 33.55 50.37 2.38
N LEU B 126 32.25 50.60 2.53
CA LEU B 126 31.69 51.13 3.76
C LEU B 126 30.99 49.98 4.47
N ASP B 127 31.44 49.62 5.68
CA ASP B 127 30.78 48.57 6.45
C ASP B 127 29.82 49.26 7.43
N THR B 128 28.52 49.02 7.30
CA THR B 128 27.52 49.67 8.15
C THR B 128 27.53 49.19 9.60
N LYS B 129 27.02 50.04 10.52
CA LYS B 129 26.92 49.72 11.94
C LYS B 129 25.93 48.58 12.18
N GLY B 130 24.81 48.61 11.47
CA GLY B 130 23.80 47.57 11.59
C GLY B 130 22.51 47.99 12.27
N PRO B 131 21.53 47.06 12.31
CA PRO B 131 20.23 47.39 12.92
C PRO B 131 20.17 47.34 14.44
N GLY B 132 21.13 46.67 15.08
CA GLY B 132 21.16 46.50 16.53
C GLY B 132 19.93 45.78 17.04
N SER B 133 19.21 46.40 17.98
CA SER B 133 17.97 45.80 18.49
C SER B 133 16.77 45.94 17.51
N GLY B 134 16.89 46.85 16.54
CA GLY B 134 15.85 47.15 15.56
C GLY B 134 15.50 46.04 14.58
N PRO B 135 14.31 46.16 13.96
CA PRO B 135 13.87 45.13 13.01
C PRO B 135 14.45 45.26 11.60
N GLY B 136 14.76 46.49 11.19
CA GLY B 136 15.29 46.77 9.86
C GLY B 136 16.34 47.85 9.85
N LEU B 137 16.39 48.65 8.76
CA LEU B 137 17.38 49.73 8.59
C LEU B 137 17.30 50.83 9.64
N SER B 138 18.37 50.98 10.43
CA SER B 138 18.44 52.00 11.47
C SER B 138 18.61 53.42 10.88
N GLU B 139 18.34 54.46 11.69
CA GLU B 139 18.49 55.84 11.25
C GLU B 139 19.96 56.24 11.06
N GLN B 140 20.86 55.65 11.85
CA GLN B 140 22.29 55.91 11.69
C GLN B 140 22.78 55.30 10.36
N ASP B 141 22.27 54.10 10.02
CA ASP B 141 22.61 53.46 8.75
C ASP B 141 22.16 54.30 7.57
N VAL B 142 20.99 54.95 7.65
CA VAL B 142 20.52 55.81 6.57
C VAL B 142 21.45 57.02 6.37
N ARG B 143 21.93 57.60 7.46
CA ARG B 143 22.85 58.73 7.39
C ARG B 143 24.22 58.31 6.87
N ASP B 144 24.70 57.14 7.29
CA ASP B 144 26.00 56.60 6.87
C ASP B 144 25.98 56.20 5.40
N LEU B 145 24.86 55.61 4.93
CA LEU B 145 24.73 55.25 3.53
C LEU B 145 24.69 56.49 2.63
N ARG B 146 24.02 57.58 3.06
CA ARG B 146 24.02 58.83 2.31
C ARG B 146 25.43 59.44 2.27
N PHE B 147 26.20 59.30 3.36
CA PHE B 147 27.58 59.75 3.45
C PHE B 147 28.42 59.00 2.38
N GLY B 148 28.22 57.68 2.28
CA GLY B 148 28.93 56.85 1.32
C GLY B 148 28.68 57.26 -0.10
N VAL B 149 27.42 57.53 -0.44
CA VAL B 149 27.06 58.01 -1.79
C VAL B 149 27.73 59.36 -2.06
N GLU B 150 27.65 60.29 -1.09
CA GLU B 150 28.25 61.62 -1.22
C GLU B 150 29.76 61.58 -1.36
N HIS B 151 30.41 60.57 -0.77
CA HIS B 151 31.86 60.42 -0.85
C HIS B 151 32.34 59.42 -1.92
N GLY B 152 31.43 58.88 -2.72
CA GLY B 152 31.77 57.98 -3.82
C GLY B 152 32.36 56.64 -3.47
N VAL B 153 31.81 55.99 -2.43
CA VAL B 153 32.26 54.64 -2.07
C VAL B 153 31.85 53.65 -3.16
N ASP B 154 32.62 52.58 -3.35
CA ASP B 154 32.34 51.61 -4.39
C ASP B 154 31.46 50.47 -3.92
N ILE B 155 31.61 50.09 -2.63
CA ILE B 155 30.93 48.92 -2.07
C ILE B 155 30.33 49.24 -0.69
N VAL B 156 29.22 48.59 -0.36
CA VAL B 156 28.64 48.66 0.96
C VAL B 156 28.62 47.22 1.53
N PHE B 157 29.20 47.00 2.71
CA PHE B 157 29.13 45.72 3.39
C PHE B 157 27.97 45.92 4.37
N ALA B 158 26.77 45.48 4.00
CA ALA B 158 25.58 45.67 4.83
C ALA B 158 25.53 44.70 6.00
N SER B 159 25.69 45.21 7.24
CA SER B 159 25.67 44.38 8.44
C SER B 159 24.30 43.76 8.75
N PHE B 160 24.34 42.56 9.37
CA PHE B 160 23.20 41.77 9.82
C PHE B 160 22.02 41.68 8.82
N VAL B 161 22.27 41.26 7.58
CA VAL B 161 21.19 41.09 6.61
C VAL B 161 20.46 39.78 6.95
N ARG B 162 19.13 39.85 7.15
CA ARG B 162 18.33 38.70 7.55
C ARG B 162 17.27 38.25 6.54
N LYS B 163 16.98 39.08 5.53
CA LYS B 163 15.97 38.78 4.50
C LYS B 163 16.18 39.69 3.30
N ALA B 164 15.53 39.40 2.18
CA ALA B 164 15.66 40.19 0.95
C ALA B 164 15.23 41.66 1.13
N SER B 165 14.25 41.92 2.01
CA SER B 165 13.78 43.28 2.24
C SER B 165 14.81 44.18 2.92
N ASP B 166 15.79 43.58 3.64
CA ASP B 166 16.86 44.34 4.27
C ASP B 166 17.77 44.92 3.20
N VAL B 167 18.06 44.15 2.13
CA VAL B 167 18.97 44.66 1.10
C VAL B 167 18.22 45.70 0.24
N ALA B 168 16.88 45.51 0.01
CA ALA B 168 16.08 46.50 -0.72
C ALA B 168 16.09 47.84 0.03
N ALA B 169 16.04 47.80 1.38
CA ALA B 169 16.09 49.00 2.20
C ALA B 169 17.43 49.70 2.02
N VAL B 170 18.55 48.96 1.99
CA VAL B 170 19.88 49.53 1.78
C VAL B 170 19.96 50.16 0.39
N ARG B 171 19.42 49.48 -0.62
CA ARG B 171 19.42 49.99 -1.99
CA ARG B 171 19.42 49.99 -1.99
C ARG B 171 18.65 51.30 -2.09
N ALA B 172 17.48 51.38 -1.42
CA ALA B 172 16.64 52.57 -1.39
C ALA B 172 17.37 53.73 -0.67
N ALA B 173 18.06 53.43 0.44
CA ALA B 173 18.82 54.44 1.18
C ALA B 173 20.01 55.01 0.38
N LEU B 174 20.53 54.24 -0.57
CA LEU B 174 21.60 54.74 -1.45
C LEU B 174 21.07 55.77 -2.50
N GLY B 175 19.76 55.75 -2.75
CA GLY B 175 19.10 56.68 -3.65
C GLY B 175 19.44 56.53 -5.12
N PRO B 176 18.99 57.51 -5.92
CA PRO B 176 19.25 57.45 -7.37
C PRO B 176 20.71 57.59 -7.74
N GLU B 177 21.48 58.34 -6.94
CA GLU B 177 22.90 58.53 -7.24
C GLU B 177 23.79 57.35 -6.86
N GLY B 178 23.30 56.43 -6.04
CA GLY B 178 24.09 55.29 -5.62
C GLY B 178 23.71 53.98 -6.29
N HIS B 179 23.21 54.06 -7.53
CA HIS B 179 22.79 52.87 -8.27
C HIS B 179 23.96 51.95 -8.65
N GLY B 180 25.14 52.53 -8.83
CA GLY B 180 26.31 51.76 -9.23
C GLY B 180 27.07 51.09 -8.10
N ILE B 181 26.75 51.42 -6.84
CA ILE B 181 27.42 50.86 -5.68
C ILE B 181 27.06 49.39 -5.47
N LYS B 182 28.07 48.54 -5.18
CA LYS B 182 27.80 47.11 -4.95
C LYS B 182 27.35 46.88 -3.53
N ILE B 183 26.32 46.07 -3.33
CA ILE B 183 25.84 45.74 -1.99
C ILE B 183 26.27 44.30 -1.68
N ILE B 184 27.20 44.13 -0.74
CA ILE B 184 27.67 42.83 -0.29
C ILE B 184 26.96 42.58 1.05
N SER B 185 26.03 41.62 1.11
CA SER B 185 25.30 41.34 2.33
C SER B 185 26.09 40.50 3.34
N LYS B 186 26.20 40.97 4.59
CA LYS B 186 26.88 40.23 5.62
C LYS B 186 25.92 39.26 6.29
N ILE B 187 26.25 37.96 6.27
CA ILE B 187 25.42 36.94 6.91
C ILE B 187 26.05 36.72 8.28
N GLU B 188 25.35 37.14 9.35
CA GLU B 188 25.87 37.10 10.71
C GLU B 188 25.02 36.35 11.70
N ASN B 189 23.90 35.73 11.29
CA ASN B 189 23.04 35.02 12.23
C ASN B 189 22.28 33.86 11.60
N HIS B 190 21.55 33.07 12.39
CA HIS B 190 20.81 31.92 11.90
C HIS B 190 19.79 32.27 10.81
N GLU B 191 19.07 33.39 10.98
CA GLU B 191 18.07 33.79 9.99
C GLU B 191 18.68 34.09 8.63
N GLY B 192 19.82 34.79 8.61
CA GLY B 192 20.54 35.09 7.38
C GLY B 192 20.98 33.83 6.66
N VAL B 193 21.43 32.80 7.43
CA VAL B 193 21.83 31.52 6.86
C VAL B 193 20.62 30.78 6.27
N LYS B 194 19.51 30.79 6.98
CA LYS B 194 18.29 30.11 6.54
C LYS B 194 17.60 30.78 5.35
N ARG B 195 17.67 32.10 5.28
CA ARG B 195 17.10 32.83 4.17
C ARG B 195 18.17 33.23 3.13
N PHE B 196 19.31 32.52 3.11
CA PHE B 196 20.44 32.79 2.23
C PHE B 196 20.09 32.94 0.77
N ASP B 197 19.33 32.00 0.18
CA ASP B 197 19.01 32.04 -1.24
C ASP B 197 18.27 33.31 -1.67
N GLU B 198 17.32 33.78 -0.85
CA GLU B 198 16.59 35.01 -1.17
C GLU B 198 17.46 36.26 -1.00
N ILE B 199 18.41 36.23 -0.06
CA ILE B 199 19.33 37.34 0.16
C ILE B 199 20.35 37.42 -0.99
N LEU B 200 20.92 36.28 -1.38
CA LEU B 200 21.91 36.25 -2.47
C LEU B 200 21.28 36.72 -3.78
N GLU B 201 20.02 36.35 -4.02
CA GLU B 201 19.31 36.70 -5.25
C GLU B 201 19.27 38.21 -5.49
N VAL B 202 19.05 38.99 -4.41
CA VAL B 202 18.97 40.45 -4.53
C VAL B 202 20.28 41.19 -4.18
N SER B 203 21.32 40.47 -3.76
CA SER B 203 22.59 41.12 -3.41
C SER B 203 23.59 40.99 -4.55
N ASP B 204 24.62 41.83 -4.54
CA ASP B 204 25.71 41.69 -5.51
C ASP B 204 26.72 40.60 -5.06
N GLY B 205 26.75 40.29 -3.77
CA GLY B 205 27.63 39.30 -3.18
C GLY B 205 27.36 39.13 -1.69
N ILE B 206 28.18 38.30 -1.04
CA ILE B 206 28.00 37.97 0.36
C ILE B 206 29.30 38.07 1.14
N MET B 207 29.19 38.36 2.42
CA MET B 207 30.32 38.30 3.31
C MET B 207 29.97 37.29 4.41
N VAL B 208 30.86 36.34 4.66
CA VAL B 208 30.70 35.38 5.75
C VAL B 208 31.32 36.07 6.95
N ALA B 209 30.49 36.77 7.74
CA ALA B 209 30.94 37.52 8.90
C ALA B 209 30.99 36.55 10.04
N ARG B 210 32.13 35.87 10.20
CA ARG B 210 32.29 34.82 11.20
C ARG B 210 32.28 35.27 12.67
N GLY B 211 32.63 36.53 12.96
CA GLY B 211 32.61 37.05 14.32
C GLY B 211 31.25 36.94 14.98
N ASP B 212 30.25 37.64 14.45
CA ASP B 212 28.90 37.56 14.98
C ASP B 212 28.27 36.22 14.72
N LEU B 213 28.55 35.61 13.54
CA LEU B 213 27.99 34.30 13.20
C LEU B 213 28.38 33.25 14.23
N GLY B 214 29.62 33.31 14.72
CA GLY B 214 30.14 32.40 15.73
C GLY B 214 29.56 32.58 17.13
N ILE B 215 28.83 33.69 17.36
CA ILE B 215 28.12 33.97 18.61
C ILE B 215 26.63 33.62 18.44
N GLU B 216 26.07 33.86 17.24
CA GLU B 216 24.65 33.59 16.94
C GLU B 216 24.35 32.12 16.75
N ILE B 217 25.30 31.37 16.17
CA ILE B 217 25.18 29.92 15.99
C ILE B 217 26.35 29.24 16.73
N PRO B 218 26.27 27.92 17.03
CA PRO B 218 27.38 27.27 17.75
C PRO B 218 28.69 27.45 16.98
N ALA B 219 29.77 27.79 17.67
CA ALA B 219 31.08 28.01 17.04
C ALA B 219 31.53 26.82 16.12
N GLU B 220 31.24 25.59 16.54
CA GLU B 220 31.61 24.41 15.78
C GLU B 220 30.82 24.22 14.48
N LYS B 221 29.81 25.06 14.21
CA LYS B 221 29.02 24.99 12.98
C LYS B 221 29.37 26.08 11.98
N VAL B 222 30.21 27.07 12.35
CA VAL B 222 30.56 28.19 11.46
C VAL B 222 31.20 27.71 10.16
N PHE B 223 32.12 26.72 10.23
CA PHE B 223 32.76 26.20 9.02
C PHE B 223 31.74 25.63 8.02
N LEU B 224 30.61 25.05 8.50
CA LEU B 224 29.58 24.51 7.60
C LEU B 224 28.89 25.65 6.88
N ALA B 225 28.56 26.74 7.61
CA ALA B 225 27.91 27.90 7.02
C ALA B 225 28.84 28.56 6.02
N GLN B 226 30.15 28.68 6.35
CA GLN B 226 31.13 29.28 5.45
C GLN B 226 31.24 28.47 4.14
N LYS B 227 31.42 27.17 4.23
CA LYS B 227 31.57 26.31 3.05
C LYS B 227 30.30 26.28 2.18
N MET B 228 29.12 26.30 2.82
CA MET B 228 27.85 26.30 2.10
C MET B 228 27.66 27.62 1.32
N MET B 229 27.90 28.77 1.98
CA MET B 229 27.72 30.07 1.37
C MET B 229 28.71 30.32 0.26
N ILE B 230 29.97 29.90 0.45
CA ILE B 230 30.98 30.03 -0.61
C ILE B 230 30.60 29.19 -1.82
N GLY B 231 30.16 27.96 -1.58
CA GLY B 231 29.71 27.07 -2.64
C GLY B 231 28.54 27.65 -3.42
N ARG B 232 27.53 28.19 -2.70
CA ARG B 232 26.37 28.78 -3.37
C ARG B 232 26.72 30.07 -4.13
N CYS B 233 27.66 30.87 -3.61
CA CYS B 233 28.10 32.08 -4.31
C CYS B 233 28.87 31.71 -5.57
N ASN B 234 29.71 30.68 -5.50
CA ASN B 234 30.46 30.17 -6.65
C ASN B 234 29.49 29.66 -7.71
N LEU B 235 28.42 28.96 -7.29
CA LEU B 235 27.39 28.44 -8.17
C LEU B 235 26.65 29.61 -8.88
N ALA B 236 26.33 30.66 -8.12
CA ALA B 236 25.66 31.86 -8.63
C ALA B 236 26.58 32.80 -9.44
N GLY B 237 27.89 32.63 -9.32
CA GLY B 237 28.83 33.50 -9.99
C GLY B 237 28.90 34.89 -9.35
N LYS B 238 28.63 34.99 -8.04
CA LYS B 238 28.65 36.25 -7.30
C LYS B 238 29.77 36.27 -6.25
N PRO B 239 30.43 37.40 -6.04
CA PRO B 239 31.55 37.43 -5.07
C PRO B 239 31.20 37.06 -3.64
N VAL B 240 32.13 36.37 -2.99
CA VAL B 240 31.97 35.97 -1.59
C VAL B 240 33.25 36.34 -0.83
N VAL B 241 33.09 36.99 0.31
CA VAL B 241 34.22 37.40 1.14
C VAL B 241 34.27 36.53 2.40
N CYS B 242 35.45 36.02 2.76
CA CYS B 242 35.61 35.33 4.05
C CYS B 242 36.18 36.33 5.01
N ALA B 243 35.56 36.48 6.18
CA ALA B 243 36.00 37.51 7.13
C ALA B 243 36.11 37.04 8.58
N THR B 244 36.94 37.79 9.38
CA THR B 244 37.11 37.80 10.84
C THR B 244 38.02 36.72 11.43
N GLN B 245 39.00 37.17 12.21
CA GLN B 245 39.99 36.40 12.95
C GLN B 245 40.85 35.52 12.08
N MET B 246 41.02 35.87 10.79
CA MET B 246 41.84 35.07 9.90
C MET B 246 43.28 34.99 10.36
N LEU B 247 43.85 36.13 10.81
CA LEU B 247 45.22 36.20 11.31
C LEU B 247 45.23 36.96 12.64
N GLU B 248 44.23 36.71 13.49
CA GLU B 248 44.01 37.39 14.77
C GLU B 248 45.24 37.62 15.61
N SER B 249 46.09 36.61 15.80
CA SER B 249 47.29 36.74 16.62
C SER B 249 48.28 37.77 16.10
N MET B 250 48.22 38.11 14.80
CA MET B 250 49.09 39.13 14.24
C MET B 250 48.73 40.56 14.69
N ILE B 251 47.67 40.73 15.51
CA ILE B 251 47.35 42.02 16.10
C ILE B 251 48.50 42.40 17.07
N THR B 252 49.11 41.41 17.78
CA THR B 252 50.22 41.67 18.70
C THR B 252 51.52 40.93 18.33
N LYS B 253 51.46 39.88 17.51
CA LYS B 253 52.66 39.12 17.17
C LYS B 253 53.09 39.29 15.71
N PRO B 254 54.40 39.25 15.41
CA PRO B 254 54.83 39.43 14.00
C PRO B 254 54.51 38.25 13.07
N ARG B 255 54.29 37.05 13.62
CA ARG B 255 54.00 35.84 12.84
C ARG B 255 52.67 35.22 13.31
N PRO B 256 51.88 34.62 12.39
CA PRO B 256 50.61 34.01 12.81
C PRO B 256 50.78 32.57 13.36
N THR B 257 49.69 32.02 13.92
CA THR B 257 49.67 30.65 14.41
C THR B 257 49.51 29.68 13.21
N ARG B 258 49.71 28.39 13.43
CA ARG B 258 49.52 27.38 12.38
C ARG B 258 48.05 27.26 11.97
N ALA B 259 47.11 27.54 12.89
CA ALA B 259 45.68 27.51 12.60
C ALA B 259 45.27 28.67 11.70
N GLU B 260 45.90 29.83 11.89
CA GLU B 260 45.63 31.04 11.12
C GLU B 260 46.09 30.94 9.67
N THR B 261 47.31 30.41 9.42
CA THR B 261 47.74 30.26 8.02
C THR B 261 46.85 29.22 7.31
N SER B 262 46.48 28.14 8.03
CA SER B 262 45.62 27.10 7.54
C SER B 262 44.24 27.70 7.19
N ASP B 263 43.70 28.56 8.05
CA ASP B 263 42.41 29.21 7.84
C ASP B 263 42.37 30.04 6.55
N VAL B 264 43.42 30.83 6.31
CA VAL B 264 43.50 31.65 5.12
C VAL B 264 43.57 30.74 3.89
N ALA B 265 44.42 29.72 3.93
CA ALA B 265 44.57 28.81 2.81
C ALA B 265 43.26 28.08 2.51
N ASN B 266 42.54 27.68 3.54
CA ASN B 266 41.28 26.96 3.38
C ASN B 266 40.16 27.86 2.89
N ALA B 267 40.16 29.16 3.24
CA ALA B 267 39.13 30.07 2.70
C ALA B 267 39.31 30.20 1.19
N VAL B 268 40.56 30.30 0.72
CA VAL B 268 40.88 30.37 -0.70
C VAL B 268 40.51 29.04 -1.36
N LEU B 269 40.90 27.90 -0.79
CA LEU B 269 40.55 26.60 -1.36
C LEU B 269 39.03 26.36 -1.39
N ASP B 270 38.29 26.89 -0.42
CA ASP B 270 36.84 26.79 -0.37
C ASP B 270 36.19 27.48 -1.59
N GLY B 271 36.80 28.58 -2.06
CA GLY B 271 36.32 29.31 -3.20
C GLY B 271 36.07 30.78 -2.95
N ALA B 272 36.61 31.34 -1.87
CA ALA B 272 36.38 32.76 -1.56
C ALA B 272 37.03 33.67 -2.59
N ASP B 273 36.30 34.70 -3.01
CA ASP B 273 36.83 35.69 -3.93
C ASP B 273 37.75 36.66 -3.20
N CYS B 274 37.39 37.02 -1.96
CA CYS B 274 38.15 37.95 -1.12
C CYS B 274 38.40 37.38 0.24
N ILE B 275 39.52 37.80 0.84
CA ILE B 275 39.86 37.50 2.23
C ILE B 275 40.00 38.85 2.96
N MET B 276 39.62 38.90 4.24
CA MET B 276 39.60 40.16 4.96
C MET B 276 40.46 40.19 6.22
N LEU B 277 40.96 41.39 6.57
CA LEU B 277 41.70 41.68 7.78
C LEU B 277 40.90 42.76 8.52
N SER B 278 40.61 42.55 9.82
CA SER B 278 39.86 43.53 10.61
C SER B 278 40.79 44.26 11.60
N GLY B 279 40.85 43.83 12.86
CA GLY B 279 41.73 44.40 13.88
C GLY B 279 43.20 44.28 13.50
N GLU B 280 43.56 43.24 12.70
CA GLU B 280 44.93 43.01 12.24
C GLU B 280 45.47 44.23 11.52
N THR B 281 44.61 44.99 10.79
CA THR B 281 45.08 46.18 10.10
C THR B 281 44.56 47.46 10.74
N ALA B 282 43.34 47.43 11.26
CA ALA B 282 42.73 48.62 11.86
C ALA B 282 43.43 49.10 13.14
N LYS B 283 43.76 48.17 14.05
CA LYS B 283 44.38 48.54 15.31
C LYS B 283 45.61 47.75 15.73
N GLY B 284 46.04 46.80 14.92
CA GLY B 284 47.16 45.94 15.29
C GLY B 284 48.51 46.59 15.15
N ASN B 285 49.55 45.92 15.65
CA ASN B 285 50.94 46.40 15.58
C ASN B 285 51.63 46.01 14.28
N PHE B 286 51.05 45.11 13.46
CA PHE B 286 51.67 44.67 12.20
C PHE B 286 50.68 44.71 11.02
N PRO B 287 50.07 45.88 10.70
CA PRO B 287 49.11 45.91 9.57
C PRO B 287 49.68 45.54 8.21
N VAL B 288 50.90 46.01 7.90
CA VAL B 288 51.54 45.72 6.62
C VAL B 288 51.94 44.26 6.55
N GLU B 289 52.45 43.70 7.66
CA GLU B 289 52.86 42.30 7.72
C GLU B 289 51.67 41.35 7.58
N ALA B 290 50.49 41.76 8.11
CA ALA B 290 49.27 40.98 8.00
C ALA B 290 48.84 40.89 6.52
N VAL B 291 48.96 42.01 5.78
CA VAL B 291 48.62 42.04 4.35
C VAL B 291 49.60 41.16 3.59
N LYS B 292 50.90 41.27 3.89
CA LYS B 292 51.93 40.45 3.25
C LYS B 292 51.70 38.95 3.48
N MET B 293 51.28 38.58 4.69
CA MET B 293 51.04 37.19 5.02
C MET B 293 49.84 36.64 4.25
N GLN B 294 48.73 37.41 4.16
CA GLN B 294 47.58 36.97 3.39
C GLN B 294 47.93 36.84 1.91
N HIS B 295 48.77 37.75 1.39
CA HIS B 295 49.23 37.70 0.01
C HIS B 295 50.00 36.40 -0.24
N ALA B 296 50.96 36.09 0.63
CA ALA B 296 51.79 34.90 0.50
C ALA B 296 50.98 33.60 0.55
N ILE B 297 50.02 33.49 1.51
CA ILE B 297 49.19 32.31 1.64
C ILE B 297 48.24 32.14 0.46
N ALA B 298 47.56 33.23 0.06
CA ALA B 298 46.65 33.17 -1.10
C ALA B 298 47.33 32.70 -2.38
N ARG B 299 48.58 33.14 -2.65
CA ARG B 299 49.30 32.66 -3.86
C ARG B 299 49.54 31.16 -3.81
N GLU B 300 49.91 30.65 -2.63
CA GLU B 300 50.18 29.22 -2.49
C GLU B 300 48.90 28.43 -2.65
N ALA B 301 47.82 28.89 -2.01
CA ALA B 301 46.52 28.22 -2.03
C ALA B 301 45.88 28.22 -3.39
N GLU B 302 46.00 29.31 -4.16
CA GLU B 302 45.45 29.37 -5.51
C GLU B 302 46.09 28.34 -6.43
N ALA B 303 47.40 28.15 -6.34
CA ALA B 303 48.09 27.16 -7.16
C ALA B 303 47.64 25.72 -6.77
N ALA B 304 47.24 25.50 -5.50
CA ALA B 304 46.79 24.18 -5.04
C ALA B 304 45.31 23.88 -5.35
N VAL B 305 44.61 24.77 -6.07
CA VAL B 305 43.21 24.54 -6.44
C VAL B 305 43.18 23.37 -7.47
N TYR B 306 42.24 22.42 -7.30
CA TYR B 306 42.14 21.26 -8.17
C TYR B 306 41.28 21.62 -9.38
N HIS B 307 41.82 22.40 -10.30
CA HIS B 307 41.10 22.89 -11.49
C HIS B 307 40.47 21.81 -12.35
N ARG B 308 41.09 20.63 -12.45
CA ARG B 308 40.52 19.55 -13.27
C ARG B 308 39.08 19.21 -12.89
N GLN B 309 38.79 18.96 -11.59
CA GLN B 309 37.42 18.68 -11.19
C GLN B 309 36.62 19.97 -11.05
N LEU B 310 37.23 21.04 -10.53
CA LEU B 310 36.56 22.31 -10.33
C LEU B 310 35.92 22.85 -11.61
N PHE B 311 36.70 22.93 -12.71
CA PHE B 311 36.17 23.43 -13.97
C PHE B 311 35.06 22.54 -14.50
N GLU B 312 35.21 21.22 -14.40
CA GLU B 312 34.19 20.28 -14.84
C GLU B 312 32.89 20.49 -14.07
N GLU B 313 32.97 20.70 -12.76
CA GLU B 313 31.79 20.92 -11.95
C GLU B 313 31.15 22.28 -12.19
N LEU B 314 31.95 23.35 -12.36
CA LEU B 314 31.40 24.68 -12.65
C LEU B 314 30.70 24.68 -13.99
N ARG B 315 31.30 24.04 -14.98
CA ARG B 315 30.76 23.87 -16.30
C ARG B 315 29.40 23.13 -16.28
N ARG B 316 29.33 21.99 -15.61
CA ARG B 316 28.13 21.18 -15.53
C ARG B 316 27.02 21.85 -14.71
N ALA B 317 27.39 22.56 -13.64
CA ALA B 317 26.41 23.23 -12.78
C ALA B 317 25.81 24.46 -13.43
N ALA B 318 26.60 25.17 -14.26
CA ALA B 318 26.12 26.38 -14.90
C ALA B 318 25.05 26.01 -15.93
N PRO B 319 23.88 26.67 -15.85
CA PRO B 319 22.81 26.33 -16.79
C PRO B 319 23.13 26.72 -18.21
N LEU B 320 22.43 26.11 -19.19
CA LEU B 320 22.60 26.47 -20.60
C LEU B 320 22.19 27.92 -20.79
N SER B 321 22.87 28.62 -21.69
CA SER B 321 22.59 30.04 -21.84
C SER B 321 22.55 30.49 -23.24
N ARG B 322 21.65 31.41 -23.53
CA ARG B 322 21.58 32.03 -24.85
C ARG B 322 22.15 33.47 -24.81
N ASP B 323 22.81 33.89 -23.70
CA ASP B 323 23.45 35.19 -23.57
C ASP B 323 24.84 35.07 -24.16
N PRO B 324 25.16 35.84 -25.20
CA PRO B 324 26.48 35.72 -25.85
C PRO B 324 27.68 35.99 -24.93
N THR B 325 27.54 36.83 -23.88
CA THR B 325 28.63 37.09 -22.96
C THR B 325 28.93 35.82 -22.17
N GLU B 326 27.89 35.15 -21.70
CA GLU B 326 27.93 33.90 -20.95
C GLU B 326 28.56 32.78 -21.82
N VAL B 327 28.14 32.68 -23.08
CA VAL B 327 28.65 31.69 -24.02
C VAL B 327 30.13 31.94 -24.36
N THR B 328 30.50 33.21 -24.58
CA THR B 328 31.88 33.56 -24.92
C THR B 328 32.78 33.31 -23.73
N ALA B 329 32.31 33.61 -22.51
CA ALA B 329 33.10 33.42 -21.30
C ALA B 329 33.53 31.97 -21.08
N ILE B 330 32.61 31.00 -21.26
CA ILE B 330 32.96 29.59 -21.09
C ILE B 330 33.89 29.11 -22.23
N GLY B 331 33.68 29.59 -23.45
CA GLY B 331 34.52 29.23 -24.56
C GLY B 331 35.94 29.76 -24.37
N ALA B 332 36.06 30.98 -23.80
CA ALA B 332 37.36 31.60 -23.54
C ALA B 332 38.13 30.88 -22.43
N VAL B 333 37.43 30.50 -21.33
CA VAL B 333 38.07 29.79 -20.22
C VAL B 333 38.51 28.39 -20.68
N GLU B 334 37.70 27.73 -21.50
CA GLU B 334 38.05 26.43 -22.07
C GLU B 334 39.29 26.54 -22.95
N ALA B 335 39.37 27.59 -23.79
CA ALA B 335 40.49 27.84 -24.68
C ALA B 335 41.76 28.14 -23.87
N ALA B 336 41.64 28.94 -22.81
CA ALA B 336 42.75 29.26 -21.92
C ALA B 336 43.34 27.99 -21.27
N PHE B 337 42.48 27.05 -20.82
CA PHE B 337 42.97 25.81 -20.23
C PHE B 337 43.69 24.92 -21.26
N LYS B 338 43.17 24.89 -22.49
CA LYS B 338 43.73 24.08 -23.58
C LYS B 338 45.18 24.42 -23.92
N CYS B 339 45.55 25.70 -23.84
CA CYS B 339 46.91 26.13 -24.21
C CYS B 339 47.74 26.65 -23.05
N CYS B 340 47.23 26.61 -21.80
CA CYS B 340 47.90 27.15 -20.62
C CYS B 340 48.14 28.64 -20.83
N ALA B 341 47.12 29.36 -21.32
CA ALA B 341 47.20 30.80 -21.61
C ALA B 341 47.65 31.56 -20.40
N ALA B 342 48.57 32.49 -20.60
CA ALA B 342 49.08 33.30 -19.49
C ALA B 342 47.98 34.26 -18.97
N ALA B 343 47.06 34.70 -19.86
CA ALA B 343 46.03 35.64 -19.49
C ALA B 343 44.83 35.59 -20.44
N ILE B 344 43.70 36.15 -20.00
CA ILE B 344 42.52 36.38 -20.77
C ILE B 344 42.33 37.88 -20.67
N ILE B 345 42.50 38.61 -21.77
CA ILE B 345 42.35 40.06 -21.79
C ILE B 345 40.93 40.35 -22.20
N VAL B 346 40.17 41.06 -21.37
CA VAL B 346 38.78 41.35 -21.66
C VAL B 346 38.49 42.85 -21.60
N LEU B 347 37.67 43.33 -22.54
CA LEU B 347 37.27 44.74 -22.55
C LEU B 347 35.95 44.78 -21.83
N THR B 348 35.83 45.64 -20.82
CA THR B 348 34.59 45.71 -20.06
C THR B 348 34.24 47.14 -19.66
N THR B 349 32.95 47.45 -19.62
CA THR B 349 32.50 48.78 -19.24
C THR B 349 32.04 48.76 -17.80
N THR B 350 31.20 47.77 -17.45
CA THR B 350 30.66 47.61 -16.10
C THR B 350 31.41 46.58 -15.25
N GLY B 351 32.29 45.79 -15.87
CA GLY B 351 33.00 44.70 -15.21
C GLY B 351 32.32 43.35 -15.41
N ARG B 352 31.08 43.32 -15.93
CA ARG B 352 30.32 42.08 -16.09
C ARG B 352 31.02 41.01 -16.93
N SER B 353 31.63 41.37 -18.06
CA SER B 353 32.30 40.37 -18.91
C SER B 353 33.46 39.70 -18.16
N ALA B 354 34.17 40.46 -17.31
CA ALA B 354 35.26 39.92 -16.51
C ALA B 354 34.69 39.02 -15.41
N GLN B 355 33.53 39.38 -14.83
CA GLN B 355 32.89 38.58 -13.79
C GLN B 355 32.45 37.22 -14.34
N LEU B 356 31.92 37.18 -15.57
CA LEU B 356 31.48 35.92 -16.18
C LEU B 356 32.66 35.02 -16.53
N LEU B 357 33.85 35.59 -16.75
CA LEU B 357 35.05 34.79 -16.98
C LEU B 357 35.50 34.20 -15.63
N SER B 358 35.55 35.05 -14.60
CA SER B 358 35.96 34.75 -13.23
C SER B 358 35.15 33.61 -12.58
N ARG B 359 33.86 33.49 -12.89
CA ARG B 359 32.99 32.46 -12.31
C ARG B 359 33.43 31.03 -12.69
N TYR B 360 34.13 30.85 -13.82
CA TYR B 360 34.62 29.53 -14.23
C TYR B 360 35.98 29.19 -13.65
N ARG B 361 36.53 30.07 -12.81
CA ARG B 361 37.78 29.89 -12.12
C ARG B 361 38.93 29.51 -13.03
N PRO B 362 39.24 30.33 -14.05
CA PRO B 362 40.40 30.00 -14.89
C PRO B 362 41.70 30.14 -14.10
N ARG B 363 42.70 29.38 -14.49
CA ARG B 363 44.03 29.52 -13.92
C ARG B 363 44.69 30.82 -14.53
N ALA B 364 44.34 31.15 -15.80
CA ALA B 364 44.82 32.33 -16.50
C ALA B 364 44.28 33.59 -15.83
N ALA B 365 45.14 34.61 -15.69
CA ALA B 365 44.74 35.90 -15.11
C ALA B 365 43.74 36.58 -16.04
N VAL B 366 42.70 37.22 -15.50
CA VAL B 366 41.73 37.92 -16.32
C VAL B 366 42.09 39.39 -16.25
N ILE B 367 42.77 39.90 -17.28
CA ILE B 367 43.17 41.30 -17.33
C ILE B 367 42.02 42.11 -17.91
N ALA B 368 41.32 42.86 -17.07
CA ALA B 368 40.15 43.62 -17.49
C ALA B 368 40.51 45.08 -17.82
N VAL B 369 40.42 45.46 -19.10
CA VAL B 369 40.67 46.83 -19.54
C VAL B 369 39.38 47.62 -19.57
N THR B 370 39.30 48.68 -18.77
CA THR B 370 38.10 49.49 -18.68
C THR B 370 38.41 50.99 -18.65
N ARG B 371 37.43 51.79 -19.09
CA ARG B 371 37.53 53.24 -18.99
C ARG B 371 36.87 53.73 -17.69
N SER B 372 36.00 52.90 -17.06
CA SER B 372 35.30 53.23 -15.84
C SER B 372 36.20 53.05 -14.61
N ALA B 373 36.52 54.14 -13.90
CA ALA B 373 37.34 54.06 -12.69
C ALA B 373 36.62 53.28 -11.59
N GLN B 374 35.29 53.41 -11.49
CA GLN B 374 34.51 52.68 -10.52
C GLN B 374 34.52 51.17 -10.82
N ALA B 375 34.31 50.77 -12.09
CA ALA B 375 34.35 49.35 -12.47
C ALA B 375 35.72 48.77 -12.18
N ALA B 376 36.80 49.52 -12.47
CA ALA B 376 38.16 49.08 -12.19
C ALA B 376 38.36 48.79 -10.68
N ARG B 377 37.77 49.60 -9.80
CA ARG B 377 37.87 49.37 -8.36
C ARG B 377 36.98 48.19 -7.93
N GLN B 378 35.75 48.13 -8.44
CA GLN B 378 34.79 47.10 -8.07
C GLN B 378 35.12 45.68 -8.53
N VAL B 379 35.85 45.51 -9.67
CA VAL B 379 36.18 44.16 -10.14
C VAL B 379 37.17 43.44 -9.23
N HIS B 380 37.74 44.13 -8.20
CA HIS B 380 38.56 43.48 -7.19
C HIS B 380 37.72 42.45 -6.40
N LEU B 381 36.38 42.58 -6.38
CA LEU B 381 35.50 41.64 -5.72
C LEU B 381 35.54 40.24 -6.40
N CYS B 382 35.94 40.17 -7.69
CA CYS B 382 35.95 38.90 -8.45
C CYS B 382 37.31 38.31 -8.53
N ARG B 383 37.45 37.07 -8.06
CA ARG B 383 38.74 36.40 -8.06
C ARG B 383 39.38 36.32 -9.46
N GLY B 384 40.65 36.69 -9.53
CA GLY B 384 41.44 36.58 -10.75
C GLY B 384 41.26 37.70 -11.75
N VAL B 385 40.58 38.79 -11.36
CA VAL B 385 40.40 39.93 -12.26
C VAL B 385 41.38 41.03 -11.89
N PHE B 386 42.25 41.38 -12.83
CA PHE B 386 43.27 42.42 -12.67
C PHE B 386 42.85 43.63 -13.48
N PRO B 387 42.34 44.67 -12.81
CA PRO B 387 41.85 45.84 -13.55
C PRO B 387 42.90 46.79 -14.07
N LEU B 388 42.76 47.21 -15.33
CA LEU B 388 43.62 48.22 -15.93
C LEU B 388 42.73 49.38 -16.32
N LEU B 389 42.99 50.55 -15.73
CA LEU B 389 42.20 51.74 -16.04
C LEU B 389 42.81 52.45 -17.25
N TYR B 390 42.07 52.49 -18.35
CA TYR B 390 42.48 53.13 -19.60
C TYR B 390 42.05 54.60 -19.59
N ARG B 391 43.01 55.52 -19.72
CA ARG B 391 42.72 56.94 -19.64
C ARG B 391 42.75 57.68 -21.00
N GLU B 392 43.15 57.01 -22.09
CA GLU B 392 43.25 57.64 -23.40
C GLU B 392 41.92 58.07 -24.02
N PRO B 393 41.93 59.18 -24.79
CA PRO B 393 40.70 59.61 -25.47
C PRO B 393 40.38 58.69 -26.66
N PRO B 394 39.08 58.49 -26.94
CA PRO B 394 38.69 57.56 -28.02
C PRO B 394 39.24 57.87 -29.40
N GLU B 395 39.56 56.82 -30.17
CA GLU B 395 39.95 56.91 -31.57
C GLU B 395 38.69 57.18 -32.39
N ALA B 396 38.84 57.77 -33.58
CA ALA B 396 37.70 58.05 -34.45
C ALA B 396 37.07 56.74 -34.93
N ILE B 397 37.89 55.76 -35.31
CA ILE B 397 37.39 54.45 -35.73
C ILE B 397 37.30 53.53 -34.50
N TRP B 398 36.08 53.04 -34.19
CA TRP B 398 35.82 52.19 -33.03
C TRP B 398 36.70 50.93 -33.00
N ALA B 399 36.86 50.24 -34.13
CA ALA B 399 37.69 49.04 -34.19
C ALA B 399 39.16 49.33 -33.83
N ASP B 400 39.65 50.52 -34.13
CA ASP B 400 41.02 50.92 -33.77
C ASP B 400 41.13 51.24 -32.29
N ASP B 401 40.07 51.82 -31.71
CA ASP B 401 39.97 52.13 -30.29
C ASP B 401 39.97 50.82 -29.48
N VAL B 402 39.30 49.78 -29.99
CA VAL B 402 39.26 48.46 -29.40
C VAL B 402 40.67 47.88 -29.41
N ASP B 403 41.34 47.89 -30.58
CA ASP B 403 42.70 47.37 -30.72
C ASP B 403 43.71 48.07 -29.83
N ARG B 404 43.55 49.38 -29.63
CA ARG B 404 44.46 50.12 -28.76
C ARG B 404 44.30 49.68 -27.31
N ARG B 405 43.05 49.40 -26.89
CA ARG B 405 42.72 48.93 -25.56
C ARG B 405 43.25 47.52 -25.30
N VAL B 406 43.28 46.66 -26.32
CA VAL B 406 43.82 45.30 -26.24
C VAL B 406 45.36 45.38 -26.14
N GLN B 407 45.99 46.25 -26.94
CA GLN B 407 47.44 46.45 -26.88
C GLN B 407 47.86 47.03 -25.55
N PHE B 408 47.04 47.92 -24.97
CA PHE B 408 47.31 48.49 -23.63
C PHE B 408 47.36 47.36 -22.59
N GLY B 409 46.47 46.37 -22.73
CA GLY B 409 46.41 45.20 -21.86
C GLY B 409 47.63 44.32 -22.03
N ILE B 410 48.11 44.15 -23.26
CA ILE B 410 49.29 43.33 -23.54
C ILE B 410 50.55 44.02 -23.00
N GLU B 411 50.68 45.32 -23.21
CA GLU B 411 51.83 46.08 -22.75
C GLU B 411 51.89 46.19 -21.23
N SER B 412 50.74 46.41 -20.55
CA SER B 412 50.74 46.41 -19.07
C SER B 412 51.05 44.99 -18.57
N GLY B 413 50.54 43.97 -19.26
CA GLY B 413 50.77 42.58 -18.93
C GLY B 413 52.23 42.18 -19.03
N LYS B 414 52.93 42.68 -20.04
CA LYS B 414 54.35 42.40 -20.22
C LYS B 414 55.17 43.15 -19.18
N LEU B 415 54.82 44.43 -18.94
CA LEU B 415 55.50 45.28 -17.97
C LEU B 415 55.14 44.98 -16.50
N ARG B 416 54.21 44.07 -16.23
CA ARG B 416 53.92 43.62 -14.87
C ARG B 416 54.35 42.14 -14.67
N GLY B 417 54.83 41.47 -15.71
CA GLY B 417 55.27 40.09 -15.60
C GLY B 417 54.24 39.02 -15.90
N PHE B 418 52.99 39.41 -16.20
CA PHE B 418 51.94 38.45 -16.55
C PHE B 418 52.22 37.77 -17.88
N LEU B 419 52.81 38.49 -18.82
CA LEU B 419 53.03 37.97 -20.17
C LEU B 419 54.45 38.05 -20.63
N ARG B 420 54.85 37.10 -21.46
CA ARG B 420 56.17 37.03 -22.06
C ARG B 420 56.04 36.71 -23.55
N VAL B 421 57.04 37.08 -24.35
CA VAL B 421 57.02 36.78 -25.78
C VAL B 421 56.98 35.25 -26.00
N GLY B 422 56.05 34.79 -26.82
CA GLY B 422 55.84 33.36 -27.01
C GLY B 422 54.61 32.84 -26.31
N ASP B 423 54.09 33.59 -25.32
CA ASP B 423 52.88 33.20 -24.59
C ASP B 423 51.64 33.26 -25.48
N LEU B 424 50.60 32.50 -25.09
CA LEU B 424 49.32 32.59 -25.76
C LEU B 424 48.38 33.34 -24.84
N VAL B 425 47.54 34.17 -25.44
CA VAL B 425 46.60 34.99 -24.71
C VAL B 425 45.22 34.84 -25.37
N ILE B 426 44.16 34.96 -24.57
CA ILE B 426 42.81 34.86 -25.10
C ILE B 426 42.25 36.25 -25.00
N VAL B 427 41.72 36.82 -26.09
CA VAL B 427 41.19 38.19 -26.07
C VAL B 427 39.68 38.16 -26.22
N VAL B 428 38.96 38.74 -25.28
CA VAL B 428 37.51 38.75 -25.26
C VAL B 428 36.99 40.16 -25.48
N THR B 429 36.25 40.36 -26.59
CA THR B 429 35.69 41.67 -26.98
C THR B 429 34.22 41.50 -27.48
N GLY B 430 33.58 42.60 -27.87
CA GLY B 430 32.22 42.60 -28.39
C GLY B 430 32.16 43.08 -29.83
N TRP B 431 30.98 43.02 -30.43
CA TRP B 431 30.81 43.38 -31.84
C TRP B 431 30.43 44.87 -32.05
N ARG B 432 29.96 45.55 -31.00
CA ARG B 432 29.57 46.96 -31.08
C ARG B 432 29.85 47.67 -29.76
N PRO B 433 29.95 49.02 -29.74
CA PRO B 433 30.21 49.70 -28.46
C PRO B 433 29.06 49.57 -27.48
N GLY B 434 29.36 49.85 -26.22
CA GLY B 434 28.37 49.77 -25.16
C GLY B 434 28.39 48.43 -24.45
N SER B 435 27.87 48.44 -23.24
CA SER B 435 27.79 47.29 -22.37
C SER B 435 26.78 46.25 -22.89
N GLY B 436 27.07 44.97 -22.66
CA GLY B 436 26.19 43.87 -22.99
C GLY B 436 26.37 43.18 -24.33
N TYR B 437 27.44 43.52 -25.11
CA TYR B 437 27.59 42.92 -26.44
C TYR B 437 28.83 42.07 -26.62
N THR B 438 29.48 41.62 -25.53
CA THR B 438 30.65 40.71 -25.65
C THR B 438 30.24 39.43 -26.38
N ASN B 439 30.96 39.06 -27.45
CA ASN B 439 30.60 37.87 -28.22
C ASN B 439 31.78 37.29 -29.02
N ILE B 440 33.00 37.80 -28.82
CA ILE B 440 34.16 37.38 -29.58
C ILE B 440 35.30 36.91 -28.69
N MET B 441 35.92 35.82 -29.07
CA MET B 441 37.08 35.31 -28.38
CA MET B 441 37.06 35.22 -28.39
C MET B 441 38.16 35.05 -29.44
N ARG B 442 39.37 35.56 -29.19
CA ARG B 442 40.49 35.42 -30.13
C ARG B 442 41.70 34.81 -29.46
N VAL B 443 42.43 33.94 -30.16
CA VAL B 443 43.66 33.34 -29.65
C VAL B 443 44.81 34.10 -30.26
N LEU B 444 45.62 34.79 -29.44
CA LEU B 444 46.75 35.58 -29.95
CA LEU B 444 46.73 35.59 -29.94
C LEU B 444 48.09 35.12 -29.38
N SER B 445 49.14 35.11 -30.23
CA SER B 445 50.48 34.74 -29.78
C SER B 445 51.22 36.04 -29.45
N ILE B 446 51.85 36.11 -28.28
CA ILE B 446 52.54 37.32 -27.84
C ILE B 446 53.87 37.50 -28.59
N SER B 447 54.01 38.65 -29.26
CA SER B 447 55.24 38.96 -29.98
C SER B 447 55.96 40.16 -29.33
N GLU C 21 53.24 -12.91 -7.97
CA GLU C 21 52.17 -13.73 -7.38
C GLU C 21 51.29 -14.40 -8.45
N LEU C 22 50.77 -13.62 -9.42
CA LEU C 22 49.94 -14.16 -10.51
C LEU C 22 50.68 -14.15 -11.86
N GLY C 23 51.63 -13.24 -12.03
CA GLY C 23 52.43 -13.13 -13.24
C GLY C 23 51.94 -12.08 -14.22
N THR C 24 52.86 -11.60 -15.08
CA THR C 24 52.53 -10.61 -16.10
C THR C 24 51.58 -11.19 -17.16
N ALA C 25 51.71 -12.50 -17.45
CA ALA C 25 50.86 -13.20 -18.42
C ALA C 25 49.40 -13.18 -17.99
N PHE C 26 49.14 -13.32 -16.67
CA PHE C 26 47.78 -13.28 -16.14
C PHE C 26 47.09 -11.95 -16.47
N PHE C 27 47.83 -10.85 -16.29
CA PHE C 27 47.29 -9.51 -16.50
C PHE C 27 47.21 -9.06 -17.96
N GLN C 28 47.68 -9.90 -18.91
CA GLN C 28 47.59 -9.60 -20.33
C GLN C 28 46.36 -10.32 -20.96
N GLN C 29 45.91 -11.44 -20.36
CA GLN C 29 44.75 -12.20 -20.80
C GLN C 29 43.44 -11.49 -20.41
N GLN C 30 42.29 -12.00 -20.93
CA GLN C 30 40.91 -11.58 -20.71
C GLN C 30 40.68 -10.05 -20.67
N GLN C 31 41.36 -9.31 -21.58
CA GLN C 31 41.28 -7.86 -21.72
C GLN C 31 41.47 -7.10 -20.40
N LEU C 32 42.35 -7.62 -19.52
CA LEU C 32 42.58 -7.00 -18.23
C LEU C 32 43.17 -5.57 -18.35
N PRO C 33 44.12 -5.28 -19.26
CA PRO C 33 44.54 -3.86 -19.42
C PRO C 33 43.36 -2.94 -19.79
N ALA C 34 42.47 -3.40 -20.71
CA ALA C 34 41.29 -2.64 -21.13
C ALA C 34 40.28 -2.47 -20.00
N ALA C 35 40.13 -3.49 -19.14
CA ALA C 35 39.18 -3.47 -18.03
C ALA C 35 39.57 -2.52 -16.92
N MET C 36 40.90 -2.27 -16.75
CA MET C 36 41.48 -1.38 -15.74
C MET C 36 41.56 0.08 -16.20
N ALA C 37 41.25 0.39 -17.47
CA ALA C 37 41.39 1.76 -18.00
C ALA C 37 40.61 2.82 -17.23
N ASP C 38 41.13 4.05 -17.18
CA ASP C 38 40.50 5.15 -16.44
C ASP C 38 39.30 5.79 -17.17
N THR C 39 39.21 5.60 -18.50
CA THR C 39 38.11 6.13 -19.31
C THR C 39 37.63 5.07 -20.27
N PHE C 40 36.40 5.21 -20.78
CA PHE C 40 35.85 4.30 -21.78
C PHE C 40 36.66 4.41 -23.09
N LEU C 41 37.13 5.62 -23.44
CA LEU C 41 37.94 5.82 -24.64
C LEU C 41 39.23 5.02 -24.53
N GLU C 42 39.92 5.08 -23.38
CA GLU C 42 41.16 4.33 -23.14
C GLU C 42 40.88 2.82 -23.12
N HIS C 43 39.71 2.42 -22.59
CA HIS C 43 39.27 1.03 -22.56
C HIS C 43 39.20 0.48 -23.98
N LEU C 44 38.56 1.24 -24.91
CA LEU C 44 38.44 0.84 -26.31
C LEU C 44 39.81 0.74 -26.96
N CYS C 45 40.67 1.75 -26.74
CA CYS C 45 42.01 1.78 -27.31
C CYS C 45 42.87 0.61 -26.85
N LEU C 46 42.61 0.06 -25.66
CA LEU C 46 43.38 -1.05 -25.10
C LEU C 46 42.85 -2.44 -25.44
N LEU C 47 41.72 -2.55 -26.16
CA LEU C 47 41.20 -3.87 -26.55
C LEU C 47 42.22 -4.56 -27.46
N ASP C 48 42.50 -5.84 -27.21
CA ASP C 48 43.56 -6.55 -27.91
C ASP C 48 43.06 -7.87 -28.47
N ILE C 49 43.20 -8.08 -29.79
CA ILE C 49 42.81 -9.36 -30.40
C ILE C 49 43.68 -10.54 -29.91
N ASP C 50 44.89 -10.25 -29.40
CA ASP C 50 45.80 -11.27 -28.87
C ASP C 50 45.55 -11.60 -27.41
N SER C 51 44.69 -10.82 -26.71
CA SER C 51 44.36 -11.07 -25.32
C SER C 51 43.27 -12.14 -25.29
N GLU C 52 43.63 -13.38 -24.94
CA GLU C 52 42.70 -14.51 -24.96
C GLU C 52 41.74 -14.57 -23.79
N PRO C 53 40.47 -14.96 -24.04
CA PRO C 53 39.54 -15.12 -22.91
C PRO C 53 39.91 -16.35 -22.06
N VAL C 54 39.84 -16.21 -20.73
CA VAL C 54 40.14 -17.31 -19.83
C VAL C 54 38.90 -17.82 -19.12
N ALA C 55 38.01 -16.90 -18.72
CA ALA C 55 36.79 -17.24 -18.00
C ALA C 55 35.82 -18.07 -18.83
N ALA C 56 34.98 -18.85 -18.15
CA ALA C 56 33.95 -19.65 -18.79
C ALA C 56 32.90 -18.68 -19.39
N ARG C 57 32.26 -19.08 -20.48
CA ARG C 57 31.26 -18.25 -21.14
C ARG C 57 30.04 -18.07 -20.23
N SER C 58 29.72 -16.83 -19.92
CA SER C 58 28.68 -16.50 -18.99
C SER C 58 27.29 -16.18 -19.59
N THR C 59 27.22 -15.74 -20.86
CA THR C 59 25.93 -15.43 -21.49
C THR C 59 25.33 -16.72 -21.99
N SER C 60 24.14 -17.10 -21.53
CA SER C 60 23.53 -18.36 -21.93
C SER C 60 23.03 -18.35 -23.36
N ILE C 61 23.05 -19.52 -23.98
CA ILE C 61 22.60 -19.67 -25.36
C ILE C 61 21.27 -20.42 -25.34
N ILE C 62 20.24 -19.82 -25.94
CA ILE C 62 18.94 -20.45 -26.06
C ILE C 62 18.87 -20.94 -27.50
N ALA C 63 18.65 -22.24 -27.70
CA ALA C 63 18.57 -22.77 -29.05
C ALA C 63 17.15 -23.26 -29.30
N THR C 64 16.58 -22.87 -30.46
CA THR C 64 15.21 -23.32 -30.79
C THR C 64 15.24 -24.74 -31.34
N ILE C 65 14.42 -25.62 -30.78
CA ILE C 65 14.35 -27.01 -31.20
C ILE C 65 13.36 -27.13 -32.37
N GLY C 66 13.77 -27.82 -33.43
CA GLY C 66 12.96 -28.07 -34.62
C GLY C 66 13.47 -29.28 -35.37
N PRO C 67 13.03 -29.45 -36.62
CA PRO C 67 13.50 -30.61 -37.41
C PRO C 67 15.03 -30.79 -37.47
N ALA C 68 15.77 -29.68 -37.55
CA ALA C 68 17.24 -29.72 -37.63
C ALA C 68 17.96 -29.98 -36.29
N SER C 69 17.23 -29.96 -35.18
CA SER C 69 17.86 -30.13 -33.87
C SER C 69 17.01 -30.98 -32.91
N ARG C 70 16.30 -31.97 -33.42
CA ARG C 70 15.40 -32.78 -32.60
C ARG C 70 15.93 -34.12 -32.17
N SER C 71 16.81 -34.71 -33.00
CA SER C 71 17.35 -36.03 -32.69
C SER C 71 18.20 -35.98 -31.41
N VAL C 72 18.16 -37.06 -30.62
CA VAL C 72 18.91 -37.17 -29.38
C VAL C 72 20.41 -36.99 -29.63
N GLU C 73 20.92 -37.56 -30.72
CA GLU C 73 22.33 -37.45 -31.07
C GLU C 73 22.72 -36.03 -31.44
N ARG C 74 21.84 -35.32 -32.16
CA ARG C 74 22.05 -33.93 -32.55
C ARG C 74 22.03 -33.02 -31.31
N LEU C 75 21.08 -33.28 -30.39
CA LEU C 75 20.93 -32.53 -29.14
C LEU C 75 22.14 -32.71 -28.22
N LYS C 76 22.79 -33.88 -28.25
CA LYS C 76 24.01 -34.12 -27.48
C LYS C 76 25.13 -33.25 -28.00
N GLU C 77 25.22 -33.09 -29.32
CA GLU C 77 26.23 -32.24 -29.93
C GLU C 77 25.99 -30.77 -29.60
N MET C 78 24.72 -30.34 -29.52
CA MET C 78 24.38 -28.97 -29.19
CA MET C 78 24.38 -28.96 -29.20
C MET C 78 24.64 -28.65 -27.73
N ILE C 79 24.49 -29.65 -26.84
CA ILE C 79 24.78 -29.48 -25.41
C ILE C 79 26.30 -29.28 -25.29
N LYS C 80 27.09 -30.11 -26.00
CA LYS C 80 28.54 -30.00 -26.00
C LYS C 80 29.02 -28.67 -26.61
N ALA C 81 28.30 -28.16 -27.59
CA ALA C 81 28.63 -26.88 -28.21
C ALA C 81 28.33 -25.66 -27.31
N GLY C 82 27.42 -25.84 -26.35
CA GLY C 82 27.10 -24.77 -25.41
C GLY C 82 25.63 -24.41 -25.18
N MET C 83 24.67 -25.17 -25.76
CA MET C 83 23.25 -24.88 -25.54
C MET C 83 22.89 -25.03 -24.05
N ASN C 84 22.26 -23.99 -23.47
CA ASN C 84 21.88 -24.02 -22.05
C ASN C 84 20.37 -24.12 -21.86
N ILE C 85 19.60 -23.55 -22.82
CA ILE C 85 18.14 -23.54 -22.78
C ILE C 85 17.61 -24.01 -24.11
N ALA C 86 16.68 -24.95 -24.08
CA ALA C 86 16.03 -25.46 -25.30
C ALA C 86 14.68 -24.75 -25.44
N ARG C 87 14.47 -24.05 -26.55
CA ARG C 87 13.21 -23.34 -26.79
C ARG C 87 12.26 -24.15 -27.67
N LEU C 88 11.02 -24.31 -27.21
CA LEU C 88 9.98 -25.01 -27.97
C LEU C 88 9.04 -23.95 -28.50
N ASN C 89 9.00 -23.78 -29.82
CA ASN C 89 8.14 -22.77 -30.43
C ASN C 89 6.75 -23.33 -30.65
N PHE C 90 5.81 -22.95 -29.79
CA PHE C 90 4.44 -23.44 -29.90
C PHE C 90 3.61 -22.79 -31.02
N SER C 91 4.25 -21.93 -31.85
CA SER C 91 3.58 -21.40 -33.03
C SER C 91 3.46 -22.50 -34.13
N HIS C 92 4.24 -23.60 -34.02
CA HIS C 92 4.26 -24.71 -34.96
C HIS C 92 4.28 -26.02 -34.18
N GLY C 93 3.73 -27.07 -34.77
CA GLY C 93 3.75 -28.38 -34.14
C GLY C 93 2.67 -28.65 -33.12
N SER C 94 2.35 -29.92 -32.93
CA SER C 94 1.32 -30.34 -31.99
C SER C 94 1.89 -30.56 -30.58
N HIS C 95 1.01 -30.83 -29.59
CA HIS C 95 1.43 -31.16 -28.25
C HIS C 95 2.27 -32.45 -28.25
N GLU C 96 1.89 -33.41 -29.09
CA GLU C 96 2.59 -34.69 -29.22
C GLU C 96 4.02 -34.47 -29.74
N TYR C 97 4.18 -33.57 -30.73
CA TYR C 97 5.47 -33.20 -31.32
C TYR C 97 6.36 -32.55 -30.25
N HIS C 98 5.81 -31.59 -29.46
CA HIS C 98 6.58 -30.92 -28.43
C HIS C 98 6.92 -31.82 -27.24
N ALA C 99 6.05 -32.78 -26.90
CA ALA C 99 6.33 -33.72 -25.83
C ALA C 99 7.51 -34.62 -26.23
N GLU C 100 7.61 -35.00 -27.52
CA GLU C 100 8.73 -35.80 -28.02
C GLU C 100 10.01 -34.98 -28.00
N SER C 101 9.93 -33.68 -28.35
CA SER C 101 11.05 -32.76 -28.30
C SER C 101 11.58 -32.66 -26.85
N ILE C 102 10.67 -32.50 -25.87
CA ILE C 102 11.01 -32.46 -24.44
C ILE C 102 11.69 -33.75 -24.01
N ALA C 103 11.12 -34.90 -24.38
CA ALA C 103 11.69 -36.20 -24.02
C ALA C 103 13.10 -36.41 -24.64
N ASN C 104 13.31 -35.92 -25.86
CA ASN C 104 14.61 -36.03 -26.55
C ASN C 104 15.64 -35.13 -25.89
N VAL C 105 15.24 -33.92 -25.44
CA VAL C 105 16.13 -33.03 -24.73
C VAL C 105 16.53 -33.67 -23.41
N ARG C 106 15.56 -34.15 -22.61
CA ARG C 106 15.85 -34.82 -21.34
C ARG C 106 16.73 -36.06 -21.51
N GLU C 107 16.51 -36.85 -22.59
CA GLU C 107 17.34 -38.03 -22.87
C GLU C 107 18.79 -37.61 -23.18
N ALA C 108 18.98 -36.58 -24.01
CA ALA C 108 20.31 -36.10 -24.34
C ALA C 108 21.03 -35.50 -23.11
N VAL C 109 20.29 -34.76 -22.27
CA VAL C 109 20.86 -34.17 -21.04
C VAL C 109 21.27 -35.27 -20.05
N GLU C 110 20.39 -36.27 -19.83
CA GLU C 110 20.69 -37.34 -18.88
C GLU C 110 21.73 -38.35 -19.36
N SER C 111 22.09 -38.30 -20.65
CA SER C 111 23.15 -39.18 -21.17
C SER C 111 24.55 -38.81 -20.61
N PHE C 112 24.69 -37.63 -19.98
CA PHE C 112 25.94 -37.21 -19.36
C PHE C 112 25.86 -37.26 -17.82
N ALA C 113 24.83 -37.90 -17.23
CA ALA C 113 24.72 -37.96 -15.76
C ALA C 113 25.85 -38.72 -15.10
N GLY C 114 26.45 -39.67 -15.81
CA GLY C 114 27.55 -40.48 -15.25
C GLY C 114 28.86 -39.72 -15.11
N SER C 115 29.12 -38.80 -16.06
CA SER C 115 30.32 -37.97 -16.08
C SER C 115 30.06 -36.58 -15.45
N PRO C 116 30.66 -36.32 -14.27
CA PRO C 116 30.45 -35.00 -13.63
C PRO C 116 31.00 -33.82 -14.43
N LEU C 117 32.08 -34.07 -15.20
CA LEU C 117 32.75 -33.10 -16.08
C LEU C 117 31.87 -32.70 -17.28
N SER C 118 30.99 -33.61 -17.74
CA SER C 118 30.12 -33.35 -18.88
C SER C 118 28.64 -33.04 -18.53
N TYR C 119 28.13 -33.47 -17.35
CA TYR C 119 26.74 -33.20 -16.97
C TYR C 119 26.43 -31.74 -16.73
N ARG C 120 25.55 -31.19 -17.54
CA ARG C 120 25.08 -29.83 -17.39
C ARG C 120 23.56 -29.81 -17.48
N PRO C 121 22.86 -29.18 -16.51
CA PRO C 121 21.39 -29.09 -16.62
C PRO C 121 21.01 -28.16 -17.78
N VAL C 122 19.91 -28.48 -18.48
CA VAL C 122 19.46 -27.68 -19.62
C VAL C 122 18.01 -27.32 -19.35
N ALA C 123 17.68 -26.03 -19.36
CA ALA C 123 16.31 -25.59 -19.11
C ALA C 123 15.43 -25.83 -20.34
N ILE C 124 14.12 -25.97 -20.11
CA ILE C 124 13.17 -26.11 -21.21
C ILE C 124 12.23 -24.92 -21.18
N ALA C 125 12.20 -24.15 -22.25
CA ALA C 125 11.37 -22.97 -22.35
C ALA C 125 10.25 -23.17 -23.39
N LEU C 126 9.03 -22.76 -23.05
CA LEU C 126 7.89 -22.85 -23.93
C LEU C 126 7.61 -21.46 -24.50
N ASP C 127 7.75 -21.25 -25.82
CA ASP C 127 7.44 -19.96 -26.43
C ASP C 127 6.00 -20.05 -26.95
N THR C 128 5.09 -19.23 -26.41
CA THR C 128 3.68 -19.27 -26.80
C THR C 128 3.41 -18.74 -28.21
N LYS C 129 2.28 -19.20 -28.80
CA LYS C 129 1.84 -18.78 -30.13
C LYS C 129 1.47 -17.30 -30.14
N GLY C 130 0.79 -16.86 -29.09
CA GLY C 130 0.40 -15.46 -28.97
C GLY C 130 -1.08 -15.19 -29.12
N PRO C 131 -1.48 -13.92 -28.92
CA PRO C 131 -2.91 -13.57 -29.00
C PRO C 131 -3.45 -13.44 -30.43
N GLY C 134 -6.59 -11.23 -31.32
CA GLY C 134 -7.26 -11.19 -30.02
C GLY C 134 -6.75 -10.11 -29.08
N PRO C 135 -7.59 -9.75 -28.10
CA PRO C 135 -7.19 -8.70 -27.13
C PRO C 135 -6.25 -9.15 -26.01
N GLY C 136 -6.42 -10.39 -25.59
CA GLY C 136 -5.62 -10.95 -24.50
C GLY C 136 -5.20 -12.39 -24.74
N LEU C 137 -5.18 -13.20 -23.66
CA LEU C 137 -4.77 -14.59 -23.73
C LEU C 137 -5.69 -15.47 -24.58
N SER C 138 -5.16 -16.04 -25.65
CA SER C 138 -5.93 -16.92 -26.53
C SER C 138 -6.21 -18.27 -25.91
N GLU C 139 -7.18 -18.98 -26.47
CA GLU C 139 -7.58 -20.30 -26.01
C GLU C 139 -6.47 -21.32 -26.19
N GLN C 140 -5.73 -21.23 -27.31
CA GLN C 140 -4.63 -22.14 -27.58
C GLN C 140 -3.49 -21.89 -26.59
N ASP C 141 -3.22 -20.62 -26.24
CA ASP C 141 -2.21 -20.29 -25.24
C ASP C 141 -2.55 -20.89 -23.88
N VAL C 142 -3.84 -20.91 -23.48
CA VAL C 142 -4.23 -21.50 -22.20
C VAL C 142 -3.94 -23.00 -22.21
N ARG C 143 -4.22 -23.67 -23.32
CA ARG C 143 -3.98 -25.11 -23.43
C ARG C 143 -2.51 -25.43 -23.49
N ASP C 144 -1.72 -24.59 -24.16
CA ASP C 144 -0.27 -24.77 -24.28
C ASP C 144 0.43 -24.50 -22.94
N LEU C 145 -0.02 -23.48 -22.19
CA LEU C 145 0.52 -23.19 -20.86
C LEU C 145 0.22 -24.33 -19.90
N ARG C 146 -0.98 -24.94 -20.00
CA ARG C 146 -1.37 -26.08 -19.18
C ARG C 146 -0.46 -27.29 -19.53
N PHE C 147 -0.15 -27.46 -20.82
CA PHE C 147 0.74 -28.53 -21.30
C PHE C 147 2.13 -28.34 -20.66
N GLY C 148 2.62 -27.09 -20.65
CA GLY C 148 3.92 -26.77 -20.07
C GLY C 148 3.99 -27.11 -18.60
N VAL C 149 2.95 -26.81 -17.82
CA VAL C 149 2.90 -27.15 -16.41
C VAL C 149 2.92 -28.66 -16.25
N GLU C 150 2.11 -29.37 -17.05
CA GLU C 150 2.02 -30.83 -16.98
C GLU C 150 3.33 -31.50 -17.36
N HIS C 151 4.11 -30.89 -18.25
CA HIS C 151 5.38 -31.45 -18.67
C HIS C 151 6.61 -30.89 -17.94
N GLY C 152 6.39 -30.04 -16.93
CA GLY C 152 7.44 -29.49 -16.09
C GLY C 152 8.41 -28.55 -16.76
N VAL C 153 7.92 -27.66 -17.68
CA VAL C 153 8.79 -26.66 -18.31
C VAL C 153 9.26 -25.67 -17.24
N ASP C 154 10.42 -25.10 -17.48
CA ASP C 154 11.02 -24.18 -16.51
C ASP C 154 10.67 -22.74 -16.79
N ILE C 155 10.53 -22.39 -18.08
CA ILE C 155 10.33 -21.01 -18.50
C ILE C 155 9.23 -20.88 -19.55
N VAL C 156 8.55 -19.72 -19.57
CA VAL C 156 7.56 -19.42 -20.57
C VAL C 156 8.02 -18.13 -21.24
N PHE C 157 8.17 -18.13 -22.57
CA PHE C 157 8.46 -16.90 -23.30
C PHE C 157 7.07 -16.47 -23.81
N ALA C 158 6.41 -15.55 -23.09
CA ALA C 158 5.07 -15.11 -23.45
C ALA C 158 5.06 -14.13 -24.62
N SER C 159 4.55 -14.58 -25.78
CA SER C 159 4.49 -13.74 -26.98
C SER C 159 3.56 -12.54 -26.87
N PHE C 160 3.93 -11.46 -27.58
CA PHE C 160 3.19 -10.21 -27.70
C PHE C 160 2.60 -9.67 -26.39
N VAL C 161 3.45 -9.47 -25.36
CA VAL C 161 2.97 -8.90 -24.10
C VAL C 161 2.86 -7.39 -24.30
N ARG C 162 1.72 -6.80 -23.96
CA ARG C 162 1.49 -5.37 -24.21
C ARG C 162 1.21 -4.54 -22.97
N LYS C 163 0.81 -5.19 -21.88
CA LYS C 163 0.49 -4.54 -20.64
C LYS C 163 0.66 -5.52 -19.47
N ALA C 164 0.62 -5.02 -18.21
CA ALA C 164 0.78 -5.87 -17.04
C ALA C 164 -0.30 -6.93 -16.92
N SER C 165 -1.53 -6.63 -17.40
CA SER C 165 -2.63 -7.60 -17.33
C SER C 165 -2.40 -8.82 -18.21
N ASP C 166 -1.59 -8.69 -19.27
CA ASP C 166 -1.26 -9.84 -20.12
C ASP C 166 -0.39 -10.85 -19.34
N VAL C 167 0.54 -10.33 -18.51
CA VAL C 167 1.42 -11.16 -17.69
C VAL C 167 0.61 -11.85 -16.62
N ALA C 168 -0.33 -11.11 -15.99
CA ALA C 168 -1.19 -11.66 -14.95
C ALA C 168 -2.05 -12.80 -15.52
N ALA C 169 -2.50 -12.68 -16.79
CA ALA C 169 -3.28 -13.72 -17.42
C ALA C 169 -2.41 -14.98 -17.59
N VAL C 170 -1.15 -14.83 -18.06
CA VAL C 170 -0.23 -15.96 -18.20
C VAL C 170 0.07 -16.60 -16.84
N ARG C 171 0.27 -15.76 -15.82
CA ARG C 171 0.54 -16.19 -14.46
C ARG C 171 -0.63 -17.01 -13.91
N ALA C 172 -1.86 -16.58 -14.16
CA ALA C 172 -3.08 -17.27 -13.73
C ALA C 172 -3.24 -18.60 -14.49
N ALA C 173 -2.92 -18.61 -15.80
CA ALA C 173 -3.00 -19.83 -16.62
C ALA C 173 -1.95 -20.89 -16.17
N LEU C 174 -0.87 -20.47 -15.44
CA LEU C 174 0.11 -21.42 -14.90
C LEU C 174 -0.43 -22.23 -13.66
N GLY C 175 -1.75 -22.22 -13.51
CA GLY C 175 -2.59 -23.00 -12.61
C GLY C 175 -2.11 -23.07 -11.21
N PRO C 176 -2.59 -24.07 -10.47
CA PRO C 176 -2.13 -24.20 -9.07
C PRO C 176 -0.71 -24.78 -8.94
N GLU C 177 -0.23 -25.53 -9.95
CA GLU C 177 1.03 -26.24 -9.91
C GLU C 177 2.25 -25.58 -10.59
N GLY C 178 2.05 -24.44 -11.26
CA GLY C 178 3.14 -23.82 -12.01
C GLY C 178 3.58 -22.42 -11.66
N HIS C 179 3.37 -21.98 -10.41
CA HIS C 179 3.81 -20.65 -9.97
C HIS C 179 5.33 -20.48 -9.92
N GLY C 180 6.09 -21.58 -9.88
CA GLY C 180 7.54 -21.56 -9.94
C GLY C 180 8.16 -21.38 -11.34
N ILE C 181 7.33 -21.47 -12.39
CA ILE C 181 7.79 -21.27 -13.76
C ILE C 181 8.12 -19.79 -14.01
N LYS C 182 9.23 -19.49 -14.69
CA LYS C 182 9.62 -18.11 -14.95
C LYS C 182 8.88 -17.58 -16.16
N ILE C 183 8.34 -16.36 -16.09
CA ILE C 183 7.65 -15.77 -17.21
C ILE C 183 8.53 -14.69 -17.77
N ILE C 184 9.05 -14.90 -18.96
CA ILE C 184 9.87 -13.94 -19.67
C ILE C 184 8.93 -13.30 -20.73
N SER C 185 8.59 -12.00 -20.58
CA SER C 185 7.67 -11.32 -21.49
C SER C 185 8.36 -10.89 -22.76
N LYS C 186 7.81 -11.27 -23.91
CA LYS C 186 8.37 -10.85 -25.18
C LYS C 186 7.79 -9.51 -25.57
N ILE C 187 8.65 -8.50 -25.78
CA ILE C 187 8.22 -7.18 -26.20
C ILE C 187 8.36 -7.16 -27.70
N GLU C 188 7.22 -7.16 -28.43
CA GLU C 188 7.21 -7.27 -29.88
C GLU C 188 6.51 -6.12 -30.60
N ASN C 189 6.00 -5.10 -29.89
CA ASN C 189 5.28 -4.02 -30.57
C ASN C 189 5.44 -2.67 -29.83
N HIS C 190 4.92 -1.58 -30.43
CA HIS C 190 5.00 -0.25 -29.84
C HIS C 190 4.37 -0.18 -28.44
N GLU C 191 3.21 -0.84 -28.24
CA GLU C 191 2.55 -0.81 -26.92
C GLU C 191 3.38 -1.46 -25.82
N GLY C 192 4.02 -2.57 -26.13
CA GLY C 192 4.90 -3.26 -25.18
C GLY C 192 6.10 -2.40 -24.78
N VAL C 193 6.66 -1.65 -25.76
CA VAL C 193 7.77 -0.74 -25.49
C VAL C 193 7.31 0.43 -24.61
N LYS C 194 6.12 0.98 -24.91
CA LYS C 194 5.59 2.10 -24.14
C LYS C 194 5.14 1.73 -22.75
N ARG C 195 4.62 0.51 -22.58
CA ARG C 195 4.19 0.05 -21.27
C ARG C 195 5.25 -0.86 -20.60
N PHE C 196 6.53 -0.76 -21.04
CA PHE C 196 7.65 -1.55 -20.55
C PHE C 196 7.79 -1.60 -19.04
N ASP C 197 7.77 -0.46 -18.35
CA ASP C 197 7.99 -0.44 -16.90
C ASP C 197 6.98 -1.27 -16.11
N GLU C 198 5.68 -1.20 -16.51
CA GLU C 198 4.64 -1.96 -15.84
C GLU C 198 4.72 -3.44 -16.16
N ILE C 199 5.20 -3.79 -17.36
CA ILE C 199 5.36 -5.19 -17.76
C ILE C 199 6.55 -5.81 -17.00
N LEU C 200 7.69 -5.10 -16.95
CA LEU C 200 8.88 -5.60 -16.27
C LEU C 200 8.61 -5.80 -14.77
N GLU C 201 7.84 -4.89 -14.16
CA GLU C 201 7.52 -4.98 -12.74
C GLU C 201 6.87 -6.32 -12.36
N VAL C 202 5.97 -6.82 -13.21
CA VAL C 202 5.27 -8.08 -12.93
C VAL C 202 5.88 -9.32 -13.62
N SER C 203 6.88 -9.14 -14.50
CA SER C 203 7.51 -10.26 -15.17
C SER C 203 8.80 -10.72 -14.47
N ASP C 204 9.25 -11.94 -14.76
CA ASP C 204 10.54 -12.42 -14.24
C ASP C 204 11.70 -11.90 -15.11
N GLY C 205 11.41 -11.53 -16.34
CA GLY C 205 12.39 -11.03 -17.28
C GLY C 205 11.76 -10.63 -18.60
N ILE C 206 12.58 -10.28 -19.57
CA ILE C 206 12.12 -9.77 -20.85
C ILE C 206 12.87 -10.41 -22.01
N MET C 207 12.21 -10.52 -23.15
CA MET C 207 12.85 -10.94 -24.37
C MET C 207 12.65 -9.80 -25.37
N VAL C 208 13.73 -9.33 -25.99
CA VAL C 208 13.66 -8.30 -27.02
C VAL C 208 13.44 -9.12 -28.30
N ALA C 209 12.15 -9.30 -28.65
CA ALA C 209 11.72 -10.08 -29.80
C ALA C 209 11.82 -9.22 -31.07
N ARG C 210 13.05 -9.05 -31.59
CA ARG C 210 13.34 -8.13 -32.68
C ARG C 210 12.62 -8.41 -34.00
N GLY C 211 12.24 -9.66 -34.26
CA GLY C 211 11.52 -10.02 -35.49
C GLY C 211 10.24 -9.24 -35.68
N ASP C 212 9.28 -9.45 -34.78
CA ASP C 212 8.01 -8.72 -34.83
C ASP C 212 8.19 -7.26 -34.51
N LEU C 213 9.08 -6.93 -33.57
CA LEU C 213 9.34 -5.54 -33.19
C LEU C 213 9.80 -4.71 -34.39
N GLY C 214 10.62 -5.29 -35.26
CA GLY C 214 11.12 -4.67 -36.48
C GLY C 214 10.08 -4.44 -37.56
N ILE C 215 8.90 -5.06 -37.42
CA ILE C 215 7.76 -4.92 -38.34
C ILE C 215 6.74 -3.93 -37.71
N GLU C 216 6.56 -3.99 -36.37
CA GLU C 216 5.64 -3.14 -35.63
C GLU C 216 6.11 -1.70 -35.50
N ILE C 217 7.43 -1.50 -35.38
CA ILE C 217 8.06 -0.18 -35.31
C ILE C 217 9.06 -0.04 -36.47
N PRO C 218 9.50 1.17 -36.83
CA PRO C 218 10.50 1.29 -37.92
C PRO C 218 11.76 0.46 -37.62
N ALA C 219 12.27 -0.28 -38.61
CA ALA C 219 13.45 -1.12 -38.43
C ALA C 219 14.66 -0.36 -37.84
N GLU C 220 14.85 0.90 -38.23
CA GLU C 220 15.95 1.71 -37.76
C GLU C 220 15.82 2.15 -36.29
N LYS C 221 14.71 1.83 -35.62
CA LYS C 221 14.52 2.18 -34.21
C LYS C 221 14.66 0.97 -33.27
N VAL C 222 14.77 -0.26 -33.80
CA VAL C 222 14.85 -1.46 -32.98
C VAL C 222 16.05 -1.44 -32.02
N PHE C 223 17.22 -0.99 -32.50
CA PHE C 223 18.41 -0.90 -31.64
C PHE C 223 18.19 -0.01 -30.38
N LEU C 224 17.35 1.04 -30.50
CA LEU C 224 17.05 1.93 -29.37
C LEU C 224 16.23 1.18 -28.35
N ALA C 225 15.22 0.41 -28.83
CA ALA C 225 14.35 -0.35 -27.95
C ALA C 225 15.15 -1.44 -27.26
N GLN C 226 16.06 -2.12 -28.01
CA GLN C 226 16.91 -3.18 -27.46
C GLN C 226 17.82 -2.63 -26.34
N LYS C 227 18.55 -1.55 -26.60
CA LYS C 227 19.45 -0.97 -25.63
C LYS C 227 18.72 -0.42 -24.39
N MET C 228 17.51 0.12 -24.58
CA MET C 228 16.73 0.65 -23.47
C MET C 228 16.24 -0.46 -22.57
N MET C 229 15.67 -1.52 -23.15
CA MET C 229 15.14 -2.63 -22.39
C MET C 229 16.22 -3.39 -21.66
N ILE C 230 17.38 -3.60 -22.30
CA ILE C 230 18.51 -4.27 -21.65
C ILE C 230 19.00 -3.41 -20.46
N GLY C 231 19.13 -2.10 -20.66
CA GLY C 231 19.52 -1.21 -19.58
C GLY C 231 18.56 -1.23 -18.40
N ARG C 232 17.25 -1.20 -18.68
CA ARG C 232 16.24 -1.21 -17.61
C ARG C 232 16.19 -2.55 -16.90
N CYS C 233 16.42 -3.67 -17.62
CA CYS C 233 16.45 -5.00 -17.00
C CYS C 233 17.67 -5.13 -16.12
N ASN C 234 18.83 -4.60 -16.55
CA ASN C 234 20.05 -4.60 -15.76
C ASN C 234 19.85 -3.77 -14.49
N LEU C 235 19.15 -2.63 -14.59
CA LEU C 235 18.84 -1.76 -13.46
C LEU C 235 17.95 -2.51 -12.46
N ALA C 236 16.93 -3.24 -12.97
CA ALA C 236 16.00 -4.02 -12.17
C ALA C 236 16.58 -5.33 -11.63
N GLY C 237 17.69 -5.80 -12.21
CA GLY C 237 18.32 -7.06 -11.84
C GLY C 237 17.51 -8.25 -12.30
N LYS C 238 16.85 -8.13 -13.47
CA LYS C 238 16.02 -9.19 -14.05
C LYS C 238 16.59 -9.64 -15.38
N PRO C 239 16.54 -10.95 -15.69
CA PRO C 239 17.12 -11.42 -16.97
C PRO C 239 16.52 -10.81 -18.24
N VAL C 240 17.37 -10.59 -19.24
CA VAL C 240 16.94 -10.04 -20.51
C VAL C 240 17.56 -10.88 -21.63
N VAL C 241 16.75 -11.27 -22.61
CA VAL C 241 17.19 -12.11 -23.73
C VAL C 241 17.21 -11.28 -24.99
N CYS C 242 18.29 -11.35 -25.79
CA CYS C 242 18.29 -10.70 -27.09
C CYS C 242 17.98 -11.78 -28.10
N ALA C 243 16.97 -11.54 -28.95
CA ALA C 243 16.53 -12.58 -29.88
C ALA C 243 16.35 -12.10 -31.31
N THR C 244 16.41 -13.08 -32.27
CA THR C 244 16.05 -13.04 -33.69
C THR C 244 17.08 -12.45 -34.64
N GLN C 245 17.41 -13.26 -35.66
CA GLN C 245 18.32 -12.97 -36.77
C GLN C 245 19.74 -12.65 -36.34
N MET C 246 20.17 -13.15 -35.16
CA MET C 246 21.51 -12.87 -34.66
C MET C 246 22.59 -13.44 -35.59
N LEU C 247 22.38 -14.66 -36.11
CA LEU C 247 23.30 -15.29 -37.06
C LEU C 247 22.48 -15.86 -38.23
N GLU C 248 21.49 -15.09 -38.72
CA GLU C 248 20.55 -15.50 -39.76
C GLU C 248 21.17 -16.21 -40.98
N SER C 249 22.26 -15.68 -41.53
CA SER C 249 22.92 -16.28 -42.69
C SER C 249 23.44 -17.70 -42.43
N MET C 250 23.67 -18.07 -41.17
CA MET C 250 24.10 -19.42 -40.84
C MET C 250 23.01 -20.49 -41.01
N ILE C 251 21.79 -20.08 -41.40
CA ILE C 251 20.74 -21.06 -41.73
C ILE C 251 21.19 -21.85 -42.99
N THR C 252 21.88 -21.19 -43.95
CA THR C 252 22.36 -21.85 -45.16
C THR C 252 23.88 -21.81 -45.34
N LYS C 253 24.60 -20.91 -44.64
CA LYS C 253 26.06 -20.80 -44.81
C LYS C 253 26.84 -21.25 -43.57
N PRO C 254 28.04 -21.83 -43.74
CA PRO C 254 28.79 -22.32 -42.55
C PRO C 254 29.40 -21.23 -41.68
N ARG C 255 29.56 -20.00 -42.22
CA ARG C 255 30.14 -18.87 -41.49
C ARG C 255 29.18 -17.68 -41.53
N PRO C 256 29.10 -16.88 -40.45
CA PRO C 256 28.20 -15.72 -40.46
C PRO C 256 28.79 -14.48 -41.14
N THR C 257 27.96 -13.45 -41.33
CA THR C 257 28.44 -12.21 -41.91
C THR C 257 29.16 -11.37 -40.80
N ARG C 258 29.86 -10.29 -41.22
CA ARG C 258 30.51 -9.41 -40.27
C ARG C 258 29.49 -8.65 -39.39
N ALA C 259 28.29 -8.39 -39.92
CA ALA C 259 27.22 -7.72 -39.17
C ALA C 259 26.66 -8.62 -38.09
N GLU C 260 26.57 -9.93 -38.36
CA GLU C 260 26.05 -10.93 -37.44
C GLU C 260 26.95 -11.17 -36.25
N THR C 261 28.27 -11.30 -36.45
CA THR C 261 29.19 -11.48 -35.31
C THR C 261 29.19 -10.21 -34.45
N SER C 262 29.15 -9.04 -35.10
CA SER C 262 29.08 -7.74 -34.45
C SER C 262 27.79 -7.66 -33.59
N ASP C 263 26.65 -8.12 -34.14
CA ASP C 263 25.38 -8.10 -33.45
C ASP C 263 25.41 -8.93 -32.18
N VAL C 264 25.97 -10.14 -32.24
CA VAL C 264 26.07 -11.00 -31.05
C VAL C 264 26.96 -10.33 -30.01
N ALA C 265 28.11 -9.81 -30.42
CA ALA C 265 29.04 -9.17 -29.51
C ALA C 265 28.41 -7.95 -28.85
N ASN C 266 27.67 -7.14 -29.63
CA ASN C 266 27.03 -5.95 -29.12
C ASN C 266 25.87 -6.25 -28.20
N ALA C 267 25.13 -7.37 -28.41
CA ALA C 267 24.06 -7.74 -27.49
C ALA C 267 24.68 -8.08 -26.10
N VAL C 268 25.81 -8.78 -26.10
CA VAL C 268 26.53 -9.12 -24.87
C VAL C 268 27.05 -7.83 -24.22
N LEU C 269 27.72 -6.96 -25.00
CA LEU C 269 28.23 -5.71 -24.46
C LEU C 269 27.12 -4.78 -23.92
N ASP C 270 25.91 -4.82 -24.54
CA ASP C 270 24.73 -4.07 -24.11
C ASP C 270 24.29 -4.49 -22.70
N GLY C 271 24.45 -5.78 -22.37
CA GLY C 271 24.09 -6.29 -21.06
C GLY C 271 23.12 -7.43 -21.09
N ALA C 272 22.93 -8.10 -22.24
CA ALA C 272 22.01 -9.24 -22.33
C ALA C 272 22.47 -10.44 -21.51
N ASP C 273 21.54 -11.05 -20.76
CA ASP C 273 21.84 -12.25 -20.00
C ASP C 273 21.88 -13.47 -20.92
N CYS C 274 21.02 -13.50 -21.93
CA CYS C 274 20.93 -14.62 -22.88
C CYS C 274 20.92 -14.12 -24.30
N ILE C 275 21.42 -14.96 -25.19
CA ILE C 275 21.37 -14.74 -26.62
C ILE C 275 20.63 -15.94 -27.22
N MET C 276 19.86 -15.71 -28.29
CA MET C 276 19.02 -16.76 -28.84
C MET C 276 19.29 -17.08 -30.29
N LEU C 277 19.02 -18.33 -30.68
CA LEU C 277 19.08 -18.82 -32.04
C LEU C 277 17.68 -19.34 -32.38
N SER C 278 17.11 -18.92 -33.51
CA SER C 278 15.78 -19.39 -33.91
C SER C 278 15.86 -20.38 -35.09
N GLY C 279 15.71 -19.91 -36.32
CA GLY C 279 15.81 -20.74 -37.53
C GLY C 279 17.18 -21.34 -37.68
N GLU C 280 18.23 -20.65 -37.17
CA GLU C 280 19.62 -21.12 -37.20
C GLU C 280 19.76 -22.50 -36.62
N THR C 281 18.98 -22.82 -35.58
CA THR C 281 19.03 -24.11 -34.88
C THR C 281 17.83 -24.99 -35.17
N ALA C 282 16.64 -24.38 -35.36
CA ALA C 282 15.39 -25.10 -35.61
C ALA C 282 15.31 -25.72 -37.01
N LYS C 283 15.72 -25.00 -38.05
CA LYS C 283 15.58 -25.49 -39.42
C LYS C 283 16.82 -25.36 -40.32
N GLY C 284 17.88 -24.72 -39.85
CA GLY C 284 19.07 -24.49 -40.64
C GLY C 284 19.94 -25.72 -40.89
N ASN C 285 20.94 -25.54 -41.74
CA ASN C 285 21.88 -26.61 -42.08
C ASN C 285 23.08 -26.69 -41.13
N PHE C 286 23.27 -25.68 -40.26
CA PHE C 286 24.41 -25.67 -39.34
C PHE C 286 23.98 -25.35 -37.90
N PRO C 287 23.06 -26.14 -37.29
CA PRO C 287 22.62 -25.82 -35.92
C PRO C 287 23.74 -25.84 -34.88
N VAL C 288 24.61 -26.85 -34.94
CA VAL C 288 25.71 -27.00 -33.99
C VAL C 288 26.75 -25.89 -34.18
N GLU C 289 27.05 -25.55 -35.43
CA GLU C 289 28.00 -24.50 -35.75
C GLU C 289 27.50 -23.12 -35.32
N ALA C 290 26.17 -22.89 -35.37
CA ALA C 290 25.56 -21.64 -34.93
C ALA C 290 25.75 -21.48 -33.40
N VAL C 291 25.59 -22.58 -32.66
CA VAL C 291 25.78 -22.57 -31.20
C VAL C 291 27.26 -22.31 -30.90
N LYS C 292 28.17 -22.96 -31.62
CA LYS C 292 29.61 -22.79 -31.44
C LYS C 292 30.03 -21.35 -31.70
N MET C 293 29.45 -20.73 -32.73
CA MET C 293 29.77 -19.36 -33.08
C MET C 293 29.30 -18.38 -31.97
N GLN C 294 28.06 -18.56 -31.46
CA GLN C 294 27.57 -17.71 -30.37
C GLN C 294 28.42 -17.87 -29.13
N HIS C 295 28.86 -19.11 -28.84
CA HIS C 295 29.71 -19.39 -27.71
C HIS C 295 31.03 -18.61 -27.84
N ALA C 296 31.69 -18.72 -29.00
CA ALA C 296 32.96 -18.07 -29.27
C ALA C 296 32.88 -16.54 -29.16
N ILE C 297 31.84 -15.93 -29.74
CA ILE C 297 31.67 -14.48 -29.69
C ILE C 297 31.37 -13.99 -28.27
N ALA C 298 30.43 -14.67 -27.57
CA ALA C 298 30.07 -14.29 -26.20
C ALA C 298 31.28 -14.30 -25.26
N ARG C 299 32.18 -15.31 -25.36
CA ARG C 299 33.38 -15.36 -24.53
C ARG C 299 34.27 -14.14 -24.77
N GLU C 300 34.46 -13.74 -26.04
CA GLU C 300 35.29 -12.60 -26.37
C GLU C 300 34.66 -11.32 -25.86
N ALA C 301 33.34 -11.17 -26.06
CA ALA C 301 32.60 -9.97 -25.66
C ALA C 301 32.54 -9.81 -24.14
N GLU C 302 32.41 -10.91 -23.39
CA GLU C 302 32.38 -10.82 -21.94
C GLU C 302 33.70 -10.29 -21.37
N ALA C 303 34.84 -10.74 -21.92
CA ALA C 303 36.13 -10.23 -21.47
C ALA C 303 36.29 -8.73 -21.79
N ALA C 304 35.65 -8.24 -22.86
CA ALA C 304 35.72 -6.83 -23.26
C ALA C 304 34.75 -5.91 -22.49
N VAL C 305 34.03 -6.44 -21.50
CA VAL C 305 33.13 -5.62 -20.71
C VAL C 305 33.96 -4.65 -19.83
N TYR C 306 33.58 -3.37 -19.80
CA TYR C 306 34.30 -2.35 -19.03
C TYR C 306 33.81 -2.36 -17.58
N HIS C 307 34.21 -3.39 -16.83
CA HIS C 307 33.79 -3.58 -15.44
C HIS C 307 34.05 -2.41 -14.52
N ARG C 308 35.11 -1.65 -14.74
CA ARG C 308 35.43 -0.50 -13.88
C ARG C 308 34.27 0.49 -13.77
N GLN C 309 33.72 0.94 -14.91
CA GLN C 309 32.59 1.86 -14.86
C GLN C 309 31.27 1.10 -14.62
N LEU C 310 31.13 -0.10 -15.22
CA LEU C 310 29.92 -0.91 -15.08
C LEU C 310 29.57 -1.18 -13.62
N PHE C 311 30.54 -1.68 -12.84
CA PHE C 311 30.28 -2.00 -11.46
C PHE C 311 29.94 -0.74 -10.66
N GLU C 312 30.65 0.36 -10.92
CA GLU C 312 30.41 1.64 -10.25
C GLU C 312 29.00 2.13 -10.50
N GLU C 313 28.53 2.01 -11.75
CA GLU C 313 27.20 2.45 -12.10
C GLU C 313 26.12 1.54 -11.56
N LEU C 314 26.32 0.21 -11.60
CA LEU C 314 25.33 -0.73 -11.04
C LEU C 314 25.19 -0.50 -9.55
N ARG C 315 26.32 -0.29 -8.87
CA ARG C 315 26.40 -0.01 -7.45
C ARG C 315 25.63 1.27 -7.09
N ARG C 316 25.89 2.38 -7.79
CA ARG C 316 25.25 3.66 -7.54
C ARG C 316 23.75 3.64 -7.89
N ALA C 317 23.37 2.95 -8.98
CA ALA C 317 21.97 2.89 -9.42
C ALA C 317 21.12 2.04 -8.50
N ALA C 318 21.71 0.97 -7.93
CA ALA C 318 20.96 0.05 -7.08
C ALA C 318 20.60 0.77 -5.81
N PRO C 319 19.30 0.76 -5.46
CA PRO C 319 18.88 1.50 -4.25
C PRO C 319 19.44 0.90 -2.98
N LEU C 320 19.48 1.69 -1.90
CA LEU C 320 19.90 1.17 -0.60
C LEU C 320 18.96 0.06 -0.16
N SER C 321 19.51 -0.94 0.53
CA SER C 321 18.70 -2.07 0.89
C SER C 321 18.96 -2.54 2.28
N ARG C 322 17.91 -2.96 2.95
CA ARG C 322 18.03 -3.57 4.24
C ARG C 322 17.79 -5.09 4.15
N ASP C 323 17.80 -5.67 2.93
CA ASP C 323 17.66 -7.10 2.71
C ASP C 323 19.07 -7.69 2.79
N PRO C 324 19.31 -8.61 3.73
CA PRO C 324 20.67 -9.14 3.87
C PRO C 324 21.20 -9.88 2.64
N THR C 325 20.34 -10.46 1.78
CA THR C 325 20.82 -11.15 0.58
C THR C 325 21.38 -10.12 -0.38
N GLU C 326 20.68 -9.00 -0.55
CA GLU C 326 21.10 -7.93 -1.44
CA GLU C 326 21.08 -7.91 -1.42
C GLU C 326 22.39 -7.26 -0.92
N VAL C 327 22.51 -7.06 0.39
CA VAL C 327 23.70 -6.47 1.03
C VAL C 327 24.91 -7.43 0.90
N THR C 328 24.68 -8.75 1.13
CA THR C 328 25.74 -9.74 1.02
C THR C 328 26.24 -9.85 -0.40
N ALA C 329 25.32 -9.80 -1.38
CA ALA C 329 25.65 -9.93 -2.78
C ALA C 329 26.60 -8.84 -3.25
N ILE C 330 26.37 -7.57 -2.88
CA ILE C 330 27.24 -6.48 -3.30
C ILE C 330 28.61 -6.57 -2.60
N GLY C 331 28.62 -6.97 -1.33
CA GLY C 331 29.85 -7.16 -0.57
C GLY C 331 30.69 -8.27 -1.19
N ALA C 332 30.04 -9.36 -1.64
CA ALA C 332 30.72 -10.50 -2.26
C ALA C 332 31.29 -10.16 -3.63
N VAL C 333 30.56 -9.41 -4.46
CA VAL C 333 31.05 -9.02 -5.78
C VAL C 333 32.23 -8.04 -5.63
N GLU C 334 32.15 -7.13 -4.66
CA GLU C 334 33.23 -6.20 -4.35
CA GLU C 334 33.24 -6.19 -4.35
C GLU C 334 34.48 -6.99 -3.92
N ALA C 335 34.31 -8.00 -3.05
CA ALA C 335 35.40 -8.85 -2.56
C ALA C 335 36.02 -9.64 -3.71
N ALA C 336 35.19 -10.19 -4.62
CA ALA C 336 35.68 -10.94 -5.76
C ALA C 336 36.55 -10.09 -6.67
N PHE C 337 36.17 -8.82 -6.91
CA PHE C 337 36.96 -7.90 -7.73
C PHE C 337 38.30 -7.59 -7.06
N LYS C 338 38.29 -7.38 -5.75
CA LYS C 338 39.48 -7.03 -4.98
C LYS C 338 40.61 -8.06 -5.08
N CYS C 339 40.28 -9.37 -5.15
CA CYS C 339 41.29 -10.42 -5.19
C CYS C 339 41.36 -11.18 -6.51
N CYS C 340 40.56 -10.79 -7.54
CA CYS C 340 40.47 -11.52 -8.81
C CYS C 340 40.07 -12.97 -8.55
N ALA C 341 39.06 -13.17 -7.64
CA ALA C 341 38.55 -14.48 -7.26
C ALA C 341 38.22 -15.31 -8.48
N ALA C 342 38.60 -16.57 -8.47
CA ALA C 342 38.30 -17.46 -9.58
C ALA C 342 36.81 -17.76 -9.68
N ALA C 343 36.08 -17.69 -8.55
CA ALA C 343 34.66 -17.94 -8.54
C ALA C 343 34.01 -17.41 -7.26
N ILE C 344 32.66 -17.27 -7.27
CA ILE C 344 31.81 -16.96 -6.12
C ILE C 344 30.92 -18.20 -6.01
N ILE C 345 31.07 -18.99 -4.97
CA ILE C 345 30.26 -20.17 -4.76
C ILE C 345 29.11 -19.76 -3.85
N VAL C 346 27.88 -19.96 -4.31
CA VAL C 346 26.69 -19.59 -3.55
C VAL C 346 25.74 -20.76 -3.38
N LEU C 347 25.22 -20.93 -2.16
CA LEU C 347 24.24 -21.98 -1.89
C LEU C 347 22.90 -21.31 -2.09
N THR C 348 22.07 -21.85 -2.98
CA THR C 348 20.77 -21.26 -3.28
C THR C 348 19.74 -22.33 -3.52
N THR C 349 18.53 -22.19 -2.98
CA THR C 349 17.47 -23.17 -3.19
C THR C 349 16.51 -22.74 -4.29
N THR C 350 16.25 -21.44 -4.39
CA THR C 350 15.37 -20.91 -5.43
C THR C 350 16.15 -20.27 -6.57
N GLY C 351 17.44 -19.97 -6.39
CA GLY C 351 18.25 -19.29 -7.39
C GLY C 351 18.38 -17.80 -7.11
N ARG C 352 17.59 -17.27 -6.16
CA ARG C 352 17.59 -15.84 -5.86
C ARG C 352 18.96 -15.29 -5.42
N SER C 353 19.68 -15.99 -4.54
CA SER C 353 20.99 -15.51 -4.09
C SER C 353 21.99 -15.42 -5.24
N ALA C 354 21.90 -16.35 -6.21
CA ALA C 354 22.77 -16.32 -7.37
C ALA C 354 22.37 -15.17 -8.31
N GLN C 355 21.07 -14.89 -8.42
CA GLN C 355 20.56 -13.80 -9.25
C GLN C 355 21.03 -12.44 -8.74
N LEU C 356 20.97 -12.23 -7.41
CA LEU C 356 21.43 -10.99 -6.80
C LEU C 356 22.94 -10.79 -6.94
N LEU C 357 23.73 -11.87 -7.09
CA LEU C 357 25.15 -11.74 -7.33
C LEU C 357 25.35 -11.33 -8.79
N SER C 358 24.67 -12.02 -9.70
CA SER C 358 24.68 -11.82 -11.14
C SER C 358 24.33 -10.38 -11.58
N ARG C 359 23.43 -9.68 -10.87
CA ARG C 359 23.01 -8.33 -11.21
C ARG C 359 24.13 -7.31 -11.13
N TYR C 360 25.18 -7.59 -10.32
CA TYR C 360 26.33 -6.68 -10.22
C TYR C 360 27.41 -6.96 -11.26
N ARG C 361 27.18 -7.92 -12.13
CA ARG C 361 28.06 -8.28 -13.21
C ARG C 361 29.50 -8.55 -12.77
N PRO C 362 29.70 -9.51 -11.86
CA PRO C 362 31.08 -9.85 -11.48
C PRO C 362 31.82 -10.50 -12.63
N ARG C 363 33.14 -10.34 -12.65
CA ARG C 363 33.99 -11.03 -13.62
C ARG C 363 34.14 -12.51 -13.16
N ALA C 364 33.99 -12.82 -11.86
CA ALA C 364 34.11 -14.19 -11.38
C ALA C 364 32.88 -15.00 -11.71
N ALA C 365 33.06 -16.28 -12.03
CA ALA C 365 31.95 -17.20 -12.26
C ALA C 365 31.15 -17.35 -10.98
N VAL C 366 29.82 -17.39 -11.08
CA VAL C 366 28.99 -17.60 -9.91
C VAL C 366 28.59 -19.06 -9.97
N ILE C 367 29.21 -19.92 -9.12
CA ILE C 367 28.89 -21.34 -9.05
C ILE C 367 27.76 -21.56 -8.04
N ALA C 368 26.54 -21.86 -8.52
CA ALA C 368 25.38 -21.98 -7.66
C ALA C 368 25.10 -23.40 -7.35
N VAL C 369 25.23 -23.76 -6.07
CA VAL C 369 25.01 -25.10 -5.63
C VAL C 369 23.61 -25.18 -5.10
N THR C 370 22.80 -26.06 -5.70
CA THR C 370 21.41 -26.20 -5.27
C THR C 370 20.96 -27.63 -5.18
N ARG C 371 20.01 -27.92 -4.27
CA ARG C 371 19.34 -29.22 -4.25
C ARG C 371 18.13 -29.23 -5.23
N SER C 372 17.75 -28.07 -5.79
CA SER C 372 16.63 -27.96 -6.73
C SER C 372 16.97 -28.09 -8.17
N ALA C 373 16.46 -29.15 -8.83
CA ALA C 373 16.71 -29.32 -10.27
C ALA C 373 16.08 -28.21 -11.06
N GLN C 374 14.89 -27.71 -10.63
CA GLN C 374 14.24 -26.62 -11.35
C GLN C 374 15.10 -25.34 -11.29
N ALA C 375 15.57 -24.98 -10.07
CA ALA C 375 16.42 -23.81 -9.88
C ALA C 375 17.70 -23.96 -10.67
N ALA C 376 18.31 -25.15 -10.68
CA ALA C 376 19.53 -25.39 -11.47
C ALA C 376 19.32 -25.11 -12.96
N ARG C 377 18.15 -25.50 -13.51
CA ARG C 377 17.87 -25.20 -14.90
C ARG C 377 17.54 -23.72 -15.13
N GLN C 378 16.75 -23.12 -14.23
CA GLN C 378 16.31 -21.74 -14.37
C GLN C 378 17.40 -20.71 -14.21
N VAL C 379 18.45 -20.97 -13.39
CA VAL C 379 19.50 -19.96 -13.21
C VAL C 379 20.33 -19.73 -14.47
N HIS C 380 20.14 -20.52 -15.54
CA HIS C 380 20.76 -20.25 -16.84
C HIS C 380 20.26 -18.89 -17.41
N LEU C 381 19.11 -18.37 -16.94
CA LEU C 381 18.61 -17.07 -17.36
C LEU C 381 19.50 -15.92 -16.87
N CYS C 382 20.30 -16.14 -15.81
CA CYS C 382 21.16 -15.09 -15.23
C CYS C 382 22.58 -15.21 -15.68
N ARG C 383 23.10 -14.13 -16.29
CA ARG C 383 24.47 -14.11 -16.76
C ARG C 383 25.52 -14.46 -15.69
N GLY C 384 26.39 -15.39 -16.00
CA GLY C 384 27.49 -15.79 -15.14
C GLY C 384 27.17 -16.78 -14.07
N VAL C 385 25.97 -17.40 -14.11
CA VAL C 385 25.60 -18.39 -13.10
C VAL C 385 25.78 -19.78 -13.66
N PHE C 386 26.65 -20.60 -13.02
CA PHE C 386 26.96 -21.96 -13.44
C PHE C 386 26.36 -22.89 -12.43
N PRO C 387 25.20 -23.48 -12.74
CA PRO C 387 24.51 -24.30 -11.71
C PRO C 387 25.10 -25.67 -11.49
N LEU C 388 25.01 -26.17 -10.25
CA LEU C 388 25.43 -27.53 -9.89
C LEU C 388 24.29 -28.09 -9.07
N LEU C 389 23.70 -29.17 -9.53
CA LEU C 389 22.64 -29.83 -8.80
C LEU C 389 23.28 -30.79 -7.82
N TYR C 390 22.95 -30.66 -6.56
CA TYR C 390 23.52 -31.45 -5.50
C TYR C 390 22.45 -32.44 -5.00
N ARG C 391 22.81 -33.72 -4.89
CA ARG C 391 21.84 -34.77 -4.54
C ARG C 391 22.25 -35.70 -3.44
N GLU C 392 23.26 -35.36 -2.68
CA GLU C 392 23.68 -36.12 -1.54
C GLU C 392 22.61 -36.06 -0.48
N PRO C 393 22.48 -37.12 0.34
CA PRO C 393 21.52 -37.06 1.43
C PRO C 393 21.94 -36.01 2.47
N PRO C 394 20.96 -35.31 3.07
CA PRO C 394 21.30 -34.27 4.07
C PRO C 394 22.01 -34.78 5.29
N GLU C 395 22.97 -34.02 5.81
CA GLU C 395 23.68 -34.34 7.05
C GLU C 395 22.77 -33.94 8.22
N ALA C 396 22.92 -34.62 9.36
CA ALA C 396 22.15 -34.35 10.57
C ALA C 396 22.53 -32.97 11.11
N ILE C 397 23.85 -32.62 11.11
CA ILE C 397 24.31 -31.29 11.53
C ILE C 397 24.30 -30.35 10.30
N TRP C 398 23.53 -29.28 10.38
CA TRP C 398 23.36 -28.36 9.28
C TRP C 398 24.65 -27.72 8.78
N ALA C 399 25.49 -27.23 9.68
CA ALA C 399 26.77 -26.63 9.35
C ALA C 399 27.66 -27.64 8.57
N ASP C 400 27.51 -28.95 8.83
CA ASP C 400 28.24 -30.01 8.08
C ASP C 400 27.66 -30.12 6.67
N ASP C 401 26.33 -30.04 6.54
CA ASP C 401 25.69 -30.07 5.24
C ASP C 401 26.12 -28.87 4.39
N VAL C 402 26.23 -27.70 5.00
CA VAL C 402 26.68 -26.51 4.30
C VAL C 402 28.11 -26.69 3.78
N ASP C 403 29.05 -27.13 4.66
CA ASP C 403 30.44 -27.37 4.30
C ASP C 403 30.57 -28.39 3.19
N ARG C 404 29.75 -29.46 3.23
CA ARG C 404 29.79 -30.45 2.15
C ARG C 404 29.38 -29.87 0.79
N ARG C 405 28.37 -28.98 0.76
CA ARG C 405 27.95 -28.33 -0.50
C ARG C 405 28.97 -27.33 -0.96
N VAL C 406 29.59 -26.59 -0.04
CA VAL C 406 30.69 -25.68 -0.41
C VAL C 406 31.87 -26.48 -1.05
N GLN C 407 32.25 -27.64 -0.46
CA GLN C 407 33.31 -28.47 -1.04
C GLN C 407 32.92 -29.13 -2.33
N PHE C 408 31.64 -29.42 -2.51
CA PHE C 408 31.13 -29.94 -3.78
C PHE C 408 31.32 -28.86 -4.90
N GLY C 409 31.07 -27.60 -4.56
CA GLY C 409 31.27 -26.52 -5.51
C GLY C 409 32.73 -26.33 -5.84
N ILE C 410 33.62 -26.51 -4.86
CA ILE C 410 35.07 -26.36 -5.07
C ILE C 410 35.61 -27.53 -5.90
N GLU C 411 35.16 -28.76 -5.61
CA GLU C 411 35.65 -29.92 -6.34
C GLU C 411 35.15 -29.97 -7.75
N SER C 412 33.88 -29.61 -8.02
CA SER C 412 33.36 -29.54 -9.39
C SER C 412 34.09 -28.43 -10.14
N GLY C 413 34.35 -27.32 -9.47
CA GLY C 413 35.09 -26.21 -10.07
C GLY C 413 36.48 -26.60 -10.48
N LYS C 414 37.15 -27.45 -9.66
CA LYS C 414 38.50 -27.97 -9.91
C LYS C 414 38.46 -28.89 -11.13
N LEU C 415 37.46 -29.78 -11.16
CA LEU C 415 37.24 -30.71 -12.25
C LEU C 415 36.96 -30.02 -13.61
N ARG C 416 36.22 -28.91 -13.60
CA ARG C 416 35.86 -28.20 -14.84
C ARG C 416 36.86 -27.13 -15.30
N GLY C 417 37.89 -26.85 -14.52
CA GLY C 417 38.90 -25.88 -14.90
C GLY C 417 38.71 -24.48 -14.36
N PHE C 418 37.64 -24.25 -13.57
CA PHE C 418 37.38 -22.94 -12.97
C PHE C 418 38.43 -22.65 -11.87
N LEU C 419 38.84 -23.68 -11.10
CA LEU C 419 39.71 -23.51 -9.93
C LEU C 419 40.92 -24.45 -9.84
N ARG C 420 41.96 -23.98 -9.16
CA ARG C 420 43.19 -24.70 -8.86
C ARG C 420 43.57 -24.42 -7.40
N VAL C 421 44.40 -25.28 -6.81
CA VAL C 421 44.92 -25.12 -5.46
C VAL C 421 45.71 -23.80 -5.39
N GLY C 422 45.44 -22.97 -4.41
CA GLY C 422 46.03 -21.65 -4.31
C GLY C 422 45.11 -20.50 -4.75
N ASP C 423 44.05 -20.80 -5.51
CA ASP C 423 43.07 -19.78 -5.92
C ASP C 423 42.26 -19.24 -4.74
N LEU C 424 41.69 -18.03 -4.89
CA LEU C 424 40.79 -17.50 -3.88
C LEU C 424 39.37 -17.60 -4.41
N VAL C 425 38.42 -17.99 -3.55
CA VAL C 425 37.00 -17.99 -3.91
C VAL C 425 36.22 -17.25 -2.85
N ILE C 426 35.08 -16.69 -3.21
CA ILE C 426 34.17 -16.03 -2.29
C ILE C 426 33.04 -17.01 -2.08
N VAL C 427 32.64 -17.24 -0.85
CA VAL C 427 31.58 -18.19 -0.54
C VAL C 427 30.42 -17.44 0.07
N VAL C 428 29.25 -17.59 -0.52
CA VAL C 428 28.05 -16.93 -0.03
C VAL C 428 27.06 -17.94 0.50
N THR C 429 26.73 -17.83 1.79
CA THR C 429 25.79 -18.72 2.48
C THR C 429 24.85 -17.86 3.41
N GLY C 430 23.96 -18.51 4.15
CA GLY C 430 23.10 -17.87 5.12
C GLY C 430 23.36 -18.42 6.49
N TRP C 431 22.66 -17.88 7.49
CA TRP C 431 22.87 -18.24 8.89
C TRP C 431 22.02 -19.40 9.41
N ARG C 432 20.95 -19.72 8.67
CA ARG C 432 20.04 -20.81 9.03
C ARG C 432 19.47 -21.45 7.76
N PRO C 433 18.96 -22.70 7.84
CA PRO C 433 18.40 -23.34 6.64
C PRO C 433 17.15 -22.66 6.12
N GLY C 434 16.84 -22.90 4.86
CA GLY C 434 15.65 -22.34 4.26
C GLY C 434 16.00 -21.16 3.41
N SER C 435 15.24 -20.97 2.38
CA SER C 435 15.39 -19.87 1.46
C SER C 435 15.21 -18.51 2.14
N GLY C 436 15.89 -17.49 1.65
CA GLY C 436 15.75 -16.13 2.16
C GLY C 436 16.63 -15.64 3.28
N TYR C 437 17.59 -16.42 3.77
CA TYR C 437 18.48 -16.01 4.89
C TYR C 437 19.96 -15.79 4.53
N THR C 438 20.35 -15.58 3.26
CA THR C 438 21.74 -15.36 2.86
C THR C 438 22.24 -14.09 3.51
N ASN C 439 23.29 -14.20 4.29
CA ASN C 439 23.84 -13.05 5.00
C ASN C 439 25.36 -13.18 5.27
N ILE C 440 26.03 -14.19 4.70
CA ILE C 440 27.43 -14.43 4.98
C ILE C 440 28.24 -14.46 3.72
N MET C 441 29.41 -13.81 3.76
CA MET C 441 30.37 -13.82 2.67
C MET C 441 31.71 -14.24 3.30
N ARG C 442 32.37 -15.27 2.76
CA ARG C 442 33.65 -15.75 3.31
C ARG C 442 34.67 -15.74 2.18
N VAL C 443 35.94 -15.43 2.51
CA VAL C 443 37.06 -15.49 1.58
C VAL C 443 37.77 -16.79 1.86
N LEU C 444 37.83 -17.69 0.88
CA LEU C 444 38.44 -19.00 1.09
C LEU C 444 39.60 -19.25 0.13
N SER C 445 40.66 -19.85 0.63
CA SER C 445 41.81 -20.24 -0.21
CA SER C 445 41.81 -20.23 -0.19
C SER C 445 41.62 -21.69 -0.62
N ILE C 446 41.74 -22.00 -1.90
CA ILE C 446 41.54 -23.36 -2.38
C ILE C 446 42.68 -24.29 -1.99
N SER C 447 42.37 -25.36 -1.25
CA SER C 447 43.37 -26.34 -0.84
C SER C 447 43.12 -27.73 -1.49
N GLY D 23 12.81 6.44 7.92
CA GLY D 23 12.08 7.69 8.07
C GLY D 23 12.74 8.89 7.40
N THR D 24 11.95 9.94 7.15
CA THR D 24 12.42 11.17 6.52
C THR D 24 13.44 11.91 7.41
N ALA D 25 13.20 11.87 8.74
CA ALA D 25 14.06 12.52 9.72
C ALA D 25 15.46 11.95 9.69
N PHE D 26 15.60 10.61 9.48
CA PHE D 26 16.91 9.95 9.42
C PHE D 26 17.75 10.54 8.28
N PHE D 27 17.13 10.74 7.12
CA PHE D 27 17.83 11.25 5.95
C PHE D 27 18.10 12.76 5.94
N GLN D 28 17.62 13.48 6.97
CA GLN D 28 17.90 14.92 7.09
C GLN D 28 19.09 15.18 8.05
N GLN D 29 19.34 14.25 9.00
CA GLN D 29 20.45 14.33 9.95
C GLN D 29 21.79 13.96 9.27
N GLN D 30 22.91 14.19 10.00
CA GLN D 30 24.31 13.87 9.66
C GLN D 30 24.71 14.20 8.21
N GLN D 31 24.23 15.36 7.70
CA GLN D 31 24.50 15.88 6.35
C GLN D 31 24.27 14.83 5.25
N LEU D 32 23.24 13.98 5.42
CA LEU D 32 22.94 12.93 4.45
C LEU D 32 22.55 13.52 3.07
N PRO D 33 21.74 14.61 2.96
CA PRO D 33 21.53 15.20 1.62
C PRO D 33 22.85 15.62 0.95
N ALA D 34 23.76 16.24 1.71
CA ALA D 34 25.07 16.66 1.20
C ALA D 34 25.97 15.47 0.82
N ALA D 35 25.88 14.35 1.56
CA ALA D 35 26.69 13.15 1.34
C ALA D 35 26.29 12.38 0.08
N MET D 36 25.00 12.49 -0.32
CA MET D 36 24.42 11.86 -1.51
C MET D 36 24.57 12.71 -2.79
N ALA D 37 25.06 13.96 -2.70
CA ALA D 37 25.16 14.84 -3.86
C ALA D 37 25.99 14.27 -5.02
N ASP D 38 25.64 14.62 -6.25
CA ASP D 38 26.30 14.12 -7.46
C ASP D 38 27.65 14.80 -7.75
N THR D 39 27.87 16.00 -7.21
CA THR D 39 29.11 16.73 -7.38
C THR D 39 29.57 17.30 -6.04
N PHE D 40 30.86 17.64 -5.92
CA PHE D 40 31.39 18.27 -4.73
C PHE D 40 30.78 19.67 -4.54
N LEU D 41 30.51 20.39 -5.64
CA LEU D 41 29.89 21.71 -5.57
C LEU D 41 28.49 21.60 -4.95
N GLU D 42 27.69 20.61 -5.40
CA GLU D 42 26.35 20.39 -4.87
C GLU D 42 26.42 19.93 -3.39
N HIS D 43 27.45 19.14 -3.05
CA HIS D 43 27.71 18.67 -1.69
C HIS D 43 27.87 19.88 -0.76
N LEU D 44 28.71 20.88 -1.17
CA LEU D 44 28.94 22.08 -0.38
C LEU D 44 27.65 22.87 -0.25
N CYS D 45 26.92 23.06 -1.36
CA CYS D 45 25.68 23.82 -1.35
C CYS D 45 24.61 23.21 -0.44
N LEU D 46 24.66 21.88 -0.23
CA LEU D 46 23.68 21.19 0.60
C LEU D 46 24.05 21.09 2.09
N LEU D 47 25.25 21.56 2.51
CA LEU D 47 25.64 21.51 3.92
C LEU D 47 24.65 22.35 4.75
N ASP D 48 24.18 21.80 5.86
CA ASP D 48 23.13 22.44 6.65
C ASP D 48 23.54 22.54 8.11
N ILE D 49 23.53 23.75 8.68
CA ILE D 49 23.85 23.93 10.10
C ILE D 49 22.78 23.31 11.02
N ASP D 50 21.56 23.07 10.51
CA ASP D 50 20.49 22.44 11.28
C ASP D 50 20.51 20.91 11.19
N SER D 51 21.38 20.33 10.33
CA SER D 51 21.49 18.88 10.20
C SER D 51 22.42 18.42 11.30
N GLU D 52 21.87 17.81 12.37
CA GLU D 52 22.65 17.40 13.53
C GLU D 52 23.44 16.11 13.34
N PRO D 53 24.67 16.07 13.90
CA PRO D 53 25.46 14.83 13.79
C PRO D 53 24.81 13.73 14.66
N VAL D 54 24.75 12.51 14.15
CA VAL D 54 24.19 11.39 14.91
C VAL D 54 25.29 10.40 15.29
N ALA D 55 26.24 10.16 14.37
CA ALA D 55 27.34 9.24 14.57
C ALA D 55 28.27 9.65 15.72
N ALA D 56 28.94 8.67 16.30
CA ALA D 56 29.91 8.90 17.34
C ALA D 56 31.13 9.58 16.70
N ARG D 57 31.84 10.41 17.44
CA ARG D 57 33.01 11.10 16.97
C ARG D 57 34.12 10.11 16.65
N SER D 58 34.55 10.07 15.40
CA SER D 58 35.52 9.11 14.94
C SER D 58 37.01 9.57 14.94
N THR D 59 37.29 10.88 14.86
CA THR D 59 38.66 11.37 14.90
C THR D 59 39.14 11.39 16.35
N SER D 60 40.23 10.68 16.68
CA SER D 60 40.74 10.64 18.05
CA SER D 60 40.74 10.62 18.05
C SER D 60 41.35 11.93 18.50
N ILE D 61 41.28 12.20 19.82
CA ILE D 61 41.86 13.39 20.38
C ILE D 61 43.06 12.97 21.21
N ILE D 62 44.23 13.54 20.94
CA ILE D 62 45.43 13.30 21.72
C ILE D 62 45.60 14.53 22.60
N ALA D 63 45.68 14.35 23.93
CA ALA D 63 45.87 15.46 24.85
C ALA D 63 47.21 15.32 25.49
N THR D 64 48.00 16.40 25.48
CA THR D 64 49.32 16.38 26.11
C THR D 64 49.19 16.58 27.61
N ILE D 65 49.91 15.78 28.38
CA ILE D 65 49.86 15.83 29.83
C ILE D 65 50.91 16.82 30.38
N GLY D 66 50.47 17.58 31.35
CA GLY D 66 51.32 18.54 32.02
C GLY D 66 50.70 18.95 33.34
N PRO D 67 51.25 20.03 33.96
CA PRO D 67 50.69 20.51 35.23
C PRO D 67 49.18 20.80 35.23
N ALA D 68 48.58 21.17 34.10
CA ALA D 68 47.15 21.43 34.02
C ALA D 68 46.26 20.19 33.89
N SER D 69 46.84 19.03 33.60
CA SER D 69 46.04 17.84 33.33
C SER D 69 46.65 16.57 33.94
N ARG D 70 47.29 16.73 35.07
CA ARG D 70 47.96 15.63 35.70
C ARG D 70 47.20 15.05 36.86
N SER D 71 46.29 15.79 37.49
CA SER D 71 45.53 15.25 38.60
C SER D 71 44.61 14.13 38.15
N VAL D 72 44.44 13.09 38.97
CA VAL D 72 43.58 11.95 38.65
C VAL D 72 42.14 12.42 38.40
N GLU D 73 41.65 13.36 39.20
CA GLU D 73 40.29 13.88 39.06
C GLU D 73 40.10 14.69 37.77
N ARG D 74 41.11 15.45 37.38
CA ARG D 74 41.09 16.25 36.15
C ARG D 74 41.15 15.28 34.93
N LEU D 75 42.00 14.24 34.99
CA LEU D 75 42.13 13.22 33.95
C LEU D 75 40.83 12.45 33.73
N LYS D 76 40.04 12.23 34.78
CA LYS D 76 38.72 11.58 34.65
C LYS D 76 37.79 12.46 33.85
N GLU D 77 37.84 13.76 34.07
CA GLU D 77 37.00 14.71 33.35
C GLU D 77 37.40 14.75 31.88
N MET D 78 38.69 14.65 31.58
CA MET D 78 39.18 14.68 30.20
CA MET D 78 39.18 14.67 30.21
C MET D 78 38.82 13.41 29.46
N ILE D 79 38.77 12.26 30.17
CA ILE D 79 38.37 11.00 29.54
C ILE D 79 36.89 11.09 29.16
N LYS D 80 36.06 11.62 30.08
CA LYS D 80 34.64 11.83 29.83
C LYS D 80 34.40 12.84 28.67
N ALA D 81 35.26 13.89 28.56
CA ALA D 81 35.19 14.91 27.49
C ALA D 81 35.58 14.34 26.13
N GLY D 82 36.35 13.24 26.11
CA GLY D 82 36.71 12.62 24.84
C GLY D 82 38.18 12.34 24.58
N MET D 83 39.10 12.55 25.55
CA MET D 83 40.51 12.25 25.35
C MET D 83 40.71 10.76 25.10
N ASN D 84 41.43 10.41 24.02
CA ASN D 84 41.66 9.00 23.67
C ASN D 84 43.08 8.60 23.86
N ILE D 85 44.03 9.52 23.67
CA ILE D 85 45.45 9.26 23.81
C ILE D 85 46.07 10.33 24.68
N ALA D 86 46.86 9.93 25.67
CA ALA D 86 47.57 10.85 26.55
C ALA D 86 49.01 10.92 26.05
N ARG D 87 49.46 12.12 25.68
CA ARG D 87 50.81 12.31 25.19
C ARG D 87 51.76 12.81 26.30
N LEU D 88 52.89 12.11 26.46
CA LEU D 88 53.90 12.49 27.44
C LEU D 88 55.02 13.13 26.68
N ASN D 89 55.24 14.42 26.87
CA ASN D 89 56.26 15.12 26.12
C ASN D 89 57.58 14.99 26.85
N PHE D 90 58.48 14.12 26.35
CA PHE D 90 59.78 13.91 26.99
C PHE D 90 60.77 15.05 26.75
N SER D 91 60.36 16.15 26.10
CA SER D 91 61.20 17.34 25.99
C SER D 91 61.26 18.11 27.33
N HIS D 92 60.31 17.83 28.25
CA HIS D 92 60.22 18.45 29.57
C HIS D 92 60.02 17.36 30.62
N GLY D 93 60.57 17.55 31.81
CA GLY D 93 60.39 16.61 32.90
C GLY D 93 61.31 15.42 32.94
N SER D 94 61.48 14.89 34.11
CA SER D 94 62.31 13.71 34.37
C SER D 94 61.51 12.40 34.19
N HIS D 95 62.20 11.26 34.29
CA HIS D 95 61.56 9.95 34.22
C HIS D 95 60.58 9.78 35.38
N GLU D 96 60.91 10.30 36.56
CA GLU D 96 60.07 10.26 37.75
C GLU D 96 58.77 11.02 37.50
N TYR D 97 58.87 12.20 36.85
CA TYR D 97 57.73 13.00 36.50
C TYR D 97 56.79 12.23 35.54
N HIS D 98 57.34 11.64 34.49
CA HIS D 98 56.57 10.89 33.50
C HIS D 98 55.98 9.59 34.02
N ALA D 99 56.66 8.90 34.94
CA ALA D 99 56.15 7.69 35.58
C ALA D 99 54.91 8.04 36.43
N GLU D 100 54.92 9.19 37.13
CA GLU D 100 53.76 9.62 37.92
C GLU D 100 52.61 9.99 36.98
N SER D 101 52.92 10.60 35.81
CA SER D 101 51.91 10.96 34.80
C SER D 101 51.23 9.68 34.32
N ILE D 102 52.03 8.66 33.99
CA ILE D 102 51.55 7.34 33.55
C ILE D 102 50.64 6.73 34.60
N ALA D 103 51.09 6.71 35.86
CA ALA D 103 50.31 6.13 36.97
C ALA D 103 49.01 6.87 37.19
N ASN D 104 48.99 8.22 37.02
CA ASN D 104 47.76 9.02 37.17
C ASN D 104 46.78 8.76 36.06
N VAL D 105 47.29 8.62 34.83
CA VAL D 105 46.45 8.31 33.69
C VAL D 105 45.81 6.93 33.89
N ARG D 106 46.62 5.91 34.22
CA ARG D 106 46.10 4.57 34.45
C ARG D 106 45.10 4.51 35.60
N GLU D 107 45.33 5.28 36.70
CA GLU D 107 44.39 5.33 37.81
C GLU D 107 43.06 5.93 37.37
N ALA D 108 43.10 7.04 36.60
CA ALA D 108 41.87 7.64 36.10
C ALA D 108 41.12 6.73 35.11
N VAL D 109 41.86 6.07 34.21
CA VAL D 109 41.26 5.16 33.23
C VAL D 109 40.63 3.95 33.92
N GLU D 110 41.35 3.32 34.85
CA GLU D 110 40.83 2.15 35.55
C GLU D 110 39.71 2.44 36.54
N SER D 111 39.48 3.73 36.88
CA SER D 111 38.36 4.08 37.76
C SER D 111 37.00 3.82 37.10
N PHE D 112 36.95 3.60 35.78
CA PHE D 112 35.73 3.28 35.07
C PHE D 112 35.67 1.78 34.66
N ALA D 113 36.67 0.96 35.05
CA ALA D 113 36.71 -0.45 34.69
C ALA D 113 35.65 -1.33 35.38
N GLY D 114 34.97 -0.79 36.39
CA GLY D 114 33.91 -1.49 37.09
C GLY D 114 32.68 -1.73 36.22
N SER D 115 32.53 -0.95 35.15
CA SER D 115 31.44 -1.10 34.20
C SER D 115 32.07 -1.43 32.84
N PRO D 116 32.29 -2.72 32.54
CA PRO D 116 32.97 -3.09 31.29
C PRO D 116 32.28 -2.67 29.99
N LEU D 117 30.93 -2.55 29.99
CA LEU D 117 30.23 -2.16 28.77
C LEU D 117 30.44 -0.68 28.42
N SER D 118 30.95 0.15 29.35
CA SER D 118 31.18 1.56 29.05
C SER D 118 32.65 2.01 29.23
N TYR D 119 33.54 1.13 29.70
CA TYR D 119 34.96 1.42 29.92
C TYR D 119 35.66 1.96 28.65
N ARG D 120 36.38 3.08 28.79
CA ARG D 120 37.08 3.66 27.65
C ARG D 120 38.59 3.52 27.79
N PRO D 121 39.22 2.70 26.96
CA PRO D 121 40.69 2.59 27.01
C PRO D 121 41.37 3.89 26.56
N VAL D 122 42.52 4.22 27.14
CA VAL D 122 43.24 5.43 26.78
C VAL D 122 44.68 5.05 26.52
N ALA D 123 45.19 5.35 25.32
CA ALA D 123 46.56 5.00 24.99
C ALA D 123 47.52 5.96 25.64
N ILE D 124 48.77 5.53 25.83
CA ILE D 124 49.84 6.37 26.35
C ILE D 124 50.91 6.46 25.27
N ALA D 125 51.16 7.68 24.81
CA ALA D 125 52.16 7.91 23.78
C ALA D 125 53.34 8.68 24.36
N LEU D 126 54.55 8.28 24.03
CA LEU D 126 55.77 8.92 24.48
C LEU D 126 56.30 9.76 23.32
N ASP D 127 56.36 11.08 23.48
CA ASP D 127 56.89 11.95 22.43
C ASP D 127 58.35 12.21 22.78
N THR D 128 59.29 11.78 21.95
CA THR D 128 60.72 11.91 22.26
C THR D 128 61.23 13.34 22.18
N LYS D 129 62.35 13.63 22.87
CA LYS D 129 63.01 14.93 22.89
C LYS D 129 63.59 15.25 21.52
N GLY D 130 64.18 14.26 20.87
CA GLY D 130 64.74 14.45 19.54
C GLY D 130 66.25 14.42 19.46
N PRO D 131 66.77 14.50 18.22
CA PRO D 131 68.23 14.44 18.03
C PRO D 131 68.98 15.75 18.28
N GLY D 132 68.27 16.88 18.26
CA GLY D 132 68.87 18.20 18.42
C GLY D 132 69.89 18.49 17.32
N SER D 133 71.12 18.84 17.74
CA SER D 133 72.22 19.08 16.79
C SER D 133 72.79 17.77 16.18
N GLY D 134 72.49 16.62 16.80
CA GLY D 134 72.98 15.32 16.37
C GLY D 134 72.45 14.80 15.04
N PRO D 135 73.19 13.84 14.45
CA PRO D 135 72.78 13.28 13.16
C PRO D 135 71.67 12.23 13.22
N GLY D 136 71.62 11.48 14.33
CA GLY D 136 70.65 10.41 14.53
C GLY D 136 70.16 10.34 15.97
N LEU D 137 69.89 9.11 16.44
CA LEU D 137 69.35 8.87 17.78
C LEU D 137 70.26 9.32 18.92
N SER D 138 69.78 10.28 19.72
CA SER D 138 70.54 10.79 20.86
C SER D 138 70.58 9.77 22.03
N GLU D 139 71.52 9.96 22.97
CA GLU D 139 71.62 9.05 24.11
C GLU D 139 70.48 9.24 25.10
N GLN D 140 69.91 10.45 25.20
CA GLN D 140 68.75 10.67 26.04
C GLN D 140 67.53 9.95 25.43
N ASP D 141 67.39 9.96 24.10
CA ASP D 141 66.32 9.25 23.42
C ASP D 141 66.41 7.75 23.69
N VAL D 142 67.63 7.18 23.73
CA VAL D 142 67.78 5.75 24.02
C VAL D 142 67.31 5.41 25.41
N ARG D 143 67.61 6.27 26.39
CA ARG D 143 67.19 6.06 27.76
C ARG D 143 65.68 6.23 27.92
N ASP D 144 65.10 7.23 27.23
CA ASP D 144 63.67 7.51 27.27
C ASP D 144 62.87 6.40 26.60
N LEU D 145 63.38 5.86 25.48
CA LEU D 145 62.73 4.75 24.79
C LEU D 145 62.74 3.51 25.65
N ARG D 146 63.86 3.24 26.38
CA ARG D 146 63.87 2.06 27.28
CA ARG D 146 63.89 2.07 27.28
C ARG D 146 62.88 2.26 28.39
N PHE D 147 62.75 3.51 28.94
CA PHE D 147 61.79 3.84 29.98
C PHE D 147 60.36 3.51 29.48
N GLY D 148 60.06 3.88 28.24
CA GLY D 148 58.75 3.63 27.66
C GLY D 148 58.43 2.16 27.58
N VAL D 149 59.40 1.34 27.14
CA VAL D 149 59.21 -0.11 27.09
C VAL D 149 58.97 -0.66 28.51
N GLU D 150 59.79 -0.23 29.49
CA GLU D 150 59.67 -0.66 30.88
C GLU D 150 58.34 -0.26 31.51
N HIS D 151 57.75 0.88 31.07
CA HIS D 151 56.48 1.33 31.61
C HIS D 151 55.27 0.98 30.75
N GLY D 152 55.46 0.23 29.68
CA GLY D 152 54.37 -0.21 28.84
C GLY D 152 53.66 0.83 28.02
N VAL D 153 54.40 1.79 27.43
CA VAL D 153 53.76 2.78 26.55
C VAL D 153 53.30 2.08 25.29
N ASP D 154 52.25 2.63 24.66
CA ASP D 154 51.67 2.01 23.48
C ASP D 154 52.24 2.56 22.18
N ILE D 155 52.58 3.84 22.17
CA ILE D 155 53.00 4.54 20.98
C ILE D 155 54.22 5.41 21.27
N VAL D 156 55.07 5.61 20.26
CA VAL D 156 56.18 6.51 20.33
C VAL D 156 55.98 7.56 19.22
N PHE D 157 55.97 8.84 19.55
CA PHE D 157 55.93 9.90 18.56
C PHE D 157 57.42 10.27 18.44
N ALA D 158 58.10 9.73 17.42
CA ALA D 158 59.53 9.98 17.24
C ALA D 158 59.82 11.36 16.62
N SER D 159 60.39 12.28 17.41
CA SER D 159 60.71 13.62 16.95
C SER D 159 61.76 13.70 15.86
N PHE D 160 61.62 14.71 14.98
CA PHE D 160 62.51 15.05 13.87
C PHE D 160 63.01 13.85 13.04
N VAL D 161 62.09 13.03 12.51
CA VAL D 161 62.48 11.90 11.67
C VAL D 161 62.84 12.47 10.30
N ARG D 162 64.05 12.17 9.81
CA ARG D 162 64.54 12.68 8.53
C ARG D 162 64.73 11.63 7.45
N LYS D 163 64.83 10.35 7.83
CA LYS D 163 65.06 9.27 6.87
C LYS D 163 64.61 7.94 7.46
N ALA D 164 64.54 6.87 6.66
CA ALA D 164 64.10 5.57 7.14
C ALA D 164 65.00 5.00 8.23
N SER D 165 66.31 5.31 8.19
CA SER D 165 67.25 4.80 9.19
C SER D 165 66.99 5.38 10.58
N ASP D 166 66.34 6.57 10.68
CA ASP D 166 65.97 7.15 11.98
C ASP D 166 64.90 6.29 12.64
N VAL D 167 63.96 5.76 11.85
CA VAL D 167 62.88 4.91 12.35
C VAL D 167 63.46 3.57 12.81
N ALA D 168 64.39 3.01 12.04
CA ALA D 168 65.04 1.74 12.38
C ALA D 168 65.83 1.88 13.69
N ALA D 169 66.46 3.05 13.91
CA ALA D 169 67.19 3.30 15.15
C ALA D 169 66.23 3.31 16.34
N VAL D 170 65.04 3.95 16.21
CA VAL D 170 64.03 3.96 17.26
C VAL D 170 63.52 2.56 17.53
N ARG D 171 63.29 1.80 16.47
CA ARG D 171 62.81 0.43 16.59
C ARG D 171 63.84 -0.44 17.34
N ALA D 172 65.14 -0.26 17.04
CA ALA D 172 66.22 -1.01 17.68
C ALA D 172 66.32 -0.63 19.15
N ALA D 173 66.17 0.67 19.47
CA ALA D 173 66.23 1.14 20.85
C ALA D 173 65.07 0.61 21.69
N LEU D 174 63.93 0.28 21.07
CA LEU D 174 62.80 -0.32 21.79
C LEU D 174 63.08 -1.79 22.18
N GLY D 175 64.02 -2.44 21.49
CA GLY D 175 64.44 -3.79 21.80
C GLY D 175 63.42 -4.86 21.49
N PRO D 176 63.74 -6.10 21.88
CA PRO D 176 62.81 -7.20 21.62
C PRO D 176 61.50 -7.11 22.40
N GLU D 177 61.53 -6.50 23.58
CA GLU D 177 60.32 -6.36 24.40
C GLU D 177 59.36 -5.26 23.89
N GLY D 178 59.83 -4.34 23.05
CA GLY D 178 59.00 -3.28 22.52
C GLY D 178 58.59 -3.46 21.07
N HIS D 179 58.45 -4.71 20.62
CA HIS D 179 58.07 -5.01 19.23
CA HIS D 179 58.07 -5.01 19.23
C HIS D 179 56.63 -4.57 18.92
N GLY D 180 55.77 -4.58 19.93
CA GLY D 180 54.37 -4.21 19.74
C GLY D 180 54.09 -2.73 19.79
N ILE D 181 55.07 -1.89 20.18
CA ILE D 181 54.88 -0.44 20.27
C ILE D 181 54.78 0.20 18.88
N LYS D 182 53.82 1.09 18.66
CA LYS D 182 53.66 1.76 17.36
C LYS D 182 54.61 2.94 17.24
N ILE D 183 55.29 3.08 16.11
CA ILE D 183 56.18 4.21 15.91
C ILE D 183 55.53 5.19 14.94
N ILE D 184 55.13 6.36 15.43
CA ILE D 184 54.53 7.40 14.61
C ILE D 184 55.64 8.41 14.37
N SER D 185 56.11 8.55 13.13
CA SER D 185 57.20 9.48 12.83
C SER D 185 56.73 10.92 12.70
N LYS D 186 57.37 11.83 13.44
CA LYS D 186 57.04 13.23 13.33
C LYS D 186 57.82 13.85 12.21
N ILE D 187 57.14 14.45 11.22
CA ILE D 187 57.78 15.14 10.11
C ILE D 187 57.79 16.61 10.51
N GLU D 188 59.00 17.15 10.79
CA GLU D 188 59.14 18.51 11.29
C GLU D 188 60.05 19.40 10.47
N ASN D 189 60.61 18.91 9.35
CA ASN D 189 61.53 19.72 8.55
C ASN D 189 61.47 19.37 7.05
N HIS D 190 62.20 20.15 6.21
CA HIS D 190 62.21 19.93 4.79
C HIS D 190 62.68 18.53 4.39
N GLU D 191 63.71 18.00 5.04
CA GLU D 191 64.22 16.66 4.71
C GLU D 191 63.19 15.56 4.96
N GLY D 192 62.42 15.68 6.05
CA GLY D 192 61.36 14.73 6.36
C GLY D 192 60.26 14.76 5.34
N VAL D 193 59.92 15.96 4.84
CA VAL D 193 58.91 16.11 3.79
C VAL D 193 59.42 15.50 2.48
N LYS D 194 60.69 15.72 2.14
CA LYS D 194 61.28 15.18 0.91
C LYS D 194 61.50 13.68 0.95
N ARG D 195 61.84 13.15 2.10
CA ARG D 195 62.05 11.70 2.25
C ARG D 195 60.82 11.00 2.81
N PHE D 196 59.63 11.65 2.75
CA PHE D 196 58.36 11.16 3.28
C PHE D 196 58.02 9.72 2.91
N ASP D 197 58.07 9.36 1.64
CA ASP D 197 57.71 8.02 1.20
C ASP D 197 58.51 6.90 1.86
N GLU D 198 59.83 7.09 2.02
CA GLU D 198 60.68 6.09 2.64
C GLU D 198 60.45 6.01 4.16
N ILE D 199 60.10 7.14 4.79
CA ILE D 199 59.81 7.20 6.21
C ILE D 199 58.48 6.50 6.48
N LEU D 200 57.44 6.82 5.70
CA LEU D 200 56.12 6.21 5.85
C LEU D 200 56.16 4.71 5.67
N GLU D 201 56.97 4.24 4.73
CA GLU D 201 57.09 2.80 4.44
C GLU D 201 57.49 1.99 5.66
N VAL D 202 58.44 2.50 6.46
CA VAL D 202 58.92 1.80 7.65
C VAL D 202 58.24 2.23 8.97
N SER D 203 57.39 3.26 8.94
CA SER D 203 56.73 3.74 10.14
C SER D 203 55.34 3.13 10.25
N ASP D 204 54.76 3.15 11.44
CA ASP D 204 53.35 2.75 11.62
C ASP D 204 52.38 3.88 11.24
N GLY D 205 52.87 5.12 11.23
CA GLY D 205 52.09 6.29 10.91
C GLY D 205 52.92 7.55 10.97
N ILE D 206 52.26 8.72 10.81
CA ILE D 206 52.93 10.00 10.75
C ILE D 206 52.26 11.04 11.62
N MET D 207 53.05 11.99 12.10
CA MET D 207 52.52 13.16 12.77
C MET D 207 52.97 14.39 11.95
N VAL D 208 52.04 15.27 11.59
CA VAL D 208 52.37 16.52 10.93
C VAL D 208 52.61 17.50 12.07
N ALA D 209 53.89 17.64 12.47
CA ALA D 209 54.34 18.46 13.58
C ALA D 209 54.50 19.88 13.07
N ARG D 210 53.39 20.64 12.98
CA ARG D 210 53.34 21.96 12.37
C ARG D 210 54.16 23.05 13.06
N GLY D 211 54.42 22.93 14.35
CA GLY D 211 55.23 23.90 15.08
C GLY D 211 56.63 24.06 14.51
N ASP D 212 57.42 22.97 14.54
CA ASP D 212 58.76 22.99 13.97
C ASP D 212 58.72 23.10 12.47
N LEU D 213 57.76 22.42 11.83
CA LEU D 213 57.64 22.47 10.36
C LEU D 213 57.45 23.92 9.85
N GLY D 214 56.68 24.71 10.57
CA GLY D 214 56.44 26.12 10.25
C GLY D 214 57.61 27.05 10.44
N ILE D 215 58.67 26.57 11.10
CA ILE D 215 59.92 27.31 11.31
C ILE D 215 60.97 26.79 10.30
N GLU D 216 60.97 25.48 9.98
CA GLU D 216 61.89 24.86 9.05
C GLU D 216 61.59 25.19 7.60
N ILE D 217 60.31 25.34 7.26
CA ILE D 217 59.85 25.69 5.92
C ILE D 217 59.02 26.98 6.01
N PRO D 218 58.76 27.71 4.90
CA PRO D 218 57.95 28.93 4.99
C PRO D 218 56.58 28.64 5.58
N ALA D 219 56.11 29.45 6.52
CA ALA D 219 54.81 29.28 7.18
C ALA D 219 53.65 29.07 6.20
N GLU D 220 53.65 29.80 5.10
CA GLU D 220 52.60 29.74 4.09
C GLU D 220 52.60 28.45 3.27
N LYS D 221 53.58 27.56 3.47
CA LYS D 221 53.64 26.28 2.76
C LYS D 221 53.24 25.08 3.65
N VAL D 222 53.05 25.29 4.97
CA VAL D 222 52.72 24.21 5.89
C VAL D 222 51.43 23.49 5.50
N PHE D 223 50.39 24.23 5.09
CA PHE D 223 49.14 23.61 4.65
C PHE D 223 49.32 22.62 3.48
N LEU D 224 50.28 22.87 2.57
CA LEU D 224 50.53 21.97 1.45
C LEU D 224 51.17 20.70 1.97
N ALA D 225 52.13 20.81 2.93
CA ALA D 225 52.78 19.64 3.50
C ALA D 225 51.78 18.82 4.29
N GLN D 226 50.91 19.48 5.06
CA GLN D 226 49.87 18.81 5.84
C GLN D 226 48.92 18.03 4.93
N LYS D 227 48.38 18.67 3.90
CA LYS D 227 47.44 18.02 2.97
C LYS D 227 48.07 16.88 2.19
N MET D 228 49.35 17.02 1.81
CA MET D 228 50.06 15.99 1.08
C MET D 228 50.28 14.75 1.95
N MET D 229 50.77 14.96 3.20
CA MET D 229 51.04 13.85 4.10
C MET D 229 49.78 13.13 4.51
N ILE D 230 48.71 13.86 4.77
CA ILE D 230 47.43 13.24 5.13
C ILE D 230 46.92 12.40 3.95
N GLY D 231 46.97 12.95 2.73
CA GLY D 231 46.59 12.22 1.53
C GLY D 231 47.38 10.93 1.34
N ARG D 232 48.71 10.99 1.48
CA ARG D 232 49.56 9.83 1.32
C ARG D 232 49.37 8.79 2.41
N CYS D 233 49.08 9.23 3.65
CA CYS D 233 48.79 8.30 4.74
C CYS D 233 47.46 7.61 4.53
N ASN D 234 46.46 8.35 4.04
CA ASN D 234 45.15 7.80 3.71
C ASN D 234 45.28 6.77 2.59
N LEU D 235 46.12 7.05 1.58
CA LEU D 235 46.38 6.14 0.48
C LEU D 235 47.04 4.85 1.02
N ALA D 236 48.02 5.00 1.92
CA ALA D 236 48.74 3.88 2.51
C ALA D 236 47.93 3.11 3.57
N GLY D 237 46.84 3.70 4.07
CA GLY D 237 46.04 3.10 5.13
C GLY D 237 46.75 3.12 6.49
N LYS D 238 47.58 4.16 6.72
CA LYS D 238 48.33 4.31 7.96
C LYS D 238 47.90 5.56 8.70
N PRO D 239 47.83 5.53 10.04
CA PRO D 239 47.35 6.71 10.78
C PRO D 239 48.18 7.98 10.61
N VAL D 240 47.48 9.13 10.54
CA VAL D 240 48.11 10.43 10.42
C VAL D 240 47.53 11.37 11.49
N VAL D 241 48.42 12.02 12.25
CA VAL D 241 48.01 12.94 13.30
C VAL D 241 48.25 14.39 12.85
N CYS D 242 47.26 15.30 13.02
CA CYS D 242 47.50 16.71 12.77
C CYS D 242 47.79 17.34 14.13
N ALA D 243 48.92 18.07 14.26
CA ALA D 243 49.31 18.62 15.52
C ALA D 243 49.70 20.08 15.48
N THR D 244 49.62 20.75 16.68
CA THR D 244 50.15 22.07 17.07
C THR D 244 49.32 23.29 16.68
N GLN D 245 49.01 24.09 17.70
CA GLN D 245 48.27 25.35 17.67
C GLN D 245 46.87 25.22 17.12
N MET D 246 46.26 24.04 17.22
CA MET D 246 44.91 23.86 16.68
C MET D 246 43.89 24.76 17.38
N LEU D 247 43.98 24.88 18.72
CA LEU D 247 43.10 25.75 19.52
C LEU D 247 43.97 26.58 20.48
N GLU D 248 45.10 27.09 20.00
CA GLU D 248 46.09 27.82 20.78
C GLU D 248 45.53 28.89 21.76
N SER D 249 44.58 29.70 21.31
CA SER D 249 44.00 30.74 22.16
C SER D 249 43.29 30.19 23.39
N MET D 250 42.84 28.91 23.33
CA MET D 250 42.18 28.30 24.49
C MET D 250 43.14 27.99 25.65
N ILE D 251 44.45 28.28 25.51
CA ILE D 251 45.36 28.16 26.63
C ILE D 251 44.95 29.21 27.73
N THR D 252 44.49 30.40 27.30
CA THR D 252 44.05 31.43 28.25
C THR D 252 42.60 31.87 28.09
N LYS D 253 41.95 31.59 26.95
CA LYS D 253 40.57 32.02 26.72
C LYS D 253 39.57 30.86 26.69
N PRO D 254 38.34 31.09 27.15
CA PRO D 254 37.36 29.97 27.21
C PRO D 254 36.80 29.50 25.85
N ARG D 255 36.88 30.36 24.84
CA ARG D 255 36.40 30.05 23.51
C ARG D 255 37.54 30.26 22.49
N PRO D 256 37.58 29.44 21.42
CA PRO D 256 38.64 29.61 20.42
C PRO D 256 38.30 30.70 19.37
N THR D 257 39.28 31.04 18.53
CA THR D 257 39.05 32.00 17.47
C THR D 257 38.33 31.29 16.28
N ARG D 258 37.81 32.07 15.30
CA ARG D 258 37.17 31.50 14.12
C ARG D 258 38.17 30.72 13.27
N ALA D 259 39.45 31.11 13.27
CA ALA D 259 40.47 30.43 12.50
C ALA D 259 40.80 29.07 13.10
N GLU D 260 40.76 28.97 14.43
CA GLU D 260 41.07 27.75 15.17
C GLU D 260 39.99 26.68 14.96
N THR D 261 38.69 27.05 15.06
CA THR D 261 37.64 26.05 14.81
C THR D 261 37.70 25.58 13.35
N SER D 262 37.94 26.50 12.43
CA SER D 262 38.09 26.19 11.01
C SER D 262 39.28 25.24 10.80
N ASP D 263 40.41 25.46 11.46
CA ASP D 263 41.60 24.61 11.38
C ASP D 263 41.30 23.15 11.82
N VAL D 264 40.62 22.96 12.95
CA VAL D 264 40.25 21.64 13.42
C VAL D 264 39.30 20.97 12.41
N ALA D 265 38.29 21.68 11.92
CA ALA D 265 37.35 21.13 10.96
C ALA D 265 38.06 20.73 9.67
N ASN D 266 38.99 21.55 9.20
CA ASN D 266 39.73 21.28 7.98
C ASN D 266 40.72 20.14 8.13
N ALA D 267 41.32 19.94 9.31
CA ALA D 267 42.23 18.80 9.53
C ALA D 267 41.41 17.49 9.42
N VAL D 268 40.19 17.47 9.97
CA VAL D 268 39.30 16.34 9.86
C VAL D 268 38.86 16.14 8.40
N LEU D 269 38.45 17.22 7.71
CA LEU D 269 38.05 17.11 6.32
C LEU D 269 39.18 16.66 5.42
N ASP D 270 40.43 17.04 5.73
CA ASP D 270 41.64 16.64 5.01
C ASP D 270 41.84 15.11 5.08
N GLY D 271 41.46 14.50 6.19
CA GLY D 271 41.58 13.06 6.36
C GLY D 271 42.39 12.62 7.56
N ALA D 272 42.65 13.54 8.52
CA ALA D 272 43.42 13.16 9.71
C ALA D 272 42.72 12.13 10.57
N ASP D 273 43.46 11.13 11.03
CA ASP D 273 42.92 10.13 11.93
C ASP D 273 42.83 10.69 13.34
N CYS D 274 43.84 11.50 13.75
CA CYS D 274 43.91 12.09 15.07
C CYS D 274 44.13 13.58 15.00
N ILE D 275 43.64 14.28 16.01
CA ILE D 275 43.89 15.70 16.19
C ILE D 275 44.51 15.85 17.58
N MET D 276 45.43 16.79 17.73
CA MET D 276 46.18 16.92 18.96
C MET D 276 46.04 18.26 19.67
N LEU D 277 46.14 18.23 21.00
CA LEU D 277 46.19 19.40 21.85
C LEU D 277 47.54 19.36 22.58
N SER D 278 48.29 20.47 22.58
CA SER D 278 49.59 20.51 23.25
C SER D 278 49.49 21.39 24.53
N GLY D 279 49.83 22.68 24.46
CA GLY D 279 49.72 23.59 25.58
C GLY D 279 48.32 23.74 26.09
N GLU D 280 47.33 23.57 25.21
CA GLU D 280 45.89 23.70 25.53
C GLU D 280 45.51 22.75 26.63
N THR D 281 46.14 21.55 26.71
CA THR D 281 45.87 20.60 27.78
C THR D 281 47.06 20.43 28.76
N ALA D 282 48.30 20.71 28.34
CA ALA D 282 49.45 20.54 29.23
C ALA D 282 49.55 21.66 30.23
N LYS D 283 49.34 22.92 29.80
CA LYS D 283 49.56 24.07 30.68
C LYS D 283 48.47 25.12 30.70
N GLY D 284 47.48 25.03 29.84
CA GLY D 284 46.42 26.04 29.78
C GLY D 284 45.46 26.02 30.93
N ASN D 285 44.47 26.93 30.89
CA ASN D 285 43.41 27.06 31.88
C ASN D 285 42.11 26.35 31.53
N PHE D 286 41.99 25.83 30.31
CA PHE D 286 40.75 25.16 29.92
C PHE D 286 41.06 23.81 29.26
N PRO D 287 41.77 22.85 29.90
CA PRO D 287 42.07 21.59 29.23
C PRO D 287 40.86 20.72 28.94
N VAL D 288 39.85 20.73 29.82
CA VAL D 288 38.66 19.93 29.59
C VAL D 288 37.84 20.57 28.49
N GLU D 289 37.73 21.91 28.48
CA GLU D 289 36.98 22.63 27.45
C GLU D 289 37.64 22.52 26.09
N ALA D 290 38.99 22.45 26.04
CA ALA D 290 39.73 22.30 24.76
C ALA D 290 39.42 20.91 24.17
N VAL D 291 39.32 19.87 24.99
CA VAL D 291 38.99 18.54 24.55
C VAL D 291 37.53 18.53 24.08
N LYS D 292 36.62 19.14 24.85
CA LYS D 292 35.21 19.23 24.45
C LYS D 292 35.04 19.97 23.12
N MET D 293 35.81 21.04 22.89
CA MET D 293 35.73 21.81 21.65
C MET D 293 36.20 20.98 20.47
N GLN D 294 37.33 20.27 20.58
CA GLN D 294 37.80 19.38 19.51
C GLN D 294 36.80 18.28 19.23
N HIS D 295 36.18 17.73 20.28
CA HIS D 295 35.15 16.71 20.14
C HIS D 295 33.97 17.27 19.32
N ALA D 296 33.45 18.44 19.71
CA ALA D 296 32.32 19.07 19.02
C ALA D 296 32.61 19.38 17.55
N ILE D 297 33.79 19.94 17.24
CA ILE D 297 34.11 20.30 15.85
C ILE D 297 34.30 19.03 15.01
N ALA D 298 35.06 18.04 15.52
CA ALA D 298 35.28 16.78 14.80
C ALA D 298 33.99 16.08 14.43
N ARG D 299 33.00 16.03 15.33
CA ARG D 299 31.69 15.42 15.02
C ARG D 299 31.00 16.13 13.85
N GLU D 300 31.02 17.47 13.83
CA GLU D 300 30.39 18.22 12.75
C GLU D 300 31.11 17.97 11.43
N ALA D 301 32.46 18.01 11.46
CA ALA D 301 33.28 17.83 10.28
C ALA D 301 33.18 16.44 9.71
N GLU D 302 33.08 15.41 10.54
CA GLU D 302 32.93 14.02 10.05
C GLU D 302 31.64 13.83 9.29
N ALA D 303 30.53 14.43 9.73
CA ALA D 303 29.27 14.33 9.01
C ALA D 303 29.33 15.04 7.67
N ALA D 304 30.17 16.09 7.56
CA ALA D 304 30.33 16.83 6.31
C ALA D 304 31.31 16.16 5.31
N VAL D 305 31.83 14.96 5.61
CA VAL D 305 32.73 14.28 4.68
C VAL D 305 31.92 13.80 3.47
N TYR D 306 32.43 14.03 2.27
CA TYR D 306 31.75 13.66 1.02
C TYR D 306 32.08 12.18 0.69
N HIS D 307 31.46 11.26 1.43
CA HIS D 307 31.72 9.82 1.27
C HIS D 307 31.50 9.27 -0.13
N ARG D 308 30.55 9.84 -0.89
CA ARG D 308 30.29 9.35 -2.25
C ARG D 308 31.55 9.34 -3.11
N GLN D 309 32.30 10.47 -3.18
CA GLN D 309 33.53 10.46 -3.95
C GLN D 309 34.69 9.83 -3.18
N LEU D 310 34.75 10.06 -1.86
CA LEU D 310 35.81 9.53 -1.01
C LEU D 310 35.93 8.01 -1.08
N PHE D 311 34.82 7.29 -0.88
CA PHE D 311 34.87 5.83 -0.92
C PHE D 311 35.26 5.35 -2.30
N GLU D 312 34.76 6.00 -3.36
CA GLU D 312 35.08 5.61 -4.74
C GLU D 312 36.57 5.73 -4.99
N GLU D 313 37.17 6.83 -4.51
CA GLU D 313 38.60 7.05 -4.70
C GLU D 313 39.45 6.11 -3.87
N LEU D 314 39.06 5.84 -2.61
CA LEU D 314 39.84 4.93 -1.76
C LEU D 314 39.80 3.52 -2.33
N ARG D 315 38.63 3.06 -2.76
CA ARG D 315 38.47 1.74 -3.42
C ARG D 315 39.36 1.61 -4.66
N ARG D 316 39.33 2.61 -5.56
CA ARG D 316 40.08 2.57 -6.80
C ARG D 316 41.58 2.65 -6.55
N ALA D 317 42.01 3.49 -5.60
CA ALA D 317 43.44 3.66 -5.29
C ALA D 317 44.05 2.46 -4.59
N ALA D 318 43.25 1.71 -3.81
CA ALA D 318 43.76 0.57 -3.09
C ALA D 318 44.11 -0.55 -4.07
N PRO D 319 45.32 -1.10 -3.96
CA PRO D 319 45.71 -2.16 -4.88
C PRO D 319 44.94 -3.45 -4.66
N LEU D 320 44.94 -4.32 -5.69
CA LEU D 320 44.34 -5.64 -5.59
C LEU D 320 45.09 -6.44 -4.54
N SER D 321 44.40 -7.34 -3.85
CA SER D 321 45.04 -8.09 -2.79
C SER D 321 44.62 -9.50 -2.73
N ARG D 322 45.54 -10.37 -2.35
CA ARG D 322 45.21 -11.78 -2.10
C ARG D 322 45.15 -12.10 -0.59
N ASP D 323 45.17 -11.07 0.28
CA ASP D 323 45.10 -11.24 1.71
C ASP D 323 43.62 -11.25 2.10
N PRO D 324 43.14 -12.33 2.72
CA PRO D 324 41.73 -12.41 3.06
C PRO D 324 41.22 -11.32 4.01
N THR D 325 42.08 -10.76 4.89
CA THR D 325 41.65 -9.69 5.77
C THR D 325 41.35 -8.44 4.95
N GLU D 326 42.20 -8.12 3.99
CA GLU D 326 42.11 -6.99 3.09
C GLU D 326 40.85 -7.13 2.20
N VAL D 327 40.59 -8.34 1.69
CA VAL D 327 39.43 -8.63 0.85
C VAL D 327 38.11 -8.55 1.66
N THR D 328 38.11 -9.09 2.89
CA THR D 328 36.94 -9.04 3.76
C THR D 328 36.64 -7.60 4.16
N ALA D 329 37.67 -6.80 4.43
CA ALA D 329 37.50 -5.41 4.84
C ALA D 329 36.78 -4.58 3.81
N ILE D 330 37.15 -4.68 2.52
CA ILE D 330 36.48 -3.90 1.49
C ILE D 330 35.05 -4.38 1.24
N GLY D 331 34.83 -5.69 1.30
CA GLY D 331 33.51 -6.25 1.13
C GLY D 331 32.59 -5.80 2.26
N ALA D 332 33.11 -5.75 3.50
CA ALA D 332 32.35 -5.32 4.67
C ALA D 332 32.00 -3.82 4.61
N VAL D 333 32.94 -2.94 4.17
CA VAL D 333 32.69 -1.52 4.07
C VAL D 333 31.64 -1.27 2.97
N GLU D 334 31.74 -2.00 1.87
CA GLU D 334 30.79 -1.89 0.78
CA GLU D 334 30.79 -1.90 0.76
C GLU D 334 29.39 -2.31 1.26
N ALA D 335 29.30 -3.42 2.01
CA ALA D 335 28.05 -3.92 2.58
C ALA D 335 27.46 -2.90 3.57
N ALA D 336 28.30 -2.29 4.43
CA ALA D 336 27.85 -1.29 5.38
C ALA D 336 27.24 -0.07 4.68
N PHE D 337 27.83 0.39 3.58
CA PHE D 337 27.28 1.52 2.83
C PHE D 337 25.94 1.15 2.17
N LYS D 338 25.82 -0.07 1.66
CA LYS D 338 24.61 -0.55 1.01
C LYS D 338 23.35 -0.54 1.90
N CYS D 339 23.50 -0.77 3.18
CA CYS D 339 22.36 -0.80 4.10
C CYS D 339 22.35 0.30 5.15
N CYS D 340 23.30 1.27 5.11
CA CYS D 340 23.44 2.29 6.14
C CYS D 340 23.61 1.66 7.50
N ALA D 341 24.52 0.66 7.58
CA ALA D 341 24.79 -0.05 8.82
C ALA D 341 25.21 0.93 9.93
N ALA D 342 24.68 0.75 11.14
CA ALA D 342 25.02 1.62 12.27
C ALA D 342 26.47 1.36 12.72
N ALA D 343 26.96 0.10 12.53
CA ALA D 343 28.29 -0.28 12.95
C ALA D 343 28.82 -1.51 12.18
N ILE D 344 30.14 -1.68 12.20
CA ILE D 344 30.84 -2.85 11.74
C ILE D 344 31.51 -3.36 12.99
N ILE D 345 31.10 -4.52 13.50
CA ILE D 345 31.69 -5.09 14.70
C ILE D 345 32.78 -6.05 14.24
N VAL D 346 34.01 -5.82 14.67
CA VAL D 346 35.14 -6.65 14.26
C VAL D 346 35.89 -7.23 15.44
N LEU D 347 36.26 -8.52 15.35
CA LEU D 347 37.05 -9.16 16.40
C LEU D 347 38.49 -9.01 15.95
N THR D 348 39.35 -8.48 16.83
CA THR D 348 40.75 -8.28 16.46
C THR D 348 41.71 -8.58 17.62
N THR D 349 42.89 -9.13 17.31
CA THR D 349 43.88 -9.44 18.34
C THR D 349 44.93 -8.33 18.37
N THR D 350 45.42 -7.92 17.21
CA THR D 350 46.43 -6.88 17.08
C THR D 350 45.86 -5.53 16.69
N GLY D 351 44.58 -5.47 16.28
CA GLY D 351 43.96 -4.26 15.77
C GLY D 351 44.00 -4.15 14.26
N ARG D 352 44.78 -5.00 13.58
CA ARG D 352 44.93 -4.93 12.12
C ARG D 352 43.62 -5.04 11.34
N SER D 353 42.69 -5.95 11.71
CA SER D 353 41.43 -6.08 10.99
C SER D 353 40.60 -4.80 11.08
N ALA D 354 40.66 -4.10 12.22
CA ALA D 354 39.94 -2.85 12.39
C ALA D 354 40.62 -1.74 11.56
N GLN D 355 41.95 -1.76 11.46
CA GLN D 355 42.70 -0.79 10.68
C GLN D 355 42.36 -0.91 9.20
N LEU D 356 42.27 -2.13 8.68
CA LEU D 356 41.93 -2.35 7.27
C LEU D 356 40.49 -1.95 6.96
N LEU D 357 39.59 -1.94 7.96
CA LEU D 357 38.21 -1.46 7.74
C LEU D 357 38.26 0.08 7.68
N SER D 358 38.98 0.69 8.63
CA SER D 358 39.13 2.12 8.83
C SER D 358 39.71 2.84 7.62
N ARG D 359 40.62 2.18 6.87
CA ARG D 359 41.26 2.81 5.72
C ARG D 359 40.27 3.17 4.59
N TYR D 360 39.10 2.46 4.52
CA TYR D 360 38.08 2.76 3.50
C TYR D 360 37.11 3.84 3.95
N ARG D 361 37.31 4.41 5.14
CA ARG D 361 36.52 5.50 5.70
C ARG D 361 35.03 5.22 5.68
N PRO D 362 34.59 4.11 6.28
CA PRO D 362 33.14 3.88 6.36
C PRO D 362 32.46 4.96 7.21
N ARG D 363 31.18 5.23 6.92
CA ARG D 363 30.37 6.10 7.76
C ARG D 363 29.97 5.31 9.03
N ALA D 364 29.83 3.97 8.94
CA ALA D 364 29.52 3.09 10.05
C ALA D 364 30.67 3.03 11.03
N ALA D 365 30.39 3.12 12.34
CA ALA D 365 31.41 3.04 13.38
C ALA D 365 32.03 1.64 13.35
N VAL D 366 33.35 1.55 13.56
CA VAL D 366 34.01 0.24 13.59
C VAL D 366 34.21 -0.11 15.05
N ILE D 367 33.38 -0.98 15.59
CA ILE D 367 33.46 -1.39 16.98
C ILE D 367 34.40 -2.58 17.05
N ALA D 368 35.59 -2.38 17.59
CA ALA D 368 36.61 -3.41 17.64
C ALA D 368 36.66 -4.10 18.99
N VAL D 369 36.26 -5.38 19.05
CA VAL D 369 36.31 -6.15 20.29
C VAL D 369 37.63 -6.92 20.38
N THR D 370 38.38 -6.70 21.43
CA THR D 370 39.67 -7.35 21.61
C THR D 370 39.90 -7.75 23.07
N ARG D 371 40.74 -8.74 23.28
CA ARG D 371 41.17 -9.11 24.63
C ARG D 371 42.52 -8.45 24.97
N SER D 372 43.25 -7.94 23.96
CA SER D 372 44.53 -7.30 24.14
C SER D 372 44.31 -5.86 24.59
N ALA D 373 44.72 -5.53 25.83
CA ALA D 373 44.59 -4.18 26.34
C ALA D 373 45.45 -3.21 25.53
N GLN D 374 46.62 -3.64 25.06
CA GLN D 374 47.47 -2.80 24.22
C GLN D 374 46.82 -2.49 22.87
N ALA D 375 46.25 -3.50 22.19
CA ALA D 375 45.58 -3.27 20.92
C ALA D 375 44.41 -2.34 21.09
N ALA D 376 43.65 -2.51 22.18
CA ALA D 376 42.50 -1.65 22.48
C ALA D 376 42.95 -0.17 22.58
N ARG D 377 44.11 0.08 23.18
CA ARG D 377 44.63 1.43 23.28
C ARG D 377 45.14 1.95 21.95
N GLN D 378 45.91 1.12 21.24
CA GLN D 378 46.51 1.50 19.96
C GLN D 378 45.55 1.74 18.82
N VAL D 379 44.37 1.07 18.77
CA VAL D 379 43.46 1.30 17.65
C VAL D 379 42.82 2.70 17.65
N HIS D 380 43.04 3.50 18.70
CA HIS D 380 42.60 4.89 18.73
C HIS D 380 43.34 5.69 17.63
N LEU D 381 44.50 5.21 17.14
CA LEU D 381 45.21 5.85 16.07
C LEU D 381 44.42 5.83 14.77
N CYS D 382 43.45 4.89 14.59
CA CYS D 382 42.69 4.75 13.36
C CYS D 382 41.33 5.38 13.44
N ARG D 383 41.01 6.27 12.52
CA ARG D 383 39.73 6.94 12.54
C ARG D 383 38.54 6.00 12.45
N GLY D 384 37.58 6.22 13.33
CA GLY D 384 36.34 5.44 13.32
C GLY D 384 36.42 4.12 14.03
N VAL D 385 37.51 3.84 14.75
CA VAL D 385 37.62 2.58 15.50
C VAL D 385 37.35 2.84 16.96
N PHE D 386 36.35 2.17 17.52
CA PHE D 386 35.93 2.28 18.90
C PHE D 386 36.28 0.99 19.59
N PRO D 387 37.36 0.98 20.37
CA PRO D 387 37.79 -0.26 21.02
C PRO D 387 37.00 -0.67 22.25
N LEU D 388 36.67 -1.97 22.33
CA LEU D 388 36.04 -2.52 23.50
C LEU D 388 36.96 -3.60 24.03
N LEU D 389 37.40 -3.46 25.28
CA LEU D 389 38.26 -4.47 25.90
C LEU D 389 37.43 -5.53 26.57
N TYR D 390 37.53 -6.76 26.08
CA TYR D 390 36.80 -7.90 26.61
C TYR D 390 37.63 -8.59 27.69
N ARG D 391 37.06 -8.73 28.90
CA ARG D 391 37.81 -9.30 30.01
C ARG D 391 37.43 -10.71 30.42
N GLU D 392 36.37 -11.28 29.84
CA GLU D 392 35.95 -12.65 30.18
C GLU D 392 36.92 -13.74 29.77
N PRO D 393 37.09 -14.79 30.59
CA PRO D 393 37.98 -15.88 30.18
C PRO D 393 37.33 -16.70 29.05
N PRO D 394 38.17 -17.27 28.17
CA PRO D 394 37.63 -18.00 27.01
C PRO D 394 36.63 -19.11 27.33
N GLU D 395 35.61 -19.26 26.47
CA GLU D 395 34.67 -20.37 26.49
C GLU D 395 35.43 -21.59 25.96
N ALA D 396 35.00 -22.80 26.34
CA ALA D 396 35.65 -24.02 25.86
C ALA D 396 35.41 -24.18 24.34
N ILE D 397 34.19 -23.86 23.87
CA ILE D 397 33.86 -23.92 22.46
C ILE D 397 34.18 -22.58 21.81
N TRP D 398 35.13 -22.58 20.87
CA TRP D 398 35.59 -21.36 20.20
C TRP D 398 34.48 -20.56 19.52
N ALA D 399 33.56 -21.22 18.79
CA ALA D 399 32.46 -20.51 18.16
C ALA D 399 31.56 -19.80 19.17
N ASP D 400 31.42 -20.33 20.38
CA ASP D 400 30.63 -19.69 21.43
C ASP D 400 31.38 -18.49 22.00
N ASP D 401 32.72 -18.57 22.10
CA ASP D 401 33.55 -17.49 22.57
C ASP D 401 33.49 -16.30 21.58
N VAL D 402 33.42 -16.60 20.28
CA VAL D 402 33.30 -15.64 19.21
C VAL D 402 31.96 -14.94 19.36
N ASP D 403 30.86 -15.71 19.48
CA ASP D 403 29.52 -15.15 19.65
C ASP D 403 29.39 -14.28 20.90
N ARG D 404 30.00 -14.70 22.01
CA ARG D 404 29.94 -13.92 23.24
C ARG D 404 30.61 -12.56 23.06
N ARG D 405 31.72 -12.52 22.34
CA ARG D 405 32.39 -11.28 22.06
C ARG D 405 31.56 -10.35 21.18
N VAL D 406 30.91 -10.90 20.12
CA VAL D 406 30.06 -10.15 19.22
C VAL D 406 28.88 -9.58 20.00
N GLN D 407 28.29 -10.37 20.93
CA GLN D 407 27.20 -9.88 21.79
C GLN D 407 27.68 -8.78 22.72
N PHE D 408 28.91 -8.89 23.23
CA PHE D 408 29.50 -7.84 24.04
C PHE D 408 29.61 -6.52 23.24
N GLY D 409 29.92 -6.63 21.94
CA GLY D 409 29.99 -5.52 21.03
C GLY D 409 28.62 -4.88 20.83
N ILE D 410 27.58 -5.70 20.70
CA ILE D 410 26.22 -5.22 20.52
C ILE D 410 25.70 -4.54 21.80
N GLU D 411 25.92 -5.16 22.97
CA GLU D 411 25.49 -4.62 24.26
C GLU D 411 26.20 -3.34 24.62
N SER D 412 27.50 -3.24 24.33
CA SER D 412 28.21 -1.99 24.57
C SER D 412 27.71 -0.91 23.61
N GLY D 413 27.49 -1.28 22.35
CA GLY D 413 27.00 -0.38 21.32
C GLY D 413 25.63 0.18 21.65
N LYS D 414 24.75 -0.66 22.23
CA LYS D 414 23.41 -0.24 22.63
C LYS D 414 23.49 0.72 23.82
N LEU D 415 24.25 0.37 24.85
CA LEU D 415 24.43 1.20 26.04
C LEU D 415 25.02 2.56 25.68
N ARG D 416 25.97 2.59 24.75
CA ARG D 416 26.63 3.84 24.37
C ARG D 416 25.91 4.65 23.30
N GLY D 417 24.80 4.16 22.76
CA GLY D 417 24.06 4.89 21.75
C GLY D 417 24.41 4.65 20.29
N PHE D 418 25.41 3.79 20.01
CA PHE D 418 25.78 3.47 18.63
C PHE D 418 24.70 2.66 17.94
N LEU D 419 24.00 1.81 18.68
CA LEU D 419 23.04 0.87 18.10
C LEU D 419 21.70 0.91 18.77
N ARG D 420 20.68 0.56 18.04
CA ARG D 420 19.32 0.41 18.54
C ARG D 420 18.71 -0.83 17.90
N VAL D 421 17.65 -1.39 18.52
CA VAL D 421 16.93 -2.54 17.97
C VAL D 421 16.38 -2.17 16.59
N GLY D 422 16.62 -3.03 15.61
CA GLY D 422 16.20 -2.76 14.25
C GLY D 422 17.34 -2.35 13.34
N ASP D 423 18.46 -1.89 13.92
CA ASP D 423 19.63 -1.50 13.12
C ASP D 423 20.29 -2.71 12.43
N LEU D 424 20.98 -2.46 11.32
CA LEU D 424 21.76 -3.49 10.67
C LEU D 424 23.22 -3.27 11.04
N VAL D 425 23.90 -4.35 11.35
CA VAL D 425 25.30 -4.33 11.70
C VAL D 425 26.05 -5.33 10.79
N ILE D 426 27.30 -5.03 10.43
CA ILE D 426 28.15 -5.94 9.68
C ILE D 426 29.11 -6.57 10.70
N VAL D 427 29.21 -7.89 10.76
CA VAL D 427 30.09 -8.55 11.73
C VAL D 427 31.28 -9.18 11.00
N VAL D 428 32.51 -8.81 11.38
CA VAL D 428 33.71 -9.28 10.75
C VAL D 428 34.50 -10.16 11.70
N THR D 429 34.66 -11.46 11.36
CA THR D 429 35.38 -12.46 12.15
C THR D 429 36.33 -13.32 11.25
N GLY D 430 37.01 -14.30 11.83
CA GLY D 430 37.90 -15.20 11.13
C GLY D 430 37.53 -16.67 11.31
N TRP D 431 38.19 -17.52 10.56
CA TRP D 431 37.86 -18.94 10.55
C TRP D 431 38.55 -19.80 11.65
N ARG D 432 39.61 -19.26 12.31
CA ARG D 432 40.36 -19.91 13.39
C ARG D 432 40.87 -18.87 14.38
N PRO D 433 41.22 -19.30 15.63
CA PRO D 433 41.83 -18.36 16.60
C PRO D 433 43.19 -17.84 16.12
N GLY D 434 43.66 -16.78 16.73
CA GLY D 434 44.93 -16.21 16.38
C GLY D 434 44.82 -15.09 15.37
N SER D 435 45.81 -14.21 15.37
CA SER D 435 45.88 -13.06 14.47
CA SER D 435 45.85 -13.06 14.45
C SER D 435 46.10 -13.49 13.02
N GLY D 436 45.56 -12.71 12.07
CA GLY D 436 45.78 -12.90 10.65
C GLY D 436 44.83 -13.76 9.89
N TYR D 437 43.75 -14.19 10.52
CA TYR D 437 42.81 -15.12 9.87
C TYR D 437 41.38 -14.60 9.67
N THR D 438 41.19 -13.26 9.66
CA THR D 438 39.89 -12.66 9.35
C THR D 438 39.53 -12.98 7.91
N ASN D 439 38.29 -13.45 7.71
CA ASN D 439 37.86 -13.78 6.35
C ASN D 439 36.33 -13.85 6.20
N ILE D 440 35.56 -13.51 7.24
CA ILE D 440 34.11 -13.64 7.20
C ILE D 440 33.45 -12.30 7.46
N MET D 441 32.45 -11.97 6.67
CA MET D 441 31.63 -10.78 6.79
C MET D 441 30.16 -11.26 6.90
N ARG D 442 29.43 -10.85 7.93
CA ARG D 442 28.05 -11.27 8.15
C ARG D 442 27.05 -10.10 8.36
N VAL D 443 25.88 -10.11 7.69
CA VAL D 443 24.86 -9.04 7.86
C VAL D 443 23.97 -9.40 9.02
N LEU D 444 23.94 -8.58 10.07
CA LEU D 444 23.19 -8.92 11.28
C LEU D 444 22.14 -7.87 11.64
N SER D 445 20.95 -8.31 12.07
CA SER D 445 19.90 -7.38 12.49
C SER D 445 19.91 -7.30 14.00
N ILE D 446 19.94 -6.09 14.56
CA ILE D 446 19.97 -5.90 16.01
C ILE D 446 18.65 -6.22 16.67
N SER D 447 18.65 -7.17 17.61
CA SER D 447 17.44 -7.56 18.32
C SER D 447 17.48 -7.14 19.81
N ALA E 25 -11.21 -4.00 32.53
CA ALA E 25 -12.52 -3.35 32.50
C ALA E 25 -13.68 -4.31 32.73
N PHE E 26 -14.80 -3.78 33.26
CA PHE E 26 -16.02 -4.54 33.52
C PHE E 26 -16.55 -5.12 32.19
N PHE E 27 -16.53 -4.31 31.13
CA PHE E 27 -17.06 -4.70 29.83
C PHE E 27 -16.11 -5.60 29.02
N GLN E 28 -14.91 -5.90 29.52
CA GLN E 28 -14.00 -6.83 28.85
C GLN E 28 -14.08 -8.26 29.45
N GLN E 29 -14.52 -8.36 30.73
CA GLN E 29 -14.70 -9.65 31.42
C GLN E 29 -16.00 -10.34 30.96
N GLN E 30 -16.20 -11.62 31.38
CA GLN E 30 -17.34 -12.49 31.16
C GLN E 30 -17.92 -12.47 29.72
N GLN E 31 -17.02 -12.41 28.70
CA GLN E 31 -17.34 -12.39 27.27
C GLN E 31 -18.39 -11.33 26.92
N LEU E 32 -18.35 -10.17 27.59
CA LEU E 32 -19.33 -9.11 27.33
C LEU E 32 -19.23 -8.57 25.91
N PRO E 33 -18.04 -8.34 25.29
CA PRO E 33 -18.01 -7.96 23.86
C PRO E 33 -18.73 -9.01 22.98
N ALA E 34 -18.49 -10.31 23.21
CA ALA E 34 -19.14 -11.37 22.46
C ALA E 34 -20.66 -11.45 22.70
N ALA E 35 -21.12 -11.14 23.94
CA ALA E 35 -22.54 -11.17 24.31
C ALA E 35 -23.35 -10.04 23.67
N MET E 36 -22.68 -8.88 23.38
CA MET E 36 -23.27 -7.69 22.77
C MET E 36 -23.24 -7.73 21.22
N ALA E 37 -22.62 -8.74 20.60
CA ALA E 37 -22.50 -8.79 19.14
C ALA E 37 -23.84 -8.78 18.40
N ASP E 38 -23.87 -8.20 17.19
CA ASP E 38 -25.11 -8.09 16.41
C ASP E 38 -25.50 -9.38 15.69
N THR E 39 -24.55 -10.29 15.48
CA THR E 39 -24.82 -11.57 14.84
C THR E 39 -24.12 -12.68 15.63
N PHE E 40 -24.56 -13.92 15.43
CA PHE E 40 -23.94 -15.08 16.06
C PHE E 40 -22.51 -15.26 15.52
N LEU E 41 -22.28 -14.96 14.23
CA LEU E 41 -20.94 -15.05 13.64
C LEU E 41 -19.99 -14.08 14.35
N GLU E 42 -20.42 -12.82 14.56
CA GLU E 42 -19.62 -11.81 15.26
CA GLU E 42 -19.60 -11.83 15.25
C GLU E 42 -19.39 -12.23 16.72
N HIS E 43 -20.41 -12.84 17.35
CA HIS E 43 -20.33 -13.35 18.73
C HIS E 43 -19.19 -14.37 18.84
N LEU E 44 -19.12 -15.33 17.89
CA LEU E 44 -18.07 -16.35 17.88
C LEU E 44 -16.70 -15.68 17.68
N CYS E 45 -16.61 -14.75 16.73
CA CYS E 45 -15.36 -14.08 16.42
C CYS E 45 -14.82 -13.28 17.61
N LEU E 46 -15.71 -12.80 18.49
CA LEU E 46 -15.32 -12.00 19.64
C LEU E 46 -15.04 -12.81 20.91
N LEU E 47 -15.20 -14.14 20.92
CA LEU E 47 -14.91 -14.95 22.10
C LEU E 47 -13.42 -14.85 22.42
N ASP E 48 -13.09 -14.62 23.69
CA ASP E 48 -11.73 -14.31 24.11
C ASP E 48 -11.30 -15.21 25.25
N ILE E 49 -10.20 -15.96 25.08
CA ILE E 49 -9.70 -16.82 26.16
C ILE E 49 -9.19 -16.01 27.37
N ASP E 50 -8.84 -14.74 27.16
CA ASP E 50 -8.38 -13.82 28.21
C ASP E 50 -9.53 -13.11 28.94
N SER E 51 -10.77 -13.27 28.48
CA SER E 51 -11.93 -12.66 29.12
C SER E 51 -12.37 -13.59 30.23
N GLU E 52 -12.07 -13.24 31.50
CA GLU E 52 -12.34 -14.11 32.64
C GLU E 52 -13.78 -14.13 33.12
N PRO E 53 -14.28 -15.32 33.54
CA PRO E 53 -15.66 -15.37 34.05
C PRO E 53 -15.74 -14.69 35.42
N VAL E 54 -16.80 -13.90 35.65
CA VAL E 54 -16.99 -13.23 36.92
C VAL E 54 -18.19 -13.79 37.67
N ALA E 55 -19.25 -14.13 36.96
CA ALA E 55 -20.47 -14.66 37.58
C ALA E 55 -20.28 -16.04 38.23
N ALA E 56 -21.13 -16.32 39.23
CA ALA E 56 -21.10 -17.61 39.92
C ALA E 56 -21.57 -18.70 38.92
N ARG E 57 -21.06 -19.92 39.07
CA ARG E 57 -21.42 -21.02 38.19
C ARG E 57 -22.90 -21.36 38.37
N SER E 58 -23.67 -21.25 37.29
CA SER E 58 -25.11 -21.43 37.33
C SER E 58 -25.61 -22.85 36.96
N THR E 59 -24.84 -23.64 36.20
CA THR E 59 -25.29 -24.98 35.81
C THR E 59 -24.93 -25.92 36.95
N SER E 60 -25.93 -26.61 37.55
CA SER E 60 -25.67 -27.49 38.67
C SER E 60 -24.94 -28.76 38.28
N ILE E 61 -24.16 -29.28 39.23
CA ILE E 61 -23.41 -30.51 39.02
C ILE E 61 -24.06 -31.62 39.84
N ILE E 62 -24.41 -32.72 39.19
CA ILE E 62 -24.96 -33.89 39.86
C ILE E 62 -23.84 -34.91 39.93
N ALA E 63 -23.47 -35.36 41.14
CA ALA E 63 -22.40 -36.35 41.26
C ALA E 63 -22.96 -37.65 41.77
N THR E 64 -22.60 -38.77 41.13
CA THR E 64 -23.10 -40.08 41.56
C THR E 64 -22.28 -40.59 42.74
N ILE E 65 -22.95 -40.99 43.82
CA ILE E 65 -22.30 -41.49 45.02
C ILE E 65 -22.02 -42.99 44.89
N GLY E 66 -20.79 -43.39 45.23
CA GLY E 66 -20.35 -44.79 45.19
C GLY E 66 -19.14 -44.98 46.08
N PRO E 67 -18.44 -46.12 45.93
CA PRO E 67 -17.26 -46.38 46.77
C PRO E 67 -16.21 -45.27 46.80
N ALA E 68 -16.00 -44.59 45.65
CA ALA E 68 -15.02 -43.50 45.54
C ALA E 68 -15.46 -42.17 46.13
N SER E 69 -16.76 -42.02 46.46
CA SER E 69 -17.27 -40.74 46.96
C SER E 69 -18.26 -40.91 48.12
N ARG E 70 -18.05 -41.92 48.98
CA ARG E 70 -18.99 -42.20 50.07
C ARG E 70 -18.58 -41.68 51.42
N SER E 71 -17.28 -41.55 51.66
CA SER E 71 -16.80 -41.07 52.96
C SER E 71 -17.25 -39.64 53.22
N VAL E 72 -17.54 -39.31 54.49
CA VAL E 72 -17.97 -37.97 54.89
C VAL E 72 -16.90 -36.93 54.54
N GLU E 73 -15.63 -37.26 54.72
CA GLU E 73 -14.52 -36.37 54.42
C GLU E 73 -14.39 -36.11 52.91
N ARG E 74 -14.61 -37.16 52.10
CA ARG E 74 -14.56 -37.08 50.64
C ARG E 74 -15.75 -36.25 50.13
N LEU E 75 -16.93 -36.45 50.70
CA LEU E 75 -18.14 -35.71 50.37
C LEU E 75 -18.03 -34.23 50.70
N LYS E 76 -17.29 -33.88 51.75
CA LYS E 76 -17.07 -32.47 52.10
C LYS E 76 -16.21 -31.81 51.01
N GLU E 77 -15.21 -32.53 50.49
CA GLU E 77 -14.36 -32.03 49.42
C GLU E 77 -15.16 -31.84 48.13
N MET E 78 -16.12 -32.74 47.86
CA MET E 78 -16.95 -32.64 46.67
CA MET E 78 -16.95 -32.63 46.66
C MET E 78 -17.95 -31.48 46.76
N ILE E 79 -18.43 -31.18 47.98
CA ILE E 79 -19.34 -30.06 48.20
C ILE E 79 -18.56 -28.77 47.93
N LYS E 80 -17.33 -28.68 48.45
CA LYS E 80 -16.47 -27.53 48.24
C LYS E 80 -16.09 -27.37 46.75
N ALA E 81 -15.90 -28.50 46.03
CA ALA E 81 -15.57 -28.50 44.61
C ALA E 81 -16.75 -28.05 43.73
N GLY E 82 -17.99 -28.19 44.22
CA GLY E 82 -19.16 -27.72 43.50
C GLY E 82 -20.35 -28.64 43.36
N MET E 83 -20.33 -29.82 43.99
CA MET E 83 -21.46 -30.75 43.89
C MET E 83 -22.74 -30.11 44.48
N ASN E 84 -23.84 -30.12 43.71
CA ASN E 84 -25.12 -29.54 44.14
C ASN E 84 -26.17 -30.61 44.40
N ILE E 85 -26.09 -31.73 43.68
CA ILE E 85 -27.05 -32.83 43.80
C ILE E 85 -26.27 -34.13 43.91
N ALA E 86 -26.61 -34.97 44.90
CA ALA E 86 -25.99 -36.28 45.08
C ALA E 86 -26.92 -37.33 44.48
N ARG E 87 -26.43 -38.12 43.53
CA ARG E 87 -27.25 -39.14 42.89
C ARG E 87 -26.98 -40.53 43.47
N LEU E 88 -28.04 -41.23 43.85
CA LEU E 88 -27.93 -42.59 44.37
C LEU E 88 -28.43 -43.53 43.29
N ASN E 89 -27.54 -44.35 42.75
CA ASN E 89 -27.93 -45.26 41.68
C ASN E 89 -28.45 -46.55 42.26
N PHE E 90 -29.78 -46.73 42.24
CA PHE E 90 -30.41 -47.92 42.78
C PHE E 90 -30.28 -49.17 41.89
N SER E 91 -29.53 -49.08 40.79
CA SER E 91 -29.22 -50.26 39.98
C SER E 91 -28.18 -51.15 40.69
N HIS E 92 -27.45 -50.60 41.69
CA HIS E 92 -26.43 -51.30 42.46
C HIS E 92 -26.60 -50.98 43.95
N GLY E 93 -26.24 -51.91 44.81
CA GLY E 93 -26.32 -51.70 46.24
C GLY E 93 -27.68 -51.95 46.88
N SER E 94 -27.65 -52.26 48.16
CA SER E 94 -28.86 -52.53 48.93
C SER E 94 -29.45 -51.24 49.53
N HIS E 95 -30.65 -51.35 50.13
CA HIS E 95 -31.28 -50.23 50.82
C HIS E 95 -30.39 -49.77 51.99
N GLU E 96 -29.74 -50.71 52.69
CA GLU E 96 -28.84 -50.40 53.80
C GLU E 96 -27.65 -49.57 53.32
N TYR E 97 -27.10 -49.93 52.16
CA TYR E 97 -25.98 -49.24 51.53
C TYR E 97 -26.37 -47.79 51.18
N HIS E 98 -27.54 -47.61 50.55
CA HIS E 98 -28.03 -46.29 50.15
C HIS E 98 -28.42 -45.43 51.33
N ALA E 99 -28.95 -46.02 52.40
CA ALA E 99 -29.30 -45.26 53.61
C ALA E 99 -28.03 -44.69 54.25
N GLU E 100 -26.92 -45.46 54.23
CA GLU E 100 -25.65 -44.99 54.78
C GLU E 100 -25.09 -43.88 53.90
N SER E 101 -25.26 -43.99 52.55
CA SER E 101 -24.84 -42.96 51.60
C SER E 101 -25.59 -41.66 51.90
N ILE E 102 -26.92 -41.74 52.10
CA ILE E 102 -27.77 -40.60 52.42
C ILE E 102 -27.31 -39.94 53.73
N ALA E 103 -27.06 -40.76 54.77
CA ALA E 103 -26.61 -40.26 56.06
C ALA E 103 -25.27 -39.56 55.98
N ASN E 104 -24.35 -40.10 55.14
CA ASN E 104 -23.02 -39.50 54.95
C ASN E 104 -23.11 -38.18 54.20
N VAL E 105 -24.01 -38.09 53.20
CA VAL E 105 -24.21 -36.85 52.47
C VAL E 105 -24.76 -35.79 53.44
N ARG E 106 -25.81 -36.12 54.19
CA ARG E 106 -26.40 -35.20 55.17
C ARG E 106 -25.39 -34.75 56.22
N GLU E 107 -24.52 -35.65 56.69
CA GLU E 107 -23.50 -35.30 57.67
C GLU E 107 -22.50 -34.31 57.10
N ALA E 108 -22.04 -34.57 55.86
CA ALA E 108 -21.10 -33.65 55.18
C ALA E 108 -21.75 -32.28 54.88
N VAL E 109 -23.03 -32.26 54.46
CA VAL E 109 -23.75 -31.01 54.17
C VAL E 109 -23.96 -30.20 55.44
N GLU E 110 -24.40 -30.85 56.52
CA GLU E 110 -24.66 -30.15 57.79
C GLU E 110 -23.41 -29.70 58.52
N SER E 111 -22.22 -30.19 58.12
CA SER E 111 -20.97 -29.73 58.73
C SER E 111 -20.68 -28.24 58.40
N PHE E 112 -21.38 -27.64 57.42
CA PHE E 112 -21.22 -26.24 57.06
C PHE E 112 -22.43 -25.37 57.54
N ALA E 113 -23.46 -25.98 58.22
CA ALA E 113 -24.68 -25.31 58.70
C ALA E 113 -24.48 -24.31 59.83
N GLY E 114 -23.29 -24.32 60.43
CA GLY E 114 -22.93 -23.39 61.50
C GLY E 114 -22.87 -21.95 61.03
N SER E 115 -22.65 -21.74 59.74
CA SER E 115 -22.61 -20.41 59.14
C SER E 115 -23.77 -20.33 58.14
N PRO E 116 -24.97 -19.89 58.58
CA PRO E 116 -26.14 -19.84 57.68
C PRO E 116 -26.02 -18.95 56.42
N LEU E 117 -25.20 -17.88 56.49
CA LEU E 117 -25.00 -16.98 55.36
C LEU E 117 -24.16 -17.63 54.22
N SER E 118 -23.46 -18.75 54.50
CA SER E 118 -22.65 -19.42 53.47
C SER E 118 -23.02 -20.92 53.25
N TYR E 119 -23.97 -21.46 54.02
CA TYR E 119 -24.40 -22.86 53.93
C TYR E 119 -24.91 -23.22 52.53
N ARG E 120 -24.42 -24.34 51.99
CA ARG E 120 -24.87 -24.77 50.67
C ARG E 120 -25.74 -26.01 50.73
N PRO E 121 -27.05 -25.86 50.42
CA PRO E 121 -27.92 -27.04 50.40
C PRO E 121 -27.53 -28.03 49.30
N VAL E 122 -27.69 -29.34 49.52
CA VAL E 122 -27.36 -30.35 48.51
C VAL E 122 -28.57 -31.28 48.38
N ALA E 123 -29.13 -31.39 47.17
CA ALA E 123 -30.28 -32.25 46.94
C ALA E 123 -29.86 -33.74 46.90
N ILE E 124 -30.79 -34.63 47.20
CA ILE E 124 -30.54 -36.06 47.11
C ILE E 124 -31.51 -36.63 46.08
N ALA E 125 -30.96 -37.25 45.04
CA ALA E 125 -31.75 -37.81 43.96
C ALA E 125 -31.62 -39.31 43.94
N LEU E 126 -32.74 -40.01 43.76
CA LEU E 126 -32.78 -41.45 43.69
C LEU E 126 -32.96 -41.84 42.23
N ASP E 127 -31.97 -42.53 41.65
CA ASP E 127 -32.07 -42.99 40.27
C ASP E 127 -32.57 -44.45 40.31
N THR E 128 -33.76 -44.71 39.77
CA THR E 128 -34.34 -46.06 39.82
C THR E 128 -33.63 -47.07 38.93
N LYS E 129 -33.76 -48.38 39.26
CA LYS E 129 -33.18 -49.47 38.51
C LYS E 129 -33.85 -49.58 37.13
N GLY E 130 -35.16 -49.41 37.08
CA GLY E 130 -35.91 -49.44 35.83
C GLY E 130 -36.79 -50.66 35.62
N PRO E 131 -37.54 -50.67 34.53
CA PRO E 131 -38.43 -51.82 34.24
C PRO E 131 -37.66 -53.03 33.71
N GLY E 136 -43.97 -52.03 32.48
CA GLY E 136 -44.16 -50.84 33.30
C GLY E 136 -43.33 -50.87 34.57
N LEU E 137 -43.86 -50.26 35.65
CA LEU E 137 -43.17 -50.16 36.95
C LEU E 137 -42.90 -51.52 37.60
N SER E 138 -41.61 -51.85 37.77
CA SER E 138 -41.20 -53.11 38.39
C SER E 138 -41.48 -53.13 39.91
N GLU E 139 -41.48 -54.33 40.51
CA GLU E 139 -41.72 -54.47 41.95
C GLU E 139 -40.56 -53.93 42.79
N GLN E 140 -39.32 -54.03 42.26
CA GLN E 140 -38.16 -53.48 42.95
C GLN E 140 -38.24 -51.95 42.94
N ASP E 141 -38.71 -51.34 41.83
CA ASP E 141 -38.88 -49.90 41.73
C ASP E 141 -39.90 -49.42 42.75
N VAL E 142 -40.98 -50.17 42.99
CA VAL E 142 -41.99 -49.78 43.98
C VAL E 142 -41.38 -49.75 45.39
N ARG E 143 -40.54 -50.74 45.71
CA ARG E 143 -39.89 -50.80 47.01
C ARG E 143 -38.84 -49.70 47.18
N ASP E 144 -38.10 -49.40 46.10
CA ASP E 144 -37.07 -48.37 46.11
C ASP E 144 -37.68 -46.97 46.20
N LEU E 145 -38.81 -46.75 45.51
CA LEU E 145 -39.51 -45.47 45.57
C LEU E 145 -40.08 -45.23 46.97
N ARG E 146 -40.58 -46.29 47.62
CA ARG E 146 -41.07 -46.22 48.98
C ARG E 146 -39.93 -45.85 49.95
N PHE E 147 -38.74 -46.45 49.72
CA PHE E 147 -37.53 -46.17 50.48
C PHE E 147 -37.17 -44.69 50.37
N GLY E 148 -37.24 -44.15 49.15
CA GLY E 148 -36.94 -42.75 48.90
C GLY E 148 -37.85 -41.80 49.65
N VAL E 149 -39.17 -42.09 49.66
CA VAL E 149 -40.12 -41.29 50.41
C VAL E 149 -39.80 -41.35 51.91
N GLU E 150 -39.55 -42.57 52.43
CA GLU E 150 -39.21 -42.78 53.84
C GLU E 150 -37.92 -42.11 54.25
N HIS E 151 -36.97 -41.96 53.33
CA HIS E 151 -35.71 -41.30 53.63
C HIS E 151 -35.63 -39.82 53.20
N GLY E 152 -36.74 -39.27 52.72
CA GLY E 152 -36.82 -37.86 52.35
C GLY E 152 -35.98 -37.40 51.17
N VAL E 153 -35.94 -38.22 50.08
CA VAL E 153 -35.22 -37.80 48.88
C VAL E 153 -35.97 -36.64 48.23
N ASP E 154 -35.24 -35.79 47.51
CA ASP E 154 -35.84 -34.61 46.89
C ASP E 154 -36.29 -34.86 45.46
N ILE E 155 -35.55 -35.71 44.74
CA ILE E 155 -35.77 -35.96 43.33
C ILE E 155 -35.73 -37.45 43.01
N VAL E 156 -36.48 -37.87 42.00
CA VAL E 156 -36.44 -39.22 41.48
C VAL E 156 -36.03 -39.11 40.00
N PHE E 157 -34.97 -39.81 39.60
CA PHE E 157 -34.59 -39.88 38.20
C PHE E 157 -35.21 -41.21 37.77
N ALA E 158 -36.40 -41.15 37.15
CA ALA E 158 -37.11 -42.35 36.74
C ALA E 158 -36.52 -42.97 35.46
N SER E 159 -35.88 -44.14 35.59
CA SER E 159 -35.29 -44.83 34.45
C SER E 159 -36.28 -45.34 33.41
N PHE E 160 -35.83 -45.37 32.15
CA PHE E 160 -36.55 -45.84 30.96
C PHE E 160 -38.03 -45.41 30.88
N VAL E 161 -38.30 -44.09 30.96
CA VAL E 161 -39.68 -43.60 30.82
C VAL E 161 -40.03 -43.63 29.33
N ARG E 162 -41.14 -44.29 28.98
CA ARG E 162 -41.53 -44.45 27.58
C ARG E 162 -42.82 -43.75 27.22
N LYS E 163 -43.68 -43.44 28.20
CA LYS E 163 -44.97 -42.81 27.95
C LYS E 163 -45.44 -42.07 29.22
N ALA E 164 -46.49 -41.25 29.13
CA ALA E 164 -47.00 -40.49 30.27
C ALA E 164 -47.47 -41.38 31.42
N SER E 165 -47.99 -42.58 31.10
CA SER E 165 -48.47 -43.51 32.13
C SER E 165 -47.33 -44.06 33.01
N ASP E 166 -46.10 -44.08 32.50
CA ASP E 166 -44.94 -44.51 33.30
C ASP E 166 -44.66 -43.47 34.41
N VAL E 167 -44.82 -42.18 34.11
CA VAL E 167 -44.63 -41.11 35.07
C VAL E 167 -45.71 -41.17 36.14
N ALA E 168 -46.97 -41.40 35.73
CA ALA E 168 -48.10 -41.50 36.64
C ALA E 168 -47.90 -42.67 37.60
N ALA E 169 -47.32 -43.79 37.11
CA ALA E 169 -47.04 -44.97 37.93
C ALA E 169 -46.02 -44.61 39.01
N VAL E 170 -44.96 -43.87 38.65
CA VAL E 170 -43.93 -43.43 39.62
C VAL E 170 -44.55 -42.49 40.64
N ARG E 171 -45.42 -41.58 40.20
CA ARG E 171 -46.08 -40.64 41.07
C ARG E 171 -46.97 -41.38 42.09
N ALA E 172 -47.71 -42.41 41.62
CA ALA E 172 -48.58 -43.23 42.47
C ALA E 172 -47.75 -44.04 43.50
N ALA E 173 -46.60 -44.57 43.07
CA ALA E 173 -45.70 -45.32 43.96
C ALA E 173 -45.08 -44.44 45.05
N LEU E 174 -44.96 -43.13 44.80
CA LEU E 174 -44.45 -42.21 45.83
C LEU E 174 -45.52 -41.94 46.94
N GLY E 175 -46.78 -42.19 46.63
CA GLY E 175 -47.90 -42.05 47.56
C GLY E 175 -48.22 -40.63 47.97
N PRO E 176 -49.13 -40.50 48.95
CA PRO E 176 -49.52 -39.16 49.41
C PRO E 176 -48.40 -38.39 50.11
N GLU E 177 -47.47 -39.11 50.75
CA GLU E 177 -46.36 -38.46 51.44
C GLU E 177 -45.24 -37.95 50.52
N GLY E 178 -45.19 -38.44 49.28
CA GLY E 178 -44.16 -38.04 48.33
C GLY E 178 -44.64 -37.11 47.24
N HIS E 179 -45.66 -36.28 47.55
CA HIS E 179 -46.22 -35.35 46.58
C HIS E 179 -45.24 -34.22 46.19
N GLY E 180 -44.34 -33.86 47.11
CA GLY E 180 -43.38 -32.79 46.87
C GLY E 180 -42.12 -33.20 46.12
N ILE E 181 -41.90 -34.52 45.94
CA ILE E 181 -40.71 -35.02 45.25
C ILE E 181 -40.78 -34.72 43.74
N LYS E 182 -39.66 -34.26 43.15
CA LYS E 182 -39.62 -33.94 41.72
C LYS E 182 -39.36 -35.20 40.93
N ILE E 183 -40.10 -35.42 39.84
CA ILE E 183 -39.88 -36.57 38.99
C ILE E 183 -39.21 -36.10 37.70
N ILE E 184 -37.96 -36.48 37.52
CA ILE E 184 -37.17 -36.16 36.33
C ILE E 184 -37.18 -37.43 35.50
N SER E 185 -37.86 -37.42 34.34
CA SER E 185 -37.94 -38.62 33.50
C SER E 185 -36.69 -38.82 32.65
N LYS E 186 -36.10 -40.01 32.73
CA LYS E 186 -34.94 -40.35 31.91
C LYS E 186 -35.41 -40.86 30.56
N ILE E 187 -34.99 -40.19 29.47
CA ILE E 187 -35.33 -40.64 28.12
C ILE E 187 -34.14 -41.46 27.66
N GLU E 188 -34.33 -42.78 27.53
CA GLU E 188 -33.23 -43.70 27.21
C GLU E 188 -33.46 -44.56 25.96
N ASN E 189 -34.58 -44.38 25.25
CA ASN E 189 -34.86 -45.21 24.06
C ASN E 189 -35.67 -44.47 23.00
N HIS E 190 -35.87 -45.08 21.82
CA HIS E 190 -36.62 -44.50 20.72
C HIS E 190 -38.05 -44.10 21.12
N GLU E 191 -38.75 -44.94 21.89
CA GLU E 191 -40.12 -44.64 22.30
C GLU E 191 -40.21 -43.41 23.18
N GLY E 192 -39.28 -43.24 24.10
CA GLY E 192 -39.23 -42.07 24.96
C GLY E 192 -39.00 -40.80 24.17
N VAL E 193 -38.15 -40.87 23.13
CA VAL E 193 -37.87 -39.72 22.26
C VAL E 193 -39.12 -39.37 21.45
N LYS E 194 -39.81 -40.39 20.92
CA LYS E 194 -41.01 -40.17 20.11
C LYS E 194 -42.21 -39.69 20.91
N ARG E 195 -42.34 -40.16 22.15
CA ARG E 195 -43.42 -39.73 23.02
C ARG E 195 -43.00 -38.60 23.99
N PHE E 196 -41.88 -37.90 23.68
CA PHE E 196 -41.31 -36.84 24.50
C PHE E 196 -42.29 -35.78 24.99
N ASP E 197 -43.11 -35.21 24.11
CA ASP E 197 -44.03 -34.15 24.50
C ASP E 197 -45.01 -34.56 25.59
N GLU E 198 -45.57 -35.78 25.50
CA GLU E 198 -46.52 -36.27 26.50
C GLU E 198 -45.81 -36.60 27.82
N ILE E 199 -44.55 -37.04 27.77
CA ILE E 199 -43.76 -37.33 28.95
C ILE E 199 -43.37 -36.03 29.67
N LEU E 200 -42.89 -35.03 28.92
CA LEU E 200 -42.50 -33.74 29.49
C LEU E 200 -43.69 -33.03 30.13
N GLU E 201 -44.88 -33.15 29.54
CA GLU E 201 -46.09 -32.52 30.05
C GLU E 201 -46.42 -32.94 31.47
N VAL E 202 -46.23 -34.22 31.78
CA VAL E 202 -46.53 -34.75 33.12
C VAL E 202 -45.30 -34.87 34.05
N SER E 203 -44.08 -34.59 33.53
CA SER E 203 -42.87 -34.66 34.36
C SER E 203 -42.47 -33.28 34.87
N ASP E 204 -41.64 -33.27 35.91
CA ASP E 204 -41.10 -32.01 36.40
C ASP E 204 -39.87 -31.57 35.56
N GLY E 205 -39.23 -32.52 34.90
CA GLY E 205 -38.07 -32.30 34.07
C GLY E 205 -37.62 -33.57 33.36
N ILE E 206 -36.50 -33.48 32.65
CA ILE E 206 -36.00 -34.58 31.84
C ILE E 206 -34.52 -34.80 32.04
N MET E 207 -34.09 -36.05 31.86
CA MET E 207 -32.68 -36.38 31.84
C MET E 207 -32.40 -37.00 30.48
N VAL E 208 -31.39 -36.50 29.77
CA VAL E 208 -30.95 -37.09 28.52
C VAL E 208 -29.94 -38.16 28.94
N ALA E 209 -30.42 -39.38 29.10
CA ALA E 209 -29.64 -40.53 29.55
C ALA E 209 -28.91 -41.12 28.33
N ARG E 210 -27.78 -40.51 27.95
CA ARG E 210 -27.06 -40.85 26.74
C ARG E 210 -26.46 -42.25 26.67
N GLY E 211 -26.18 -42.88 27.81
CA GLY E 211 -25.64 -44.23 27.84
C GLY E 211 -26.54 -45.25 27.16
N ASP E 212 -27.76 -45.43 27.70
CA ASP E 212 -28.71 -46.36 27.08
C ASP E 212 -29.23 -45.82 25.77
N LEU E 213 -29.44 -44.49 25.66
CA LEU E 213 -29.94 -43.89 24.44
C LEU E 213 -28.99 -44.18 23.24
N GLY E 214 -27.69 -44.17 23.49
CA GLY E 214 -26.66 -44.47 22.50
C GLY E 214 -26.59 -45.92 22.06
N ILE E 215 -27.28 -46.81 22.78
CA ILE E 215 -27.36 -48.23 22.44
C ILE E 215 -28.73 -48.50 21.76
N GLU E 216 -29.80 -47.81 22.23
CA GLU E 216 -31.16 -47.96 21.71
C GLU E 216 -31.34 -47.33 20.34
N ILE E 217 -30.69 -46.18 20.10
CA ILE E 217 -30.70 -45.48 18.81
C ILE E 217 -29.25 -45.41 18.28
N PRO E 218 -29.03 -45.16 16.97
CA PRO E 218 -27.64 -45.08 16.48
C PRO E 218 -26.84 -44.02 17.23
N ALA E 219 -25.59 -44.36 17.62
CA ALA E 219 -24.74 -43.46 18.38
C ALA E 219 -24.60 -42.05 17.75
N GLU E 220 -24.54 -41.99 16.42
CA GLU E 220 -24.40 -40.75 15.68
C GLU E 220 -25.65 -39.87 15.69
N LYS E 221 -26.77 -40.34 16.26
CA LYS E 221 -28.01 -39.56 16.34
C LYS E 221 -28.28 -39.01 17.76
N VAL E 222 -27.50 -39.43 18.77
CA VAL E 222 -27.73 -38.99 20.14
C VAL E 222 -27.66 -37.47 20.30
N PHE E 223 -26.67 -36.82 19.66
CA PHE E 223 -26.58 -35.35 19.73
C PHE E 223 -27.88 -34.62 19.24
N LEU E 224 -28.62 -35.22 18.27
CA LEU E 224 -29.88 -34.64 17.78
C LEU E 224 -30.93 -34.75 18.86
N ALA E 225 -31.02 -35.92 19.52
CA ALA E 225 -31.98 -36.14 20.59
C ALA E 225 -31.67 -35.23 21.76
N GLN E 226 -30.39 -35.08 22.11
CA GLN E 226 -29.96 -34.20 23.21
C GLN E 226 -30.35 -32.73 22.94
N LYS E 227 -29.99 -32.21 21.77
CA LYS E 227 -30.28 -30.82 21.42
C LYS E 227 -31.77 -30.54 21.32
N MET E 228 -32.56 -31.53 20.82
CA MET E 228 -34.01 -31.38 20.69
C MET E 228 -34.66 -31.33 22.06
N MET E 229 -34.30 -32.27 22.95
CA MET E 229 -34.89 -32.35 24.30
C MET E 229 -34.53 -31.15 25.15
N ILE E 230 -33.26 -30.69 25.06
CA ILE E 230 -32.84 -29.49 25.78
C ILE E 230 -33.63 -28.27 25.28
N GLY E 231 -33.75 -28.13 23.96
CA GLY E 231 -34.52 -27.04 23.37
C GLY E 231 -35.98 -27.04 23.81
N ARG E 232 -36.65 -28.22 23.78
CA ARG E 232 -38.04 -28.33 24.21
C ARG E 232 -38.23 -28.08 25.69
N CYS E 233 -37.26 -28.50 26.53
CA CYS E 233 -37.32 -28.23 27.97
C CYS E 233 -37.15 -26.76 28.25
N ASN E 234 -36.23 -26.10 27.52
CA ASN E 234 -36.01 -24.65 27.64
C ASN E 234 -37.27 -23.89 27.25
N LEU E 235 -37.95 -24.36 26.17
CA LEU E 235 -39.19 -23.77 25.70
C LEU E 235 -40.29 -23.92 26.78
N ALA E 236 -40.38 -25.12 27.40
CA ALA E 236 -41.34 -25.43 28.46
C ALA E 236 -41.01 -24.78 29.83
N GLY E 237 -39.78 -24.34 30.01
CA GLY E 237 -39.33 -23.77 31.26
C GLY E 237 -39.19 -24.83 32.34
N LYS E 238 -38.80 -26.07 31.96
CA LYS E 238 -38.63 -27.21 32.87
C LYS E 238 -37.19 -27.68 32.86
N PRO E 239 -36.64 -28.09 34.02
CA PRO E 239 -35.22 -28.50 34.04
C PRO E 239 -34.85 -29.68 33.15
N VAL E 240 -33.66 -29.61 32.56
CA VAL E 240 -33.14 -30.69 31.73
C VAL E 240 -31.69 -31.01 32.17
N VAL E 241 -31.39 -32.30 32.33
CA VAL E 241 -30.08 -32.76 32.77
C VAL E 241 -29.38 -33.43 31.60
N CYS E 242 -28.09 -33.11 31.37
CA CYS E 242 -27.32 -33.84 30.36
C CYS E 242 -26.49 -34.86 31.14
N ALA E 243 -26.55 -36.14 30.73
CA ALA E 243 -25.87 -37.17 31.49
C ALA E 243 -25.07 -38.16 30.66
N THR E 244 -24.07 -38.82 31.30
CA THR E 244 -23.27 -39.98 30.90
C THR E 244 -22.08 -39.72 29.97
N GLN E 245 -20.91 -40.19 30.44
CA GLN E 245 -19.61 -40.16 29.78
C GLN E 245 -19.11 -38.76 29.48
N MET E 246 -19.56 -37.75 30.23
CA MET E 246 -19.14 -36.38 30.00
C MET E 246 -17.64 -36.20 30.19
N LEU E 247 -17.06 -36.84 31.23
CA LEU E 247 -15.61 -36.79 31.50
C LEU E 247 -15.12 -38.23 31.77
N GLU E 248 -15.60 -39.20 30.97
CA GLU E 248 -15.31 -40.63 31.14
C GLU E 248 -13.86 -40.98 31.40
N SER E 249 -12.91 -40.42 30.64
CA SER E 249 -11.49 -40.73 30.82
C SER E 249 -10.95 -40.34 32.20
N MET E 250 -11.62 -39.39 32.91
CA MET E 250 -11.20 -39.01 34.26
C MET E 250 -11.47 -40.11 35.31
N ILE E 251 -12.06 -41.26 34.90
CA ILE E 251 -12.22 -42.40 35.80
C ILE E 251 -10.80 -42.93 36.14
N THR E 252 -9.86 -42.90 35.17
CA THR E 252 -8.49 -43.36 35.41
C THR E 252 -7.40 -42.29 35.21
N LYS E 253 -7.71 -41.19 34.50
CA LYS E 253 -6.72 -40.14 34.22
C LYS E 253 -7.00 -38.83 34.94
N PRO E 254 -5.95 -38.08 35.34
CA PRO E 254 -6.21 -36.83 36.10
C PRO E 254 -6.76 -35.67 35.27
N ARG E 255 -6.61 -35.71 33.94
CA ARG E 255 -7.09 -34.67 33.04
C ARG E 255 -8.00 -35.30 31.98
N PRO E 256 -9.04 -34.59 31.52
CA PRO E 256 -9.93 -35.17 30.51
C PRO E 256 -9.41 -35.00 29.09
N THR E 257 -10.05 -35.67 28.12
CA THR E 257 -9.68 -35.50 26.72
C THR E 257 -10.26 -34.15 26.19
N ARG E 258 -9.81 -33.73 25.00
CA ARG E 258 -10.32 -32.51 24.38
C ARG E 258 -11.80 -32.66 24.00
N ALA E 259 -12.25 -33.88 23.69
CA ALA E 259 -13.65 -34.13 23.35
C ALA E 259 -14.56 -34.00 24.56
N GLU E 260 -14.07 -34.42 25.73
CA GLU E 260 -14.79 -34.37 26.99
C GLU E 260 -15.02 -32.95 27.49
N THR E 261 -13.99 -32.09 27.47
CA THR E 261 -14.19 -30.69 27.88
C THR E 261 -15.17 -29.99 26.91
N SER E 262 -15.04 -30.28 25.61
CA SER E 262 -15.92 -29.76 24.57
C SER E 262 -17.36 -30.20 24.83
N ASP E 263 -17.58 -31.48 25.18
CA ASP E 263 -18.88 -32.04 25.49
C ASP E 263 -19.57 -31.32 26.65
N VAL E 264 -18.84 -31.06 27.74
CA VAL E 264 -19.40 -30.36 28.88
C VAL E 264 -19.77 -28.94 28.50
N ALA E 265 -18.86 -28.25 27.79
CA ALA E 265 -19.12 -26.87 27.35
C ALA E 265 -20.33 -26.80 26.43
N ASN E 266 -20.44 -27.77 25.51
CA ASN E 266 -21.54 -27.78 24.57
C ASN E 266 -22.86 -28.15 25.23
N ALA E 267 -22.88 -28.97 26.29
CA ALA E 267 -24.13 -29.27 26.99
C ALA E 267 -24.66 -27.98 27.66
N VAL E 268 -23.76 -27.17 28.23
CA VAL E 268 -24.11 -25.91 28.83
C VAL E 268 -24.59 -24.94 27.74
N LEU E 269 -23.85 -24.83 26.63
CA LEU E 269 -24.24 -23.93 25.54
C LEU E 269 -25.58 -24.33 24.92
N ASP E 270 -25.88 -25.64 24.87
CA ASP E 270 -27.15 -26.20 24.37
C ASP E 270 -28.33 -25.70 25.21
N GLY E 271 -28.11 -25.51 26.52
CA GLY E 271 -29.14 -25.01 27.42
C GLY E 271 -29.46 -25.92 28.59
N ALA E 272 -28.56 -26.90 28.90
CA ALA E 272 -28.80 -27.81 30.01
C ALA E 272 -28.79 -27.08 31.35
N ASP E 273 -29.76 -27.41 32.20
CA ASP E 273 -29.81 -26.83 33.53
C ASP E 273 -28.78 -27.52 34.45
N CYS E 274 -28.57 -28.84 34.25
CA CYS E 274 -27.64 -29.64 35.05
C CYS E 274 -26.74 -30.48 34.19
N ILE E 275 -25.53 -30.75 34.68
CA ILE E 275 -24.59 -31.67 34.06
C ILE E 275 -24.29 -32.76 35.11
N MET E 276 -24.06 -33.99 34.66
CA MET E 276 -23.90 -35.11 35.57
C MET E 276 -22.59 -35.86 35.44
N LEU E 277 -22.15 -36.46 36.54
CA LEU E 277 -20.98 -37.33 36.59
C LEU E 277 -21.47 -38.68 37.12
N SER E 278 -21.12 -39.79 36.44
CA SER E 278 -21.55 -41.12 36.88
C SER E 278 -20.36 -41.90 37.49
N GLY E 279 -19.69 -42.75 36.71
CA GLY E 279 -18.52 -43.50 37.15
C GLY E 279 -17.37 -42.62 37.56
N GLU E 280 -17.28 -41.40 36.99
CA GLU E 280 -16.24 -40.42 37.29
C GLU E 280 -16.20 -40.11 38.78
N THR E 281 -17.36 -40.10 39.47
CA THR E 281 -17.40 -39.84 40.92
C THR E 281 -17.70 -41.12 41.70
N ALA E 282 -18.59 -41.96 41.18
CA ALA E 282 -18.98 -43.18 41.87
C ALA E 282 -17.82 -44.17 42.07
N LYS E 283 -17.02 -44.44 41.04
CA LYS E 283 -15.96 -45.43 41.14
C LYS E 283 -14.57 -45.00 40.66
N GLY E 284 -14.45 -43.78 40.16
CA GLY E 284 -13.20 -43.32 39.58
C GLY E 284 -12.13 -42.94 40.56
N ASN E 285 -10.91 -42.73 40.08
CA ASN E 285 -9.78 -42.35 40.90
C ASN E 285 -9.68 -40.84 41.15
N PHE E 286 -10.47 -40.01 40.43
CA PHE E 286 -10.40 -38.56 40.60
C PHE E 286 -11.81 -37.96 40.76
N PRO E 287 -12.64 -38.40 41.75
CA PRO E 287 -13.99 -37.85 41.88
C PRO E 287 -14.05 -36.34 42.13
N VAL E 288 -13.17 -35.83 43.00
CA VAL E 288 -13.14 -34.40 43.31
C VAL E 288 -12.65 -33.59 42.12
N GLU E 289 -11.64 -34.10 41.41
CA GLU E 289 -11.09 -33.43 40.23
C GLU E 289 -12.11 -33.38 39.07
N ALA E 290 -12.96 -34.41 38.95
CA ALA E 290 -14.01 -34.46 37.94
C ALA E 290 -15.05 -33.35 38.22
N VAL E 291 -15.40 -33.14 39.51
CA VAL E 291 -16.34 -32.09 39.89
C VAL E 291 -15.71 -30.72 39.62
N LYS E 292 -14.42 -30.56 39.98
CA LYS E 292 -13.71 -29.31 39.75
C LYS E 292 -13.64 -28.94 38.27
N MET E 293 -13.43 -29.96 37.41
CA MET E 293 -13.34 -29.78 35.97
C MET E 293 -14.68 -29.33 35.40
N GLN E 294 -15.79 -29.98 35.81
CA GLN E 294 -17.13 -29.58 35.36
C GLN E 294 -17.45 -28.17 35.80
N HIS E 295 -17.03 -27.80 37.03
CA HIS E 295 -17.26 -26.45 37.55
C HIS E 295 -16.54 -25.43 36.68
N ALA E 296 -15.24 -25.68 36.39
CA ALA E 296 -14.41 -24.79 35.60
C ALA E 296 -14.96 -24.58 34.17
N ILE E 297 -15.35 -25.67 33.50
CA ILE E 297 -15.90 -25.60 32.14
C ILE E 297 -17.24 -24.87 32.14
N ALA E 298 -18.16 -25.24 33.06
CA ALA E 298 -19.47 -24.60 33.10
C ALA E 298 -19.40 -23.08 33.26
N ARG E 299 -18.50 -22.59 34.14
CA ARG E 299 -18.33 -21.15 34.31
C ARG E 299 -17.93 -20.45 33.01
N GLU E 300 -16.98 -21.06 32.25
CA GLU E 300 -16.50 -20.52 30.99
C GLU E 300 -17.63 -20.52 29.95
N ALA E 301 -18.34 -21.65 29.84
CA ALA E 301 -19.43 -21.82 28.88
C ALA E 301 -20.60 -20.89 29.16
N GLU E 302 -20.93 -20.64 30.44
CA GLU E 302 -22.04 -19.73 30.77
C GLU E 302 -21.75 -18.29 30.33
N ALA E 303 -20.51 -17.84 30.49
CA ALA E 303 -20.14 -16.50 30.03
C ALA E 303 -20.19 -16.39 28.50
N ALA E 304 -19.95 -17.50 27.77
CA ALA E 304 -20.00 -17.53 26.30
C ALA E 304 -21.41 -17.67 25.72
N VAL E 305 -22.47 -17.67 26.56
CA VAL E 305 -23.83 -17.76 26.07
C VAL E 305 -24.18 -16.45 25.35
N TYR E 306 -24.80 -16.54 24.16
CA TYR E 306 -25.15 -15.38 23.35
C TYR E 306 -26.50 -14.83 23.81
N HIS E 307 -26.53 -14.17 24.97
CA HIS E 307 -27.76 -13.64 25.57
C HIS E 307 -28.57 -12.74 24.68
N ARG E 308 -27.93 -11.96 23.79
CA ARG E 308 -28.65 -11.05 22.92
C ARG E 308 -29.75 -11.74 22.09
N GLN E 309 -29.39 -12.84 21.40
CA GLN E 309 -30.39 -13.56 20.64
C GLN E 309 -31.20 -14.51 21.55
N LEU E 310 -30.54 -15.14 22.53
CA LEU E 310 -31.19 -16.08 23.45
C LEU E 310 -32.37 -15.43 24.19
N PHE E 311 -32.19 -14.26 24.79
CA PHE E 311 -33.27 -13.60 25.51
C PHE E 311 -34.39 -13.21 24.58
N GLU E 312 -34.04 -12.71 23.39
CA GLU E 312 -35.05 -12.37 22.38
C GLU E 312 -35.92 -13.56 22.00
N GLU E 313 -35.28 -14.71 21.78
CA GLU E 313 -36.00 -15.91 21.41
C GLU E 313 -36.82 -16.49 22.55
N LEU E 314 -36.28 -16.48 23.79
CA LEU E 314 -37.04 -17.00 24.94
C LEU E 314 -38.25 -16.11 25.19
N ARG E 315 -38.05 -14.80 25.13
CA ARG E 315 -39.07 -13.76 25.24
C ARG E 315 -40.23 -14.02 24.21
N ARG E 316 -39.90 -14.19 22.91
CA ARG E 316 -40.87 -14.39 21.84
C ARG E 316 -41.56 -15.75 21.95
N ALA E 317 -40.82 -16.81 22.30
CA ALA E 317 -41.38 -18.16 22.41
C ALA E 317 -42.32 -18.34 23.59
N ALA E 318 -42.02 -17.70 24.74
CA ALA E 318 -42.85 -17.85 25.94
C ALA E 318 -44.19 -17.21 25.68
N PRO E 319 -45.28 -17.95 25.90
CA PRO E 319 -46.60 -17.41 25.57
C PRO E 319 -47.05 -16.24 26.40
N LEU E 320 -48.04 -15.49 25.89
CA LEU E 320 -48.64 -14.37 26.64
C LEU E 320 -49.32 -14.96 27.87
N SER E 321 -49.29 -14.25 28.97
CA SER E 321 -49.81 -14.77 30.19
C SER E 321 -50.53 -13.76 31.01
N ARG E 322 -51.58 -14.17 31.69
CA ARG E 322 -52.26 -13.33 32.66
C ARG E 322 -51.92 -13.70 34.12
N ASP E 323 -50.91 -14.56 34.33
CA ASP E 323 -50.44 -14.97 35.65
C ASP E 323 -49.45 -13.93 36.11
N PRO E 324 -49.72 -13.25 37.24
CA PRO E 324 -48.80 -12.20 37.70
C PRO E 324 -47.38 -12.66 38.00
N THR E 325 -47.14 -13.92 38.37
CA THR E 325 -45.79 -14.40 38.63
C THR E 325 -45.01 -14.44 37.30
N GLU E 326 -45.66 -14.95 36.24
CA GLU E 326 -45.13 -15.06 34.89
C GLU E 326 -44.81 -13.64 34.34
N VAL E 327 -45.74 -12.68 34.56
CA VAL E 327 -45.60 -11.29 34.12
C VAL E 327 -44.47 -10.56 34.85
N THR E 328 -44.38 -10.77 36.17
CA THR E 328 -43.34 -10.14 36.99
C THR E 328 -41.97 -10.71 36.63
N ALA E 329 -41.89 -12.03 36.37
CA ALA E 329 -40.63 -12.68 36.02
C ALA E 329 -39.98 -12.10 34.76
N ILE E 330 -40.76 -11.88 33.70
CA ILE E 330 -40.21 -11.33 32.47
C ILE E 330 -39.83 -9.83 32.63
N GLY E 331 -40.63 -9.09 33.40
CA GLY E 331 -40.33 -7.69 33.67
C GLY E 331 -39.05 -7.56 34.49
N ALA E 332 -38.82 -8.49 35.45
CA ALA E 332 -37.63 -8.49 36.28
C ALA E 332 -36.38 -8.85 35.48
N VAL E 333 -36.45 -9.86 34.59
CA VAL E 333 -35.30 -10.26 33.79
C VAL E 333 -34.95 -9.13 32.80
N GLU E 334 -35.96 -8.47 32.23
CA GLU E 334 -35.78 -7.33 31.35
C GLU E 334 -35.06 -6.20 32.10
N ALA E 335 -35.52 -5.90 33.33
CA ALA E 335 -34.94 -4.85 34.18
C ALA E 335 -33.49 -5.18 34.54
N ALA E 336 -33.21 -6.45 34.88
CA ALA E 336 -31.87 -6.91 35.20
C ALA E 336 -30.91 -6.70 34.03
N PHE E 337 -31.34 -6.99 32.77
CA PHE E 337 -30.49 -6.79 31.61
C PHE E 337 -30.23 -5.29 31.34
N LYS E 338 -31.22 -4.45 31.57
CA LYS E 338 -31.13 -3.01 31.35
C LYS E 338 -30.05 -2.33 32.22
N CYS E 339 -29.82 -2.82 33.44
CA CYS E 339 -28.85 -2.20 34.35
C CYS E 339 -27.64 -3.08 34.66
N CYS E 340 -27.54 -4.28 34.06
CA CYS E 340 -26.48 -5.24 34.38
C CYS E 340 -26.51 -5.59 35.87
N ALA E 341 -27.73 -5.84 36.39
CA ALA E 341 -27.96 -6.17 37.79
C ALA E 341 -27.10 -7.34 38.22
N ALA E 342 -26.48 -7.25 39.39
CA ALA E 342 -25.63 -8.33 39.86
C ALA E 342 -26.46 -9.57 40.22
N ALA E 343 -27.71 -9.36 40.66
CA ALA E 343 -28.58 -10.43 41.08
C ALA E 343 -30.07 -10.04 41.05
N ILE E 344 -30.93 -11.06 41.04
CA ILE E 344 -32.35 -10.94 41.17
C ILE E 344 -32.64 -11.70 42.44
N ILE E 345 -33.09 -11.02 43.49
CA ILE E 345 -33.38 -11.67 44.76
C ILE E 345 -34.86 -11.95 44.77
N VAL E 346 -35.24 -13.22 44.91
CA VAL E 346 -36.65 -13.60 44.88
C VAL E 346 -37.05 -14.39 46.12
N LEU E 347 -38.23 -14.10 46.65
CA LEU E 347 -38.76 -14.83 47.79
C LEU E 347 -39.62 -15.92 47.21
N THR E 348 -39.39 -17.17 47.61
CA THR E 348 -40.17 -18.28 47.08
C THR E 348 -40.47 -19.35 48.15
N THR E 349 -41.66 -19.94 48.09
CA THR E 349 -42.05 -20.98 49.03
C THR E 349 -41.78 -22.37 48.40
N THR E 350 -42.26 -22.56 47.16
CA THR E 350 -42.11 -23.82 46.42
C THR E 350 -40.95 -23.83 45.44
N GLY E 351 -40.36 -22.67 45.16
CA GLY E 351 -39.31 -22.51 44.15
C GLY E 351 -39.84 -22.02 42.82
N ARG E 352 -41.18 -22.00 42.62
CA ARG E 352 -41.80 -21.62 41.35
C ARG E 352 -41.41 -20.21 40.83
N SER E 353 -41.41 -19.19 41.70
CA SER E 353 -41.04 -17.83 41.27
C SER E 353 -39.61 -17.77 40.76
N ALA E 354 -38.70 -18.53 41.37
CA ALA E 354 -37.31 -18.59 40.93
C ALA E 354 -37.21 -19.35 39.59
N GLN E 355 -38.02 -20.40 39.40
CA GLN E 355 -38.04 -21.19 38.18
C GLN E 355 -38.51 -20.32 37.00
N LEU E 356 -39.55 -19.51 37.19
CA LEU E 356 -40.05 -18.61 36.13
C LEU E 356 -39.06 -17.50 35.78
N LEU E 357 -38.15 -17.13 36.69
CA LEU E 357 -37.11 -16.16 36.38
C LEU E 357 -36.02 -16.88 35.56
N SER E 358 -35.63 -18.08 36.00
CA SER E 358 -34.58 -18.91 35.41
CA SER E 358 -34.58 -18.89 35.39
C SER E 358 -34.86 -19.28 33.94
N ARG E 359 -36.14 -19.46 33.57
CA ARG E 359 -36.53 -19.84 32.21
C ARG E 359 -36.14 -18.79 31.17
N TYR E 360 -36.01 -17.51 31.57
CA TYR E 360 -35.59 -16.44 30.65
C TYR E 360 -34.08 -16.30 30.53
N ARG E 361 -33.31 -17.17 31.22
CA ARG E 361 -31.86 -17.21 31.21
C ARG E 361 -31.22 -15.86 31.46
N PRO E 362 -31.52 -15.20 32.60
CA PRO E 362 -30.84 -13.94 32.89
C PRO E 362 -29.34 -14.17 33.13
N ARG E 363 -28.55 -13.15 32.87
CA ARG E 363 -27.13 -13.17 33.20
C ARG E 363 -26.99 -12.93 34.73
N ALA E 364 -27.92 -12.18 35.35
CA ALA E 364 -27.94 -11.91 36.78
C ALA E 364 -28.27 -13.21 37.53
N ALA E 365 -27.57 -13.46 38.66
CA ALA E 365 -27.82 -14.65 39.48
C ALA E 365 -29.20 -14.53 40.11
N VAL E 366 -29.96 -15.62 40.20
CA VAL E 366 -31.26 -15.59 40.85
C VAL E 366 -31.08 -16.13 42.25
N ILE E 367 -31.01 -15.23 43.24
CA ILE E 367 -30.82 -15.61 44.64
C ILE E 367 -32.20 -15.87 45.23
N ALA E 368 -32.53 -17.15 45.44
CA ALA E 368 -33.84 -17.54 45.94
C ALA E 368 -33.84 -17.74 47.45
N VAL E 369 -34.54 -16.87 48.19
CA VAL E 369 -34.66 -17.00 49.64
C VAL E 369 -35.92 -17.77 50.00
N THR E 370 -35.75 -18.91 50.66
CA THR E 370 -36.87 -19.76 51.02
C THR E 370 -36.75 -20.30 52.44
N ARG E 371 -37.91 -20.59 53.04
CA ARG E 371 -37.95 -21.25 54.35
C ARG E 371 -38.01 -22.78 54.19
N SER E 372 -38.43 -23.27 53.00
CA SER E 372 -38.57 -24.68 52.72
C SER E 372 -37.20 -25.30 52.41
N ALA E 373 -36.72 -26.22 53.27
CA ALA E 373 -35.45 -26.91 53.07
C ALA E 373 -35.49 -27.76 51.80
N GLN E 374 -36.64 -28.37 51.52
CA GLN E 374 -36.79 -29.17 50.33
C GLN E 374 -36.76 -28.32 49.07
N ALA E 375 -37.47 -27.16 49.03
CA ALA E 375 -37.44 -26.25 47.87
C ALA E 375 -36.02 -25.75 47.65
N ALA E 376 -35.29 -25.43 48.73
CA ALA E 376 -33.90 -24.97 48.62
C ALA E 376 -33.02 -26.03 47.94
N ARG E 377 -33.24 -27.31 48.23
CA ARG E 377 -32.47 -28.39 47.60
C ARG E 377 -32.92 -28.58 46.15
N GLN E 378 -34.24 -28.59 45.91
CA GLN E 378 -34.81 -28.83 44.59
C GLN E 378 -34.56 -27.72 43.53
N VAL E 379 -34.41 -26.45 43.95
CA VAL E 379 -34.15 -25.38 42.98
C VAL E 379 -32.77 -25.48 42.31
N HIS E 380 -31.91 -26.41 42.77
CA HIS E 380 -30.64 -26.68 42.09
C HIS E 380 -30.90 -27.24 40.67
N LEU E 381 -32.09 -27.78 40.41
CA LEU E 381 -32.48 -28.28 39.11
C LEU E 381 -32.59 -27.13 38.09
N CYS E 382 -32.82 -25.87 38.54
CA CYS E 382 -32.99 -24.72 37.65
C CYS E 382 -31.72 -23.90 37.51
N ARG E 383 -31.25 -23.74 36.27
CA ARG E 383 -30.03 -22.98 36.01
C ARG E 383 -30.07 -21.55 36.56
N GLY E 384 -29.01 -21.15 37.24
CA GLY E 384 -28.88 -19.80 37.76
C GLY E 384 -29.62 -19.49 39.03
N VAL E 385 -30.17 -20.50 39.70
CA VAL E 385 -30.88 -20.30 40.98
C VAL E 385 -29.96 -20.71 42.12
N PHE E 386 -29.66 -19.76 43.00
CA PHE E 386 -28.79 -19.93 44.15
C PHE E 386 -29.67 -19.92 45.39
N PRO E 387 -29.96 -21.11 45.95
CA PRO E 387 -30.86 -21.16 47.11
C PRO E 387 -30.25 -20.74 48.43
N LEU E 388 -31.00 -19.94 49.19
CA LEU E 388 -30.60 -19.55 50.53
C LEU E 388 -31.69 -20.02 51.46
N LEU E 389 -31.34 -20.93 52.40
CA LEU E 389 -32.32 -21.45 53.34
C LEU E 389 -32.40 -20.53 54.55
N TYR E 390 -33.55 -19.89 54.75
CA TYR E 390 -33.79 -18.96 55.84
C TYR E 390 -34.36 -19.74 57.03
N ARG E 391 -33.67 -19.68 58.19
CA ARG E 391 -34.08 -20.45 59.36
C ARG E 391 -34.75 -19.62 60.47
N GLU E 392 -34.82 -18.29 60.33
CA GLU E 392 -35.41 -17.42 61.36
C GLU E 392 -36.90 -17.57 61.54
N PRO E 393 -37.40 -17.42 62.79
CA PRO E 393 -38.85 -17.50 62.99
C PRO E 393 -39.55 -16.24 62.49
N PRO E 394 -40.80 -16.39 62.01
CA PRO E 394 -41.51 -15.24 61.43
C PRO E 394 -41.69 -14.04 62.33
N GLU E 395 -41.63 -12.83 61.73
CA GLU E 395 -41.89 -11.56 62.40
C GLU E 395 -43.40 -11.43 62.57
N ALA E 396 -43.85 -10.61 63.54
CA ALA E 396 -45.28 -10.41 63.76
C ALA E 396 -45.90 -9.67 62.57
N ILE E 397 -45.19 -8.66 62.05
CA ILE E 397 -45.64 -7.93 60.87
C ILE E 397 -45.07 -8.59 59.62
N TRP E 398 -45.95 -9.06 58.71
CA TRP E 398 -45.54 -9.75 57.48
C TRP E 398 -44.60 -8.93 56.59
N ALA E 399 -44.88 -7.63 56.41
CA ALA E 399 -44.01 -6.76 55.61
C ALA E 399 -42.58 -6.67 56.16
N ASP E 400 -42.42 -6.78 57.48
CA ASP E 400 -41.10 -6.77 58.11
C ASP E 400 -40.39 -8.10 57.90
N ASP E 401 -41.14 -9.22 57.92
CA ASP E 401 -40.63 -10.56 57.68
C ASP E 401 -40.11 -10.67 56.22
N VAL E 402 -40.81 -10.00 55.27
CA VAL E 402 -40.43 -9.93 53.87
C VAL E 402 -39.11 -9.17 53.75
N ASP E 403 -39.03 -7.97 54.37
CA ASP E 403 -37.80 -7.16 54.37
C ASP E 403 -36.60 -7.89 54.96
N ARG E 404 -36.84 -8.68 56.02
CA ARG E 404 -35.76 -9.42 56.66
C ARG E 404 -35.19 -10.47 55.72
N ARG E 405 -36.05 -11.13 54.95
CA ARG E 405 -35.61 -12.15 54.00
C ARG E 405 -34.87 -11.53 52.80
N VAL E 406 -35.25 -10.31 52.40
CA VAL E 406 -34.57 -9.60 51.32
C VAL E 406 -33.18 -9.22 51.81
N GLN E 407 -33.07 -8.70 53.05
CA GLN E 407 -31.78 -8.34 53.63
C GLN E 407 -30.89 -9.56 53.83
N PHE E 408 -31.47 -10.71 54.20
CA PHE E 408 -30.71 -11.96 54.33
C PHE E 408 -30.09 -12.35 52.98
N GLY E 409 -30.83 -12.13 51.89
CA GLY E 409 -30.37 -12.38 50.54
C GLY E 409 -29.25 -11.44 50.15
N ILE E 410 -29.34 -10.15 50.54
CA ILE E 410 -28.28 -9.19 50.22
C ILE E 410 -27.00 -9.49 51.04
N GLU E 411 -27.16 -9.80 52.33
CA GLU E 411 -26.01 -10.11 53.17
C GLU E 411 -25.35 -11.42 52.76
N SER E 412 -26.13 -12.44 52.36
CA SER E 412 -25.52 -13.69 51.88
C SER E 412 -24.81 -13.49 50.52
N GLY E 413 -25.35 -12.59 49.70
CA GLY E 413 -24.76 -12.30 48.40
C GLY E 413 -23.46 -11.55 48.56
N LYS E 414 -23.43 -10.58 49.49
CA LYS E 414 -22.21 -9.82 49.75
C LYS E 414 -21.12 -10.73 50.29
N LEU E 415 -21.46 -11.60 51.24
CA LEU E 415 -20.53 -12.54 51.84
C LEU E 415 -19.97 -13.50 50.80
N ARG E 416 -20.84 -13.98 49.88
CA ARG E 416 -20.41 -14.94 48.87
C ARG E 416 -19.77 -14.34 47.61
N GLY E 417 -19.72 -13.02 47.51
CA GLY E 417 -19.11 -12.36 46.37
C GLY E 417 -20.02 -12.03 45.21
N PHE E 418 -21.33 -12.36 45.30
CA PHE E 418 -22.30 -12.03 44.25
C PHE E 418 -22.54 -10.53 44.17
N LEU E 419 -22.50 -9.83 45.31
CA LEU E 419 -22.84 -8.42 45.36
C LEU E 419 -21.78 -7.57 46.03
N ARG E 420 -21.72 -6.31 45.64
CA ARG E 420 -20.84 -5.33 46.24
C ARG E 420 -21.64 -4.00 46.40
N VAL E 421 -21.16 -3.08 47.25
CA VAL E 421 -21.81 -1.79 47.46
C VAL E 421 -21.77 -1.01 46.14
N GLY E 422 -22.91 -0.46 45.74
CA GLY E 422 -23.01 0.24 44.47
C GLY E 422 -23.70 -0.57 43.39
N ASP E 423 -23.78 -1.90 43.55
CA ASP E 423 -24.45 -2.77 42.59
C ASP E 423 -25.97 -2.55 42.60
N LEU E 424 -26.62 -2.88 41.48
CA LEU E 424 -28.08 -2.80 41.43
C LEU E 424 -28.63 -4.21 41.50
N VAL E 425 -29.73 -4.37 42.21
CA VAL E 425 -30.40 -5.65 42.31
C VAL E 425 -31.89 -5.48 41.99
N ILE E 426 -32.47 -6.56 41.49
CA ILE E 426 -33.88 -6.58 41.24
C ILE E 426 -34.46 -7.45 42.35
N VAL E 427 -35.47 -6.94 43.07
CA VAL E 427 -36.09 -7.72 44.15
C VAL E 427 -37.49 -8.13 43.75
N VAL E 428 -37.77 -9.43 43.76
CA VAL E 428 -39.07 -9.96 43.36
C VAL E 428 -39.79 -10.56 44.57
N THR E 429 -40.97 -9.99 44.90
CA THR E 429 -41.79 -10.40 46.04
C THR E 429 -43.31 -10.45 45.62
N GLY E 430 -44.19 -10.80 46.58
CA GLY E 430 -45.62 -10.86 46.36
C GLY E 430 -46.39 -9.89 47.24
N TRP E 431 -47.71 -9.83 47.05
CA TRP E 431 -48.55 -8.88 47.79
C TRP E 431 -49.12 -9.45 49.09
N ARG E 432 -49.15 -10.78 49.23
CA ARG E 432 -49.69 -11.43 50.43
C ARG E 432 -48.92 -12.74 50.71
N PRO E 433 -48.98 -13.28 51.96
CA PRO E 433 -48.26 -14.53 52.24
C PRO E 433 -48.83 -15.74 51.49
N GLY E 434 -48.03 -16.79 51.40
CA GLY E 434 -48.42 -17.99 50.70
C GLY E 434 -47.91 -18.02 49.27
N SER E 435 -47.82 -19.20 48.73
CA SER E 435 -47.35 -19.46 47.38
C SER E 435 -48.36 -18.98 46.33
N GLY E 436 -47.84 -18.52 45.19
CA GLY E 436 -48.63 -18.11 44.03
C GLY E 436 -49.01 -16.66 43.91
N TYR E 437 -48.49 -15.77 44.77
CA TYR E 437 -48.88 -14.35 44.73
C TYR E 437 -47.77 -13.36 44.38
N THR E 438 -46.65 -13.84 43.79
CA THR E 438 -45.58 -12.94 43.35
C THR E 438 -46.15 -11.94 42.30
N ASN E 439 -45.93 -10.65 42.50
CA ASN E 439 -46.46 -9.63 41.60
C ASN E 439 -45.68 -8.29 41.68
N ILE E 440 -44.55 -8.25 42.40
CA ILE E 440 -43.81 -7.01 42.60
C ILE E 440 -42.35 -7.15 42.21
N MET E 441 -41.84 -6.13 41.52
CA MET E 441 -40.45 -6.08 41.16
CA MET E 441 -40.46 -6.05 41.06
C MET E 441 -39.91 -4.69 41.55
N ARG E 442 -38.79 -4.66 42.27
CA ARG E 442 -38.20 -3.42 42.76
C ARG E 442 -36.76 -3.30 42.33
N VAL E 443 -36.32 -2.09 41.95
CA VAL E 443 -34.90 -1.83 41.63
C VAL E 443 -34.25 -1.24 42.88
N LEU E 444 -33.26 -1.93 43.43
CA LEU E 444 -32.61 -1.54 44.66
C LEU E 444 -31.11 -1.37 44.52
N SER E 445 -30.56 -0.30 45.11
CA SER E 445 -29.12 -0.06 45.07
CA SER E 445 -29.12 -0.05 45.08
C SER E 445 -28.49 -0.67 46.33
N ILE E 446 -27.40 -1.42 46.16
CA ILE E 446 -26.74 -2.05 47.29
C ILE E 446 -25.95 -1.03 48.13
N SER E 447 -26.29 -0.93 49.42
CA SER E 447 -25.59 -0.02 50.33
C SER E 447 -24.73 -0.79 51.36
N ALA F 13 -49.25 -20.98 19.34
CA ALA F 13 -48.99 -21.54 20.66
C ALA F 13 -48.54 -20.47 21.68
N ASP F 14 -47.88 -19.40 21.19
CA ASP F 14 -47.47 -18.31 22.07
C ASP F 14 -48.67 -17.41 22.48
N VAL F 15 -49.85 -17.59 21.83
CA VAL F 15 -51.04 -16.83 22.17
C VAL F 15 -52.25 -17.76 22.43
N ALA F 16 -52.07 -19.11 22.44
CA ALA F 16 -53.18 -20.08 22.56
C ALA F 16 -53.99 -20.00 23.88
N GLN F 17 -53.33 -20.01 25.05
CA GLN F 17 -54.04 -19.92 26.32
C GLN F 17 -54.70 -18.54 26.48
N LEU F 18 -54.02 -17.47 26.03
CA LEU F 18 -54.60 -16.15 26.09
C LEU F 18 -55.74 -15.96 25.11
N THR F 19 -55.76 -16.75 24.01
CA THR F 19 -56.84 -16.72 22.99
C THR F 19 -58.06 -17.42 23.57
N GLN F 20 -57.85 -18.55 24.25
CA GLN F 20 -58.92 -19.28 24.91
C GLN F 20 -59.51 -18.41 26.05
N GLU F 21 -58.67 -17.67 26.77
CA GLU F 21 -59.11 -16.84 27.88
C GLU F 21 -59.81 -15.57 27.45
N LEU F 22 -59.15 -14.75 26.62
CA LEU F 22 -59.72 -13.47 26.17
C LEU F 22 -60.67 -13.58 25.00
N GLY F 23 -60.62 -14.71 24.28
CA GLY F 23 -61.49 -14.99 23.14
C GLY F 23 -60.91 -14.63 21.79
N THR F 24 -61.43 -15.26 20.71
CA THR F 24 -60.95 -14.95 19.38
C THR F 24 -61.33 -13.53 18.97
N ALA F 25 -62.47 -13.00 19.43
CA ALA F 25 -62.87 -11.63 19.06
C ALA F 25 -61.85 -10.62 19.55
N PHE F 26 -61.27 -10.82 20.75
CA PHE F 26 -60.28 -9.90 21.30
C PHE F 26 -59.06 -9.81 20.35
N PHE F 27 -58.61 -10.96 19.87
CA PHE F 27 -57.43 -11.05 19.04
C PHE F 27 -57.66 -10.66 17.58
N GLN F 28 -58.90 -10.34 17.17
CA GLN F 28 -59.21 -9.86 15.83
C GLN F 28 -59.27 -8.31 15.82
N GLN F 29 -59.56 -7.66 16.96
CA GLN F 29 -59.62 -6.21 17.07
C GLN F 29 -58.21 -5.60 17.12
N GLN F 30 -58.13 -4.25 17.02
CA GLN F 30 -56.95 -3.38 17.11
C GLN F 30 -55.69 -3.91 16.36
N GLN F 31 -55.90 -4.48 15.15
CA GLN F 31 -54.87 -5.02 14.29
C GLN F 31 -53.93 -5.98 15.00
N LEU F 32 -54.45 -6.77 15.96
CA LEU F 32 -53.64 -7.70 16.71
C LEU F 32 -53.03 -8.79 15.82
N PRO F 33 -53.71 -9.38 14.81
CA PRO F 33 -53.00 -10.32 13.91
C PRO F 33 -51.81 -9.64 13.23
N ALA F 34 -51.98 -8.41 12.74
CA ALA F 34 -50.91 -7.66 12.08
C ALA F 34 -49.76 -7.30 13.04
N ALA F 35 -50.08 -6.99 14.31
CA ALA F 35 -49.08 -6.63 15.33
C ALA F 35 -48.21 -7.81 15.76
N MET F 36 -48.74 -9.05 15.70
CA MET F 36 -48.05 -10.29 16.06
C MET F 36 -47.27 -10.92 14.89
N ALA F 37 -47.34 -10.35 13.66
CA ALA F 37 -46.68 -10.94 12.50
C ALA F 37 -45.17 -11.10 12.67
N ASP F 38 -44.60 -12.12 12.02
CA ASP F 38 -43.17 -12.40 12.12
C ASP F 38 -42.29 -11.50 11.26
N THR F 39 -42.88 -10.88 10.21
CA THR F 39 -42.17 -9.96 9.32
C THR F 39 -43.01 -8.73 9.06
N PHE F 40 -42.38 -7.63 8.64
CA PHE F 40 -43.10 -6.41 8.28
C PHE F 40 -44.01 -6.66 7.05
N LEU F 41 -43.57 -7.52 6.09
CA LEU F 41 -44.37 -7.84 4.93
C LEU F 41 -45.67 -8.53 5.35
N GLU F 42 -45.57 -9.52 6.26
CA GLU F 42 -46.74 -10.23 6.76
C GLU F 42 -47.63 -9.28 7.60
N HIS F 43 -47.02 -8.33 8.32
CA HIS F 43 -47.73 -7.30 9.10
C HIS F 43 -48.62 -6.49 8.17
N LEU F 44 -48.07 -6.04 7.00
CA LEU F 44 -48.84 -5.26 6.03
C LEU F 44 -49.98 -6.11 5.46
N CYS F 45 -49.69 -7.36 5.09
CA CYS F 45 -50.69 -8.26 4.51
C CYS F 45 -51.83 -8.55 5.47
N LEU F 46 -51.58 -8.50 6.79
CA LEU F 46 -52.59 -8.78 7.78
C LEU F 46 -53.40 -7.57 8.24
N LEU F 47 -53.10 -6.34 7.75
CA LEU F 47 -53.90 -5.16 8.13
C LEU F 47 -55.35 -5.36 7.64
N ASP F 48 -56.33 -5.07 8.49
CA ASP F 48 -57.72 -5.38 8.19
C ASP F 48 -58.61 -4.17 8.45
N ILE F 49 -59.39 -3.74 7.44
CA ILE F 49 -60.30 -2.62 7.63
C ILE F 49 -61.45 -2.95 8.62
N ASP F 50 -61.75 -4.24 8.82
CA ASP F 50 -62.78 -4.69 9.76
C ASP F 50 -62.25 -4.86 11.19
N SER F 51 -60.95 -4.73 11.41
CA SER F 51 -60.37 -4.82 12.73
C SER F 51 -60.48 -3.44 13.38
N GLU F 52 -61.47 -3.28 14.29
CA GLU F 52 -61.74 -1.99 14.92
C GLU F 52 -60.77 -1.60 16.02
N PRO F 53 -60.38 -0.31 16.06
CA PRO F 53 -59.53 0.16 17.16
C PRO F 53 -60.28 0.10 18.50
N VAL F 54 -59.62 -0.36 19.57
CA VAL F 54 -60.25 -0.44 20.88
C VAL F 54 -59.64 0.59 21.83
N ALA F 55 -58.31 0.76 21.75
CA ALA F 55 -57.60 1.67 22.66
C ALA F 55 -57.96 3.15 22.47
N ALA F 56 -57.78 3.94 23.51
CA ALA F 56 -57.97 5.38 23.47
C ALA F 56 -56.87 5.97 22.56
N ARG F 57 -57.19 7.07 21.89
CA ARG F 57 -56.27 7.73 20.99
C ARG F 57 -55.08 8.28 21.74
N SER F 58 -53.90 7.84 21.38
CA SER F 58 -52.69 8.21 22.07
C SER F 58 -51.90 9.41 21.47
N THR F 59 -52.04 9.73 20.19
CA THR F 59 -51.31 10.84 19.57
C THR F 59 -52.10 12.09 19.85
N SER F 60 -51.48 13.09 20.48
CA SER F 60 -52.18 14.33 20.81
C SER F 60 -52.45 15.21 19.63
N ILE F 61 -53.53 15.97 19.69
CA ILE F 61 -53.92 16.88 18.63
C ILE F 61 -53.68 18.30 19.12
N ILE F 62 -52.91 19.07 18.36
CA ILE F 62 -52.67 20.48 18.66
C ILE F 62 -53.55 21.26 17.70
N ALA F 63 -54.43 22.11 18.22
CA ALA F 63 -55.31 22.89 17.36
C ALA F 63 -54.94 24.36 17.47
N THR F 64 -54.80 25.06 16.34
CA THR F 64 -54.48 26.47 16.36
C THR F 64 -55.73 27.28 16.63
N ILE F 65 -55.66 28.19 17.61
CA ILE F 65 -56.80 29.03 17.96
C ILE F 65 -56.82 30.29 17.09
N GLY F 66 -57.99 30.63 16.56
CA GLY F 66 -58.20 31.81 15.75
C GLY F 66 -59.67 32.19 15.71
N PRO F 67 -60.07 33.06 14.76
CA PRO F 67 -61.48 33.45 14.68
C PRO F 67 -62.50 32.32 14.63
N ALA F 68 -62.15 31.20 13.98
CA ALA F 68 -63.07 30.06 13.87
C ALA F 68 -63.13 29.16 15.10
N SER F 69 -62.22 29.34 16.05
CA SER F 69 -62.16 28.48 17.23
C SER F 69 -61.89 29.26 18.53
N ARG F 70 -62.39 30.50 18.64
CA ARG F 70 -62.12 31.35 19.80
C ARG F 70 -63.22 31.41 20.82
N SER F 71 -64.47 31.22 20.40
CA SER F 71 -65.59 31.28 21.33
C SER F 71 -65.52 30.15 22.36
N VAL F 72 -65.95 30.43 23.61
CA VAL F 72 -65.95 29.45 24.69
C VAL F 72 -66.79 28.22 24.32
N GLU F 73 -67.94 28.44 23.67
CA GLU F 73 -68.81 27.34 23.24
C GLU F 73 -68.17 26.48 22.17
N ARG F 74 -67.46 27.10 21.23
CA ARG F 74 -66.77 26.40 20.16
C ARG F 74 -65.58 25.61 20.73
N LEU F 75 -64.85 26.19 21.69
CA LEU F 75 -63.72 25.55 22.36
C LEU F 75 -64.15 24.33 23.16
N LYS F 76 -65.37 24.34 23.72
CA LYS F 76 -65.90 23.20 24.46
C LYS F 76 -66.15 22.05 23.49
N GLU F 77 -66.64 22.35 22.28
CA GLU F 77 -66.89 21.37 21.22
CA GLU F 77 -66.88 21.32 21.28
C GLU F 77 -65.56 20.75 20.78
N MET F 78 -64.49 21.56 20.68
CA MET F 78 -63.18 21.08 20.26
CA MET F 78 -63.18 21.07 20.25
C MET F 78 -62.52 20.21 21.30
N ILE F 79 -62.75 20.51 22.60
CA ILE F 79 -62.21 19.70 23.68
C ILE F 79 -62.89 18.33 23.63
N LYS F 80 -64.22 18.31 23.44
CA LYS F 80 -64.99 17.08 23.31
C LYS F 80 -64.57 16.28 22.05
N ALA F 81 -64.21 16.96 20.96
CA ALA F 81 -63.75 16.31 19.73
C ALA F 81 -62.34 15.70 19.87
N GLY F 82 -61.53 16.20 20.81
CA GLY F 82 -60.21 15.65 21.07
C GLY F 82 -59.03 16.57 21.15
N MET F 83 -59.24 17.90 21.11
CA MET F 83 -58.11 18.84 21.21
C MET F 83 -57.39 18.69 22.56
N ASN F 84 -56.06 18.52 22.53
CA ASN F 84 -55.26 18.35 23.74
C ASN F 84 -54.40 19.55 24.03
N ILE F 85 -53.93 20.25 22.98
CA ILE F 85 -53.07 21.41 23.10
C ILE F 85 -53.63 22.54 22.24
N ALA F 86 -53.75 23.75 22.79
CA ALA F 86 -54.25 24.93 22.07
C ALA F 86 -53.03 25.75 21.66
N ARG F 87 -52.87 26.01 20.36
CA ARG F 87 -51.73 26.77 19.87
C ARG F 87 -52.10 28.22 19.57
N LEU F 88 -51.31 29.15 20.11
CA LEU F 88 -51.54 30.58 19.86
C LEU F 88 -50.45 31.04 18.92
N ASN F 89 -50.82 31.44 17.71
CA ASN F 89 -49.83 31.86 16.73
C ASN F 89 -49.54 33.34 16.90
N PHE F 90 -48.38 33.65 17.49
CA PHE F 90 -47.98 35.04 17.72
C PHE F 90 -47.49 35.79 16.48
N SER F 91 -47.55 35.15 15.30
CA SER F 91 -47.25 35.83 14.05
C SER F 91 -48.41 36.81 13.68
N HIS F 92 -49.61 36.63 14.27
CA HIS F 92 -50.79 37.43 14.03
C HIS F 92 -51.46 37.78 15.36
N GLY F 93 -52.14 38.91 15.43
CA GLY F 93 -52.86 39.31 16.63
C GLY F 93 -52.02 39.99 17.69
N SER F 94 -52.67 40.81 18.50
CA SER F 94 -52.01 41.54 19.57
C SER F 94 -51.94 40.71 20.86
N HIS F 95 -51.24 41.23 21.88
CA HIS F 95 -51.19 40.59 23.19
C HIS F 95 -52.59 40.53 23.81
N GLU F 96 -53.40 41.57 23.60
CA GLU F 96 -54.78 41.64 24.11
C GLU F 96 -55.63 40.53 23.48
N TYR F 97 -55.47 40.30 22.18
CA TYR F 97 -56.16 39.26 21.44
C TYR F 97 -55.80 37.86 21.98
N HIS F 98 -54.50 37.61 22.19
CA HIS F 98 -54.03 36.32 22.69
C HIS F 98 -54.40 36.07 24.15
N ALA F 99 -54.46 37.14 24.97
CA ALA F 99 -54.87 37.01 26.37
C ALA F 99 -56.35 36.60 26.44
N GLU F 100 -57.19 37.12 25.54
CA GLU F 100 -58.60 36.75 25.49
C GLU F 100 -58.75 35.30 25.02
N SER F 101 -57.90 34.87 24.06
CA SER F 101 -57.87 33.49 23.57
C SER F 101 -57.54 32.55 24.72
N ILE F 102 -56.50 32.88 25.51
CA ILE F 102 -56.08 32.12 26.68
C ILE F 102 -57.22 32.02 27.70
N ALA F 103 -57.87 33.14 28.01
CA ALA F 103 -58.97 33.16 28.97
C ALA F 103 -60.14 32.31 28.51
N ASN F 104 -60.44 32.32 27.20
CA ASN F 104 -61.53 31.53 26.63
C ASN F 104 -61.21 30.04 26.67
N VAL F 105 -59.94 29.68 26.43
CA VAL F 105 -59.53 28.28 26.52
C VAL F 105 -59.68 27.80 27.97
N ARG F 106 -59.14 28.57 28.93
CA ARG F 106 -59.25 28.23 30.35
C ARG F 106 -60.71 28.15 30.84
N GLU F 107 -61.58 29.03 30.34
CA GLU F 107 -62.98 28.99 30.71
C GLU F 107 -63.65 27.71 30.20
N ALA F 108 -63.39 27.34 28.92
CA ALA F 108 -63.93 26.11 28.33
C ALA F 108 -63.38 24.86 29.02
N VAL F 109 -62.09 24.87 29.37
CA VAL F 109 -61.43 23.76 30.07
C VAL F 109 -62.01 23.57 31.47
N GLU F 110 -62.21 24.68 32.20
CA GLU F 110 -62.71 24.57 33.56
C GLU F 110 -64.20 24.27 33.63
N SER F 111 -64.94 24.35 32.50
CA SER F 111 -66.34 23.93 32.49
C SER F 111 -66.46 22.38 32.72
N PHE F 112 -65.37 21.62 32.47
CA PHE F 112 -65.38 20.17 32.67
C PHE F 112 -64.74 19.75 34.01
N ALA F 113 -64.48 20.72 34.92
CA ALA F 113 -63.88 20.50 36.24
C ALA F 113 -64.84 19.97 37.31
N GLY F 114 -66.09 19.73 36.94
CA GLY F 114 -67.06 19.18 37.88
C GLY F 114 -66.66 17.82 38.40
N SER F 115 -66.50 16.87 37.49
CA SER F 115 -66.09 15.52 37.85
C SER F 115 -64.62 15.40 37.59
N PRO F 116 -63.80 15.39 38.66
CA PRO F 116 -62.38 15.16 38.46
C PRO F 116 -62.05 13.84 37.73
N LEU F 117 -63.05 12.98 37.56
CA LEU F 117 -62.95 11.73 36.83
C LEU F 117 -63.60 11.90 35.41
N SER F 118 -63.32 13.03 34.71
CA SER F 118 -63.78 13.36 33.32
C SER F 118 -63.61 14.88 32.93
N TYR F 119 -62.50 15.44 33.36
CA TYR F 119 -62.03 16.77 33.11
C TYR F 119 -60.87 16.59 32.10
N ARG F 120 -60.71 17.50 31.14
CA ARG F 120 -59.62 17.36 30.17
C ARG F 120 -58.61 18.51 30.31
N PRO F 121 -57.41 18.23 30.86
CA PRO F 121 -56.39 19.27 30.92
C PRO F 121 -55.96 19.59 29.48
N VAL F 122 -55.97 20.87 29.14
CA VAL F 122 -55.57 21.27 27.80
C VAL F 122 -54.37 22.17 27.93
N ALA F 123 -53.23 21.81 27.31
CA ALA F 123 -52.05 22.64 27.37
C ALA F 123 -52.20 23.89 26.50
N ILE F 124 -51.48 24.97 26.85
CA ILE F 124 -51.48 26.19 26.04
C ILE F 124 -50.07 26.40 25.52
N ALA F 125 -49.93 26.44 24.19
CA ALA F 125 -48.64 26.59 23.55
C ALA F 125 -48.56 27.93 22.82
N LEU F 126 -47.44 28.62 22.97
CA LEU F 126 -47.21 29.90 22.32
C LEU F 126 -46.26 29.67 21.15
N ASP F 127 -46.72 29.94 19.92
CA ASP F 127 -45.85 29.78 18.75
C ASP F 127 -45.28 31.17 18.42
N THR F 128 -43.95 31.33 18.54
CA THR F 128 -43.33 32.65 18.31
C THR F 128 -43.34 33.10 16.86
N LYS F 129 -43.26 34.43 16.64
CA LYS F 129 -43.21 35.05 15.31
C LYS F 129 -41.92 34.65 14.57
N GLY F 130 -40.81 34.64 15.28
CA GLY F 130 -39.53 34.24 14.71
C GLY F 130 -38.54 35.37 14.52
N PRO F 131 -37.32 35.01 14.07
CA PRO F 131 -36.28 36.03 13.86
C PRO F 131 -36.45 36.81 12.55
N PRO F 135 -30.64 37.32 12.66
CA PRO F 135 -29.60 36.38 13.10
C PRO F 135 -29.96 35.58 14.34
N GLY F 136 -30.66 36.21 15.29
CA GLY F 136 -31.06 35.54 16.52
C GLY F 136 -32.41 35.98 17.03
N LEU F 137 -32.59 35.98 18.36
CA LEU F 137 -33.87 36.34 19.00
C LEU F 137 -34.29 37.78 18.77
N SER F 138 -35.43 37.98 18.11
CA SER F 138 -35.96 39.31 17.82
C SER F 138 -36.52 39.99 19.08
N GLU F 139 -36.70 41.32 19.04
CA GLU F 139 -37.23 42.08 20.16
C GLU F 139 -38.72 41.78 20.39
N GLN F 140 -39.47 41.48 19.32
CA GLN F 140 -40.88 41.11 19.47
C GLN F 140 -40.98 39.74 20.15
N ASP F 141 -40.08 38.80 19.82
CA ASP F 141 -40.03 37.49 20.45
C ASP F 141 -39.77 37.62 21.95
N VAL F 142 -38.88 38.54 22.36
CA VAL F 142 -38.60 38.75 23.78
C VAL F 142 -39.86 39.22 24.53
N ARG F 143 -40.61 40.14 23.92
CA ARG F 143 -41.84 40.64 24.53
C ARG F 143 -42.94 39.58 24.58
N ASP F 144 -43.04 38.75 23.51
CA ASP F 144 -44.03 37.68 23.43
C ASP F 144 -43.71 36.55 24.40
N LEU F 145 -42.43 36.22 24.57
CA LEU F 145 -42.02 35.18 25.51
C LEU F 145 -42.29 35.63 26.95
N ARG F 146 -42.07 36.94 27.24
CA ARG F 146 -42.37 37.52 28.55
C ARG F 146 -43.89 37.42 28.81
N PHE F 147 -44.71 37.70 27.77
CA PHE F 147 -46.17 37.61 27.84
C PHE F 147 -46.58 36.18 28.20
N GLY F 148 -45.94 35.19 27.57
CA GLY F 148 -46.23 33.78 27.82
C GLY F 148 -45.96 33.37 29.24
N VAL F 149 -44.84 33.81 29.80
CA VAL F 149 -44.51 33.53 31.19
C VAL F 149 -45.54 34.18 32.12
N GLU F 150 -45.87 35.46 31.86
CA GLU F 150 -46.85 36.20 32.65
C GLU F 150 -48.25 35.60 32.58
N HIS F 151 -48.59 34.95 31.45
CA HIS F 151 -49.89 34.32 31.31
C HIS F 151 -49.90 32.80 31.56
N GLY F 152 -48.78 32.24 32.03
CA GLY F 152 -48.69 30.83 32.39
C GLY F 152 -48.82 29.80 31.27
N VAL F 153 -48.20 30.08 30.10
CA VAL F 153 -48.23 29.10 29.02
C VAL F 153 -47.40 27.87 29.41
N ASP F 154 -47.75 26.72 28.87
CA ASP F 154 -47.05 25.47 29.21
C ASP F 154 -45.91 25.17 28.26
N ILE F 155 -46.07 25.55 26.98
CA ILE F 155 -45.12 25.21 25.93
C ILE F 155 -44.83 26.41 25.03
N VAL F 156 -43.62 26.46 24.49
CA VAL F 156 -43.24 27.45 23.50
C VAL F 156 -42.82 26.68 22.25
N PHE F 157 -43.42 27.01 21.09
CA PHE F 157 -43.01 26.44 19.81
C PHE F 157 -42.09 27.54 19.25
N ALA F 158 -40.77 27.39 19.45
CA ALA F 158 -39.81 28.41 19.00
C ALA F 158 -39.56 28.35 17.49
N SER F 159 -40.02 29.38 16.76
CA SER F 159 -39.85 29.45 15.30
C SER F 159 -38.40 29.60 14.84
N PHE F 160 -38.10 29.03 13.66
CA PHE F 160 -36.84 29.07 12.93
C PHE F 160 -35.59 28.84 13.82
N VAL F 161 -35.55 27.72 14.55
CA VAL F 161 -34.38 27.39 15.36
C VAL F 161 -33.31 26.85 14.42
N ARG F 162 -32.12 27.44 14.45
CA ARG F 162 -31.02 27.05 13.56
C ARG F 162 -29.83 26.41 14.25
N LYS F 163 -29.65 26.69 15.55
CA LYS F 163 -28.52 26.19 16.32
C LYS F 163 -28.89 26.12 17.82
N ALA F 164 -28.04 25.49 18.63
CA ALA F 164 -28.29 25.36 20.06
C ALA F 164 -28.38 26.72 20.80
N SER F 165 -27.63 27.73 20.31
CA SER F 165 -27.66 29.06 20.94
C SER F 165 -29.02 29.76 20.78
N ASP F 166 -29.81 29.39 19.74
CA ASP F 166 -31.14 29.96 19.55
C ASP F 166 -32.08 29.48 20.68
N VAL F 167 -31.94 28.21 21.07
CA VAL F 167 -32.74 27.61 22.15
C VAL F 167 -32.35 28.25 23.49
N ALA F 168 -31.05 28.46 23.72
CA ALA F 168 -30.54 29.09 24.95
C ALA F 168 -31.08 30.52 25.07
N ALA F 169 -31.19 31.24 23.93
CA ALA F 169 -31.72 32.60 23.93
C ALA F 169 -33.19 32.59 24.36
N VAL F 170 -33.99 31.62 23.84
CA VAL F 170 -35.41 31.50 24.22
C VAL F 170 -35.53 31.17 25.70
N ARG F 171 -34.67 30.26 26.19
CA ARG F 171 -34.69 29.87 27.60
CA ARG F 171 -34.68 29.87 27.60
C ARG F 171 -34.37 31.07 28.49
N ALA F 172 -33.37 31.91 28.08
CA ALA F 172 -32.99 33.10 28.84
C ALA F 172 -34.12 34.13 28.83
N ALA F 173 -34.80 34.30 27.69
CA ALA F 173 -35.93 35.25 27.59
C ALA F 173 -37.13 34.83 28.45
N LEU F 174 -37.26 33.52 28.76
CA LEU F 174 -38.33 33.05 29.65
C LEU F 174 -38.05 33.40 31.13
N GLY F 175 -36.78 33.66 31.46
CA GLY F 175 -36.34 34.05 32.79
C GLY F 175 -36.46 33.00 33.88
N PRO F 176 -36.30 33.45 35.14
CA PRO F 176 -36.37 32.51 36.27
C PRO F 176 -37.75 31.92 36.50
N GLU F 177 -38.81 32.68 36.19
CA GLU F 177 -40.18 32.20 36.38
C GLU F 177 -40.66 31.22 35.30
N GLY F 178 -39.97 31.16 34.17
CA GLY F 178 -40.34 30.26 33.08
C GLY F 178 -39.47 29.04 32.93
N HIS F 179 -38.91 28.56 34.04
CA HIS F 179 -38.04 27.38 34.02
C HIS F 179 -38.82 26.08 33.73
N GLY F 180 -40.10 26.03 34.08
CA GLY F 180 -40.91 24.85 33.85
C GLY F 180 -41.52 24.73 32.46
N ILE F 181 -41.48 25.81 31.66
CA ILE F 181 -42.05 25.82 30.32
C ILE F 181 -41.25 24.92 29.35
N LYS F 182 -41.95 24.13 28.53
CA LYS F 182 -41.27 23.25 27.57
C LYS F 182 -40.93 24.01 26.29
N ILE F 183 -39.73 23.85 25.79
CA ILE F 183 -39.33 24.51 24.55
C ILE F 183 -39.29 23.45 23.45
N ILE F 184 -40.21 23.55 22.49
CA ILE F 184 -40.27 22.65 21.34
C ILE F 184 -39.68 23.46 20.17
N SER F 185 -38.50 23.08 19.66
CA SER F 185 -37.86 23.81 18.58
C SER F 185 -38.44 23.48 17.23
N LYS F 186 -38.83 24.50 16.46
CA LYS F 186 -39.34 24.30 15.11
C LYS F 186 -38.18 24.26 14.14
N ILE F 187 -38.04 23.15 13.38
CA ILE F 187 -37.01 23.01 12.36
C ILE F 187 -37.66 23.41 11.06
N GLU F 188 -37.27 24.57 10.51
CA GLU F 188 -37.91 25.12 9.31
C GLU F 188 -36.99 25.40 8.14
N ASN F 189 -35.69 25.08 8.24
CA ASN F 189 -34.76 25.37 7.14
C ASN F 189 -33.59 24.36 7.07
N HIS F 190 -32.74 24.47 6.05
CA HIS F 190 -31.62 23.57 5.88
C HIS F 190 -30.65 23.56 7.07
N GLU F 191 -30.38 24.74 7.66
CA GLU F 191 -29.45 24.80 8.79
C GLU F 191 -29.96 24.06 10.01
N GLY F 192 -31.25 24.19 10.30
CA GLY F 192 -31.89 23.49 11.41
C GLY F 192 -31.82 21.98 11.23
N VAL F 193 -31.98 21.50 9.96
CA VAL F 193 -31.89 20.06 9.65
C VAL F 193 -30.45 19.58 9.84
N LYS F 194 -29.47 20.36 9.38
CA LYS F 194 -28.07 20.00 9.51
C LYS F 194 -27.53 20.05 10.94
N ARG F 195 -27.98 21.01 11.74
CA ARG F 195 -27.56 21.13 13.13
C ARG F 195 -28.60 20.50 14.07
N PHE F 196 -29.43 19.56 13.58
CA PHE F 196 -30.49 18.91 14.34
C PHE F 196 -30.04 18.32 15.67
N ASP F 197 -28.95 17.55 15.69
CA ASP F 197 -28.51 16.87 16.90
C ASP F 197 -28.20 17.81 18.05
N GLU F 198 -27.55 18.96 17.76
CA GLU F 198 -27.22 19.93 18.79
C GLU F 198 -28.49 20.69 19.27
N ILE F 199 -29.47 20.88 18.39
CA ILE F 199 -30.72 21.54 18.74
C ILE F 199 -31.56 20.61 19.63
N LEU F 200 -31.70 19.34 19.24
CA LEU F 200 -32.47 18.37 20.02
C LEU F 200 -31.88 18.18 21.42
N GLU F 201 -30.54 18.18 21.53
CA GLU F 201 -29.85 17.98 22.80
C GLU F 201 -30.28 19.01 23.86
N VAL F 202 -30.46 20.27 23.45
CA VAL F 202 -30.85 21.34 24.37
C VAL F 202 -32.36 21.65 24.38
N SER F 203 -33.15 21.04 23.49
CA SER F 203 -34.58 21.30 23.45
C SER F 203 -35.36 20.21 24.22
N ASP F 204 -36.61 20.52 24.56
CA ASP F 204 -37.47 19.51 25.17
C ASP F 204 -38.12 18.59 24.08
N GLY F 205 -38.19 19.09 22.85
CA GLY F 205 -38.76 18.38 21.72
C GLY F 205 -38.62 19.17 20.44
N ILE F 206 -39.20 18.63 19.35
CA ILE F 206 -39.07 19.23 18.04
C ILE F 206 -40.42 19.31 17.31
N MET F 207 -40.55 20.31 16.44
CA MET F 207 -41.68 20.41 15.57
C MET F 207 -41.12 20.37 14.13
N VAL F 208 -41.68 19.49 13.30
CA VAL F 208 -41.32 19.42 11.88
C VAL F 208 -42.28 20.43 11.22
N ALA F 209 -41.80 21.65 11.07
CA ALA F 209 -42.56 22.77 10.51
C ALA F 209 -42.47 22.69 9.00
N ARG F 210 -43.32 21.86 8.37
CA ARG F 210 -43.25 21.55 6.95
C ARG F 210 -43.53 22.72 6.01
N GLY F 211 -44.31 23.71 6.45
CA GLY F 211 -44.62 24.87 5.63
C GLY F 211 -43.39 25.62 5.16
N ASP F 212 -42.61 26.16 6.10
CA ASP F 212 -41.38 26.86 5.76
C ASP F 212 -40.32 25.91 5.28
N LEU F 213 -40.23 24.70 5.87
CA LEU F 213 -39.24 23.70 5.47
C LEU F 213 -39.38 23.34 3.97
N GLY F 214 -40.62 23.25 3.48
CA GLY F 214 -40.93 22.96 2.09
C GLY F 214 -40.61 24.08 1.10
N ILE F 215 -40.31 25.28 1.61
CA ILE F 215 -39.90 26.43 0.83
C ILE F 215 -38.36 26.57 0.92
N GLU F 216 -37.77 26.28 2.09
CA GLU F 216 -36.34 26.36 2.31
C GLU F 216 -35.55 25.25 1.65
N ILE F 217 -36.12 24.06 1.59
CA ILE F 217 -35.53 22.88 0.94
C ILE F 217 -36.48 22.39 -0.17
N PRO F 218 -36.00 21.60 -1.16
CA PRO F 218 -36.90 21.13 -2.22
C PRO F 218 -38.10 20.37 -1.61
N ALA F 219 -39.30 20.65 -2.09
CA ALA F 219 -40.52 20.03 -1.56
C ALA F 219 -40.47 18.50 -1.53
N GLU F 220 -39.81 17.90 -2.53
CA GLU F 220 -39.71 16.44 -2.62
C GLU F 220 -38.76 15.83 -1.58
N LYS F 221 -38.07 16.65 -0.79
CA LYS F 221 -37.16 16.15 0.25
C LYS F 221 -37.74 16.30 1.66
N VAL F 222 -38.88 17.00 1.84
CA VAL F 222 -39.46 17.22 3.17
C VAL F 222 -39.78 15.92 3.90
N PHE F 223 -40.33 14.92 3.20
CA PHE F 223 -40.61 13.62 3.83
C PHE F 223 -39.37 12.97 4.45
N LEU F 224 -38.17 13.18 3.85
CA LEU F 224 -36.93 12.60 4.38
C LEU F 224 -36.57 13.30 5.68
N ALA F 225 -36.71 14.64 5.72
CA ALA F 225 -36.44 15.40 6.92
C ALA F 225 -37.42 15.01 8.03
N GLN F 226 -38.70 14.88 7.69
CA GLN F 226 -39.74 14.49 8.66
C GLN F 226 -39.45 13.12 9.26
N LYS F 227 -39.19 12.10 8.43
CA LYS F 227 -38.90 10.75 8.91
C LYS F 227 -37.62 10.66 9.72
N MET F 228 -36.60 11.43 9.34
CA MET F 228 -35.33 11.42 10.06
C MET F 228 -35.50 12.07 11.46
N MET F 229 -36.17 13.22 11.54
CA MET F 229 -36.35 13.91 12.80
C MET F 229 -37.24 13.14 13.75
N ILE F 230 -38.30 12.50 13.23
CA ILE F 230 -39.17 11.68 14.05
C ILE F 230 -38.39 10.47 14.60
N GLY F 231 -37.61 9.82 13.75
CA GLY F 231 -36.77 8.72 14.17
C GLY F 231 -35.76 9.10 15.25
N ARG F 232 -35.06 10.24 15.08
CA ARG F 232 -34.09 10.71 16.06
C ARG F 232 -34.74 11.15 17.37
N CYS F 233 -35.94 11.74 17.32
CA CYS F 233 -36.68 12.11 18.53
C CYS F 233 -37.13 10.88 19.27
N ASN F 234 -37.58 9.84 18.56
CA ASN F 234 -37.99 8.57 19.14
C ASN F 234 -36.81 7.90 19.82
N LEU F 235 -35.62 7.96 19.18
CA LEU F 235 -34.38 7.40 19.74
C LEU F 235 -34.00 8.17 21.03
N ALA F 236 -34.14 9.49 21.04
CA ALA F 236 -33.85 10.33 22.19
C ALA F 236 -34.92 10.28 23.29
N GLY F 237 -36.11 9.79 22.97
CA GLY F 237 -37.22 9.75 23.91
C GLY F 237 -37.80 11.12 24.19
N LYS F 238 -37.73 12.04 23.18
CA LYS F 238 -38.25 13.40 23.29
C LYS F 238 -39.40 13.62 22.32
N PRO F 239 -40.44 14.37 22.73
CA PRO F 239 -41.60 14.57 21.84
C PRO F 239 -41.32 15.21 20.48
N VAL F 240 -42.05 14.77 19.46
CA VAL F 240 -41.92 15.32 18.12
C VAL F 240 -43.32 15.60 17.58
N VAL F 241 -43.50 16.78 16.98
CA VAL F 241 -44.80 17.21 16.43
C VAL F 241 -44.71 17.23 14.91
N CYS F 242 -45.70 16.66 14.22
CA CYS F 242 -45.76 16.81 12.76
C CYS F 242 -46.74 17.94 12.47
N ALA F 243 -46.32 18.91 11.66
CA ALA F 243 -47.18 20.07 11.44
C ALA F 243 -47.32 20.50 9.97
N THR F 244 -48.41 21.22 9.66
CA THR F 244 -48.75 21.99 8.45
C THR F 244 -49.34 21.21 7.28
N GLN F 245 -50.53 21.65 6.84
CA GLN F 245 -51.31 21.17 5.71
C GLN F 245 -51.72 19.73 5.82
N MET F 246 -51.84 19.19 7.05
CA MET F 246 -52.22 17.80 7.25
C MET F 246 -53.61 17.51 6.70
N LEU F 247 -54.58 18.42 6.92
CA LEU F 247 -55.94 18.29 6.41
C LEU F 247 -56.37 19.61 5.78
N GLU F 248 -55.46 20.27 5.03
CA GLU F 248 -55.65 21.57 4.41
C GLU F 248 -57.03 21.79 3.74
N SER F 249 -57.50 20.85 2.90
CA SER F 249 -58.76 21.01 2.20
C SER F 249 -59.99 21.13 3.14
N MET F 250 -59.86 20.65 4.40
CA MET F 250 -60.94 20.79 5.37
C MET F 250 -61.16 22.25 5.86
N ILE F 251 -60.35 23.20 5.38
CA ILE F 251 -60.57 24.61 5.66
C ILE F 251 -61.92 25.02 5.02
N THR F 252 -62.26 24.47 3.82
CA THR F 252 -63.52 24.77 3.15
C THR F 252 -64.41 23.56 2.89
N LYS F 253 -63.88 22.34 2.95
CA LYS F 253 -64.69 21.15 2.67
C LYS F 253 -64.93 20.29 3.90
N PRO F 254 -66.09 19.62 4.01
CA PRO F 254 -66.37 18.83 5.23
C PRO F 254 -65.55 17.53 5.34
N ARG F 255 -65.00 17.03 4.22
CA ARG F 255 -64.20 15.80 4.17
C ARG F 255 -62.83 16.08 3.53
N PRO F 256 -61.78 15.41 4.00
CA PRO F 256 -60.43 15.65 3.42
C PRO F 256 -60.16 14.83 2.14
N THR F 257 -59.03 15.12 1.47
CA THR F 257 -58.62 14.37 0.30
C THR F 257 -57.98 13.02 0.74
N ARG F 258 -57.77 12.10 -0.21
CA ARG F 258 -57.15 10.82 0.09
C ARG F 258 -55.69 10.99 0.52
N ALA F 259 -55.01 12.02 0.00
CA ALA F 259 -53.62 12.33 0.35
C ALA F 259 -53.50 12.83 1.79
N GLU F 260 -54.51 13.62 2.24
CA GLU F 260 -54.57 14.17 3.58
C GLU F 260 -54.77 13.12 4.66
N THR F 261 -55.72 12.18 4.47
CA THR F 261 -55.91 11.12 5.48
C THR F 261 -54.66 10.25 5.55
N SER F 262 -54.06 9.95 4.40
CA SER F 262 -52.82 9.20 4.30
C SER F 262 -51.70 9.91 5.03
N ASP F 263 -51.57 11.22 4.87
CA ASP F 263 -50.55 12.05 5.53
C ASP F 263 -50.63 11.95 7.05
N VAL F 264 -51.85 12.10 7.61
CA VAL F 264 -52.05 12.00 9.06
C VAL F 264 -51.68 10.60 9.52
N ALA F 265 -52.16 9.56 8.83
CA ALA F 265 -51.87 8.20 9.23
C ALA F 265 -50.37 7.91 9.19
N ASN F 266 -49.68 8.41 8.14
CA ASN F 266 -48.25 8.19 7.99
C ASN F 266 -47.43 8.98 9.01
N ALA F 267 -47.89 10.15 9.45
CA ALA F 267 -47.16 10.89 10.52
C ALA F 267 -47.20 10.08 11.83
N VAL F 268 -48.36 9.50 12.14
CA VAL F 268 -48.51 8.63 13.31
C VAL F 268 -47.67 7.37 13.14
N LEU F 269 -47.73 6.71 11.97
CA LEU F 269 -46.93 5.51 11.75
C LEU F 269 -45.41 5.80 11.80
N ASP F 270 -44.99 6.99 11.40
CA ASP F 270 -43.60 7.44 11.45
C ASP F 270 -43.10 7.49 12.90
N GLY F 271 -43.98 7.84 13.84
CA GLY F 271 -43.64 7.91 15.25
C GLY F 271 -43.90 9.25 15.89
N ALA F 272 -44.72 10.11 15.27
CA ALA F 272 -45.00 11.44 15.84
C ALA F 272 -45.80 11.34 17.12
N ASP F 273 -45.41 12.11 18.13
CA ASP F 273 -46.11 12.15 19.40
C ASP F 273 -47.37 13.01 19.25
N CYS F 274 -47.28 14.11 18.45
CA CYS F 274 -48.38 15.03 18.22
C CYS F 274 -48.60 15.28 16.77
N ILE F 275 -49.85 15.59 16.42
CA ILE F 275 -50.22 16.03 15.07
C ILE F 275 -50.90 17.40 15.22
N MET F 276 -50.73 18.28 14.24
CA MET F 276 -51.21 19.64 14.36
C MET F 276 -52.19 20.08 13.28
N LEU F 277 -53.08 21.02 13.63
CA LEU F 277 -54.03 21.66 12.73
C LEU F 277 -53.74 23.15 12.80
N SER F 278 -53.57 23.82 11.65
CA SER F 278 -53.29 25.25 11.63
C SER F 278 -54.54 26.02 11.15
N GLY F 279 -54.63 26.36 9.86
CA GLY F 279 -55.79 27.05 9.30
C GLY F 279 -57.08 26.27 9.41
N GLU F 280 -56.96 24.92 9.43
CA GLU F 280 -58.10 24.00 9.56
C GLU F 280 -58.94 24.32 10.80
N THR F 281 -58.26 24.73 11.90
CA THR F 281 -58.99 25.08 13.11
C THR F 281 -58.99 26.60 13.38
N ALA F 282 -57.93 27.31 12.98
CA ALA F 282 -57.86 28.75 13.23
C ALA F 282 -58.84 29.56 12.40
N LYS F 283 -58.99 29.26 11.11
CA LYS F 283 -59.85 30.03 10.21
C LYS F 283 -60.83 29.27 9.33
N GLY F 284 -60.84 27.95 9.40
CA GLY F 284 -61.69 27.15 8.53
C GLY F 284 -63.15 27.03 8.93
N ASN F 285 -63.95 26.50 8.04
CA ASN F 285 -65.38 26.31 8.24
C ASN F 285 -65.72 25.05 9.02
N PHE F 286 -64.74 24.12 9.22
CA PHE F 286 -65.05 22.89 9.95
C PHE F 286 -63.97 22.61 11.03
N PRO F 287 -63.73 23.55 11.98
CA PRO F 287 -62.69 23.30 12.99
C PRO F 287 -62.92 22.05 13.83
N VAL F 288 -64.16 21.82 14.25
CA VAL F 288 -64.50 20.66 15.08
C VAL F 288 -64.38 19.36 14.25
N GLU F 289 -64.82 19.38 12.99
CA GLU F 289 -64.74 18.22 12.12
C GLU F 289 -63.28 17.87 11.77
N ALA F 290 -62.39 18.87 11.68
CA ALA F 290 -60.97 18.65 11.44
C ALA F 290 -60.35 17.91 12.65
N VAL F 291 -60.73 18.29 13.86
CA VAL F 291 -60.25 17.64 15.08
C VAL F 291 -60.78 16.21 15.13
N LYS F 292 -62.08 16.02 14.81
CA LYS F 292 -62.68 14.69 14.77
C LYS F 292 -62.02 13.76 13.74
N MET F 293 -61.64 14.31 12.58
CA MET F 293 -60.98 13.55 11.54
C MET F 293 -59.58 13.12 11.99
N GLN F 294 -58.78 14.03 12.58
CA GLN F 294 -57.46 13.65 13.09
C GLN F 294 -57.57 12.61 14.18
N HIS F 295 -58.59 12.73 15.04
CA HIS F 295 -58.82 11.77 16.11
C HIS F 295 -59.09 10.38 15.50
N ALA F 296 -60.02 10.30 14.52
CA ALA F 296 -60.37 9.05 13.86
C ALA F 296 -59.19 8.39 13.17
N ILE F 297 -58.37 9.17 12.41
CA ILE F 297 -57.23 8.62 11.70
C ILE F 297 -56.16 8.14 12.68
N ALA F 298 -55.82 8.96 13.68
CA ALA F 298 -54.80 8.58 14.65
C ALA F 298 -55.12 7.28 15.37
N ARG F 299 -56.38 7.06 15.76
CA ARG F 299 -56.79 5.80 16.40
C ARG F 299 -56.53 4.59 15.48
N GLU F 300 -56.87 4.70 14.18
CA GLU F 300 -56.66 3.63 13.21
C GLU F 300 -55.18 3.37 13.02
N ALA F 301 -54.38 4.46 12.89
CA ALA F 301 -52.94 4.37 12.66
C ALA F 301 -52.18 3.81 13.83
N GLU F 302 -52.58 4.16 15.07
CA GLU F 302 -51.92 3.64 16.25
C GLU F 302 -52.07 2.13 16.37
N ALA F 303 -53.29 1.59 16.05
CA ALA F 303 -53.49 0.15 16.09
C ALA F 303 -52.64 -0.56 15.04
N ALA F 304 -52.33 0.11 13.91
CA ALA F 304 -51.53 -0.47 12.81
C ALA F 304 -50.01 -0.38 13.03
N VAL F 305 -49.57 0.12 14.20
CA VAL F 305 -48.14 0.19 14.51
C VAL F 305 -47.59 -1.25 14.69
N TYR F 306 -46.41 -1.57 14.10
CA TYR F 306 -45.84 -2.90 14.18
C TYR F 306 -45.03 -3.04 15.47
N HIS F 307 -45.70 -3.13 16.61
CA HIS F 307 -45.04 -3.19 17.93
C HIS F 307 -44.01 -4.28 18.09
N ARG F 308 -44.17 -5.44 17.42
CA ARG F 308 -43.20 -6.53 17.55
C ARG F 308 -41.78 -6.09 17.22
N GLN F 309 -41.59 -5.44 16.05
CA GLN F 309 -40.26 -4.96 15.70
C GLN F 309 -39.94 -3.64 16.40
N LEU F 310 -40.92 -2.75 16.52
CA LEU F 310 -40.73 -1.45 17.16
C LEU F 310 -40.20 -1.57 18.57
N PHE F 311 -40.82 -2.39 19.43
CA PHE F 311 -40.36 -2.56 20.80
C PHE F 311 -38.95 -3.17 20.84
N GLU F 312 -38.68 -4.17 20.00
CA GLU F 312 -37.36 -4.79 19.92
C GLU F 312 -36.28 -3.74 19.56
N GLU F 313 -36.58 -2.86 18.61
CA GLU F 313 -35.62 -1.85 18.19
C GLU F 313 -35.44 -0.78 19.24
N LEU F 314 -36.53 -0.34 19.90
CA LEU F 314 -36.42 0.69 20.94
C LEU F 314 -35.63 0.16 22.12
N ARG F 315 -35.89 -1.08 22.48
CA ARG F 315 -35.18 -1.78 23.55
C ARG F 315 -33.67 -1.84 23.27
N ARG F 316 -33.27 -2.31 22.08
CA ARG F 316 -31.87 -2.46 21.68
C ARG F 316 -31.17 -1.11 21.54
N ALA F 317 -31.87 -0.10 21.03
CA ALA F 317 -31.28 1.23 20.81
C ALA F 317 -31.05 1.99 22.09
N ALA F 318 -31.93 1.78 23.09
CA ALA F 318 -31.83 2.50 24.33
C ALA F 318 -30.59 2.04 25.09
N PRO F 319 -29.75 2.99 25.51
CA PRO F 319 -28.51 2.60 26.20
C PRO F 319 -28.78 1.95 27.55
N LEU F 320 -27.79 1.16 28.06
CA LEU F 320 -27.91 0.57 29.39
C LEU F 320 -27.99 1.68 30.42
N SER F 321 -28.76 1.45 31.48
CA SER F 321 -28.94 2.51 32.46
C SER F 321 -28.92 2.04 33.85
N ARG F 322 -28.35 2.84 34.74
CA ARG F 322 -28.40 2.55 36.16
C ARG F 322 -29.40 3.46 36.90
N ASP F 323 -30.24 4.22 36.16
CA ASP F 323 -31.27 5.08 36.71
C ASP F 323 -32.49 4.20 36.97
N PRO F 324 -32.95 4.11 38.22
CA PRO F 324 -34.08 3.22 38.52
C PRO F 324 -35.38 3.55 37.80
N THR F 325 -35.61 4.83 37.44
CA THR F 325 -36.83 5.19 36.71
C THR F 325 -36.78 4.57 35.30
N GLU F 326 -35.62 4.67 34.65
CA GLU F 326 -35.33 4.16 33.33
C GLU F 326 -35.47 2.62 33.33
N VAL F 327 -34.92 1.95 34.36
CA VAL F 327 -34.97 0.50 34.54
C VAL F 327 -36.39 0.02 34.80
N THR F 328 -37.13 0.73 35.65
CA THR F 328 -38.51 0.36 35.97
C THR F 328 -39.40 0.54 34.75
N ALA F 329 -39.18 1.60 33.97
CA ALA F 329 -39.97 1.88 32.76
C ALA F 329 -39.90 0.75 31.73
N ILE F 330 -38.71 0.22 31.43
CA ILE F 330 -38.59 -0.86 30.46
C ILE F 330 -39.15 -2.18 31.01
N GLY F 331 -38.99 -2.44 32.31
CA GLY F 331 -39.56 -3.61 32.95
C GLY F 331 -41.09 -3.56 32.91
N ALA F 332 -41.67 -2.37 33.15
CA ALA F 332 -43.12 -2.17 33.13
C ALA F 332 -43.72 -2.33 31.71
N VAL F 333 -43.05 -1.78 30.70
CA VAL F 333 -43.54 -1.89 29.32
C VAL F 333 -43.46 -3.36 28.86
N GLU F 334 -42.39 -4.06 29.24
CA GLU F 334 -42.22 -5.46 28.93
CA GLU F 334 -42.22 -5.47 28.92
C GLU F 334 -43.35 -6.29 29.57
N ALA F 335 -43.67 -6.00 30.87
CA ALA F 335 -44.72 -6.67 31.62
C ALA F 335 -46.09 -6.41 30.98
N ALA F 336 -46.36 -5.16 30.57
CA ALA F 336 -47.61 -4.79 29.92
C ALA F 336 -47.81 -5.58 28.60
N PHE F 337 -46.74 -5.76 27.80
CA PHE F 337 -46.86 -6.53 26.56
C PHE F 337 -47.11 -8.02 26.84
N LYS F 338 -46.49 -8.57 27.88
CA LYS F 338 -46.61 -9.97 28.25
C LYS F 338 -48.05 -10.40 28.59
N CYS F 339 -48.83 -9.50 29.19
CA CYS F 339 -50.19 -9.83 29.58
C CYS F 339 -51.28 -9.09 28.83
N CYS F 340 -50.92 -8.27 27.81
CA CYS F 340 -51.85 -7.44 27.04
C CYS F 340 -52.55 -6.49 28.00
N ALA F 341 -51.78 -5.88 28.93
CA ALA F 341 -52.31 -4.99 29.95
C ALA F 341 -53.06 -3.84 29.33
N ALA F 342 -54.21 -3.49 29.90
CA ALA F 342 -55.01 -2.39 29.37
C ALA F 342 -54.32 -1.04 29.65
N ALA F 343 -53.63 -0.92 30.81
CA ALA F 343 -53.01 0.34 31.17
C ALA F 343 -51.79 0.19 32.09
N ILE F 344 -50.95 1.21 32.11
CA ILE F 344 -49.83 1.33 33.01
C ILE F 344 -50.15 2.58 33.80
N ILE F 345 -50.41 2.43 35.10
CA ILE F 345 -50.75 3.57 35.95
C ILE F 345 -49.48 4.02 36.60
N VAL F 346 -49.11 5.28 36.41
CA VAL F 346 -47.85 5.80 36.94
C VAL F 346 -48.07 7.06 37.77
N LEU F 347 -47.38 7.16 38.90
CA LEU F 347 -47.45 8.35 39.75
C LEU F 347 -46.30 9.22 39.32
N THR F 348 -46.58 10.49 39.00
CA THR F 348 -45.52 11.38 38.53
C THR F 348 -45.71 12.80 39.02
N THR F 349 -44.60 13.48 39.33
CA THR F 349 -44.68 14.87 39.79
C THR F 349 -44.41 15.80 38.62
N THR F 350 -43.33 15.56 37.88
CA THR F 350 -42.91 16.37 36.75
C THR F 350 -43.36 15.80 35.37
N GLY F 351 -43.84 14.55 35.36
CA GLY F 351 -44.21 13.88 34.12
C GLY F 351 -43.11 12.97 33.61
N ARG F 352 -41.87 13.06 34.17
CA ARG F 352 -40.74 12.28 33.68
C ARG F 352 -40.95 10.76 33.69
N SER F 353 -41.52 10.18 34.76
CA SER F 353 -41.76 8.73 34.80
C SER F 353 -42.72 8.29 33.68
N ALA F 354 -43.71 9.10 33.35
CA ALA F 354 -44.65 8.80 32.27
C ALA F 354 -43.93 8.92 30.90
N GLN F 355 -43.02 9.92 30.76
CA GLN F 355 -42.25 10.11 29.54
C GLN F 355 -41.33 8.90 29.26
N LEU F 356 -40.66 8.37 30.28
CA LEU F 356 -39.80 7.21 30.11
C LEU F 356 -40.58 5.94 29.79
N LEU F 357 -41.86 5.86 30.17
CA LEU F 357 -42.70 4.72 29.80
C LEU F 357 -43.08 4.89 28.31
N SER F 358 -43.51 6.11 27.93
CA SER F 358 -43.94 6.51 26.61
C SER F 358 -42.87 6.26 25.50
N ARG F 359 -41.58 6.42 25.82
CA ARG F 359 -40.50 6.25 24.86
C ARG F 359 -40.40 4.82 24.31
N TYR F 360 -40.87 3.81 25.07
CA TYR F 360 -40.86 2.42 24.61
C TYR F 360 -42.08 2.05 23.80
N ARG F 361 -42.98 3.02 23.55
CA ARG F 361 -44.18 2.86 22.76
C ARG F 361 -45.01 1.67 23.17
N PRO F 362 -45.47 1.61 24.43
CA PRO F 362 -46.37 0.52 24.82
C PRO F 362 -47.71 0.63 24.11
N ARG F 363 -48.35 -0.50 23.91
CA ARG F 363 -49.71 -0.51 23.37
C ARG F 363 -50.70 -0.09 24.51
N ALA F 364 -50.37 -0.43 25.78
CA ALA F 364 -51.13 -0.07 26.97
C ALA F 364 -51.10 1.45 27.18
N ALA F 365 -52.25 2.03 27.53
CA ALA F 365 -52.37 3.46 27.85
C ALA F 365 -51.55 3.77 29.11
N VAL F 366 -50.85 4.89 29.15
CA VAL F 366 -50.08 5.28 30.32
C VAL F 366 -50.92 6.31 31.06
N ILE F 367 -51.59 5.89 32.13
CA ILE F 367 -52.42 6.77 32.92
C ILE F 367 -51.55 7.44 33.99
N ALA F 368 -51.24 8.73 33.79
CA ALA F 368 -50.34 9.44 34.68
C ALA F 368 -51.11 10.23 35.75
N VAL F 369 -51.00 9.82 37.02
CA VAL F 369 -51.66 10.51 38.13
C VAL F 369 -50.70 11.52 38.73
N THR F 370 -51.08 12.79 38.69
CA THR F 370 -50.22 13.87 39.17
C THR F 370 -50.99 14.92 39.95
N ARG F 371 -50.29 15.60 40.85
CA ARG F 371 -50.88 16.74 41.59
C ARG F 371 -50.56 18.06 40.87
N SER F 372 -49.54 18.07 39.97
CA SER F 372 -49.11 19.24 39.22
C SER F 372 -50.03 19.49 37.99
N ALA F 373 -50.76 20.62 38.01
CA ALA F 373 -51.64 20.97 36.90
C ALA F 373 -50.83 21.24 35.62
N GLN F 374 -49.62 21.83 35.74
CA GLN F 374 -48.76 22.08 34.61
C GLN F 374 -48.25 20.78 34.00
N ALA F 375 -47.78 19.82 34.83
CA ALA F 375 -47.31 18.52 34.34
C ALA F 375 -48.46 17.80 33.64
N ALA F 376 -49.68 17.86 34.19
CA ALA F 376 -50.85 17.24 33.59
C ALA F 376 -51.10 17.80 32.16
N ARG F 377 -50.91 19.12 31.96
CA ARG F 377 -51.08 19.72 30.63
C ARG F 377 -49.90 19.36 29.71
N GLN F 378 -48.67 19.43 30.22
CA GLN F 378 -47.48 19.16 29.43
C GLN F 378 -47.28 17.72 28.99
N VAL F 379 -47.76 16.71 29.75
CA VAL F 379 -47.58 15.31 29.34
C VAL F 379 -48.39 14.95 28.08
N HIS F 380 -49.26 15.85 27.58
CA HIS F 380 -49.92 15.66 26.30
C HIS F 380 -48.86 15.61 25.15
N LEU F 381 -47.65 16.14 25.37
CA LEU F 381 -46.60 16.09 24.38
C LEU F 381 -46.11 14.64 24.15
N CYS F 382 -46.31 13.74 25.09
CA CYS F 382 -45.83 12.35 25.02
C CYS F 382 -46.92 11.39 24.60
N ARG F 383 -46.69 10.68 23.48
CA ARG F 383 -47.68 9.75 22.99
C ARG F 383 -48.11 8.68 24.02
N GLY F 384 -49.42 8.51 24.16
CA GLY F 384 -49.98 7.50 25.03
C GLY F 384 -50.07 7.85 26.50
N VAL F 385 -49.85 9.13 26.85
CA VAL F 385 -49.95 9.54 28.26
C VAL F 385 -51.26 10.25 28.48
N PHE F 386 -52.08 9.71 29.39
CA PHE F 386 -53.39 10.25 29.74
C PHE F 386 -53.32 10.84 31.14
N PRO F 387 -53.25 12.17 31.23
CA PRO F 387 -53.10 12.81 32.56
C PRO F 387 -54.35 12.85 33.44
N LEU F 388 -54.22 12.48 34.72
CA LEU F 388 -55.31 12.60 35.70
C LEU F 388 -54.82 13.55 36.77
N LEU F 389 -55.51 14.69 36.93
CA LEU F 389 -55.12 15.66 37.94
C LEU F 389 -55.77 15.32 39.28
N TYR F 390 -54.96 14.96 40.27
CA TYR F 390 -55.40 14.59 41.61
C TYR F 390 -55.46 15.83 42.48
N ARG F 391 -56.63 16.13 43.05
CA ARG F 391 -56.80 17.33 43.84
C ARG F 391 -56.90 17.11 45.37
N GLU F 392 -56.96 15.86 45.83
CA GLU F 392 -57.11 15.54 47.26
C GLU F 392 -55.92 15.95 48.13
N PRO F 393 -56.19 16.40 49.37
CA PRO F 393 -55.08 16.76 50.27
C PRO F 393 -54.33 15.52 50.77
N PRO F 394 -53.02 15.64 50.97
CA PRO F 394 -52.24 14.45 51.35
C PRO F 394 -52.69 13.75 52.63
N GLU F 395 -52.58 12.41 52.62
CA GLU F 395 -52.85 11.57 53.78
C GLU F 395 -51.68 11.73 54.75
N ALA F 396 -51.90 11.44 56.04
CA ALA F 396 -50.83 11.54 57.04
C ALA F 396 -49.74 10.50 56.74
N ILE F 397 -50.16 9.26 56.40
CA ILE F 397 -49.21 8.21 56.04
C ILE F 397 -48.97 8.25 54.52
N TRP F 398 -47.71 8.47 54.10
CA TRP F 398 -47.35 8.57 52.70
C TRP F 398 -47.76 7.34 51.88
N ALA F 399 -47.53 6.11 52.39
CA ALA F 399 -47.90 4.87 51.71
C ALA F 399 -49.41 4.80 51.42
N ASP F 400 -50.23 5.39 52.30
CA ASP F 400 -51.67 5.43 52.10
C ASP F 400 -52.03 6.47 51.05
N ASP F 401 -51.29 7.57 50.98
CA ASP F 401 -51.53 8.62 49.99
C ASP F 401 -51.25 8.05 48.58
N VAL F 402 -50.15 7.25 48.47
CA VAL F 402 -49.72 6.56 47.26
C VAL F 402 -50.83 5.61 46.83
N ASP F 403 -51.33 4.76 47.74
CA ASP F 403 -52.43 3.84 47.45
C ASP F 403 -53.68 4.55 47.01
N ARG F 404 -53.99 5.71 47.60
CA ARG F 404 -55.17 6.46 47.21
C ARG F 404 -55.08 6.97 45.78
N ARG F 405 -53.87 7.42 45.37
CA ARG F 405 -53.65 7.93 44.03
C ARG F 405 -53.70 6.82 42.98
N VAL F 406 -53.24 5.61 43.34
CA VAL F 406 -53.30 4.44 42.47
C VAL F 406 -54.76 4.03 42.30
N GLN F 407 -55.54 4.01 43.41
CA GLN F 407 -56.96 3.67 43.34
C GLN F 407 -57.74 4.71 42.56
N PHE F 408 -57.36 6.00 42.65
CA PHE F 408 -57.97 7.09 41.89
C PHE F 408 -57.79 6.80 40.38
N GLY F 409 -56.60 6.33 40.00
CA GLY F 409 -56.28 5.95 38.63
C GLY F 409 -57.12 4.78 38.16
N ILE F 410 -57.28 3.74 39.01
CA ILE F 410 -58.05 2.56 38.69
C ILE F 410 -59.51 2.89 38.55
N GLU F 411 -60.07 3.68 39.47
CA GLU F 411 -61.47 4.07 39.41
C GLU F 411 -61.77 4.99 38.26
N SER F 412 -60.91 5.96 37.97
CA SER F 412 -61.14 6.84 36.82
C SER F 412 -61.02 6.01 35.52
N GLY F 413 -60.04 5.10 35.47
CA GLY F 413 -59.80 4.21 34.35
C GLY F 413 -61.00 3.33 34.07
N LYS F 414 -61.62 2.78 35.13
CA LYS F 414 -62.81 1.93 34.98
C LYS F 414 -63.99 2.76 34.54
N LEU F 415 -64.21 3.91 35.19
CA LEU F 415 -65.36 4.75 34.84
C LEU F 415 -65.27 5.38 33.46
N ARG F 416 -64.05 5.51 32.90
CA ARG F 416 -63.82 6.06 31.56
C ARG F 416 -63.70 4.97 30.46
N GLY F 417 -63.85 3.70 30.82
CA GLY F 417 -63.75 2.61 29.87
C GLY F 417 -62.33 2.14 29.56
N PHE F 418 -61.31 2.85 30.10
CA PHE F 418 -59.91 2.46 29.91
C PHE F 418 -59.67 1.07 30.50
N LEU F 419 -60.30 0.80 31.64
CA LEU F 419 -60.15 -0.45 32.35
C LEU F 419 -61.49 -1.13 32.47
N ARG F 420 -61.42 -2.44 32.44
CA ARG F 420 -62.54 -3.36 32.53
C ARG F 420 -62.13 -4.37 33.63
N VAL F 421 -63.11 -4.85 34.43
CA VAL F 421 -62.79 -5.81 35.49
C VAL F 421 -62.23 -7.10 34.86
N GLY F 422 -61.21 -7.66 35.47
CA GLY F 422 -60.53 -8.82 34.90
C GLY F 422 -59.26 -8.43 34.16
N ASP F 423 -59.11 -7.14 33.78
CA ASP F 423 -57.91 -6.65 33.13
C ASP F 423 -56.74 -6.64 34.09
N LEU F 424 -55.53 -6.78 33.53
CA LEU F 424 -54.32 -6.65 34.31
C LEU F 424 -53.81 -5.23 34.08
N VAL F 425 -53.28 -4.65 35.14
CA VAL F 425 -52.76 -3.30 35.10
C VAL F 425 -51.34 -3.32 35.68
N ILE F 426 -50.47 -2.47 35.16
CA ILE F 426 -49.10 -2.39 35.66
C ILE F 426 -49.06 -1.09 36.42
N VAL F 427 -48.64 -1.11 37.69
CA VAL F 427 -48.60 0.09 38.52
C VAL F 427 -47.18 0.48 38.79
N VAL F 428 -46.80 1.71 38.42
CA VAL F 428 -45.44 2.20 38.57
C VAL F 428 -45.41 3.33 39.62
N THR F 429 -44.65 3.10 40.71
CA THR F 429 -44.51 4.04 41.84
C THR F 429 -43.01 4.11 42.29
N GLY F 430 -42.72 4.93 43.31
CA GLY F 430 -41.38 5.07 43.87
C GLY F 430 -41.31 4.66 45.33
N TRP F 431 -40.11 4.65 45.90
CA TRP F 431 -39.90 4.22 47.29
C TRP F 431 -40.01 5.34 48.33
N ARG F 432 -39.90 6.60 47.91
CA ARG F 432 -40.00 7.75 48.81
C ARG F 432 -40.63 8.94 48.09
N PRO F 433 -41.18 9.95 48.81
CA PRO F 433 -41.79 11.10 48.12
C PRO F 433 -40.79 11.95 47.35
N GLY F 434 -41.30 12.78 46.46
CA GLY F 434 -40.47 13.64 45.64
C GLY F 434 -40.14 13.02 44.28
N SER F 435 -39.78 13.85 43.33
CA SER F 435 -39.42 13.41 41.99
C SER F 435 -38.10 12.67 41.98
N GLY F 436 -37.95 11.76 41.02
CA GLY F 436 -36.72 11.05 40.78
C GLY F 436 -36.52 9.72 41.46
N TYR F 437 -37.54 9.20 42.19
CA TYR F 437 -37.35 7.94 42.92
C TYR F 437 -38.23 6.77 42.47
N THR F 438 -38.82 6.84 41.27
CA THR F 438 -39.62 5.70 40.73
C THR F 438 -38.75 4.46 40.66
N ASN F 439 -39.19 3.34 41.23
CA ASN F 439 -38.38 2.12 41.24
C ASN F 439 -39.22 0.84 41.46
N ILE F 440 -40.56 0.96 41.46
CA ILE F 440 -41.43 -0.18 41.71
C ILE F 440 -42.43 -0.40 40.59
N MET F 441 -42.59 -1.66 40.21
CA MET F 441 -43.57 -2.04 39.23
CA MET F 441 -43.52 -2.10 39.19
C MET F 441 -44.39 -3.20 39.82
N ARG F 442 -45.71 -3.06 39.80
CA ARG F 442 -46.61 -4.07 40.36
C ARG F 442 -47.61 -4.54 39.33
N VAL F 443 -47.92 -5.83 39.33
CA VAL F 443 -48.92 -6.40 38.43
C VAL F 443 -50.19 -6.55 39.26
N LEU F 444 -51.26 -5.88 38.89
CA LEU F 444 -52.52 -5.94 39.65
CA LEU F 444 -52.51 -5.93 39.64
C LEU F 444 -53.68 -6.42 38.79
N SER F 445 -54.55 -7.28 39.35
CA SER F 445 -55.74 -7.75 38.63
C SER F 445 -56.89 -6.82 39.03
N ILE F 446 -57.61 -6.27 38.05
CA ILE F 446 -58.70 -5.33 38.33
CA ILE F 446 -58.68 -5.33 38.33
C ILE F 446 -59.95 -6.05 38.81
N SER F 447 -60.40 -5.73 40.02
CA SER F 447 -61.57 -6.39 40.60
C SER F 447 -62.87 -5.58 40.50
N ALA G 25 -42.69 -36.39 1.79
CA ALA G 25 -41.57 -37.24 2.24
C ALA G 25 -40.23 -36.52 2.09
N PHE G 26 -40.07 -35.78 0.98
CA PHE G 26 -38.87 -35.00 0.69
C PHE G 26 -38.62 -33.98 1.81
N PHE G 27 -39.68 -33.28 2.22
CA PHE G 27 -39.58 -32.23 3.23
C PHE G 27 -39.48 -32.73 4.67
N GLN G 28 -39.54 -34.05 4.90
CA GLN G 28 -39.36 -34.61 6.24
C GLN G 28 -37.91 -35.11 6.45
N GLN G 29 -37.18 -35.45 5.35
CA GLN G 29 -35.79 -35.89 5.38
C GLN G 29 -34.84 -34.68 5.60
N GLN G 30 -33.54 -34.99 5.86
CA GLN G 30 -32.41 -34.07 6.05
C GLN G 30 -32.71 -32.83 6.92
N GLN G 31 -33.48 -33.03 8.01
CA GLN G 31 -33.89 -32.00 8.98
C GLN G 31 -34.47 -30.75 8.32
N LEU G 32 -35.20 -30.92 7.21
CA LEU G 32 -35.77 -29.78 6.49
C LEU G 32 -36.77 -28.99 7.35
N PRO G 33 -37.67 -29.60 8.16
CA PRO G 33 -38.51 -28.77 9.05
C PRO G 33 -37.67 -27.90 10.00
N ALA G 34 -36.59 -28.47 10.58
CA ALA G 34 -35.70 -27.75 11.49
C ALA G 34 -34.92 -26.63 10.76
N ALA G 35 -34.54 -26.87 9.50
CA ALA G 35 -33.77 -25.90 8.70
C ALA G 35 -34.60 -24.68 8.30
N MET G 36 -35.94 -24.85 8.14
CA MET G 36 -36.89 -23.79 7.79
C MET G 36 -37.42 -23.00 9.00
N ALA G 37 -37.07 -23.37 10.24
CA ALA G 37 -37.62 -22.72 11.43
C ALA G 37 -37.34 -21.23 11.50
N ASP G 38 -38.25 -20.46 12.10
CA ASP G 38 -38.12 -19.00 12.21
C ASP G 38 -37.14 -18.54 13.29
N THR G 39 -36.84 -19.40 14.26
CA THR G 39 -35.89 -19.07 15.33
C THR G 39 -34.96 -20.27 15.58
N PHE G 40 -33.80 -20.03 16.19
CA PHE G 40 -32.88 -21.10 16.54
C PHE G 40 -33.52 -22.03 17.59
N LEU G 41 -34.34 -21.47 18.51
CA LEU G 41 -35.04 -22.28 19.51
C LEU G 41 -35.97 -23.28 18.83
N GLU G 42 -36.78 -22.81 17.85
CA GLU G 42 -37.69 -23.65 17.08
CA GLU G 42 -37.69 -23.67 17.09
C GLU G 42 -36.92 -24.67 16.25
N HIS G 43 -35.75 -24.28 15.73
CA HIS G 43 -34.87 -25.16 14.95
C HIS G 43 -34.45 -26.35 15.79
N LEU G 44 -34.03 -26.10 17.05
CA LEU G 44 -33.63 -27.15 17.99
C LEU G 44 -34.81 -28.06 18.31
N CYS G 45 -35.99 -27.46 18.60
CA CYS G 45 -37.19 -28.22 18.92
C CYS G 45 -37.66 -29.12 17.79
N LEU G 46 -37.35 -28.76 16.54
CA LEU G 46 -37.76 -29.54 15.38
C LEU G 46 -36.75 -30.61 14.92
N LEU G 47 -35.58 -30.73 15.57
CA LEU G 47 -34.61 -31.76 15.19
C LEU G 47 -35.22 -33.14 15.43
N ASP G 48 -35.09 -34.04 14.44
CA ASP G 48 -35.76 -35.33 14.47
C ASP G 48 -34.78 -36.48 14.22
N ILE G 49 -34.69 -37.46 15.13
CA ILE G 49 -33.83 -38.62 14.95
C ILE G 49 -34.31 -39.52 13.78
N ASP G 50 -35.59 -39.43 13.40
CA ASP G 50 -36.14 -40.20 12.29
C ASP G 50 -35.96 -39.50 10.94
N SER G 51 -35.49 -38.24 10.92
CA SER G 51 -35.26 -37.50 9.69
C SER G 51 -33.89 -37.92 9.18
N GLU G 52 -33.85 -38.77 8.15
CA GLU G 52 -32.59 -39.31 7.64
C GLU G 52 -31.81 -38.37 6.75
N PRO G 53 -30.47 -38.38 6.88
CA PRO G 53 -29.66 -37.53 5.99
C PRO G 53 -29.70 -38.09 4.56
N VAL G 54 -29.86 -37.20 3.58
CA VAL G 54 -29.87 -37.62 2.19
C VAL G 54 -28.64 -37.12 1.45
N ALA G 55 -28.17 -35.91 1.79
CA ALA G 55 -27.00 -35.32 1.16
C ALA G 55 -25.71 -36.08 1.45
N ALA G 56 -24.75 -35.99 0.53
CA ALA G 56 -23.45 -36.61 0.72
C ALA G 56 -22.73 -35.84 1.85
N ARG G 57 -21.88 -36.56 2.59
CA ARG G 57 -21.10 -36.01 3.69
C ARG G 57 -20.15 -34.94 3.19
N SER G 58 -20.30 -33.72 3.68
CA SER G 58 -19.53 -32.59 3.19
C SER G 58 -18.25 -32.23 3.99
N THR G 59 -18.18 -32.59 5.26
CA THR G 59 -17.00 -32.30 6.10
C THR G 59 -15.95 -33.35 5.82
N SER G 60 -14.77 -32.95 5.32
CA SER G 60 -13.73 -33.92 4.97
C SER G 60 -13.11 -34.56 6.18
N ILE G 61 -12.66 -35.79 6.03
CA ILE G 61 -12.02 -36.54 7.10
C ILE G 61 -10.54 -36.63 6.78
N ILE G 62 -9.70 -36.18 7.71
CA ILE G 62 -8.26 -36.31 7.61
C ILE G 62 -7.87 -37.49 8.49
N ALA G 63 -7.23 -38.51 7.93
CA ALA G 63 -6.79 -39.67 8.72
C ALA G 63 -5.27 -39.70 8.78
N THR G 64 -4.71 -39.89 9.98
CA THR G 64 -3.25 -39.96 10.11
C THR G 64 -2.74 -41.34 9.74
N ILE G 65 -1.74 -41.41 8.86
CA ILE G 65 -1.15 -42.65 8.41
C ILE G 65 -0.02 -43.10 9.35
N GLY G 66 -0.06 -44.36 9.74
CA GLY G 66 0.93 -44.97 10.63
C GLY G 66 0.91 -46.48 10.52
N PRO G 67 1.53 -47.18 11.51
CA PRO G 67 1.54 -48.65 11.45
C PRO G 67 0.18 -49.32 11.27
N ALA G 68 -0.87 -48.75 11.88
CA ALA G 68 -2.21 -49.32 11.76
C ALA G 68 -2.93 -49.05 10.42
N SER G 69 -2.40 -48.12 9.61
CA SER G 69 -3.07 -47.73 8.37
C SER G 69 -2.12 -47.54 7.20
N ARG G 70 -1.08 -48.36 7.10
CA ARG G 70 -0.07 -48.19 6.06
C ARG G 70 -0.17 -49.14 4.89
N SER G 71 -0.73 -50.34 5.11
CA SER G 71 -0.83 -51.31 4.03
C SER G 71 -1.78 -50.81 2.92
N VAL G 72 -1.47 -51.17 1.67
CA VAL G 72 -2.28 -50.78 0.51
C VAL G 72 -3.70 -51.29 0.65
N GLU G 73 -3.87 -52.52 1.17
CA GLU G 73 -5.20 -53.10 1.38
C GLU G 73 -6.01 -52.38 2.46
N ARG G 74 -5.32 -51.98 3.53
CA ARG G 74 -5.93 -51.24 4.63
C ARG G 74 -6.35 -49.83 4.15
N LEU G 75 -5.48 -49.18 3.38
CA LEU G 75 -5.72 -47.85 2.82
C LEU G 75 -6.90 -47.84 1.86
N LYS G 76 -7.11 -48.94 1.10
CA LYS G 76 -8.28 -49.09 0.22
C LYS G 76 -9.56 -49.10 1.05
N GLU G 77 -9.55 -49.78 2.20
CA GLU G 77 -10.69 -49.82 3.07
C GLU G 77 -10.99 -48.46 3.69
N MET G 78 -9.94 -47.68 4.00
CA MET G 78 -10.12 -46.35 4.58
CA MET G 78 -10.13 -46.35 4.57
C MET G 78 -10.65 -45.36 3.54
N ILE G 79 -10.27 -45.53 2.27
CA ILE G 79 -10.76 -44.69 1.18
C ILE G 79 -12.26 -44.96 1.02
N LYS G 80 -12.65 -46.25 1.04
CA LYS G 80 -14.05 -46.66 0.95
C LYS G 80 -14.85 -46.18 2.16
N ALA G 81 -14.24 -46.14 3.35
CA ALA G 81 -14.91 -45.67 4.57
C ALA G 81 -15.12 -44.11 4.57
N GLY G 82 -14.33 -43.38 3.78
CA GLY G 82 -14.51 -41.95 3.67
C GLY G 82 -13.29 -41.05 3.85
N MET G 83 -12.08 -41.61 3.96
CA MET G 83 -10.89 -40.80 4.14
C MET G 83 -10.66 -39.91 2.90
N ASN G 84 -10.50 -38.60 3.10
CA ASN G 84 -10.28 -37.67 2.01
C ASN G 84 -8.86 -37.15 1.96
N ILE G 85 -8.23 -37.01 3.15
CA ILE G 85 -6.87 -36.48 3.27
C ILE G 85 -6.07 -37.42 4.14
N ALA G 86 -4.89 -37.81 3.68
CA ALA G 86 -3.99 -38.69 4.43
C ALA G 86 -2.93 -37.77 5.09
N ARG G 87 -2.83 -37.82 6.40
CA ARG G 87 -1.87 -36.99 7.13
C ARG G 87 -0.60 -37.78 7.47
N LEU G 88 0.56 -37.23 7.13
CA LEU G 88 1.84 -37.85 7.49
C LEU G 88 2.42 -37.05 8.64
N ASN G 89 2.54 -37.65 9.82
CA ASN G 89 3.07 -36.95 10.99
C ASN G 89 4.59 -37.05 11.01
N PHE G 90 5.26 -35.95 10.65
CA PHE G 90 6.70 -35.93 10.60
C PHE G 90 7.37 -35.80 11.98
N SER G 91 6.60 -35.83 13.07
CA SER G 91 7.16 -35.89 14.41
C SER G 91 7.76 -37.29 14.68
N HIS G 92 7.38 -38.31 13.87
CA HIS G 92 7.87 -39.69 14.01
C HIS G 92 8.21 -40.24 12.62
N GLY G 93 9.13 -41.17 12.54
CA GLY G 93 9.45 -41.85 11.29
C GLY G 93 10.44 -41.12 10.42
N SER G 94 11.13 -41.87 9.59
CA SER G 94 12.14 -41.31 8.70
C SER G 94 11.52 -40.86 7.36
N HIS G 95 12.32 -40.19 6.52
CA HIS G 95 11.89 -39.80 5.20
C HIS G 95 11.59 -41.05 4.35
N GLU G 96 12.37 -42.12 4.52
CA GLU G 96 12.18 -43.38 3.80
C GLU G 96 10.81 -43.99 4.16
N TYR G 97 10.47 -43.93 5.47
CA TYR G 97 9.21 -44.44 5.99
C TYR G 97 8.02 -43.65 5.39
N HIS G 98 8.11 -42.31 5.39
CA HIS G 98 7.04 -41.47 4.86
C HIS G 98 6.89 -41.58 3.35
N ALA G 99 8.01 -41.79 2.62
CA ALA G 99 7.96 -41.97 1.17
C ALA G 99 7.20 -43.25 0.83
N GLU G 100 7.38 -44.31 1.63
CA GLU G 100 6.68 -45.57 1.44
CA GLU G 100 6.68 -45.57 1.42
C GLU G 100 5.19 -45.38 1.74
N SER G 101 4.87 -44.59 2.78
CA SER G 101 3.49 -44.28 3.15
C SER G 101 2.80 -43.55 1.97
N ILE G 102 3.47 -42.53 1.38
CA ILE G 102 2.98 -41.80 0.24
C ILE G 102 2.73 -42.74 -0.95
N ALA G 103 3.71 -43.60 -1.26
CA ALA G 103 3.58 -44.55 -2.38
C ALA G 103 2.42 -45.54 -2.17
N ASN G 104 2.18 -45.96 -0.92
CA ASN G 104 1.09 -46.88 -0.59
C ASN G 104 -0.26 -46.18 -0.73
N VAL G 105 -0.34 -44.89 -0.32
CA VAL G 105 -1.57 -44.12 -0.46
C VAL G 105 -1.88 -43.97 -1.97
N ARG G 106 -0.90 -43.53 -2.76
CA ARG G 106 -1.10 -43.37 -4.20
C ARG G 106 -1.48 -44.69 -4.89
N GLU G 107 -0.89 -45.83 -4.48
CA GLU G 107 -1.23 -47.12 -5.05
C GLU G 107 -2.70 -47.49 -4.70
N ALA G 108 -3.12 -47.27 -3.45
CA ALA G 108 -4.51 -47.54 -3.05
C ALA G 108 -5.51 -46.61 -3.78
N VAL G 109 -5.17 -45.32 -3.94
CA VAL G 109 -6.03 -44.35 -4.62
C VAL G 109 -6.17 -44.69 -6.09
N GLU G 110 -5.05 -45.01 -6.76
CA GLU G 110 -5.07 -45.33 -8.18
C GLU G 110 -5.67 -46.69 -8.51
N SER G 111 -5.89 -47.55 -7.50
CA SER G 111 -6.53 -48.84 -7.73
C SER G 111 -8.03 -48.67 -8.15
N PHE G 112 -8.61 -47.48 -7.96
CA PHE G 112 -9.99 -47.20 -8.35
C PHE G 112 -10.06 -46.27 -9.58
N ALA G 113 -8.92 -45.90 -10.19
CA ALA G 113 -8.85 -44.99 -11.35
C ALA G 113 -9.40 -45.58 -12.67
N GLY G 114 -9.64 -46.90 -12.68
CA GLY G 114 -10.22 -47.58 -13.84
C GLY G 114 -11.67 -47.18 -14.10
N SER G 115 -12.35 -46.61 -13.10
CA SER G 115 -13.71 -46.13 -13.24
C SER G 115 -13.66 -44.61 -12.97
N PRO G 116 -13.44 -43.78 -14.01
CA PRO G 116 -13.32 -42.32 -13.80
C PRO G 116 -14.56 -41.61 -13.23
N LEU G 117 -15.77 -42.14 -13.48
CA LEU G 117 -16.99 -41.51 -12.94
C LEU G 117 -17.15 -41.72 -11.42
N SER G 118 -16.39 -42.66 -10.80
CA SER G 118 -16.47 -42.92 -9.36
C SER G 118 -15.12 -42.74 -8.59
N TYR G 119 -14.03 -42.42 -9.31
CA TYR G 119 -12.70 -42.27 -8.71
C TYR G 119 -12.68 -41.19 -7.62
N ARG G 120 -12.17 -41.53 -6.42
CA ARG G 120 -12.06 -40.57 -5.31
C ARG G 120 -10.63 -40.06 -5.09
N PRO G 121 -10.32 -38.79 -5.44
CA PRO G 121 -8.96 -38.26 -5.15
C PRO G 121 -8.67 -38.16 -3.66
N VAL G 122 -7.42 -38.35 -3.23
CA VAL G 122 -7.09 -38.26 -1.80
C VAL G 122 -5.87 -37.34 -1.65
N ALA G 123 -5.99 -36.28 -0.87
CA ALA G 123 -4.88 -35.35 -0.67
C ALA G 123 -3.85 -35.93 0.29
N ILE G 124 -2.61 -35.46 0.17
CA ILE G 124 -1.55 -35.87 1.08
C ILE G 124 -1.07 -34.63 1.82
N ALA G 125 -1.20 -34.65 3.14
CA ALA G 125 -0.81 -33.53 3.98
C ALA G 125 0.42 -33.90 4.83
N LEU G 126 1.37 -33.01 4.91
CA LEU G 126 2.57 -33.22 5.72
C LEU G 126 2.44 -32.40 6.98
N ASP G 127 2.41 -33.04 8.15
CA ASP G 127 2.34 -32.32 9.41
C ASP G 127 3.77 -32.20 9.97
N THR G 128 4.28 -30.97 10.08
CA THR G 128 5.65 -30.76 10.54
C THR G 128 5.88 -31.08 12.03
N LYS G 129 7.14 -31.38 12.39
CA LYS G 129 7.54 -31.68 13.76
C LYS G 129 7.40 -30.43 14.65
N GLY G 130 7.77 -29.27 14.11
CA GLY G 130 7.65 -28.00 14.84
C GLY G 130 8.98 -27.40 15.31
N PRO G 131 8.89 -26.21 15.94
CA PRO G 131 10.12 -25.51 16.38
C PRO G 131 10.72 -25.99 17.70
N GLY G 134 13.05 -23.81 19.92
CA GLY G 134 13.54 -22.83 18.96
C GLY G 134 12.60 -21.66 18.75
N PRO G 135 13.13 -20.54 18.23
CA PRO G 135 12.28 -19.35 18.03
C PRO G 135 11.43 -19.36 16.75
N GLY G 136 11.93 -20.01 15.71
CA GLY G 136 11.24 -20.05 14.42
C GLY G 136 11.35 -21.41 13.74
N LEU G 137 11.42 -21.41 12.41
CA LEU G 137 11.52 -22.65 11.62
C LEU G 137 12.81 -23.46 11.90
N SER G 138 12.63 -24.67 12.42
CA SER G 138 13.73 -25.56 12.73
C SER G 138 14.40 -26.13 11.49
N GLU G 139 15.62 -26.67 11.64
CA GLU G 139 16.38 -27.27 10.54
C GLU G 139 15.72 -28.55 10.04
N GLN G 140 15.09 -29.32 10.95
CA GLN G 140 14.41 -30.54 10.54
C GLN G 140 13.16 -30.19 9.72
N ASP G 141 12.45 -29.12 10.12
CA ASP G 141 11.29 -28.65 9.36
C ASP G 141 11.68 -28.23 7.94
N VAL G 142 12.85 -27.60 7.76
CA VAL G 142 13.29 -27.20 6.44
C VAL G 142 13.53 -28.42 5.56
N ARG G 143 14.13 -29.46 6.13
CA ARG G 143 14.40 -30.69 5.37
C ARG G 143 13.12 -31.45 5.06
N ASP G 144 12.17 -31.46 5.99
CA ASP G 144 10.91 -32.14 5.82
C ASP G 144 10.02 -31.42 4.78
N LEU G 145 9.99 -30.07 4.81
CA LEU G 145 9.25 -29.29 3.83
C LEU G 145 9.83 -29.51 2.44
N ARG G 146 11.17 -29.63 2.32
CA ARG G 146 11.83 -29.90 1.03
C ARG G 146 11.40 -31.30 0.51
N PHE G 147 11.32 -32.28 1.45
CA PHE G 147 10.89 -33.64 1.14
C PHE G 147 9.45 -33.60 0.59
N GLY G 148 8.57 -32.82 1.21
CA GLY G 148 7.19 -32.68 0.77
C GLY G 148 7.07 -32.13 -0.62
N VAL G 149 7.86 -31.12 -0.95
CA VAL G 149 7.86 -30.55 -2.30
C VAL G 149 8.34 -31.60 -3.30
N GLU G 150 9.44 -32.31 -2.97
CA GLU G 150 9.98 -33.35 -3.83
C GLU G 150 9.05 -34.52 -4.02
N HIS G 151 8.19 -34.80 -3.04
CA HIS G 151 7.23 -35.90 -3.15
C HIS G 151 5.82 -35.46 -3.57
N GLY G 152 5.63 -34.19 -3.90
CA GLY G 152 4.37 -33.65 -4.38
C GLY G 152 3.21 -33.63 -3.40
N VAL G 153 3.47 -33.27 -2.14
CA VAL G 153 2.40 -33.18 -1.14
C VAL G 153 1.49 -32.01 -1.52
N ASP G 154 0.23 -32.08 -1.09
CA ASP G 154 -0.73 -31.05 -1.43
C ASP G 154 -0.85 -29.99 -0.35
N ILE G 155 -0.70 -30.39 0.92
CA ILE G 155 -0.93 -29.53 2.06
C ILE G 155 0.18 -29.66 3.10
N VAL G 156 0.44 -28.58 3.83
CA VAL G 156 1.39 -28.59 4.94
C VAL G 156 0.62 -28.15 6.17
N PHE G 157 0.63 -28.96 7.23
CA PHE G 157 0.02 -28.55 8.50
C PHE G 157 1.24 -28.05 9.31
N ALA G 158 1.45 -26.73 9.32
CA ALA G 158 2.61 -26.13 9.98
C ALA G 158 2.44 -26.06 11.48
N SER G 159 3.19 -26.88 12.24
CA SER G 159 3.10 -26.91 13.70
C SER G 159 3.56 -25.61 14.40
N PHE G 160 2.94 -25.31 15.55
CA PHE G 160 3.20 -24.18 16.44
C PHE G 160 3.43 -22.83 15.72
N VAL G 161 2.47 -22.41 14.89
CA VAL G 161 2.57 -21.10 14.27
C VAL G 161 2.20 -20.05 15.34
N ARG G 162 3.07 -19.04 15.57
CA ARG G 162 2.78 -18.01 16.59
C ARG G 162 2.62 -16.61 16.02
N LYS G 163 3.11 -16.35 14.81
CA LYS G 163 3.04 -15.01 14.20
C LYS G 163 3.09 -15.14 12.68
N ALA G 164 2.80 -14.07 11.94
CA ALA G 164 2.80 -14.10 10.48
C ALA G 164 4.15 -14.46 9.87
N SER G 165 5.26 -14.08 10.56
CA SER G 165 6.59 -14.39 10.04
C SER G 165 6.90 -15.90 10.05
N ASP G 166 6.21 -16.68 10.91
CA ASP G 166 6.38 -18.14 10.92
C ASP G 166 5.82 -18.75 9.63
N VAL G 167 4.68 -18.20 9.14
CA VAL G 167 4.05 -18.66 7.89
C VAL G 167 4.91 -18.29 6.69
N ALA G 168 5.49 -17.07 6.71
CA ALA G 168 6.37 -16.60 5.65
C ALA G 168 7.61 -17.49 5.56
N ALA G 169 8.12 -17.97 6.72
CA ALA G 169 9.27 -18.86 6.74
C ALA G 169 8.91 -20.17 6.07
N VAL G 170 7.72 -20.74 6.36
CA VAL G 170 7.26 -21.98 5.72
C VAL G 170 7.07 -21.78 4.21
N ARG G 171 6.51 -20.61 3.80
CA ARG G 171 6.26 -20.24 2.39
C ARG G 171 7.52 -20.23 1.59
N ALA G 172 8.54 -19.53 2.13
CA ALA G 172 9.86 -19.42 1.54
C ALA G 172 10.51 -20.79 1.48
N ALA G 173 10.31 -21.63 2.53
CA ALA G 173 10.85 -23.00 2.57
C ALA G 173 10.18 -23.95 1.55
N LEU G 174 8.96 -23.60 1.08
CA LEU G 174 8.30 -24.44 0.06
C LEU G 174 8.92 -24.22 -1.34
N GLY G 175 10.21 -23.84 -1.32
CA GLY G 175 11.15 -23.73 -2.41
C GLY G 175 10.57 -23.12 -3.64
N PRO G 176 11.27 -23.30 -4.76
CA PRO G 176 10.75 -22.71 -6.01
C PRO G 176 9.57 -23.50 -6.62
N GLU G 177 9.45 -24.80 -6.30
CA GLU G 177 8.43 -25.61 -6.91
C GLU G 177 7.25 -25.99 -6.04
N GLY G 178 7.12 -25.40 -4.84
CA GLY G 178 6.01 -25.74 -3.95
C GLY G 178 5.12 -24.59 -3.55
N HIS G 179 5.08 -23.53 -4.35
CA HIS G 179 4.22 -22.38 -4.06
C HIS G 179 2.69 -22.70 -4.14
N GLY G 180 2.31 -23.76 -4.88
CA GLY G 180 0.93 -24.27 -4.99
C GLY G 180 0.45 -25.09 -3.81
N ILE G 181 1.35 -25.45 -2.91
CA ILE G 181 1.03 -26.21 -1.70
C ILE G 181 0.26 -25.34 -0.70
N LYS G 182 -0.80 -25.87 -0.08
CA LYS G 182 -1.60 -25.09 0.85
C LYS G 182 -0.95 -25.13 2.21
N ILE G 183 -0.86 -23.98 2.90
CA ILE G 183 -0.29 -23.93 4.24
C ILE G 183 -1.41 -23.75 5.23
N ILE G 184 -1.68 -24.77 6.03
CA ILE G 184 -2.68 -24.71 7.07
C ILE G 184 -1.89 -24.51 8.37
N SER G 185 -2.03 -23.32 9.02
CA SER G 185 -1.31 -23.02 10.25
C SER G 185 -1.95 -23.64 11.47
N LYS G 186 -1.18 -24.41 12.25
CA LYS G 186 -1.68 -25.01 13.46
C LYS G 186 -1.55 -24.01 14.60
N ILE G 187 -2.67 -23.66 15.26
CA ILE G 187 -2.66 -22.75 16.39
C ILE G 187 -2.64 -23.64 17.61
N GLU G 188 -1.50 -23.64 18.35
CA GLU G 188 -1.30 -24.56 19.47
C GLU G 188 -0.95 -23.88 20.81
N ASN G 189 -0.88 -22.55 20.86
CA ASN G 189 -0.51 -21.87 22.11
C ASN G 189 -1.19 -20.50 22.27
N HIS G 190 -1.01 -19.85 23.44
CA HIS G 190 -1.62 -18.54 23.70
C HIS G 190 -1.21 -17.48 22.69
N GLU G 191 0.08 -17.45 22.31
CA GLU G 191 0.54 -16.43 21.33
C GLU G 191 -0.12 -16.59 19.95
N GLY G 192 -0.28 -17.83 19.47
CA GLY G 192 -0.96 -18.11 18.21
C GLY G 192 -2.40 -17.62 18.25
N VAL G 193 -3.11 -17.86 19.39
CA VAL G 193 -4.50 -17.41 19.57
C VAL G 193 -4.57 -15.89 19.55
N LYS G 194 -3.62 -15.22 20.25
CA LYS G 194 -3.61 -13.75 20.31
C LYS G 194 -3.21 -13.09 19.00
N ARG G 195 -2.33 -13.74 18.24
CA ARG G 195 -1.91 -13.22 16.96
C ARG G 195 -2.67 -13.88 15.77
N PHE G 196 -3.84 -14.48 16.04
CA PHE G 196 -4.67 -15.19 15.08
C PHE G 196 -4.96 -14.41 13.80
N ASP G 197 -5.41 -13.16 13.89
CA ASP G 197 -5.79 -12.41 12.71
C ASP G 197 -4.65 -12.24 11.71
N GLU G 198 -3.43 -11.95 12.21
CA GLU G 198 -2.28 -11.78 11.34
C GLU G 198 -1.80 -13.11 10.74
N ILE G 199 -1.98 -14.22 11.46
CA ILE G 199 -1.62 -15.54 10.99
C ILE G 199 -2.62 -15.98 9.88
N LEU G 200 -3.93 -15.81 10.13
CA LEU G 200 -4.95 -16.18 9.16
C LEU G 200 -4.81 -15.43 7.85
N GLU G 201 -4.46 -14.15 7.95
CA GLU G 201 -4.29 -13.28 6.77
C GLU G 201 -3.30 -13.84 5.77
N VAL G 202 -2.17 -14.39 6.26
CA VAL G 202 -1.14 -14.93 5.39
C VAL G 202 -1.21 -16.46 5.19
N SER G 203 -2.10 -17.17 5.90
CA SER G 203 -2.23 -18.61 5.74
C SER G 203 -3.36 -18.98 4.77
N ASP G 204 -3.34 -20.21 4.25
CA ASP G 204 -4.44 -20.70 3.42
C ASP G 204 -5.61 -21.21 4.30
N GLY G 205 -5.33 -21.53 5.55
CA GLY G 205 -6.31 -22.01 6.51
C GLY G 205 -5.68 -22.26 7.87
N ILE G 206 -6.48 -22.80 8.80
CA ILE G 206 -6.06 -23.00 10.17
C ILE G 206 -6.40 -24.39 10.67
N MET G 207 -5.61 -24.90 11.60
CA MET G 207 -5.93 -26.13 12.30
C MET G 207 -6.03 -25.77 13.78
N VAL G 208 -7.12 -26.14 14.44
CA VAL G 208 -7.27 -25.96 15.88
C VAL G 208 -6.66 -27.22 16.47
N ALA G 209 -5.36 -27.13 16.80
CA ALA G 209 -4.55 -28.23 17.33
C ALA G 209 -4.81 -28.30 18.84
N ARG G 210 -5.92 -28.94 19.23
CA ARG G 210 -6.38 -28.97 20.62
C ARG G 210 -5.45 -29.67 21.61
N GLY G 211 -4.64 -30.63 21.15
CA GLY G 211 -3.70 -31.34 22.02
C GLY G 211 -2.74 -30.42 22.75
N ASP G 212 -1.89 -29.72 21.99
CA ASP G 212 -0.96 -28.77 22.58
C ASP G 212 -1.66 -27.56 23.14
N LEU G 213 -2.72 -27.07 22.46
CA LEU G 213 -3.48 -25.92 22.93
C LEU G 213 -4.04 -26.15 24.35
N GLY G 214 -4.51 -27.37 24.63
CA GLY G 214 -5.03 -27.76 25.93
C GLY G 214 -4.01 -27.87 27.04
N ILE G 215 -2.71 -27.85 26.69
CA ILE G 215 -1.58 -27.88 27.63
C ILE G 215 -1.04 -26.44 27.80
N GLU G 216 -1.01 -25.65 26.71
CA GLU G 216 -0.54 -24.27 26.70
C GLU G 216 -1.49 -23.30 27.36
N ILE G 217 -2.80 -23.53 27.24
CA ILE G 217 -3.85 -22.70 27.85
C ILE G 217 -4.70 -23.61 28.75
N PRO G 218 -5.47 -23.06 29.71
CA PRO G 218 -6.30 -23.92 30.56
C PRO G 218 -7.24 -24.79 29.72
N ALA G 219 -7.35 -26.09 30.05
CA ALA G 219 -8.19 -27.02 29.29
C ALA G 219 -9.64 -26.54 29.11
N GLU G 220 -10.20 -25.88 30.14
CA GLU G 220 -11.56 -25.38 30.10
C GLU G 220 -11.76 -24.17 29.16
N LYS G 221 -10.68 -23.64 28.57
CA LYS G 221 -10.79 -22.51 27.64
C LYS G 221 -10.62 -22.93 26.17
N VAL G 222 -10.23 -24.21 25.89
CA VAL G 222 -10.01 -24.68 24.53
C VAL G 222 -11.24 -24.52 23.64
N PHE G 223 -12.43 -24.85 24.17
CA PHE G 223 -13.66 -24.71 23.38
C PHE G 223 -13.89 -23.25 22.89
N LEU G 224 -13.43 -22.22 23.67
CA LEU G 224 -13.60 -20.82 23.28
C LEU G 224 -12.68 -20.53 22.11
N ALA G 225 -11.43 -21.02 22.17
CA ALA G 225 -10.47 -20.80 21.11
C ALA G 225 -10.93 -21.50 19.84
N GLN G 226 -11.45 -22.75 19.97
CA GLN G 226 -11.97 -23.49 18.82
C GLN G 226 -13.13 -22.76 18.15
N LYS G 227 -14.14 -22.34 18.92
CA LYS G 227 -15.29 -21.66 18.38
C LYS G 227 -14.96 -20.30 17.74
N MET G 228 -13.99 -19.57 18.32
CA MET G 228 -13.57 -18.29 17.80
C MET G 228 -12.84 -18.44 16.47
N MET G 229 -11.90 -19.39 16.40
CA MET G 229 -11.12 -19.60 15.19
C MET G 229 -11.96 -20.12 14.06
N ILE G 230 -12.91 -21.02 14.36
CA ILE G 230 -13.82 -21.54 13.34
C ILE G 230 -14.70 -20.40 12.79
N GLY G 231 -15.24 -19.57 13.70
CA GLY G 231 -16.03 -18.41 13.29
C GLY G 231 -15.24 -17.45 12.41
N ARG G 232 -14.00 -17.12 12.80
CA ARG G 232 -13.18 -16.18 12.02
C ARG G 232 -12.76 -16.77 10.66
N CYS G 233 -12.52 -18.08 10.60
CA CYS G 233 -12.17 -18.74 9.34
C CYS G 233 -13.36 -18.75 8.41
N ASN G 234 -14.57 -19.00 8.95
CA ASN G 234 -15.83 -18.98 8.19
C ASN G 234 -16.06 -17.56 7.65
N LEU G 235 -15.77 -16.53 8.45
CA LEU G 235 -15.90 -15.12 8.04
C LEU G 235 -14.91 -14.85 6.87
N ALA G 236 -13.68 -15.33 7.00
CA ALA G 236 -12.65 -15.12 5.98
C ALA G 236 -12.81 -16.03 4.73
N GLY G 237 -13.64 -17.06 4.82
CA GLY G 237 -13.82 -18.01 3.72
C GLY G 237 -12.60 -18.88 3.50
N LYS G 238 -11.89 -19.21 4.61
CA LYS G 238 -10.69 -20.05 4.57
C LYS G 238 -10.92 -21.32 5.36
N PRO G 239 -10.40 -22.46 4.87
CA PRO G 239 -10.65 -23.72 5.59
C PRO G 239 -10.14 -23.77 7.03
N VAL G 240 -10.90 -24.45 7.90
CA VAL G 240 -10.53 -24.64 9.27
C VAL G 240 -10.68 -26.13 9.62
N VAL G 241 -9.66 -26.72 10.27
CA VAL G 241 -9.66 -28.11 10.66
C VAL G 241 -9.83 -28.21 12.17
N CYS G 242 -10.72 -29.09 12.67
CA CYS G 242 -10.79 -29.35 14.08
C CYS G 242 -10.01 -30.65 14.31
N ALA G 243 -9.05 -30.62 15.26
CA ALA G 243 -8.18 -31.78 15.45
C ALA G 243 -8.00 -32.17 16.89
N THR G 244 -7.62 -33.46 17.09
CA THR G 244 -7.11 -34.12 18.31
C THR G 244 -8.15 -34.58 19.30
N GLN G 245 -8.06 -35.89 19.62
CA GLN G 245 -8.86 -36.64 20.59
C GLN G 245 -10.36 -36.63 20.29
N MET G 246 -10.74 -36.45 19.02
CA MET G 246 -12.14 -36.44 18.66
C MET G 246 -12.83 -37.76 18.97
N LEU G 247 -12.15 -38.89 18.70
CA LEU G 247 -12.67 -40.23 19.00
C LEU G 247 -11.57 -41.05 19.71
N GLU G 248 -10.84 -40.41 20.64
CA GLU G 248 -9.70 -40.99 21.35
C GLU G 248 -9.89 -42.42 21.87
N SER G 249 -11.03 -42.73 22.50
CA SER G 249 -11.29 -44.06 23.02
C SER G 249 -11.32 -45.14 21.94
N MET G 250 -11.58 -44.78 20.68
CA MET G 250 -11.56 -45.75 19.58
C MET G 250 -10.16 -46.25 19.23
N ILE G 251 -9.10 -45.75 19.92
CA ILE G 251 -7.76 -46.29 19.72
C ILE G 251 -7.75 -47.76 20.23
N THR G 252 -8.50 -48.05 21.32
CA THR G 252 -8.57 -49.42 21.85
C THR G 252 -9.98 -50.01 21.87
N LYS G 253 -11.04 -49.19 21.75
CA LYS G 253 -12.41 -49.71 21.81
C LYS G 253 -13.14 -49.61 20.47
N PRO G 254 -14.04 -50.57 20.14
CA PRO G 254 -14.72 -50.53 18.83
C PRO G 254 -15.79 -49.43 18.70
N ARG G 255 -16.28 -48.89 19.83
CA ARG G 255 -17.29 -47.83 19.82
C ARG G 255 -16.79 -46.61 20.62
N PRO G 256 -17.15 -45.38 20.23
CA PRO G 256 -16.69 -44.21 20.99
C PRO G 256 -17.58 -43.87 22.18
N THR G 257 -17.12 -42.93 23.02
CA THR G 257 -17.92 -42.49 24.17
C THR G 257 -19.00 -41.50 23.70
N ARG G 258 -19.96 -41.18 24.58
CA ARG G 258 -21.01 -40.21 24.28
C ARG G 258 -20.43 -38.79 24.08
N ALA G 259 -19.34 -38.47 24.79
CA ALA G 259 -18.69 -37.18 24.66
C ALA G 259 -17.98 -37.03 23.31
N GLU G 260 -17.41 -38.13 22.81
CA GLU G 260 -16.69 -38.16 21.54
C GLU G 260 -17.61 -37.97 20.34
N THR G 261 -18.78 -38.65 20.31
CA THR G 261 -19.72 -38.45 19.19
C THR G 261 -20.26 -37.00 19.22
N SER G 262 -20.54 -36.50 20.41
CA SER G 262 -20.99 -35.14 20.63
C SER G 262 -19.94 -34.13 20.12
N ASP G 263 -18.66 -34.39 20.42
CA ASP G 263 -17.54 -33.54 20.01
C ASP G 263 -17.45 -33.44 18.48
N VAL G 264 -17.56 -34.57 17.77
CA VAL G 264 -17.50 -34.57 16.32
C VAL G 264 -18.69 -33.78 15.76
N ALA G 265 -19.90 -34.02 16.29
CA ALA G 265 -21.07 -33.32 15.83
C ALA G 265 -20.97 -31.81 16.08
N ASN G 266 -20.44 -31.42 17.23
CA ASN G 266 -20.30 -30.02 17.58
C ASN G 266 -19.21 -29.32 16.78
N ALA G 267 -18.14 -30.02 16.38
CA ALA G 267 -17.12 -29.40 15.53
C ALA G 267 -17.74 -29.07 14.14
N VAL G 268 -18.59 -29.97 13.62
CA VAL G 268 -19.28 -29.75 12.36
C VAL G 268 -20.28 -28.60 12.53
N LEU G 269 -21.07 -28.61 13.60
CA LEU G 269 -22.05 -27.55 13.84
C LEU G 269 -21.39 -26.18 14.06
N ASP G 270 -20.17 -26.17 14.62
CA ASP G 270 -19.38 -24.95 14.84
C ASP G 270 -19.01 -24.29 13.50
N GLY G 271 -18.77 -25.12 12.48
CA GLY G 271 -18.43 -24.64 11.16
C GLY G 271 -17.12 -25.18 10.62
N ALA G 272 -16.59 -26.29 11.18
CA ALA G 272 -15.34 -26.83 10.70
C ALA G 272 -15.46 -27.42 9.29
N ASP G 273 -14.47 -27.14 8.45
CA ASP G 273 -14.43 -27.67 7.10
C ASP G 273 -13.96 -29.13 7.14
N CYS G 274 -12.99 -29.43 8.03
CA CYS G 274 -12.43 -30.77 8.16
C CYS G 274 -12.43 -31.21 9.60
N ILE G 275 -12.50 -32.53 9.79
CA ILE G 275 -12.37 -33.17 11.08
C ILE G 275 -11.21 -34.17 10.94
N MET G 276 -10.44 -34.36 12.02
CA MET G 276 -9.24 -35.17 11.96
C MET G 276 -9.22 -36.34 12.92
N LEU G 277 -8.48 -37.37 12.54
CA LEU G 277 -8.21 -38.55 13.35
C LEU G 277 -6.69 -38.66 13.43
N SER G 278 -6.14 -38.79 14.64
CA SER G 278 -4.69 -38.90 14.81
CA SER G 278 -4.69 -38.90 14.81
C SER G 278 -4.29 -40.34 15.21
N GLY G 279 -4.14 -40.63 16.51
CA GLY G 279 -3.81 -41.97 16.95
C GLY G 279 -4.88 -42.98 16.59
N GLU G 280 -6.14 -42.53 16.48
CA GLU G 280 -7.28 -43.39 16.11
C GLU G 280 -7.04 -44.15 14.79
N THR G 281 -6.34 -43.55 13.81
CA THR G 281 -6.04 -44.25 12.56
C THR G 281 -4.55 -44.59 12.40
N ALA G 282 -3.65 -43.81 13.01
CA ALA G 282 -2.20 -44.05 12.92
C ALA G 282 -1.73 -45.28 13.69
N LYS G 283 -2.24 -45.44 14.92
CA LYS G 283 -1.79 -46.54 15.77
C LYS G 283 -2.90 -47.31 16.46
N GLY G 284 -4.15 -46.98 16.20
CA GLY G 284 -5.26 -47.62 16.88
C GLY G 284 -5.60 -49.00 16.35
N ASN G 285 -6.47 -49.69 17.08
CA ASN G 285 -6.91 -51.02 16.66
C ASN G 285 -8.12 -50.96 15.72
N PHE G 286 -8.77 -49.78 15.56
CA PHE G 286 -9.96 -49.68 14.70
C PHE G 286 -9.85 -48.47 13.75
N PRO G 287 -8.81 -48.41 12.89
CA PRO G 287 -8.68 -47.24 12.01
C PRO G 287 -9.84 -47.06 11.04
N VAL G 288 -10.33 -48.16 10.42
CA VAL G 288 -11.43 -48.11 9.47
C VAL G 288 -12.75 -47.75 10.16
N GLU G 289 -12.97 -48.29 11.36
CA GLU G 289 -14.17 -48.01 12.12
C GLU G 289 -14.21 -46.56 12.62
N ALA G 290 -13.03 -45.98 12.91
CA ALA G 290 -12.94 -44.57 13.34
C ALA G 290 -13.35 -43.65 12.18
N VAL G 291 -12.92 -43.99 10.95
CA VAL G 291 -13.28 -43.21 9.77
C VAL G 291 -14.80 -43.34 9.54
N LYS G 292 -15.33 -44.56 9.64
CA LYS G 292 -16.76 -44.80 9.45
C LYS G 292 -17.60 -44.00 10.46
N MET G 293 -17.14 -43.93 11.71
CA MET G 293 -17.85 -43.21 12.76
C MET G 293 -17.88 -41.69 12.49
N GLN G 294 -16.73 -41.12 12.08
CA GLN G 294 -16.69 -39.70 11.74
C GLN G 294 -17.59 -39.39 10.56
N HIS G 295 -17.61 -40.31 9.56
CA HIS G 295 -18.47 -40.17 8.40
C HIS G 295 -19.95 -40.11 8.83
N ALA G 296 -20.36 -41.09 9.63
CA ALA G 296 -21.74 -41.18 10.11
C ALA G 296 -22.20 -39.95 10.90
N ILE G 297 -21.36 -39.47 11.84
CA ILE G 297 -21.70 -38.30 12.66
C ILE G 297 -21.76 -37.03 11.81
N ALA G 298 -20.75 -36.80 10.95
CA ALA G 298 -20.71 -35.61 10.12
C ALA G 298 -21.95 -35.48 9.22
N ARG G 299 -22.42 -36.60 8.62
CA ARG G 299 -23.65 -36.58 7.80
C ARG G 299 -24.86 -36.10 8.62
N GLU G 300 -25.00 -36.59 9.85
CA GLU G 300 -26.12 -36.21 10.71
C GLU G 300 -26.02 -34.74 11.10
N ALA G 301 -24.82 -34.30 11.46
CA ALA G 301 -24.57 -32.93 11.90
C ALA G 301 -24.76 -31.92 10.78
N GLU G 302 -24.37 -32.26 9.55
CA GLU G 302 -24.55 -31.35 8.43
C GLU G 302 -26.02 -31.09 8.11
N ALA G 303 -26.87 -32.13 8.24
CA ALA G 303 -28.30 -31.94 8.03
C ALA G 303 -28.91 -31.04 9.10
N ALA G 304 -28.35 -31.05 10.32
CA ALA G 304 -28.84 -30.25 11.44
C ALA G 304 -28.34 -28.79 11.43
N VAL G 305 -27.58 -28.38 10.41
CA VAL G 305 -27.10 -27.00 10.34
C VAL G 305 -28.30 -26.05 10.10
N TYR G 306 -28.38 -24.94 10.82
CA TYR G 306 -29.48 -23.99 10.70
C TYR G 306 -29.19 -23.00 9.57
N HIS G 307 -29.30 -23.47 8.33
CA HIS G 307 -29.01 -22.68 7.15
C HIS G 307 -29.74 -21.36 7.04
N ARG G 308 -30.97 -21.28 7.54
CA ARG G 308 -31.76 -20.05 7.45
C ARG G 308 -31.03 -18.85 8.02
N GLN G 309 -30.51 -18.98 9.26
CA GLN G 309 -29.77 -17.86 9.85
C GLN G 309 -28.32 -17.84 9.36
N LEU G 310 -27.71 -19.02 9.18
CA LEU G 310 -26.33 -19.13 8.74
C LEU G 310 -26.09 -18.40 7.41
N PHE G 311 -26.92 -18.67 6.37
CA PHE G 311 -26.76 -18.03 5.08
C PHE G 311 -26.96 -16.54 5.18
N GLU G 312 -27.96 -16.10 5.95
CA GLU G 312 -28.23 -14.67 6.16
C GLU G 312 -27.02 -13.95 6.76
N GLU G 313 -26.39 -14.59 7.75
CA GLU G 313 -25.24 -13.99 8.40
C GLU G 313 -24.00 -14.00 7.53
N LEU G 314 -23.74 -15.10 6.79
CA LEU G 314 -22.59 -15.17 5.91
C LEU G 314 -22.71 -14.13 4.79
N ARG G 315 -23.93 -13.99 4.24
CA ARG G 315 -24.25 -13.03 3.21
C ARG G 315 -23.97 -11.60 3.69
N ARG G 316 -24.49 -11.24 4.88
CA ARG G 316 -24.33 -9.90 5.44
C ARG G 316 -22.89 -9.59 5.84
N ALA G 317 -22.17 -10.59 6.36
CA ALA G 317 -20.79 -10.39 6.79
C ALA G 317 -19.82 -10.23 5.63
N ALA G 318 -20.09 -10.93 4.53
CA ALA G 318 -19.22 -10.87 3.37
C ALA G 318 -19.27 -9.47 2.73
N PRO G 319 -18.11 -8.88 2.50
CA PRO G 319 -18.09 -7.52 1.94
C PRO G 319 -18.58 -7.46 0.50
N LEU G 320 -18.94 -6.25 0.04
CA LEU G 320 -19.31 -6.04 -1.34
C LEU G 320 -18.11 -6.33 -2.23
N SER G 321 -18.34 -6.87 -3.42
CA SER G 321 -17.24 -7.25 -4.26
C SER G 321 -17.49 -6.95 -5.70
N ARG G 322 -16.46 -6.54 -6.40
CA ARG G 322 -16.53 -6.35 -7.82
C ARG G 322 -15.83 -7.49 -8.60
N ASP G 323 -15.44 -8.57 -7.91
CA ASP G 323 -14.82 -9.75 -8.50
C ASP G 323 -15.96 -10.63 -9.02
N PRO G 324 -15.95 -10.93 -10.33
CA PRO G 324 -17.06 -11.73 -10.89
C PRO G 324 -17.21 -13.13 -10.32
N THR G 325 -16.12 -13.75 -9.84
CA THR G 325 -16.20 -15.08 -9.25
C THR G 325 -16.96 -14.99 -7.93
N GLU G 326 -16.64 -13.99 -7.12
CA GLU G 326 -17.31 -13.79 -5.84
CA GLU G 326 -17.30 -13.76 -5.84
C GLU G 326 -18.79 -13.43 -6.04
N VAL G 327 -19.12 -12.61 -7.03
CA VAL G 327 -20.49 -12.22 -7.35
C VAL G 327 -21.30 -13.43 -7.85
N THR G 328 -20.71 -14.24 -8.75
CA THR G 328 -21.36 -15.42 -9.28
C THR G 328 -21.62 -16.44 -8.20
N ALA G 329 -20.65 -16.63 -7.29
CA ALA G 329 -20.75 -17.59 -6.20
C ALA G 329 -21.93 -17.32 -5.29
N ILE G 330 -22.17 -16.06 -4.85
CA ILE G 330 -23.29 -15.78 -3.98
C ILE G 330 -24.64 -15.90 -4.73
N GLY G 331 -24.66 -15.52 -5.99
CA GLY G 331 -25.84 -15.66 -6.84
C GLY G 331 -26.21 -17.11 -7.02
N ALA G 332 -25.21 -17.98 -7.20
CA ALA G 332 -25.39 -19.41 -7.37
C ALA G 332 -25.88 -20.10 -6.10
N VAL G 333 -25.34 -19.73 -4.94
CA VAL G 333 -25.76 -20.32 -3.66
C VAL G 333 -27.22 -19.89 -3.36
N GLU G 334 -27.55 -18.63 -3.65
CA GLU G 334 -28.90 -18.11 -3.47
CA GLU G 334 -28.91 -18.11 -3.48
C GLU G 334 -29.88 -18.90 -4.38
N ALA G 335 -29.49 -19.12 -5.65
CA ALA G 335 -30.29 -19.87 -6.61
C ALA G 335 -30.47 -21.31 -6.17
N ALA G 336 -29.42 -21.95 -5.64
CA ALA G 336 -29.47 -23.33 -5.15
C ALA G 336 -30.46 -23.46 -3.99
N PHE G 337 -30.49 -22.49 -3.07
CA PHE G 337 -31.44 -22.51 -1.95
C PHE G 337 -32.90 -22.36 -2.43
N LYS G 338 -33.11 -21.48 -3.41
CA LYS G 338 -34.43 -21.21 -3.97
C LYS G 338 -35.13 -22.46 -4.55
N CYS G 339 -34.36 -23.36 -5.18
CA CYS G 339 -34.95 -24.54 -5.80
C CYS G 339 -34.62 -25.86 -5.13
N CYS G 340 -33.90 -25.84 -3.99
CA CYS G 340 -33.42 -27.05 -3.32
C CYS G 340 -32.57 -27.87 -4.25
N ALA G 341 -31.67 -27.20 -5.00
CA ALA G 341 -30.80 -27.82 -5.99
C ALA G 341 -30.05 -28.99 -5.38
N ALA G 342 -29.99 -30.11 -6.10
CA ALA G 342 -29.27 -31.27 -5.58
C ALA G 342 -27.74 -31.02 -5.56
N ALA G 343 -27.26 -30.13 -6.45
CA ALA G 343 -25.85 -29.84 -6.55
C ALA G 343 -25.59 -28.51 -7.29
N ILE G 344 -24.37 -27.98 -7.11
CA ILE G 344 -23.83 -26.84 -7.82
C ILE G 344 -22.63 -27.43 -8.53
N ILE G 345 -22.65 -27.51 -9.86
CA ILE G 345 -21.54 -28.05 -10.61
C ILE G 345 -20.66 -26.90 -11.05
N VAL G 346 -19.39 -26.89 -10.62
CA VAL G 346 -18.50 -25.78 -10.94
C VAL G 346 -17.25 -26.25 -11.65
N LEU G 347 -16.84 -25.54 -12.70
CA LEU G 347 -15.61 -25.84 -13.42
C LEU G 347 -14.54 -24.99 -12.76
N THR G 348 -13.45 -25.62 -12.35
CA THR G 348 -12.37 -24.91 -11.67
C THR G 348 -10.99 -25.45 -12.06
N THR G 349 -9.99 -24.56 -12.21
CA THR G 349 -8.64 -25.02 -12.53
C THR G 349 -7.80 -25.05 -11.26
N THR G 350 -7.92 -24.03 -10.42
CA THR G 350 -7.17 -23.90 -9.17
C THR G 350 -7.98 -24.28 -7.94
N GLY G 351 -9.30 -24.44 -8.06
CA GLY G 351 -10.18 -24.72 -6.92
C GLY G 351 -10.84 -23.49 -6.34
N ARG G 352 -10.39 -22.28 -6.75
CA ARG G 352 -10.88 -21.03 -6.19
C ARG G 352 -12.40 -20.81 -6.36
N SER G 353 -12.96 -21.12 -7.54
CA SER G 353 -14.40 -20.94 -7.77
C SER G 353 -15.23 -21.82 -6.84
N ALA G 354 -14.74 -23.03 -6.56
CA ALA G 354 -15.43 -23.96 -5.64
C ALA G 354 -15.29 -23.45 -4.22
N GLN G 355 -14.14 -22.87 -3.84
CA GLN G 355 -13.92 -22.34 -2.51
C GLN G 355 -14.88 -21.18 -2.21
N LEU G 356 -15.06 -20.28 -3.17
CA LEU G 356 -15.98 -19.14 -3.01
C LEU G 356 -17.44 -19.59 -2.93
N LEU G 357 -17.80 -20.74 -3.49
CA LEU G 357 -19.15 -21.28 -3.34
C LEU G 357 -19.29 -21.83 -1.92
N SER G 358 -18.32 -22.62 -1.50
CA SER G 358 -18.22 -23.28 -0.20
C SER G 358 -18.33 -22.33 1.01
N ARG G 359 -17.79 -21.11 0.88
CA ARG G 359 -17.81 -20.12 1.97
C ARG G 359 -19.22 -19.68 2.39
N TYR G 360 -20.20 -19.79 1.46
CA TYR G 360 -21.60 -19.45 1.77
C TYR G 360 -22.39 -20.60 2.34
N ARG G 361 -21.75 -21.74 2.55
CA ARG G 361 -22.35 -22.93 3.15
C ARG G 361 -23.66 -23.37 2.51
N PRO G 362 -23.63 -23.66 1.21
CA PRO G 362 -24.86 -24.16 0.57
C PRO G 362 -25.21 -25.55 1.09
N ARG G 363 -26.49 -25.88 1.09
CA ARG G 363 -26.93 -27.24 1.40
C ARG G 363 -26.63 -28.13 0.15
N ALA G 364 -26.66 -27.57 -1.06
CA ALA G 364 -26.38 -28.30 -2.29
C ALA G 364 -24.91 -28.68 -2.33
N ALA G 365 -24.59 -29.92 -2.75
CA ALA G 365 -23.21 -30.37 -2.88
C ALA G 365 -22.52 -29.54 -3.97
N VAL G 366 -21.24 -29.17 -3.77
CA VAL G 366 -20.50 -28.43 -4.80
C VAL G 366 -19.65 -29.42 -5.53
N ILE G 367 -20.06 -29.84 -6.73
CA ILE G 367 -19.34 -30.80 -7.50
C ILE G 367 -18.33 -30.04 -8.34
N ALA G 368 -17.04 -30.12 -8.00
CA ALA G 368 -16.01 -29.37 -8.71
C ALA G 368 -15.33 -30.22 -9.76
N VAL G 369 -15.49 -29.88 -11.02
CA VAL G 369 -14.87 -30.60 -12.11
C VAL G 369 -13.57 -29.88 -12.50
N THR G 370 -12.46 -30.60 -12.42
CA THR G 370 -11.17 -30.02 -12.76
C THR G 370 -10.28 -30.96 -13.53
N ARG G 371 -9.37 -30.39 -14.32
CA ARG G 371 -8.34 -31.16 -15.02
C ARG G 371 -7.04 -31.25 -14.16
N SER G 372 -6.91 -30.39 -13.12
CA SER G 372 -5.78 -30.35 -12.21
C SER G 372 -5.92 -31.40 -11.11
N ALA G 373 -5.05 -32.40 -11.10
CA ALA G 373 -5.05 -33.43 -10.06
C ALA G 373 -4.76 -32.85 -8.69
N GLN G 374 -3.88 -31.82 -8.62
CA GLN G 374 -3.59 -31.16 -7.33
C GLN G 374 -4.80 -30.40 -6.80
N ALA G 375 -5.48 -29.63 -7.64
CA ALA G 375 -6.66 -28.88 -7.21
C ALA G 375 -7.75 -29.84 -6.74
N ALA G 376 -7.92 -30.97 -7.45
CA ALA G 376 -8.89 -31.99 -7.06
C ALA G 376 -8.60 -32.52 -5.64
N ARG G 377 -7.32 -32.73 -5.31
CA ARG G 377 -6.97 -33.18 -3.97
C ARG G 377 -7.14 -32.06 -2.92
N GLN G 378 -6.70 -30.84 -3.26
CA GLN G 378 -6.74 -29.72 -2.33
C GLN G 378 -8.10 -29.20 -1.98
N VAL G 379 -9.10 -29.29 -2.90
CA VAL G 379 -10.44 -28.78 -2.58
C VAL G 379 -11.13 -29.57 -1.48
N HIS G 380 -10.57 -30.73 -1.04
CA HIS G 380 -11.10 -31.48 0.09
C HIS G 380 -11.02 -30.61 1.39
N LEU G 381 -10.18 -29.56 1.41
CA LEU G 381 -10.09 -28.65 2.53
C LEU G 381 -11.37 -27.84 2.73
N CYS G 382 -12.16 -27.65 1.66
CA CYS G 382 -13.37 -26.84 1.70
C CYS G 382 -14.61 -27.65 1.86
N ARG G 383 -15.39 -27.36 2.90
CA ARG G 383 -16.62 -28.12 3.15
C ARG G 383 -17.59 -28.11 1.97
N GLY G 384 -18.09 -29.29 1.66
CA GLY G 384 -19.08 -29.47 0.62
C GLY G 384 -18.57 -29.50 -0.79
N VAL G 385 -17.23 -29.60 -0.99
CA VAL G 385 -16.68 -29.64 -2.33
C VAL G 385 -16.31 -31.07 -2.66
N PHE G 386 -16.92 -31.63 -3.69
CA PHE G 386 -16.72 -33.01 -4.14
C PHE G 386 -15.95 -32.94 -5.45
N PRO G 387 -14.65 -33.21 -5.40
CA PRO G 387 -13.84 -33.10 -6.63
C PRO G 387 -13.97 -34.24 -7.63
N LEU G 388 -14.06 -33.90 -8.92
CA LEU G 388 -14.06 -34.88 -9.96
C LEU G 388 -12.89 -34.53 -10.86
N LEU G 389 -11.96 -35.47 -11.03
CA LEU G 389 -10.80 -35.26 -11.90
C LEU G 389 -11.14 -35.69 -13.33
N TYR G 390 -11.14 -34.75 -14.25
CA TYR G 390 -11.48 -34.98 -15.63
C TYR G 390 -10.21 -35.28 -16.42
N ARG G 391 -10.16 -36.45 -17.06
CA ARG G 391 -8.97 -36.87 -17.80
C ARG G 391 -9.18 -36.97 -19.31
N GLU G 392 -10.35 -36.61 -19.82
CA GLU G 392 -10.63 -36.71 -21.25
C GLU G 392 -9.82 -35.75 -22.09
N PRO G 393 -9.51 -36.15 -23.34
CA PRO G 393 -8.80 -35.26 -24.24
C PRO G 393 -9.68 -34.08 -24.66
N PRO G 394 -9.05 -32.95 -25.02
CA PRO G 394 -9.81 -31.76 -25.31
C PRO G 394 -10.66 -31.84 -26.54
N GLU G 395 -11.69 -31.01 -26.53
CA GLU G 395 -12.50 -30.85 -27.70
C GLU G 395 -11.88 -29.67 -28.47
N ALA G 396 -12.07 -29.66 -29.80
CA ALA G 396 -11.55 -28.57 -30.64
C ALA G 396 -12.23 -27.25 -30.26
N ILE G 397 -13.57 -27.29 -30.09
CA ILE G 397 -14.38 -26.14 -29.71
C ILE G 397 -14.45 -26.06 -28.19
N TRP G 398 -14.02 -24.95 -27.62
CA TRP G 398 -14.00 -24.73 -26.17
C TRP G 398 -15.35 -24.89 -25.50
N ALA G 399 -16.39 -24.28 -26.03
CA ALA G 399 -17.75 -24.39 -25.48
C ALA G 399 -18.20 -25.88 -25.42
N ASP G 400 -17.79 -26.73 -26.36
CA ASP G 400 -18.13 -28.16 -26.33
C ASP G 400 -17.37 -28.89 -25.25
N ASP G 401 -16.13 -28.53 -25.05
CA ASP G 401 -15.29 -29.06 -24.00
C ASP G 401 -15.85 -28.64 -22.59
N VAL G 402 -16.40 -27.42 -22.47
CA VAL G 402 -17.04 -26.98 -21.23
C VAL G 402 -18.28 -27.87 -20.96
N ASP G 403 -19.17 -28.05 -21.98
CA ASP G 403 -20.36 -28.89 -21.89
C ASP G 403 -20.09 -30.32 -21.53
N ARG G 404 -19.01 -30.89 -22.08
CA ARG G 404 -18.64 -32.25 -21.78
C ARG G 404 -18.24 -32.39 -20.31
N ARG G 405 -17.56 -31.36 -19.77
CA ARG G 405 -17.13 -31.35 -18.38
C ARG G 405 -18.30 -31.24 -17.44
N VAL G 406 -19.31 -30.43 -17.81
CA VAL G 406 -20.54 -30.26 -17.05
C VAL G 406 -21.31 -31.59 -17.05
N GLN G 407 -21.45 -32.25 -18.21
CA GLN G 407 -22.09 -33.57 -18.27
C GLN G 407 -21.35 -34.63 -17.50
N PHE G 408 -20.03 -34.57 -17.45
CA PHE G 408 -19.22 -35.48 -16.65
C PHE G 408 -19.57 -35.33 -15.15
N GLY G 409 -19.87 -34.12 -14.72
CA GLY G 409 -20.27 -33.87 -13.35
C GLY G 409 -21.63 -34.41 -13.04
N ILE G 410 -22.58 -34.29 -13.99
CA ILE G 410 -23.95 -34.77 -13.88
C ILE G 410 -23.96 -36.30 -13.88
N GLU G 411 -23.21 -36.92 -14.82
CA GLU G 411 -23.08 -38.37 -14.96
C GLU G 411 -22.47 -38.92 -13.70
N SER G 412 -21.36 -38.30 -13.18
CA SER G 412 -20.77 -38.78 -11.91
C SER G 412 -21.76 -38.60 -10.76
N GLY G 413 -22.47 -37.48 -10.73
CA GLY G 413 -23.47 -37.22 -9.70
C GLY G 413 -24.57 -38.26 -9.70
N LYS G 414 -25.01 -38.69 -10.88
CA LYS G 414 -26.05 -39.70 -11.05
C LYS G 414 -25.56 -41.07 -10.59
N LEU G 415 -24.36 -41.47 -11.01
CA LEU G 415 -23.78 -42.74 -10.63
C LEU G 415 -23.57 -42.83 -9.14
N ARG G 416 -23.11 -41.71 -8.51
CA ARG G 416 -22.84 -41.68 -7.08
C ARG G 416 -24.05 -41.41 -6.18
N GLY G 417 -25.22 -41.19 -6.76
CA GLY G 417 -26.42 -40.92 -5.97
C GLY G 417 -26.71 -39.48 -5.59
N PHE G 418 -25.88 -38.51 -5.97
CA PHE G 418 -26.14 -37.09 -5.68
C PHE G 418 -27.33 -36.56 -6.48
N LEU G 419 -27.55 -37.09 -7.71
CA LEU G 419 -28.55 -36.57 -8.63
C LEU G 419 -29.46 -37.62 -9.22
N ARG G 420 -30.67 -37.20 -9.63
CA ARG G 420 -31.65 -38.04 -10.31
C ARG G 420 -32.28 -37.20 -11.43
N VAL G 421 -32.87 -37.84 -12.44
CA VAL G 421 -33.60 -37.17 -13.52
C VAL G 421 -34.76 -36.37 -12.92
N GLY G 422 -34.91 -35.12 -13.31
CA GLY G 422 -35.91 -34.25 -12.72
C GLY G 422 -35.33 -33.27 -11.69
N ASP G 423 -34.14 -33.54 -11.16
CA ASP G 423 -33.50 -32.62 -10.21
C ASP G 423 -33.07 -31.31 -10.89
N LEU G 424 -32.90 -30.25 -10.09
CA LEU G 424 -32.35 -29.01 -10.61
C LEU G 424 -30.91 -28.90 -10.11
N VAL G 425 -30.00 -28.49 -10.96
CA VAL G 425 -28.63 -28.21 -10.53
C VAL G 425 -28.30 -26.80 -11.02
N ILE G 426 -27.33 -26.17 -10.35
CA ILE G 426 -26.81 -24.86 -10.70
C ILE G 426 -25.46 -25.11 -11.33
N VAL G 427 -25.15 -24.53 -12.47
CA VAL G 427 -23.88 -24.75 -13.15
C VAL G 427 -23.10 -23.45 -13.18
N VAL G 428 -21.88 -23.48 -12.64
CA VAL G 428 -21.05 -22.28 -12.56
C VAL G 428 -19.83 -22.44 -13.47
N THR G 429 -19.70 -21.55 -14.45
CA THR G 429 -18.62 -21.55 -15.44
C THR G 429 -18.12 -20.06 -15.71
N GLY G 430 -17.21 -19.87 -16.64
CA GLY G 430 -16.71 -18.57 -17.04
C GLY G 430 -16.88 -18.34 -18.52
N TRP G 431 -16.58 -17.11 -18.96
CA TRP G 431 -16.80 -16.74 -20.35
C TRP G 431 -15.70 -17.12 -21.32
N ARG G 432 -14.52 -17.44 -20.81
CA ARG G 432 -13.38 -17.77 -21.63
C ARG G 432 -12.50 -18.74 -20.86
N PRO G 433 -11.67 -19.54 -21.59
CA PRO G 433 -10.76 -20.48 -20.92
C PRO G 433 -9.79 -19.76 -20.03
N GLY G 434 -9.23 -20.51 -19.10
CA GLY G 434 -8.27 -19.96 -18.17
C GLY G 434 -8.86 -19.71 -16.81
N SER G 435 -8.06 -19.82 -15.79
CA SER G 435 -8.48 -19.56 -14.42
C SER G 435 -8.75 -18.04 -14.23
N GLY G 436 -9.56 -17.71 -13.22
CA GLY G 436 -9.90 -16.33 -12.87
C GLY G 436 -11.01 -15.63 -13.62
N TYR G 437 -11.80 -16.34 -14.43
CA TYR G 437 -12.86 -15.71 -15.24
C TYR G 437 -14.26 -16.21 -14.99
N THR G 438 -14.52 -16.95 -13.89
CA THR G 438 -15.88 -17.43 -13.59
C THR G 438 -16.85 -16.27 -13.52
N ASN G 439 -17.96 -16.30 -14.25
CA ASN G 439 -18.91 -15.18 -14.27
C ASN G 439 -20.34 -15.62 -14.70
N ILE G 440 -20.60 -16.92 -14.85
CA ILE G 440 -21.87 -17.42 -15.33
C ILE G 440 -22.46 -18.43 -14.35
N MET G 441 -23.76 -18.29 -14.13
CA MET G 441 -24.55 -19.19 -13.28
C MET G 441 -25.74 -19.64 -14.18
N ARG G 442 -25.95 -20.95 -14.35
CA ARG G 442 -27.06 -21.46 -15.16
C ARG G 442 -27.89 -22.41 -14.32
N VAL G 443 -29.20 -22.43 -14.57
CA VAL G 443 -30.14 -23.35 -13.92
C VAL G 443 -30.43 -24.46 -14.92
N LEU G 444 -30.09 -25.69 -14.55
CA LEU G 444 -30.22 -26.83 -15.43
C LEU G 444 -31.15 -27.90 -14.85
N SER G 445 -32.03 -28.45 -15.67
CA SER G 445 -32.89 -29.54 -15.23
C SER G 445 -32.19 -30.85 -15.64
N ILE G 446 -32.06 -31.81 -14.73
CA ILE G 446 -31.38 -33.07 -15.03
C ILE G 446 -32.25 -33.96 -15.92
N SER G 447 -31.74 -34.31 -17.09
CA SER G 447 -32.44 -35.17 -18.02
C SER G 447 -31.72 -36.51 -18.22
N GLY H 23 -15.27 4.85 -4.42
CA GLY H 23 -15.03 6.10 -3.72
C GLY H 23 -15.98 6.39 -2.56
N THR H 24 -15.58 7.29 -1.66
CA THR H 24 -16.37 7.68 -0.51
C THR H 24 -17.67 8.43 -0.93
N ALA H 25 -17.57 9.22 -2.01
CA ALA H 25 -18.69 9.99 -2.54
C ALA H 25 -19.81 9.07 -3.01
N PHE H 26 -19.46 7.92 -3.61
CA PHE H 26 -20.44 6.94 -4.08
C PHE H 26 -21.31 6.45 -2.92
N PHE H 27 -20.68 6.15 -1.78
CA PHE H 27 -21.38 5.62 -0.62
C PHE H 27 -22.14 6.66 0.22
N GLN H 28 -22.06 7.95 -0.16
CA GLN H 28 -22.82 8.99 0.52
C GLN H 28 -24.12 9.34 -0.26
N GLN H 29 -24.14 9.09 -1.58
CA GLN H 29 -25.31 9.31 -2.44
C GLN H 29 -26.37 8.19 -2.23
N GLN H 30 -27.58 8.38 -2.82
CA GLN H 30 -28.75 7.50 -2.86
C GLN H 30 -29.08 6.80 -1.52
N GLN H 31 -28.94 7.54 -0.39
CA GLN H 31 -29.21 7.10 0.98
C GLN H 31 -28.52 5.78 1.31
N LEU H 32 -27.29 5.59 0.80
CA LEU H 32 -26.56 4.34 1.04
C LEU H 32 -26.22 4.13 2.54
N PRO H 33 -25.82 5.15 3.33
CA PRO H 33 -25.66 4.93 4.78
C PRO H 33 -26.96 4.42 5.44
N ALA H 34 -28.11 5.01 5.06
CA ALA H 34 -29.41 4.61 5.60
C ALA H 34 -29.81 3.19 5.14
N ALA H 35 -29.44 2.79 3.90
CA ALA H 35 -29.79 1.48 3.33
C ALA H 35 -29.02 0.34 3.99
N MET H 36 -27.79 0.63 4.52
CA MET H 36 -26.90 -0.32 5.19
C MET H 36 -27.18 -0.44 6.70
N ALA H 37 -28.08 0.37 7.27
CA ALA H 37 -28.33 0.35 8.72
C ALA H 37 -28.79 -1.00 9.26
N ASP H 38 -28.44 -1.31 10.51
CA ASP H 38 -28.77 -2.60 11.14
C ASP H 38 -30.21 -2.69 11.63
N THR H 39 -30.88 -1.55 11.84
CA THR H 39 -32.27 -1.51 12.27
C THR H 39 -33.02 -0.46 11.46
N PHE H 40 -34.35 -0.58 11.43
CA PHE H 40 -35.19 0.39 10.75
C PHE H 40 -35.10 1.76 11.45
N LEU H 41 -34.95 1.78 12.79
CA LEU H 41 -34.82 3.03 13.52
C LEU H 41 -33.53 3.75 13.09
N GLU H 42 -32.42 3.02 12.99
CA GLU H 42 -31.14 3.60 12.56
C GLU H 42 -31.23 4.05 11.10
N HIS H 43 -31.95 3.28 10.25
CA HIS H 43 -32.19 3.62 8.85
C HIS H 43 -32.85 4.99 8.76
N LEU H 44 -33.91 5.24 9.56
CA LEU H 44 -34.64 6.53 9.58
C LEU H 44 -33.70 7.64 10.05
N CYS H 45 -32.93 7.38 11.13
CA CYS H 45 -32.03 8.39 11.68
C CYS H 45 -30.94 8.79 10.69
N LEU H 46 -30.56 7.88 9.77
CA LEU H 46 -29.52 8.15 8.78
C LEU H 46 -30.00 8.77 7.46
N LEU H 47 -31.34 8.97 7.26
CA LEU H 47 -31.85 9.59 6.05
C LEU H 47 -31.30 11.01 5.95
N ASP H 48 -30.80 11.39 4.76
CA ASP H 48 -30.11 12.66 4.58
C ASP H 48 -30.68 13.42 3.40
N ILE H 49 -31.14 14.67 3.63
CA ILE H 49 -31.67 15.50 2.53
C ILE H 49 -30.56 15.89 1.53
N ASP H 50 -29.28 15.82 1.91
CA ASP H 50 -28.16 16.14 1.04
C ASP H 50 -27.66 14.93 0.25
N SER H 51 -28.17 13.71 0.53
CA SER H 51 -27.80 12.52 -0.18
C SER H 51 -28.67 12.47 -1.45
N GLU H 52 -28.07 12.78 -2.62
CA GLU H 52 -28.79 12.87 -3.86
C GLU H 52 -29.11 11.54 -4.53
N PRO H 53 -30.31 11.43 -5.13
CA PRO H 53 -30.63 10.18 -5.83
C PRO H 53 -29.78 10.03 -7.10
N VAL H 54 -29.26 8.83 -7.37
CA VAL H 54 -28.46 8.59 -8.57
C VAL H 54 -29.20 7.68 -9.53
N ALA H 55 -29.92 6.69 -9.01
CA ALA H 55 -30.66 5.73 -9.81
C ALA H 55 -31.81 6.37 -10.61
N ALA H 56 -32.15 5.75 -11.73
CA ALA H 56 -33.28 6.17 -12.53
C ALA H 56 -34.55 5.89 -11.74
N ARG H 57 -35.59 6.71 -11.95
CA ARG H 57 -36.85 6.57 -11.25
C ARG H 57 -37.53 5.28 -11.66
N SER H 58 -37.81 4.42 -10.71
CA SER H 58 -38.35 3.11 -10.99
C SER H 58 -39.89 2.97 -10.88
N THR H 59 -40.57 3.83 -10.13
CA THR H 59 -42.04 3.74 -10.00
C THR H 59 -42.67 4.40 -11.20
N SER H 60 -43.58 3.71 -11.90
CA SER H 60 -44.17 4.28 -13.12
C SER H 60 -45.19 5.30 -12.84
N ILE H 61 -45.33 6.27 -13.75
CA ILE H 61 -46.32 7.28 -13.61
C ILE H 61 -47.41 7.03 -14.63
N ILE H 62 -48.66 6.92 -14.18
CA ILE H 62 -49.82 6.80 -15.05
C ILE H 62 -50.49 8.17 -15.11
N ALA H 63 -50.70 8.70 -16.30
CA ALA H 63 -51.33 10.01 -16.46
C ALA H 63 -52.62 9.84 -17.24
N THR H 64 -53.75 10.28 -16.66
CA THR H 64 -55.04 10.26 -17.33
C THR H 64 -55.05 11.36 -18.38
N ILE H 65 -55.54 11.00 -19.59
CA ILE H 65 -55.62 11.85 -20.75
C ILE H 65 -56.95 12.57 -20.73
N GLY H 66 -56.90 13.84 -21.09
CA GLY H 66 -58.09 14.66 -21.15
C GLY H 66 -57.83 15.93 -21.92
N PRO H 67 -58.75 16.90 -21.82
CA PRO H 67 -58.56 18.18 -22.54
C PRO H 67 -57.24 18.88 -22.29
N ALA H 68 -56.66 18.73 -21.11
CA ALA H 68 -55.38 19.36 -20.75
C ALA H 68 -54.13 18.61 -21.27
N SER H 69 -54.30 17.40 -21.82
CA SER H 69 -53.16 16.58 -22.21
C SER H 69 -53.37 15.79 -23.47
N ARG H 70 -54.22 16.25 -24.37
CA ARG H 70 -54.48 15.56 -25.63
C ARG H 70 -53.64 16.09 -26.81
N SER H 71 -53.05 17.26 -26.70
CA SER H 71 -52.26 17.83 -27.78
C SER H 71 -51.03 16.94 -28.00
N VAL H 72 -50.69 16.62 -29.25
CA VAL H 72 -49.50 15.84 -29.56
C VAL H 72 -48.24 16.51 -29.00
N GLU H 73 -48.17 17.84 -29.06
CA GLU H 73 -47.04 18.60 -28.52
C GLU H 73 -46.96 18.55 -27.00
N ARG H 74 -48.13 18.60 -26.34
CA ARG H 74 -48.22 18.54 -24.88
C ARG H 74 -47.84 17.10 -24.44
N LEU H 75 -48.30 16.06 -25.15
CA LEU H 75 -47.99 14.65 -24.87
C LEU H 75 -46.50 14.36 -25.02
N LYS H 76 -45.80 15.04 -25.93
CA LYS H 76 -44.35 14.89 -26.07
C LYS H 76 -43.66 15.41 -24.84
N GLU H 77 -44.14 16.55 -24.29
CA GLU H 77 -43.57 17.09 -23.09
C GLU H 77 -43.82 16.18 -21.88
N MET H 78 -44.96 15.52 -21.82
CA MET H 78 -45.28 14.62 -20.72
CA MET H 78 -45.28 14.62 -20.72
C MET H 78 -44.44 13.34 -20.77
N ILE H 79 -44.12 12.85 -21.99
CA ILE H 79 -43.26 11.69 -22.15
C ILE H 79 -41.86 12.08 -21.68
N LYS H 80 -41.37 13.27 -22.04
CA LYS H 80 -40.06 13.75 -21.55
C LYS H 80 -40.04 13.98 -20.02
N ALA H 81 -41.16 14.42 -19.41
CA ALA H 81 -41.28 14.64 -17.97
C ALA H 81 -41.31 13.33 -17.19
N GLY H 82 -41.68 12.21 -17.85
CA GLY H 82 -41.69 10.91 -17.19
C GLY H 82 -42.95 10.05 -17.27
N MET H 83 -43.97 10.44 -18.04
CA MET H 83 -45.18 9.65 -18.21
C MET H 83 -44.83 8.29 -18.84
N ASN H 84 -45.34 7.20 -18.24
CA ASN H 84 -45.09 5.87 -18.74
C ASN H 84 -46.32 5.21 -19.27
N ILE H 85 -47.48 5.48 -18.64
CA ILE H 85 -48.75 4.88 -19.05
C ILE H 85 -49.80 5.98 -19.22
N ALA H 86 -50.54 5.95 -20.33
CA ALA H 86 -51.59 6.91 -20.61
C ALA H 86 -52.92 6.23 -20.27
N ARG H 87 -53.67 6.82 -19.35
CA ARG H 87 -54.95 6.25 -18.96
C ARG H 87 -56.12 6.94 -19.68
N LEU H 88 -56.99 6.13 -20.29
CA LEU H 88 -58.18 6.63 -20.97
C LEU H 88 -59.34 6.30 -20.07
N ASN H 89 -59.98 7.34 -19.49
CA ASN H 89 -61.09 7.10 -18.59
C ASN H 89 -62.37 6.99 -19.40
N PHE H 90 -62.89 5.76 -19.56
CA PHE H 90 -64.12 5.54 -20.33
C PHE H 90 -65.40 5.93 -19.58
N SER H 91 -65.29 6.53 -18.39
CA SER H 91 -66.45 7.11 -17.68
C SER H 91 -66.89 8.43 -18.36
N HIS H 92 -66.03 9.04 -19.18
CA HIS H 92 -66.27 10.28 -19.90
C HIS H 92 -65.84 10.12 -21.37
N GLY H 93 -66.53 10.80 -22.28
CA GLY H 93 -66.16 10.78 -23.68
C GLY H 93 -66.68 9.61 -24.48
N SER H 94 -66.78 9.80 -25.76
CA SER H 94 -67.25 8.78 -26.69
C SER H 94 -66.08 7.92 -27.19
N HIS H 95 -66.38 6.85 -27.95
CA HIS H 95 -65.38 6.01 -28.59
C HIS H 95 -64.54 6.84 -29.57
N GLU H 96 -65.16 7.79 -30.27
CA GLU H 96 -64.47 8.67 -31.21
C GLU H 96 -63.45 9.54 -30.48
N TYR H 97 -63.82 10.04 -29.30
CA TYR H 97 -62.95 10.86 -28.49
C TYR H 97 -61.72 10.04 -28.03
N HIS H 98 -61.96 8.83 -27.53
CA HIS H 98 -60.87 7.96 -27.07
C HIS H 98 -59.97 7.45 -28.19
N ALA H 99 -60.52 7.23 -29.38
CA ALA H 99 -59.72 6.83 -30.55
C ALA H 99 -58.74 7.97 -30.93
N GLU H 100 -59.19 9.23 -30.83
CA GLU H 100 -58.33 10.39 -31.12
C GLU H 100 -57.26 10.51 -30.05
N SER H 101 -57.59 10.21 -28.79
CA SER H 101 -56.63 10.23 -27.68
C SER H 101 -55.53 9.22 -27.95
N ILE H 102 -55.92 7.99 -28.33
CA ILE H 102 -55.02 6.90 -28.65
C ILE H 102 -54.09 7.31 -29.79
N ALA H 103 -54.66 7.86 -30.88
CA ALA H 103 -53.90 8.29 -32.05
C ALA H 103 -52.89 9.39 -31.71
N ASN H 104 -53.26 10.32 -30.81
CA ASN H 104 -52.37 11.42 -30.38
C ASN H 104 -51.24 10.91 -29.52
N VAL H 105 -51.55 9.95 -28.63
CA VAL H 105 -50.52 9.33 -27.80
C VAL H 105 -49.52 8.59 -28.71
N ARG H 106 -50.00 7.74 -29.59
CA ARG H 106 -49.13 7.01 -30.53
C ARG H 106 -48.29 7.95 -31.40
N GLU H 107 -48.87 9.06 -31.88
CA GLU H 107 -48.13 10.03 -32.69
C GLU H 107 -47.02 10.68 -31.88
N ALA H 108 -47.30 11.09 -30.64
CA ALA H 108 -46.26 11.68 -29.78
C ALA H 108 -45.16 10.65 -29.40
N VAL H 109 -45.55 9.41 -29.10
CA VAL H 109 -44.59 8.36 -28.76
C VAL H 109 -43.70 8.03 -29.96
N GLU H 110 -44.29 7.85 -31.16
CA GLU H 110 -43.52 7.52 -32.36
C GLU H 110 -42.69 8.66 -32.90
N SER H 111 -42.88 9.90 -32.42
CA SER H 111 -42.06 11.01 -32.85
C SER H 111 -40.60 10.89 -32.36
N PHE H 112 -40.35 10.01 -31.38
CA PHE H 112 -39.02 9.78 -30.88
C PHE H 112 -38.44 8.45 -31.38
N ALA H 113 -39.15 7.71 -32.23
CA ALA H 113 -38.70 6.43 -32.77
C ALA H 113 -37.49 6.52 -33.74
N GLY H 114 -37.16 7.72 -34.21
CA GLY H 114 -36.02 7.93 -35.10
C GLY H 114 -34.69 7.73 -34.40
N SER H 115 -34.67 7.80 -33.05
CA SER H 115 -33.49 7.53 -32.25
C SER H 115 -33.80 6.32 -31.37
N PRO H 116 -33.52 5.10 -31.87
CA PRO H 116 -33.89 3.89 -31.11
C PRO H 116 -33.26 3.74 -29.73
N LEU H 117 -32.04 4.27 -29.53
CA LEU H 117 -31.38 4.15 -28.24
C LEU H 117 -32.04 5.00 -27.14
N SER H 118 -32.92 5.96 -27.50
CA SER H 118 -33.58 6.79 -26.49
C SER H 118 -35.14 6.71 -26.51
N TYR H 119 -35.69 5.98 -27.48
CA TYR H 119 -37.15 5.83 -27.63
C TYR H 119 -37.82 5.28 -26.34
N ARG H 120 -38.87 5.96 -25.86
CA ARG H 120 -39.59 5.52 -24.66
C ARG H 120 -40.97 4.94 -24.99
N PRO H 121 -41.19 3.64 -24.80
CA PRO H 121 -42.53 3.09 -25.00
C PRO H 121 -43.51 3.69 -23.97
N VAL H 122 -44.76 3.92 -24.36
CA VAL H 122 -45.79 4.40 -23.45
C VAL H 122 -47.00 3.47 -23.61
N ALA H 123 -47.43 2.84 -22.50
CA ALA H 123 -48.58 1.94 -22.54
C ALA H 123 -49.89 2.72 -22.60
N ILE H 124 -50.94 2.09 -23.12
CA ILE H 124 -52.25 2.67 -23.17
C ILE H 124 -53.16 1.78 -22.34
N ALA H 125 -53.76 2.37 -21.31
CA ALA H 125 -54.64 1.67 -20.42
C ALA H 125 -56.07 2.18 -20.58
N LEU H 126 -57.04 1.27 -20.64
CA LEU H 126 -58.45 1.62 -20.77
C LEU H 126 -59.07 1.43 -19.39
N ASP H 127 -59.56 2.50 -18.76
CA ASP H 127 -60.22 2.40 -17.46
C ASP H 127 -61.73 2.33 -17.75
N THR H 128 -62.38 1.21 -17.40
CA THR H 128 -63.81 1.02 -17.69
C THR H 128 -64.73 1.89 -16.84
N LYS H 129 -65.96 2.15 -17.35
CA LYS H 129 -66.99 2.92 -16.68
C LYS H 129 -67.48 2.19 -15.43
N GLY H 130 -67.65 0.87 -15.52
CA GLY H 130 -68.08 0.08 -14.38
C GLY H 130 -69.48 -0.48 -14.46
N PRO H 131 -69.86 -1.28 -13.45
CA PRO H 131 -71.19 -1.92 -13.47
C PRO H 131 -72.35 -1.05 -13.03
N GLY H 132 -72.06 0.04 -12.30
CA GLY H 132 -73.08 0.92 -11.77
C GLY H 132 -74.03 0.19 -10.85
N SER H 133 -75.34 0.28 -11.13
CA SER H 133 -76.36 -0.42 -10.35
C SER H 133 -76.39 -1.96 -10.62
N GLY H 134 -75.78 -2.39 -11.73
CA GLY H 134 -75.75 -3.79 -12.14
C GLY H 134 -74.95 -4.74 -11.28
N PRO H 135 -75.26 -6.05 -11.41
CA PRO H 135 -74.55 -7.05 -10.58
C PRO H 135 -73.16 -7.45 -11.10
N GLY H 136 -72.99 -7.40 -12.44
CA GLY H 136 -71.74 -7.75 -13.09
C GLY H 136 -71.40 -6.84 -14.25
N LEU H 137 -70.83 -7.42 -15.33
CA LEU H 137 -70.39 -6.66 -16.50
C LEU H 137 -71.51 -5.99 -17.27
N SER H 138 -71.49 -4.66 -17.34
CA SER H 138 -72.50 -3.90 -18.05
C SER H 138 -72.36 -4.03 -19.58
N GLU H 139 -73.41 -3.66 -20.35
CA GLU H 139 -73.35 -3.71 -21.80
C GLU H 139 -72.45 -2.63 -22.40
N GLN H 140 -72.33 -1.48 -21.72
CA GLN H 140 -71.41 -0.44 -22.17
C GLN H 140 -69.96 -0.92 -21.97
N ASP H 141 -69.68 -1.64 -20.87
CA ASP H 141 -68.35 -2.20 -20.63
C ASP H 141 -67.99 -3.22 -21.69
N VAL H 142 -68.95 -4.04 -22.16
CA VAL H 142 -68.68 -5.00 -23.23
C VAL H 142 -68.30 -4.30 -24.53
N ARG H 143 -68.98 -3.20 -24.85
CA ARG H 143 -68.67 -2.43 -26.05
C ARG H 143 -67.34 -1.71 -25.94
N ASP H 144 -67.02 -1.18 -24.75
CA ASP H 144 -65.76 -0.47 -24.50
C ASP H 144 -64.58 -1.43 -24.51
N LEU H 145 -64.75 -2.64 -23.96
CA LEU H 145 -63.69 -3.65 -23.96
C LEU H 145 -63.40 -4.13 -25.38
N ARG H 146 -64.45 -4.30 -26.19
CA ARG H 146 -64.27 -4.69 -27.57
C ARG H 146 -63.56 -3.55 -28.37
N PHE H 147 -63.85 -2.26 -28.03
CA PHE H 147 -63.19 -1.12 -28.63
C PHE H 147 -61.67 -1.18 -28.29
N GLY H 148 -61.34 -1.52 -27.05
CA GLY H 148 -59.97 -1.60 -26.60
C GLY H 148 -59.18 -2.64 -27.35
N VAL H 149 -59.76 -3.83 -27.53
CA VAL H 149 -59.10 -4.88 -28.32
C VAL H 149 -58.90 -4.41 -29.78
N GLU H 150 -59.95 -3.80 -30.39
CA GLU H 150 -59.86 -3.30 -31.77
C GLU H 150 -58.82 -2.20 -31.93
N HIS H 151 -58.56 -1.42 -30.88
CA HIS H 151 -57.57 -0.35 -30.93
C HIS H 151 -56.22 -0.69 -30.31
N GLY H 152 -56.03 -1.95 -29.91
CA GLY H 152 -54.77 -2.44 -29.37
C GLY H 152 -54.32 -1.89 -28.04
N VAL H 153 -55.24 -1.71 -27.07
CA VAL H 153 -54.83 -1.24 -25.73
C VAL H 153 -54.01 -2.31 -25.05
N ASP H 154 -53.12 -1.91 -24.14
CA ASP H 154 -52.23 -2.85 -23.48
C ASP H 154 -52.79 -3.35 -22.17
N ILE H 155 -53.52 -2.47 -21.46
CA ILE H 155 -54.01 -2.75 -20.13
C ILE H 155 -55.47 -2.33 -19.99
N VAL H 156 -56.20 -3.03 -19.15
CA VAL H 156 -57.56 -2.67 -18.79
C VAL H 156 -57.56 -2.44 -17.27
N PHE H 157 -58.01 -1.28 -16.81
CA PHE H 157 -58.20 -1.03 -15.38
C PHE H 157 -59.69 -1.30 -15.20
N ALA H 158 -60.05 -2.50 -14.75
CA ALA H 158 -61.44 -2.90 -14.60
C ALA H 158 -62.08 -2.29 -13.33
N SER H 159 -63.00 -1.33 -13.49
CA SER H 159 -63.69 -0.67 -12.37
C SER H 159 -64.59 -1.59 -11.55
N PHE H 160 -64.68 -1.30 -10.25
CA PHE H 160 -65.50 -1.96 -9.24
C PHE H 160 -65.48 -3.50 -9.30
N VAL H 161 -64.28 -4.11 -9.25
CA VAL H 161 -64.18 -5.57 -9.23
C VAL H 161 -64.52 -6.04 -7.82
N ARG H 162 -65.46 -6.99 -7.67
CA ARG H 162 -65.92 -7.46 -6.36
C ARG H 162 -65.69 -8.94 -6.11
N LYS H 163 -65.39 -9.71 -7.15
CA LYS H 163 -65.16 -11.14 -7.02
C LYS H 163 -64.39 -11.66 -8.23
N ALA H 164 -63.89 -12.89 -8.18
CA ALA H 164 -63.12 -13.46 -9.29
C ALA H 164 -63.94 -13.59 -10.57
N SER H 165 -65.26 -13.80 -10.46
CA SER H 165 -66.10 -13.94 -11.65
C SER H 165 -66.22 -12.62 -12.45
N ASP H 166 -66.00 -11.47 -11.79
CA ASP H 166 -65.99 -10.16 -12.49
C ASP H 166 -64.77 -10.09 -13.42
N VAL H 167 -63.61 -10.62 -12.99
CA VAL H 167 -62.40 -10.63 -13.78
C VAL H 167 -62.57 -11.57 -14.99
N ALA H 168 -63.18 -12.74 -14.77
CA ALA H 168 -63.44 -13.73 -15.81
C ALA H 168 -64.37 -13.15 -16.86
N ALA H 169 -65.36 -12.34 -16.45
CA ALA H 169 -66.28 -11.68 -17.38
C ALA H 169 -65.51 -10.70 -18.28
N VAL H 170 -64.58 -9.91 -17.69
CA VAL H 170 -63.76 -8.97 -18.45
C VAL H 170 -62.87 -9.72 -19.43
N ARG H 171 -62.27 -10.82 -18.98
N ARG H 171 -62.27 -10.82 -18.98
CA ARG H 171 -61.41 -11.64 -19.83
CA ARG H 171 -61.41 -11.64 -19.83
C ARG H 171 -62.20 -12.20 -21.03
C ARG H 171 -62.21 -12.19 -21.04
N ALA H 172 -63.43 -12.68 -20.79
CA ALA H 172 -64.30 -13.20 -21.85
C ALA H 172 -64.68 -12.09 -22.83
N ALA H 173 -64.98 -10.88 -22.33
CA ALA H 173 -65.34 -9.75 -23.19
C ALA H 173 -64.19 -9.29 -24.08
N LEU H 174 -62.95 -9.51 -23.66
CA LEU H 174 -61.79 -9.20 -24.49
C LEU H 174 -61.64 -10.18 -25.68
N GLY H 175 -62.24 -11.37 -25.58
CA GLY H 175 -62.24 -12.40 -26.61
C GLY H 175 -60.90 -13.04 -26.88
N PRO H 176 -60.84 -13.86 -27.94
CA PRO H 176 -59.58 -14.54 -28.28
C PRO H 176 -58.47 -13.59 -28.73
N GLU H 177 -58.83 -12.46 -29.34
CA GLU H 177 -57.85 -11.52 -29.83
C GLU H 177 -57.24 -10.63 -28.70
N GLY H 178 -57.86 -10.60 -27.53
CA GLY H 178 -57.36 -9.80 -26.41
C GLY H 178 -56.74 -10.62 -25.28
N HIS H 179 -56.16 -11.80 -25.62
CA HIS H 179 -55.55 -12.66 -24.61
CA HIS H 179 -55.55 -12.65 -24.61
C HIS H 179 -54.29 -12.04 -23.99
N GLY H 180 -53.59 -11.18 -24.74
CA GLY H 180 -52.37 -10.56 -24.24
C GLY H 180 -52.56 -9.31 -23.39
N ILE H 181 -53.79 -8.78 -23.30
CA ILE H 181 -54.08 -7.57 -22.56
C ILE H 181 -54.03 -7.83 -21.06
N LYS H 182 -53.40 -6.94 -20.28
CA LYS H 182 -53.30 -7.12 -18.84
C LYS H 182 -54.55 -6.61 -18.16
N ILE H 183 -55.11 -7.36 -17.24
CA ILE H 183 -56.29 -6.93 -16.49
C ILE H 183 -55.86 -6.52 -15.09
N ILE H 184 -55.93 -5.23 -14.78
CA ILE H 184 -55.60 -4.71 -13.46
C ILE H 184 -56.94 -4.44 -12.80
N SER H 185 -57.30 -5.17 -11.76
CA SER H 185 -58.58 -5.01 -11.08
C SER H 185 -58.58 -3.84 -10.11
N LYS H 186 -59.55 -2.95 -10.26
CA LYS H 186 -59.69 -1.82 -9.33
C LYS H 186 -60.50 -2.27 -8.14
N ILE H 187 -59.94 -2.13 -6.92
CA ILE H 187 -60.64 -2.44 -5.69
C ILE H 187 -61.19 -1.12 -5.18
N GLU H 188 -62.51 -0.94 -5.24
CA GLU H 188 -63.16 0.32 -4.88
C GLU H 188 -64.21 0.22 -3.77
N ASN H 189 -64.43 -0.97 -3.19
CA ASN H 189 -65.46 -1.11 -2.16
C ASN H 189 -65.13 -2.19 -1.15
N HIS H 190 -65.95 -2.30 -0.08
CA HIS H 190 -65.74 -3.28 0.96
C HIS H 190 -65.66 -4.72 0.43
N GLU H 191 -66.55 -5.10 -0.49
CA GLU H 191 -66.55 -6.46 -1.03
C GLU H 191 -65.24 -6.83 -1.75
N GLY H 192 -64.71 -5.91 -2.56
CA GLY H 192 -63.46 -6.09 -3.25
C GLY H 192 -62.31 -6.28 -2.28
N VAL H 193 -62.31 -5.53 -1.15
CA VAL H 193 -61.28 -5.66 -0.10
C VAL H 193 -61.40 -7.02 0.57
N LYS H 194 -62.62 -7.45 0.86
CA LYS H 194 -62.85 -8.75 1.50
C LYS H 194 -62.59 -9.95 0.62
N ARG H 195 -62.85 -9.82 -0.67
CA ARG H 195 -62.58 -10.90 -1.60
C ARG H 195 -61.26 -10.72 -2.36
N PHE H 196 -60.35 -9.87 -1.83
CA PHE H 196 -59.06 -9.52 -2.41
C PHE H 196 -58.23 -10.71 -2.90
N ASP H 197 -58.02 -11.73 -2.07
CA ASP H 197 -57.17 -12.85 -2.45
C ASP H 197 -57.65 -13.60 -3.69
N GLU H 198 -58.98 -13.81 -3.83
CA GLU H 198 -59.53 -14.49 -4.99
C GLU H 198 -59.47 -13.61 -6.24
N ILE H 199 -59.60 -12.28 -6.08
CA ILE H 199 -59.49 -11.33 -7.19
C ILE H 199 -58.03 -11.26 -7.68
N LEU H 200 -57.07 -11.13 -6.76
CA LEU H 200 -55.65 -11.04 -7.12
C LEU H 200 -55.19 -12.31 -7.84
N GLU H 201 -55.69 -13.46 -7.42
CA GLU H 201 -55.31 -14.75 -7.99
C GLU H 201 -55.57 -14.82 -9.49
N VAL H 202 -56.71 -14.29 -9.95
CA VAL H 202 -57.07 -14.31 -11.36
C VAL H 202 -56.73 -13.02 -12.13
N SER H 203 -56.26 -11.97 -11.45
CA SER H 203 -55.92 -10.72 -12.10
C SER H 203 -54.41 -10.65 -12.40
N ASP H 204 -54.02 -9.76 -13.30
CA ASP H 204 -52.62 -9.51 -13.56
C ASP H 204 -52.03 -8.52 -12.51
N GLY H 205 -52.88 -7.74 -11.86
CA GLY H 205 -52.50 -6.80 -10.84
C GLY H 205 -53.71 -6.10 -10.26
N ILE H 206 -53.45 -5.08 -9.40
CA ILE H 206 -54.50 -4.37 -8.69
C ILE H 206 -54.31 -2.86 -8.73
N MET H 207 -55.39 -2.14 -8.67
CA MET H 207 -55.36 -0.70 -8.50
C MET H 207 -56.09 -0.38 -7.19
N VAL H 208 -55.46 0.38 -6.31
CA VAL H 208 -56.08 0.85 -5.07
C VAL H 208 -56.79 2.16 -5.49
N ALA H 209 -58.06 2.03 -5.85
CA ALA H 209 -58.89 3.13 -6.34
C ALA H 209 -59.44 3.87 -5.12
N ARG H 210 -58.62 4.75 -4.51
CA ARG H 210 -58.95 5.43 -3.27
C ARG H 210 -60.16 6.36 -3.32
N GLY H 211 -60.50 6.92 -4.48
CA GLY H 211 -61.65 7.82 -4.61
C GLY H 211 -62.97 7.17 -4.18
N ASP H 212 -63.37 6.12 -4.88
CA ASP H 212 -64.57 5.37 -4.53
C ASP H 212 -64.39 4.61 -3.23
N LEU H 213 -63.20 4.04 -3.00
CA LEU H 213 -62.93 3.29 -1.76
C LEU H 213 -63.16 4.17 -0.52
N GLY H 214 -62.76 5.43 -0.59
CA GLY H 214 -62.94 6.41 0.47
C GLY H 214 -64.36 6.85 0.73
N ILE H 215 -65.29 6.49 -0.17
CA ILE H 215 -66.70 6.76 0.02
C ILE H 215 -67.45 5.46 0.39
N GLU H 216 -66.98 4.30 -0.07
CA GLU H 216 -67.54 3.00 0.26
C GLU H 216 -67.20 2.53 1.66
N ILE H 217 -66.00 2.87 2.14
CA ILE H 217 -65.53 2.56 3.49
C ILE H 217 -65.17 3.88 4.20
N PRO H 218 -65.05 3.91 5.54
CA PRO H 218 -64.69 5.17 6.22
C PRO H 218 -63.36 5.71 5.70
N ALA H 219 -63.28 7.00 5.43
CA ALA H 219 -62.10 7.65 4.89
C ALA H 219 -60.82 7.34 5.71
N GLU H 220 -60.94 7.29 7.03
CA GLU H 220 -59.82 7.01 7.93
C GLU H 220 -59.33 5.56 7.87
N LYS H 221 -60.00 4.67 7.12
CA LYS H 221 -59.55 3.28 6.98
C LYS H 221 -58.87 2.99 5.62
N VAL H 222 -58.88 3.97 4.67
CA VAL H 222 -58.34 3.74 3.33
C VAL H 222 -56.85 3.38 3.38
N PHE H 223 -56.07 4.06 4.23
CA PHE H 223 -54.65 3.75 4.36
C PHE H 223 -54.38 2.28 4.75
N LEU H 224 -55.27 1.65 5.53
CA LEU H 224 -55.10 0.25 5.91
C LEU H 224 -55.30 -0.64 4.69
N ALA H 225 -56.33 -0.34 3.88
CA ALA H 225 -56.63 -1.11 2.68
C ALA H 225 -55.50 -0.95 1.67
N GLN H 226 -54.99 0.29 1.50
CA GLN H 226 -53.88 0.57 0.59
C GLN H 226 -52.63 -0.23 1.01
N LYS H 227 -52.21 -0.14 2.28
CA LYS H 227 -51.03 -0.84 2.76
C LYS H 227 -51.16 -2.36 2.70
N MET H 228 -52.37 -2.90 2.95
CA MET H 228 -52.61 -4.34 2.88
C MET H 228 -52.50 -4.84 1.44
N MET H 229 -53.16 -4.14 0.50
CA MET H 229 -53.17 -4.57 -0.90
C MET H 229 -51.81 -4.45 -1.52
N ILE H 230 -51.07 -3.38 -1.21
CA ILE H 230 -49.72 -3.22 -1.71
C ILE H 230 -48.83 -4.36 -1.19
N GLY H 231 -48.90 -4.65 0.12
CA GLY H 231 -48.16 -5.75 0.72
C GLY H 231 -48.46 -7.09 0.08
N ARG H 232 -49.76 -7.39 -0.16
CA ARG H 232 -50.16 -8.66 -0.77
C ARG H 232 -49.75 -8.78 -2.21
N CYS H 233 -49.77 -7.66 -2.96
CA CYS H 233 -49.31 -7.64 -4.34
C CYS H 233 -47.82 -7.85 -4.42
N ASN H 234 -47.07 -7.23 -3.53
CA ASN H 234 -45.61 -7.41 -3.43
C ASN H 234 -45.28 -8.86 -3.10
N LEU H 235 -46.06 -9.49 -2.21
CA LEU H 235 -45.87 -10.88 -1.84
C LEU H 235 -46.15 -11.79 -3.08
N ALA H 236 -47.22 -11.48 -3.83
CA ALA H 236 -47.60 -12.23 -5.02
C ALA H 236 -46.72 -11.94 -6.25
N GLY H 237 -45.93 -10.86 -6.21
CA GLY H 237 -45.10 -10.43 -7.33
C GLY H 237 -45.93 -9.90 -8.48
N LYS H 238 -47.08 -9.27 -8.17
CA LYS H 238 -47.98 -8.72 -9.19
C LYS H 238 -48.09 -7.21 -9.04
N PRO H 239 -48.18 -6.46 -10.15
CA PRO H 239 -48.19 -4.99 -10.04
C PRO H 239 -49.33 -4.41 -9.24
N VAL H 240 -49.04 -3.36 -8.48
CA VAL H 240 -50.07 -2.64 -7.73
C VAL H 240 -49.94 -1.13 -8.02
N VAL H 241 -51.08 -0.49 -8.32
CA VAL H 241 -51.12 0.93 -8.64
C VAL H 241 -51.75 1.69 -7.47
N CYS H 242 -51.14 2.79 -7.02
CA CYS H 242 -51.78 3.63 -6.03
C CYS H 242 -52.43 4.79 -6.80
N ALA H 243 -53.73 5.03 -6.60
CA ALA H 243 -54.42 6.05 -7.35
C ALA H 243 -55.26 6.99 -6.53
N THR H 244 -55.55 8.21 -7.12
CA THR H 244 -56.52 9.24 -6.76
C THR H 244 -56.11 10.24 -5.68
N GLN H 245 -56.18 11.52 -6.05
CA GLN H 245 -55.91 12.71 -5.25
C GLN H 245 -54.51 12.78 -4.72
N MET H 246 -53.54 12.15 -5.40
CA MET H 246 -52.16 12.15 -4.92
C MET H 246 -51.57 13.54 -4.92
N LEU H 247 -51.86 14.36 -5.94
CA LEU H 247 -51.39 15.76 -6.03
C LEU H 247 -52.59 16.63 -6.44
N GLU H 248 -53.77 16.38 -5.84
CA GLU H 248 -55.02 17.05 -6.17
C GLU H 248 -54.94 18.59 -6.30
N SER H 249 -54.26 19.26 -5.39
CA SER H 249 -54.14 20.71 -5.43
C SER H 249 -53.41 21.21 -6.68
N MET H 250 -52.57 20.38 -7.32
CA MET H 250 -51.90 20.79 -8.57
C MET H 250 -52.82 20.89 -9.78
N ILE H 251 -54.12 20.57 -9.61
CA ILE H 251 -55.09 20.81 -10.70
C ILE H 251 -55.18 22.36 -10.94
N THR H 252 -55.08 23.16 -9.86
CA THR H 252 -55.20 24.61 -9.96
C THR H 252 -53.96 25.37 -9.47
N LYS H 253 -53.10 24.74 -8.64
CA LYS H 253 -51.91 25.41 -8.11
C LYS H 253 -50.58 24.86 -8.67
N PRO H 254 -49.55 25.73 -8.78
CA PRO H 254 -48.27 25.31 -9.38
C PRO H 254 -47.43 24.31 -8.55
N ARG H 255 -47.62 24.32 -7.22
CA ARG H 255 -46.93 23.47 -6.25
C ARG H 255 -47.94 22.70 -5.37
N PRO H 256 -47.61 21.47 -4.97
CA PRO H 256 -48.55 20.69 -4.14
C PRO H 256 -48.47 21.03 -2.64
N THR H 257 -49.41 20.48 -1.86
CA THR H 257 -49.38 20.68 -0.41
C THR H 257 -48.36 19.71 0.24
N ARG H 258 -48.04 19.92 1.53
CA ARG H 258 -47.14 19.04 2.24
C ARG H 258 -47.70 17.63 2.39
N ALA H 259 -49.02 17.50 2.49
CA ALA H 259 -49.68 16.20 2.61
C ALA H 259 -49.60 15.42 1.29
N GLU H 260 -49.67 16.11 0.16
CA GLU H 260 -49.60 15.52 -1.16
C GLU H 260 -48.22 14.96 -1.50
N THR H 261 -47.13 15.70 -1.22
CA THR H 261 -45.79 15.16 -1.47
C THR H 261 -45.53 13.96 -0.54
N SER H 262 -46.00 14.04 0.69
CA SER H 262 -45.89 12.98 1.66
C SER H 262 -46.64 11.72 1.17
N ASP H 263 -47.85 11.90 0.65
CA ASP H 263 -48.67 10.82 0.12
C ASP H 263 -47.96 10.08 -1.01
N VAL H 264 -47.37 10.80 -1.96
CA VAL H 264 -46.65 10.19 -3.07
C VAL H 264 -45.46 9.41 -2.54
N ALA H 265 -44.67 10.02 -1.62
CA ALA H 265 -43.50 9.37 -1.07
C ALA H 265 -43.89 8.08 -0.31
N ASN H 266 -44.97 8.14 0.46
CA ASN H 266 -45.43 7.01 1.23
C ASN H 266 -46.01 5.90 0.34
N ALA H 267 -46.64 6.22 -0.79
CA ALA H 267 -47.14 5.18 -1.70
C ALA H 267 -45.94 4.39 -2.28
N VAL H 268 -44.84 5.09 -2.62
CA VAL H 268 -43.62 4.46 -3.10
C VAL H 268 -42.98 3.64 -1.98
N LEU H 269 -42.85 4.20 -0.77
CA LEU H 269 -42.28 3.48 0.34
C LEU H 269 -43.10 2.24 0.72
N ASP H 270 -44.44 2.30 0.59
CA ASP H 270 -45.35 1.19 0.83
C ASP H 270 -45.04 0.01 -0.10
N GLY H 271 -44.66 0.31 -1.35
CA GLY H 271 -44.30 -0.73 -2.29
C GLY H 271 -45.06 -0.68 -3.59
N ALA H 272 -45.72 0.47 -3.91
CA ALA H 272 -46.46 0.61 -5.15
C ALA H 272 -45.57 0.53 -6.37
N ASP H 273 -46.01 -0.21 -7.39
CA ASP H 273 -45.27 -0.30 -8.62
C ASP H 273 -45.53 0.95 -9.46
N CYS H 274 -46.78 1.47 -9.44
CA CYS H 274 -47.19 2.64 -10.19
C CYS H 274 -47.88 3.65 -9.32
N ILE H 275 -47.79 4.92 -9.71
CA ILE H 275 -48.50 6.02 -9.07
C ILE H 275 -49.30 6.71 -10.17
N MET H 276 -50.49 7.24 -9.82
CA MET H 276 -51.36 7.80 -10.84
C MET H 276 -51.74 9.27 -10.64
N LEU H 277 -51.98 9.96 -11.76
CA LEU H 277 -52.54 11.30 -11.82
C LEU H 277 -53.85 11.22 -12.62
N SER H 278 -54.93 11.82 -12.10
CA SER H 278 -56.23 11.87 -12.75
C SER H 278 -56.46 13.32 -13.20
N GLY H 279 -57.18 14.13 -12.42
CA GLY H 279 -57.48 15.51 -12.79
C GLY H 279 -56.25 16.34 -13.03
N GLU H 280 -55.14 16.04 -12.31
CA GLU H 280 -53.85 16.72 -12.42
C GLU H 280 -53.36 16.69 -13.84
N THR H 281 -53.64 15.63 -14.63
CA THR H 281 -53.22 15.57 -16.02
C THR H 281 -54.37 15.65 -17.00
N ALA H 282 -55.54 15.23 -16.60
CA ALA H 282 -56.71 15.21 -17.48
C ALA H 282 -57.30 16.58 -17.71
N LYS H 283 -57.42 17.39 -16.66
CA LYS H 283 -58.15 18.64 -16.79
C LYS H 283 -57.51 19.88 -16.14
N GLY H 284 -56.49 19.72 -15.31
CA GLY H 284 -55.85 20.85 -14.64
C GLY H 284 -54.95 21.72 -15.49
N ASN H 285 -54.30 22.73 -14.89
CA ASN H 285 -53.43 23.67 -15.60
C ASN H 285 -51.94 23.34 -15.51
N PHE H 286 -51.57 22.28 -14.77
CA PHE H 286 -50.17 21.92 -14.65
C PHE H 286 -49.96 20.43 -14.97
N PRO H 287 -50.46 19.87 -16.10
CA PRO H 287 -50.25 18.44 -16.33
C PRO H 287 -48.79 18.01 -16.37
N VAL H 288 -47.91 18.79 -17.03
CA VAL H 288 -46.51 18.46 -17.16
C VAL H 288 -45.80 18.61 -15.83
N GLU H 289 -46.15 19.65 -15.05
CA GLU H 289 -45.55 19.86 -13.75
C GLU H 289 -45.99 18.79 -12.75
N ALA H 290 -47.22 18.27 -12.87
CA ALA H 290 -47.68 17.22 -11.97
C ALA H 290 -46.84 15.92 -12.24
N VAL H 291 -46.53 15.62 -13.51
CA VAL H 291 -45.70 14.48 -13.88
C VAL H 291 -44.29 14.69 -13.35
N LYS H 292 -43.74 15.91 -13.51
CA LYS H 292 -42.40 16.24 -13.01
C LYS H 292 -42.31 16.10 -11.49
N MET H 293 -43.36 16.51 -10.77
CA MET H 293 -43.41 16.43 -9.32
C MET H 293 -43.44 14.97 -8.86
N GLN H 294 -44.28 14.12 -9.47
CA GLN H 294 -44.32 12.69 -9.11
C GLN H 294 -43.00 12.04 -9.40
N HIS H 295 -42.34 12.42 -10.52
CA HIS H 295 -41.02 11.91 -10.88
C HIS H 295 -40.01 12.27 -9.78
N ALA H 296 -39.95 13.54 -9.39
CA ALA H 296 -39.03 14.01 -8.37
C ALA H 296 -39.22 13.32 -7.01
N ILE H 297 -40.46 13.20 -6.53
CA ILE H 297 -40.73 12.55 -5.25
C ILE H 297 -40.39 11.05 -5.32
N ALA H 298 -40.85 10.36 -6.37
CA ALA H 298 -40.58 8.92 -6.51
C ALA H 298 -39.07 8.61 -6.48
N ARG H 299 -38.24 9.38 -7.15
CA ARG H 299 -36.78 9.17 -7.14
C ARG H 299 -36.22 9.29 -5.72
N GLU H 300 -36.68 10.29 -4.93
CA GLU H 300 -36.23 10.46 -3.56
C GLU H 300 -36.68 9.30 -2.69
N ALA H 301 -37.94 8.91 -2.81
CA ALA H 301 -38.53 7.84 -2.02
C ALA H 301 -37.90 6.48 -2.34
N GLU H 302 -37.57 6.20 -3.62
CA GLU H 302 -36.93 4.94 -3.96
C GLU H 302 -35.55 4.80 -3.33
N ALA H 303 -34.78 5.88 -3.26
CA ALA H 303 -33.47 5.84 -2.60
C ALA H 303 -33.61 5.59 -1.09
N ALA H 304 -34.73 6.03 -0.47
CA ALA H 304 -34.98 5.85 0.95
C ALA H 304 -35.56 4.46 1.33
N VAL H 305 -35.70 3.55 0.36
CA VAL H 305 -36.21 2.21 0.64
C VAL H 305 -35.15 1.43 1.45
N TYR H 306 -35.58 0.76 2.52
CA TYR H 306 -34.68 0.00 3.39
C TYR H 306 -34.46 -1.40 2.81
N HIS H 307 -33.67 -1.48 1.74
CA HIS H 307 -33.41 -2.75 1.04
C HIS H 307 -32.85 -3.87 1.91
N ARG H 308 -32.09 -3.55 2.96
CA ARG H 308 -31.53 -4.57 3.83
C ARG H 308 -32.63 -5.50 4.41
N GLN H 309 -33.67 -4.94 5.01
CA GLN H 309 -34.75 -5.78 5.53
C GLN H 309 -35.70 -6.21 4.40
N LEU H 310 -36.00 -5.31 3.45
CA LEU H 310 -36.91 -5.60 2.35
C LEU H 310 -36.49 -6.83 1.55
N PHE H 311 -35.23 -6.90 1.10
CA PHE H 311 -34.77 -8.04 0.31
C PHE H 311 -34.83 -9.33 1.12
N GLU H 312 -34.46 -9.26 2.41
CA GLU H 312 -34.51 -10.42 3.30
C GLU H 312 -35.91 -10.93 3.43
N GLU H 313 -36.89 -10.04 3.58
CA GLU H 313 -38.28 -10.44 3.71
C GLU H 313 -38.86 -10.96 2.40
N LEU H 314 -38.54 -10.35 1.27
CA LEU H 314 -39.05 -10.83 -0.02
C LEU H 314 -38.48 -12.23 -0.31
N ARG H 315 -37.17 -12.51 -0.02
CA ARG H 315 -36.67 -13.86 -0.29
C ARG H 315 -37.29 -14.89 0.67
N ARG H 316 -37.47 -14.53 1.94
CA ARG H 316 -38.05 -15.46 2.91
C ARG H 316 -39.51 -15.75 2.58
N ALA H 317 -40.27 -14.73 2.17
CA ALA H 317 -41.68 -14.90 1.87
C ALA H 317 -41.94 -15.64 0.58
N ALA H 318 -41.07 -15.48 -0.42
CA ALA H 318 -41.25 -16.12 -1.71
C ALA H 318 -41.08 -17.62 -1.53
N PRO H 319 -42.05 -18.39 -2.02
CA PRO H 319 -41.96 -19.85 -1.86
C PRO H 319 -40.84 -20.45 -2.71
N LEU H 320 -40.39 -21.67 -2.34
CA LEU H 320 -39.40 -22.38 -3.13
C LEU H 320 -39.95 -22.65 -4.51
N SER H 321 -39.07 -22.68 -5.52
CA SER H 321 -39.55 -22.84 -6.87
C SER H 321 -38.70 -23.74 -7.68
N ARG H 322 -39.32 -24.50 -8.56
CA ARG H 322 -38.58 -25.32 -9.50
C ARG H 322 -38.59 -24.71 -10.93
N ASP H 323 -39.06 -23.44 -11.07
CA ASP H 323 -39.08 -22.77 -12.35
C ASP H 323 -37.74 -22.07 -12.56
N PRO H 324 -37.01 -22.38 -13.63
CA PRO H 324 -35.69 -21.78 -13.83
C PRO H 324 -35.68 -20.26 -13.98
N THR H 325 -36.77 -19.64 -14.48
CA THR H 325 -36.84 -18.19 -14.59
C THR H 325 -36.86 -17.59 -13.17
N GLU H 326 -37.65 -18.17 -12.28
CA GLU H 326 -37.83 -17.75 -10.90
C GLU H 326 -36.48 -17.91 -10.15
N VAL H 327 -35.79 -19.05 -10.37
CA VAL H 327 -34.51 -19.35 -9.73
C VAL H 327 -33.40 -18.40 -10.23
N THR H 328 -33.36 -18.13 -11.54
CA THR H 328 -32.39 -17.22 -12.13
C THR H 328 -32.61 -15.80 -11.66
N ALA H 329 -33.87 -15.37 -11.53
CA ALA H 329 -34.23 -14.04 -11.07
C ALA H 329 -33.69 -13.74 -9.67
N ILE H 330 -33.87 -14.64 -8.70
CA ILE H 330 -33.37 -14.40 -7.36
C ILE H 330 -31.82 -14.44 -7.30
N GLY H 331 -31.20 -15.29 -8.09
CA GLY H 331 -29.75 -15.37 -8.16
C GLY H 331 -29.19 -14.09 -8.76
N ALA H 332 -29.87 -13.53 -9.77
CA ALA H 332 -29.44 -12.29 -10.42
C ALA H 332 -29.59 -11.08 -9.51
N VAL H 333 -30.70 -10.99 -8.74
CA VAL H 333 -30.89 -9.88 -7.82
C VAL H 333 -29.87 -9.95 -6.67
N GLU H 334 -29.57 -11.16 -6.19
CA GLU H 334 -28.56 -11.37 -5.16
C GLU H 334 -27.17 -10.92 -5.69
N ALA H 335 -26.84 -11.28 -6.94
CA ALA H 335 -25.59 -10.91 -7.59
C ALA H 335 -25.50 -9.40 -7.78
N ALA H 336 -26.61 -8.76 -8.21
CA ALA H 336 -26.65 -7.31 -8.38
C ALA H 336 -26.38 -6.57 -7.06
N PHE H 337 -26.94 -7.05 -5.93
CA PHE H 337 -26.69 -6.42 -4.63
C PHE H 337 -25.23 -6.61 -4.19
N LYS H 338 -24.64 -7.76 -4.48
CA LYS H 338 -23.27 -8.07 -4.11
C LYS H 338 -22.24 -7.10 -4.69
N CYS H 339 -22.45 -6.66 -5.92
CA CYS H 339 -21.48 -5.80 -6.60
C CYS H 339 -21.96 -4.39 -6.84
N CYS H 340 -23.16 -3.99 -6.34
CA CYS H 340 -23.75 -2.69 -6.60
C CYS H 340 -23.87 -2.45 -8.09
N ALA H 341 -24.36 -3.49 -8.82
CA ALA H 341 -24.53 -3.46 -10.29
C ALA H 341 -25.35 -2.24 -10.68
N ALA H 342 -24.94 -1.53 -11.73
CA ALA H 342 -25.69 -0.38 -12.22
C ALA H 342 -27.03 -0.83 -12.85
N ALA H 343 -27.07 -2.07 -13.39
CA ALA H 343 -28.27 -2.58 -14.05
C ALA H 343 -28.27 -4.11 -14.15
N ILE H 344 -29.45 -4.68 -14.38
CA ILE H 344 -29.69 -6.05 -14.71
C ILE H 344 -30.30 -5.98 -16.10
N ILE H 345 -29.60 -6.45 -17.13
CA ILE H 345 -30.12 -6.43 -18.49
C ILE H 345 -30.76 -7.76 -18.75
N VAL H 346 -32.03 -7.78 -19.11
CA VAL H 346 -32.76 -9.02 -19.33
C VAL H 346 -33.43 -9.06 -20.72
N LEU H 347 -33.35 -10.21 -21.38
CA LEU H 347 -34.01 -10.40 -22.65
C LEU H 347 -35.36 -11.00 -22.32
N THR H 348 -36.45 -10.43 -22.84
CA THR H 348 -37.79 -10.94 -22.54
C THR H 348 -38.70 -10.83 -23.75
N THR H 349 -39.58 -11.82 -23.94
CA THR H 349 -40.51 -11.82 -25.05
C THR H 349 -41.86 -11.33 -24.55
N THR H 350 -42.32 -11.85 -23.40
CA THR H 350 -43.61 -11.50 -22.81
C THR H 350 -43.48 -10.49 -21.67
N GLY H 351 -42.28 -10.24 -21.17
CA GLY H 351 -42.07 -9.38 -20.00
C GLY H 351 -41.93 -10.14 -18.68
N ARG H 352 -42.27 -11.43 -18.69
CA ARG H 352 -42.25 -12.24 -17.47
C ARG H 352 -40.89 -12.30 -16.77
N SER H 353 -39.79 -12.47 -17.51
CA SER H 353 -38.45 -12.54 -16.86
C SER H 353 -38.10 -11.25 -16.15
N ALA H 354 -38.51 -10.11 -16.70
CA ALA H 354 -38.28 -8.82 -16.08
C ALA H 354 -39.17 -8.66 -14.83
N GLN H 355 -40.41 -9.18 -14.88
CA GLN H 355 -41.33 -9.12 -13.75
C GLN H 355 -40.79 -9.92 -12.56
N LEU H 356 -40.23 -11.10 -12.81
CA LEU H 356 -39.68 -11.93 -11.75
C LEU H 356 -38.44 -11.30 -11.13
N LEU H 357 -37.70 -10.45 -11.87
CA LEU H 357 -36.57 -9.72 -11.30
C LEU H 357 -37.11 -8.62 -10.40
N SER H 358 -38.10 -7.88 -10.89
CA SER H 358 -38.74 -6.73 -10.27
C SER H 358 -39.37 -7.07 -8.90
N ARG H 359 -39.90 -8.27 -8.73
CA ARG H 359 -40.55 -8.70 -7.48
C ARG H 359 -39.61 -8.75 -6.28
N TYR H 360 -38.30 -8.89 -6.53
CA TYR H 360 -37.30 -8.89 -5.42
C TYR H 360 -36.78 -7.51 -5.08
N ARG H 361 -37.31 -6.47 -5.75
CA ARG H 361 -36.99 -5.07 -5.53
C ARG H 361 -35.51 -4.77 -5.54
N PRO H 362 -34.81 -5.10 -6.63
CA PRO H 362 -33.39 -4.74 -6.70
C PRO H 362 -33.22 -3.21 -6.74
N ARG H 363 -32.08 -2.74 -6.26
CA ARG H 363 -31.73 -1.33 -6.37
C ARG H 363 -31.23 -1.09 -7.84
N ALA H 364 -30.63 -2.11 -8.49
CA ALA H 364 -30.17 -2.03 -9.87
C ALA H 364 -31.35 -1.92 -10.83
N ALA H 365 -31.27 -1.06 -11.85
CA ALA H 365 -32.33 -0.90 -12.83
C ALA H 365 -32.47 -2.19 -13.64
N VAL H 366 -33.69 -2.59 -14.00
CA VAL H 366 -33.88 -3.79 -14.82
C VAL H 366 -34.14 -3.31 -16.22
N ILE H 367 -33.13 -3.38 -17.08
CA ILE H 367 -33.25 -2.95 -18.45
C ILE H 367 -33.76 -4.12 -19.27
N ALA H 368 -35.01 -4.08 -19.69
CA ALA H 368 -35.64 -5.17 -20.42
C ALA H 368 -35.60 -4.95 -21.93
N VAL H 369 -34.84 -5.77 -22.65
CA VAL H 369 -34.78 -5.69 -24.11
C VAL H 369 -35.76 -6.66 -24.71
N THR H 370 -36.67 -6.17 -25.54
CA THR H 370 -37.69 -7.01 -26.17
C THR H 370 -37.97 -6.60 -27.59
N ARG H 371 -38.46 -7.53 -28.44
CA ARG H 371 -38.94 -7.19 -29.78
C ARG H 371 -40.46 -6.98 -29.77
N SER H 372 -41.15 -7.40 -28.70
CA SER H 372 -42.59 -7.24 -28.62
C SER H 372 -42.88 -5.79 -28.16
N ALA H 373 -43.50 -4.99 -29.02
CA ALA H 373 -43.88 -3.63 -28.70
C ALA H 373 -44.90 -3.62 -27.55
N GLN H 374 -45.83 -4.59 -27.52
CA GLN H 374 -46.79 -4.68 -26.43
C GLN H 374 -46.13 -5.00 -25.09
N ALA H 375 -45.19 -5.97 -25.05
CA ALA H 375 -44.50 -6.30 -23.81
C ALA H 375 -43.70 -5.11 -23.33
N ALA H 376 -43.04 -4.38 -24.23
CA ALA H 376 -42.30 -3.17 -23.89
C ALA H 376 -43.21 -2.13 -23.20
N ARG H 377 -44.45 -1.99 -23.68
CA ARG H 377 -45.39 -1.07 -23.05
C ARG H 377 -45.90 -1.61 -21.69
N GLN H 378 -46.25 -2.88 -21.64
CA GLN H 378 -46.79 -3.51 -20.44
C GLN H 378 -45.84 -3.64 -19.27
N VAL H 379 -44.52 -3.77 -19.50
CA VAL H 379 -43.60 -3.93 -18.37
C VAL H 379 -43.47 -2.67 -17.52
N HIS H 380 -44.05 -1.53 -17.96
CA HIS H 380 -44.08 -0.31 -17.15
C HIS H 380 -44.89 -0.57 -15.86
N LEU H 381 -45.76 -1.60 -15.84
CA LEU H 381 -46.52 -1.95 -14.64
C LEU H 381 -45.60 -2.45 -13.52
N CYS H 382 -44.39 -2.94 -13.84
CA CYS H 382 -43.47 -3.48 -12.84
C CYS H 382 -42.42 -2.50 -12.45
N ARG H 383 -42.30 -2.22 -11.16
CA ARG H 383 -41.32 -1.27 -10.67
C ARG H 383 -39.88 -1.64 -11.07
N GLY H 384 -39.14 -0.65 -11.54
CA GLY H 384 -37.73 -0.83 -11.86
C GLY H 384 -37.45 -1.43 -13.20
N VAL H 385 -38.48 -1.60 -14.06
CA VAL H 385 -38.27 -2.18 -15.38
C VAL H 385 -38.27 -1.08 -16.42
N PHE H 386 -37.16 -0.91 -17.14
CA PHE H 386 -36.97 0.10 -18.17
C PHE H 386 -36.98 -0.63 -19.49
N PRO H 387 -38.11 -0.57 -20.19
CA PRO H 387 -38.21 -1.34 -21.45
C PRO H 387 -37.52 -0.71 -22.65
N LEU H 388 -36.80 -1.53 -23.44
CA LEU H 388 -36.16 -1.08 -24.66
C LEU H 388 -36.72 -1.91 -25.80
N LEU H 389 -37.30 -1.26 -26.81
CA LEU H 389 -37.83 -1.99 -27.95
C LEU H 389 -36.75 -2.20 -29.02
N TYR H 390 -36.33 -3.44 -29.25
CA TYR H 390 -35.33 -3.77 -30.25
C TYR H 390 -36.04 -3.94 -31.60
N ARG H 391 -35.55 -3.25 -32.64
CA ARG H 391 -36.24 -3.29 -33.93
C ARG H 391 -35.57 -4.09 -35.03
N GLU H 392 -34.31 -4.50 -34.85
CA GLU H 392 -33.60 -5.27 -35.86
C GLU H 392 -34.15 -6.67 -36.07
N PRO H 393 -34.16 -7.14 -37.33
CA PRO H 393 -34.62 -8.51 -37.56
C PRO H 393 -33.59 -9.51 -37.02
N PRO H 394 -34.04 -10.70 -36.59
CA PRO H 394 -33.08 -11.69 -36.05
C PRO H 394 -31.88 -12.01 -36.90
N GLU H 395 -30.72 -12.20 -36.28
CA GLU H 395 -29.49 -12.67 -36.87
C GLU H 395 -29.67 -14.17 -37.17
N ALA H 396 -28.92 -14.69 -38.14
CA ALA H 396 -28.97 -16.10 -38.52
C ALA H 396 -28.45 -16.98 -37.38
N ILE H 397 -27.40 -16.54 -36.66
CA ILE H 397 -26.86 -17.26 -35.52
C ILE H 397 -27.52 -16.70 -34.26
N TRP H 398 -28.26 -17.55 -33.54
CA TRP H 398 -29.05 -17.16 -32.38
C TRP H 398 -28.19 -16.54 -31.28
N ALA H 399 -26.99 -17.09 -30.99
CA ALA H 399 -26.11 -16.49 -29.99
C ALA H 399 -25.72 -15.05 -30.34
N ASP H 400 -25.51 -14.74 -31.63
CA ASP H 400 -25.17 -13.39 -32.07
C ASP H 400 -26.38 -12.47 -31.94
N ASP H 401 -27.60 -12.95 -32.20
CA ASP H 401 -28.82 -12.14 -32.04
C ASP H 401 -29.01 -11.79 -30.55
N VAL H 402 -28.69 -12.72 -29.65
CA VAL H 402 -28.74 -12.50 -28.24
C VAL H 402 -27.69 -11.44 -27.86
N ASP H 403 -26.43 -11.55 -28.34
CA ASP H 403 -25.38 -10.57 -28.03
C ASP H 403 -25.72 -9.18 -28.54
N ARG H 404 -26.33 -9.07 -29.73
CA ARG H 404 -26.70 -7.78 -30.30
C ARG H 404 -27.73 -7.10 -29.43
N ARG H 405 -28.69 -7.85 -28.90
CA ARG H 405 -29.70 -7.27 -28.03
C ARG H 405 -29.12 -6.79 -26.70
N VAL H 406 -28.17 -7.54 -26.14
CA VAL H 406 -27.49 -7.20 -24.90
C VAL H 406 -26.67 -5.90 -25.13
N GLN H 407 -25.95 -5.79 -26.27
CA GLN H 407 -25.21 -4.58 -26.61
C GLN H 407 -26.14 -3.41 -26.83
N PHE H 408 -27.32 -3.65 -27.41
CA PHE H 408 -28.33 -2.60 -27.58
C PHE H 408 -28.76 -2.03 -26.20
N GLY H 409 -28.91 -2.93 -25.22
CA GLY H 409 -29.23 -2.55 -23.86
C GLY H 409 -28.11 -1.76 -23.21
N ILE H 410 -26.83 -2.11 -23.46
CA ILE H 410 -25.69 -1.40 -22.90
C ILE H 410 -25.57 0.01 -23.54
N GLU H 411 -25.73 0.11 -24.87
CA GLU H 411 -25.64 1.38 -25.56
C GLU H 411 -26.77 2.32 -25.19
N SER H 412 -28.00 1.80 -24.97
CA SER H 412 -29.10 2.64 -24.53
C SER H 412 -28.83 3.08 -23.08
N GLY H 413 -28.32 2.17 -22.25
CA GLY H 413 -28.01 2.46 -20.86
C GLY H 413 -26.96 3.55 -20.74
N LYS H 414 -25.93 3.52 -21.61
CA LYS H 414 -24.87 4.52 -21.61
C LYS H 414 -25.40 5.89 -22.08
N LEU H 415 -26.18 5.91 -23.15
CA LEU H 415 -26.77 7.13 -23.66
C LEU H 415 -27.70 7.78 -22.64
N ARG H 416 -28.49 6.96 -21.95
CA ARG H 416 -29.47 7.49 -20.99
C ARG H 416 -28.91 7.77 -19.60
N GLY H 417 -27.64 7.45 -19.35
CA GLY H 417 -27.03 7.70 -18.06
C GLY H 417 -27.10 6.59 -17.04
N PHE H 418 -27.71 5.45 -17.37
CA PHE H 418 -27.77 4.31 -16.43
C PHE H 418 -26.40 3.69 -16.24
N LEU H 419 -25.57 3.67 -17.28
CA LEU H 419 -24.29 2.97 -17.27
C LEU H 419 -23.13 3.83 -17.70
N ARG H 420 -21.95 3.45 -17.26
CA ARG H 420 -20.69 4.10 -17.59
C ARG H 420 -19.64 2.98 -17.73
N VAL H 421 -18.56 3.25 -18.45
CA VAL H 421 -17.44 2.30 -18.60
C VAL H 421 -16.86 1.99 -17.22
N GLY H 422 -16.69 0.71 -16.93
CA GLY H 422 -16.20 0.29 -15.62
C GLY H 422 -17.29 -0.26 -14.73
N ASP H 423 -18.57 0.04 -15.03
CA ASP H 423 -19.69 -0.48 -14.26
C ASP H 423 -19.85 -2.00 -14.42
N LEU H 424 -20.50 -2.63 -13.47
CA LEU H 424 -20.81 -4.05 -13.57
C LEU H 424 -22.31 -4.16 -13.85
N VAL H 425 -22.69 -5.06 -14.72
CA VAL H 425 -24.08 -5.37 -15.00
C VAL H 425 -24.27 -6.89 -14.87
N ILE H 426 -25.49 -7.28 -14.56
CA ILE H 426 -25.91 -8.67 -14.53
C ILE H 426 -26.72 -8.87 -15.80
N VAL H 427 -26.39 -9.86 -16.62
CA VAL H 427 -27.12 -10.12 -17.86
C VAL H 427 -27.92 -11.41 -17.71
N VAL H 428 -29.25 -11.33 -17.93
CA VAL H 428 -30.15 -12.47 -17.78
C VAL H 428 -30.70 -12.89 -19.12
N THR H 429 -30.42 -14.14 -19.52
CA THR H 429 -30.83 -14.71 -20.82
C THR H 429 -31.34 -16.17 -20.63
N GLY H 430 -31.72 -16.83 -21.72
CA GLY H 430 -32.18 -18.20 -21.71
C GLY H 430 -31.33 -19.12 -22.56
N TRP H 431 -31.63 -20.40 -22.54
CA TRP H 431 -30.84 -21.39 -23.25
C TRP H 431 -31.33 -21.66 -24.70
N ARG H 432 -32.55 -21.27 -25.03
CA ARG H 432 -33.09 -21.46 -26.36
C ARG H 432 -34.07 -20.31 -26.73
N PRO H 433 -34.36 -20.10 -28.04
CA PRO H 433 -35.32 -19.04 -28.41
C PRO H 433 -36.72 -19.35 -27.92
N GLY H 434 -37.56 -18.33 -27.86
CA GLY H 434 -38.91 -18.48 -27.39
C GLY H 434 -38.99 -18.20 -25.91
N SER H 435 -40.17 -17.75 -25.48
CA SER H 435 -40.56 -17.40 -24.14
C SER H 435 -40.51 -18.61 -23.21
N GLY H 436 -40.22 -18.37 -21.93
CA GLY H 436 -40.24 -19.34 -20.85
C GLY H 436 -38.97 -20.10 -20.58
N TYR H 437 -37.84 -19.75 -21.23
CA TYR H 437 -36.60 -20.50 -21.05
C TYR H 437 -35.43 -19.76 -20.43
N THR H 438 -35.71 -18.65 -19.71
CA THR H 438 -34.67 -17.91 -18.99
C THR H 438 -34.03 -18.81 -17.99
N ASN H 439 -32.69 -18.89 -17.94
CA ASN H 439 -32.02 -19.78 -17.00
C ASN H 439 -30.54 -19.40 -16.79
N ILE H 440 -30.06 -18.26 -17.36
CA ILE H 440 -28.66 -17.89 -17.26
C ILE H 440 -28.50 -16.50 -16.70
N MET H 441 -27.55 -16.31 -15.77
CA MET H 441 -27.16 -14.98 -15.31
C MET H 441 -25.63 -14.84 -15.47
N ARG H 442 -25.16 -13.74 -16.12
CA ARG H 442 -23.73 -13.46 -16.35
CA ARG H 442 -23.73 -13.51 -16.26
C ARG H 442 -23.33 -12.15 -15.70
N VAL H 443 -22.11 -12.08 -15.13
CA VAL H 443 -21.58 -10.85 -14.56
C VAL H 443 -20.69 -10.24 -15.64
N LEU H 444 -21.00 -9.04 -16.11
CA LEU H 444 -20.32 -8.38 -17.21
C LEU H 444 -19.78 -7.01 -16.83
N SER H 445 -18.57 -6.70 -17.26
CA SER H 445 -17.96 -5.41 -17.01
C SER H 445 -18.21 -4.51 -18.24
N ILE H 446 -18.68 -3.28 -18.03
CA ILE H 446 -18.97 -2.37 -19.12
C ILE H 446 -17.70 -1.80 -19.73
N SER H 447 -17.52 -1.98 -21.04
CA SER H 447 -16.36 -1.46 -21.77
C SER H 447 -16.78 -0.38 -22.81
P1 FBP I . 40.75 32.91 -47.01
O1P FBP I . 42.03 32.44 -47.59
O2P FBP I . 39.54 32.05 -47.44
O3P FBP I . 40.44 34.40 -47.25
O1 FBP I . 40.87 32.77 -45.40
C1 FBP I . 39.77 32.68 -44.47
C2 FBP I . 40.24 31.85 -43.22
O2 FBP I . 39.36 32.12 -42.16
C3 FBP I . 41.72 32.10 -42.84
O3 FBP I . 41.92 33.31 -42.13
C4 FBP I . 42.07 30.81 -42.14
O4 FBP I . 43.48 30.65 -42.06
C5 FBP I . 41.45 29.83 -43.12
O5 FBP I . 40.22 30.45 -43.50
C6 FBP I . 41.19 28.44 -42.60
O6 FBP I . 41.61 27.46 -43.58
P2 FBP I . 42.15 26.03 -43.04
O4P FBP I . 43.27 26.35 -42.06
O5P FBP I . 42.75 25.27 -44.19
O6P FBP I . 41.02 25.30 -42.47
C1 OXL J . 37.47 -5.94 -47.21
C2 OXL J . 37.66 -4.68 -48.11
O1 OXL J . 38.11 -6.95 -47.46
O2 OXL J . 38.52 -4.81 -49.10
O3 OXL J . 36.63 -5.85 -46.24
O4 OXL J . 37.03 -3.65 -47.88
MG MG K . 39.80 -6.53 -48.95
K K L . 39.95 -3.27 -53.90
C1 O99 M . 34.08 6.73 -26.86
C2 O99 M . 32.89 6.21 -27.31
C3 O99 M . 31.73 6.34 -26.57
C4 O99 M . 31.80 7.00 -25.35
C5 O99 M . 30.15 5.91 -23.32
C6 O99 M . 30.26 6.13 -21.96
C7 O99 M . 30.28 5.06 -21.10
C8 O99 M . 30.23 3.76 -21.56
C9 O99 M . 30.60 2.66 -20.60
C10 O99 M . 28.31 -0.02 -19.16
C11 O99 M . 27.72 0.68 -18.11
C12 O99 M . 26.37 0.53 -17.88
O1 O99 M . 30.57 -0.93 -20.02
C13 O99 M . 25.60 -0.30 -18.70
C14 O99 M . 26.22 -0.99 -19.76
C15 O99 M . 27.57 -0.85 -19.97
C16 O99 M . 30.04 3.56 -22.92
C17 O99 M . 30.00 4.63 -23.81
C18 O99 M . 32.99 7.52 -24.86
O2 O99 M . 25.85 1.16 -16.80
O6 O99 M . 29.20 7.23 -25.34
S O99 M . 30.31 7.28 -24.43
O5 O99 M . 30.51 8.47 -23.63
C O99 M . 34.13 7.39 -25.63
O O99 M . 35.27 7.99 -25.20
N O99 M . 30.00 1.33 -20.76
S1 O99 M . 29.99 0.29 -19.53
O4 O99 M . 30.59 0.95 -18.40
O3 O99 M . 24.27 -0.47 -18.46
H1 O99 M . 35.00 6.63 -27.45
H2 O99 M . 32.85 5.70 -28.27
H3 O99 M . 30.80 5.92 -26.94
H4 O99 M . 30.29 7.14 -21.57
H5 O99 M . 30.32 5.26 -20.03
H6 O99 M . 30.34 3.04 -19.61
H7 O99 M . 31.68 2.56 -20.58
H9 O99 M . 28.29 1.35 -17.47
H12 O99 M . 25.64 -1.64 -20.41
H13 O99 M . 28.04 -1.41 -20.78
H14 O99 M . 29.97 2.55 -23.35
H15 O99 M . 29.87 4.44 -24.87
H16 O99 M . 33.02 8.00 -23.89
H10 O99 M . 25.81 2.13 -17.03
H O99 M . 35.51 7.58 -24.32
H8 O99 M . 29.60 1.15 -21.67
H11 O99 M . 23.89 -1.12 -19.11
P1 FBP N . 33.19 50.16 -25.62
O1P FBP N . 34.23 50.40 -24.51
O2P FBP N . 31.86 50.83 -25.16
O3P FBP N . 33.72 50.56 -26.96
O1 FBP N . 32.85 48.61 -25.73
C1 FBP N . 33.83 47.57 -25.93
C2 FBP N . 33.20 46.25 -25.44
O2 FBP N . 34.11 45.22 -25.70
C3 FBP N . 31.82 46.03 -26.11
O3 FBP N . 31.92 45.53 -27.42
C4 FBP N . 31.15 45.10 -25.12
O4 FBP N . 29.74 45.14 -25.26
C5 FBP N . 31.59 45.73 -23.80
O5 FBP N . 32.90 46.26 -24.04
C6 FBP N . 31.60 44.80 -22.62
O6 FBP N . 31.20 45.55 -21.45
P2 FBP N . 30.39 44.84 -20.26
O4P FBP N . 31.36 43.78 -19.73
O5P FBP N . 30.08 45.88 -19.24
O6P FBP N . 29.14 44.13 -20.83
C1 OXL O . 31.73 40.04 11.91
C2 OXL O . 31.68 41.44 11.19
O1 OXL O . 32.56 39.23 11.59
O2 OXL O . 32.56 41.67 10.23
O3 OXL O . 30.83 39.80 12.81
O4 OXL O . 30.83 42.25 11.56
MG MG P . 29.38 41.69 12.71
K K Q . 30.40 47.29 11.25
P1 FBP R . 19.69 -24.88 3.08
O1P FBP R . 20.64 -25.62 3.99
O2P FBP R . 19.85 -25.33 1.65
O3P FBP R . 18.32 -24.94 3.59
O1 FBP R . 20.17 -23.36 3.08
C1 FBP R . 21.48 -22.87 2.78
C2 FBP R . 21.31 -21.41 2.42
O2 FBP R . 22.58 -20.85 2.27
C3 FBP R . 20.42 -20.64 3.43
O3 FBP R . 21.07 -20.25 4.61
C4 FBP R . 20.00 -19.47 2.62
O4 FBP R . 18.88 -18.84 3.21
C5 FBP R . 19.65 -20.17 1.31
O5 FBP R . 20.57 -21.26 1.19
C6 FBP R . 19.71 -19.29 0.09
O6 FBP R . 18.61 -19.66 -0.76
P2 FBP R . 17.98 -18.62 -1.77
O4P FBP R . 18.97 -18.15 -2.77
O5P FBP R . 16.81 -19.38 -2.38
O6P FBP R . 17.41 -17.49 -0.92
C1 OXL S . 10.01 -12.55 -32.51
C2 OXL S . 10.05 -13.91 -31.72
O1 OXL S . 11.16 -11.92 -32.68
O2 OXL S . 11.09 -14.27 -31.15
O3 OXL S . 8.94 -12.13 -32.98
O4 OXL S . 8.93 -14.61 -31.67
MG MG T . 7.14 -12.90 -32.32
K K U . 6.08 -18.55 -30.80
P1 FBP V . 40.76 -15.17 18.81
O1P FBP V . 42.14 -15.68 18.94
O2P FBP V . 40.50 -13.83 19.60
O3P FBP V . 39.63 -16.16 19.18
O1 FBP V . 40.51 -14.80 17.32
C1 FBP V . 39.32 -14.21 16.81
C2 FBP V . 39.66 -13.57 15.47
O2 FBP V . 38.46 -13.06 14.96
C3 FBP V . 40.42 -14.54 14.55
O3 FBP V . 39.56 -15.42 13.83
C4 FBP V . 41.09 -13.59 13.61
O4 FBP V . 42.17 -14.19 12.93
C5 FBP V . 41.59 -12.52 14.57
O5 FBP V . 40.59 -12.49 15.60
C6 FBP V . 41.74 -11.14 13.97
O6 FBP V . 42.82 -10.45 14.62
P2 FBP V . 43.81 -9.53 13.77
O4P FBP V . 44.84 -9.19 14.78
O5P FBP V . 44.34 -10.16 12.55
O6P FBP V . 43.02 -8.28 13.31
C1 OXL W . 55.67 19.05 17.73
C2 OXL W . 55.78 20.31 16.77
O1 OXL W . 56.72 18.54 18.11
O2 OXL W . 57.00 20.75 16.49
O3 OXL W . 54.48 18.59 18.11
O4 OXL W . 54.78 20.81 16.28
MG MG X . 58.56 19.65 17.35
K K Y . 59.13 16.17 22.15
C1 O99 Z . 40.53 12.36 -0.52
C2 O99 Z . 39.77 11.98 -1.60
C3 O99 Z . 38.49 12.49 -1.78
C4 O99 Z . 37.99 13.39 -0.86
C5 O99 Z . 36.65 15.39 -2.27
C6 O99 Z . 36.58 15.10 -3.61
C7 O99 Z . 36.66 16.12 -4.53
C8 O99 Z . 36.81 17.43 -4.12
C9 O99 Z . 36.62 18.53 -5.15
C10 O99 Z . 36.35 21.69 -5.88
C11 O99 Z . 35.18 21.49 -6.62
C12 O99 Z . 34.10 22.33 -6.39
O1 O99 Z . 38.91 21.45 -5.93
C13 O99 Z . 34.15 23.30 -5.39
C14 O99 Z . 35.32 23.48 -4.67
C15 O99 Z . 36.42 22.69 -4.92
C16 O99 Z . 36.96 17.69 -2.77
C17 O99 Z . 36.87 16.68 -1.84
C18 O99 Z . 38.73 13.78 0.23
O2 O99 Z . 33.08 22.28 -7.29
O6 O99 Z . 35.94 14.65 0.13
S O99 Z . 36.39 14.07 -1.11
O5 O99 Z . 35.58 13.08 -1.76
C O99 Z . 40.01 13.26 0.41
O O99 Z . 40.77 13.63 1.47
N O99 Z . 37.74 19.48 -5.14
S1 O99 Z . 37.74 20.68 -6.21
O4 O99 Z . 37.57 20.08 -7.50
O3 O99 Z . 33.08 24.09 -5.14
H1 O99 Z . 41.54 11.97 -0.37
H2 O99 Z . 40.18 11.26 -2.32
H3 O99 Z . 37.91 12.17 -2.65
H4 O99 Z . 36.50 14.07 -3.95
H5 O99 Z . 36.58 15.89 -5.59
H6 O99 Z . 35.69 19.04 -4.92
H7 O99 Z . 36.49 18.12 -6.15
H9 O99 Z . 35.09 20.69 -7.35
H12 O99 Z . 35.40 24.24 -3.89
H13 O99 Z . 37.34 22.86 -4.37
H14 O99 Z . 37.16 18.71 -2.44
H15 O99 Z . 36.97 16.91 -0.77
H16 O99 Z . 38.32 14.48 0.96
H10 O99 Z . 32.69 21.37 -7.24
H O99 Z . 40.53 14.56 1.73
H8 O99 Z . 38.45 19.28 -4.45
H11 O99 Z . 33.28 24.74 -4.42
P1 FBP AA . -44.41 -16.06 52.57
O1P FBP AA . -43.04 -16.72 52.71
O2P FBP AA . -45.44 -17.19 52.64
O3P FBP AA . -44.61 -14.91 53.51
O1 FBP AA . -44.54 -15.43 51.08
C1 FBP AA . -43.61 -14.49 50.53
C2 FBP AA . -43.85 -14.52 49.00
O2 FBP AA . -43.02 -13.51 48.44
C3 FBP AA . -45.33 -14.36 48.63
O3 FBP AA . -45.77 -13.01 48.66
C4 FBP AA . -45.38 -15.04 47.28
O4 FBP AA . -46.70 -15.45 46.97
C5 FBP AA . -44.49 -16.25 47.53
O5 FBP AA . -43.50 -15.78 48.45
C6 FBP AA . -43.85 -16.83 46.29
O6 FBP AA . -43.74 -18.26 46.45
P2 FBP AA . -43.80 -19.22 45.16
O4P FBP AA . -42.63 -18.97 44.34
O5P FBP AA . -43.83 -20.68 45.61
O6P FBP AA . -45.11 -18.91 44.44
C1 OXL BA . -28.57 -43.60 32.54
C2 OXL BA . -27.96 -43.74 31.10
O1 OXL BA . -28.20 -42.57 33.29
O2 OXL BA . -27.24 -42.86 30.64
O3 OXL BA . -29.35 -44.48 32.92
O4 OXL BA . -28.29 -44.80 30.42
MG MG CA . -29.80 -46.00 31.74
K K DA . -30.28 -46.56 37.59
C1 O99 EA . -31.88 -21.29 22.01
C2 O99 EA . -32.17 -20.08 21.39
C3 O99 EA . -31.15 -19.20 21.06
C4 O99 EA . -29.84 -19.54 21.37
C5 O99 EA . -28.21 -18.92 19.20
C6 O99 EA . -28.98 -18.37 18.20
C7 O99 EA . -28.66 -18.61 16.88
C8 O99 EA . -27.58 -19.40 16.54
C9 O99 EA . -27.04 -19.34 15.13
C10 O99 EA . -24.87 -20.05 12.75
C11 O99 EA . -23.82 -20.91 13.01
C12 O99 EA . -22.53 -20.45 12.87
O1 O99 EA . -26.49 -22.06 12.53
C13 O99 EA . -22.28 -19.13 12.43
C14 O99 EA . -23.37 -18.28 12.18
C15 O99 EA . -24.67 -18.74 12.36
C16 O99 EA . -26.88 -20.03 17.56
C17 O99 EA . -27.18 -19.78 18.89
C18 O99 EA . -29.54 -20.72 22.00
O2 O99 EA . -21.55 -21.29 13.28
O6 O99 EA . -27.37 -18.77 21.66
S O99 EA . -28.53 -18.46 20.87
O5 O99 EA . -29.03 -17.11 20.88
C O99 EA . -30.56 -21.62 22.30
O O99 EA . -30.22 -22.84 22.79
N O99 EA . -26.86 -20.65 14.49
S1 O99 EA . -26.50 -20.67 12.92
O4 O99 EA . -27.40 -19.76 12.27
O3 O99 EA . -21.01 -18.73 12.22
H1 O99 EA . -32.68 -21.97 22.27
H2 O99 EA . -33.20 -19.82 21.17
H3 O99 EA . -31.39 -18.27 20.55
H4 O99 EA . -29.84 -17.75 18.45
H5 O99 EA . -29.29 -18.19 16.10
H6 O99 EA . -26.10 -18.81 15.16
H7 O99 EA . -27.70 -18.72 14.52
H9 O99 EA . -23.97 -21.93 13.32
H12 O99 EA . -23.22 -17.27 11.85
H13 O99 EA . -25.49 -18.05 12.19
H14 O99 EA . -26.08 -20.73 17.32
H15 O99 EA . -26.60 -20.28 19.67
H16 O99 EA . -28.50 -20.96 22.27
H10 O99 EA . -20.71 -20.76 13.33
H O99 EA . -30.97 -23.48 22.59
H8 O99 EA . -26.97 -21.45 15.12
H11 O99 EA . -20.99 -17.79 11.90
P1 FBP FA . -45.09 12.12 45.74
O1P FBP FA . -44.13 13.28 46.04
O2P FBP FA . -46.25 12.60 44.85
O3P FBP FA . -45.76 11.40 46.92
O1 FBP FA . -44.24 10.97 45.00
C1 FBP FA . -44.81 9.76 44.47
C2 FBP FA . -43.81 9.22 43.42
O2 FBP FA . -44.31 7.99 42.96
C3 FBP FA . -42.38 9.13 43.99
O3 FBP FA . -42.16 7.95 44.75
C4 FBP FA . -41.57 9.19 42.71
O4 FBP FA . -40.24 9.56 42.98
C5 FBP FA . -42.31 10.28 41.95
O5 FBP FA . -43.69 10.14 42.32
C6 FBP FA . -42.16 10.23 40.44
O6 FBP FA . -42.17 11.58 39.93
P2 FBP FA . -41.30 11.95 38.63
O4P FBP FA . -39.83 11.53 38.88
O5P FBP FA . -41.44 13.45 38.42
O6P FBP FA . -41.90 11.19 37.47
C1 OXL GA . -44.50 25.99 9.34
C2 OXL GA . -44.89 26.47 10.76
O1 OXL GA . -43.62 26.68 8.71
O2 OXL GA . -44.25 27.54 11.17
O3 OXL GA . -45.02 25.00 8.86
O4 OXL GA . -45.74 25.88 11.43
MG MG HA . -43.15 28.44 9.83
K K IA . -45.56 31.67 14.35
C1 O99 JA . -39.06 2.80 14.01
C2 O99 JA . -38.57 1.52 14.21
C3 O99 JA . -39.31 0.40 13.87
C4 O99 JA . -40.59 0.58 13.34
C5 O99 JA . -41.09 -0.99 11.10
C6 O99 JA . -41.67 -0.13 10.18
C7 O99 JA . -41.31 -0.22 8.86
C8 O99 JA . -40.36 -1.13 8.42
C9 O99 JA . -39.93 -1.09 6.98
C10 O99 JA . -40.10 -3.14 4.06
C11 O99 JA . -40.24 -4.50 4.15
C12 O99 JA . -41.35 -5.12 3.60
O1 O99 JA . -37.69 -3.27 4.95
C13 O99 JA . -42.32 -4.34 2.95
C14 O99 JA . -42.15 -2.96 2.84
C15 O99 JA . -41.03 -2.35 3.39
C16 O99 JA . -39.78 -1.97 9.37
C17 O99 JA . -40.15 -1.92 10.70
C18 O99 JA . -41.12 1.85 13.15
O2 O99 JA . -41.41 -6.45 3.70
O6 O99 JA . -41.01 -1.97 13.50
S O99 JA . -41.51 -0.83 12.80
O5 O99 JA . -42.91 -0.51 12.87
C O99 JA . -40.34 2.96 13.48
O O99 JA . -40.82 4.21 13.26
N O99 JA . -39.31 -2.33 6.48
S1 O99 JA . -38.81 -2.38 4.96
O4 O99 JA . -38.66 -1.04 4.50
O3 O99 JA . -43.43 -4.96 2.45
H1 O99 JA . -38.46 3.66 14.27
H2 O99 JA . -37.57 1.39 14.64
H3 O99 JA . -38.90 -0.59 14.02
H4 O99 JA . -42.41 0.60 10.51
H5 O99 JA . -41.79 0.43 8.13
H6 O99 JA . -39.24 -0.27 6.87
H7 O99 JA . -40.77 -0.86 6.34
H9 O99 JA . -39.49 -5.13 4.64
H12 O99 JA . -42.88 -2.36 2.30
H13 O99 JA . -40.91 -1.28 3.28
H14 O99 JA . -38.94 -2.61 9.13
H15 O99 JA . -39.69 -2.62 11.39
H16 O99 JA . -42.12 1.98 12.75
H10 O99 JA . -41.54 -6.81 2.79
H O99 JA . -40.39 4.84 13.87
H8 O99 JA . -39.33 -3.13 7.09
H11 O99 JA . -43.37 -5.94 2.64
P1 FBP KA . -10.95 -24.05 -18.81
O1P FBP KA . -9.66 -23.36 -19.16
O2P FBP KA . -10.71 -25.25 -17.91
O3P FBP KA . -11.80 -24.31 -20.08
O1 FBP KA . -11.80 -23.01 -17.90
C1 FBP KA . -13.21 -23.07 -17.73
C2 FBP KA . -13.51 -22.12 -16.56
O2 FBP KA . -14.90 -22.23 -16.29
C3 FBP KA . -13.08 -20.68 -16.92
O3 FBP KA . -13.93 -19.99 -17.83
C4 FBP KA . -13.00 -20.07 -15.54
O4 FBP KA . -12.19 -18.92 -15.52
C5 FBP KA . -12.25 -21.18 -14.81
O5 FBP KA . -12.76 -22.41 -15.38
C6 FBP KA . -12.44 -21.15 -13.31
O6 FBP KA . -11.27 -21.71 -12.66
P2 FBP KA . -10.77 -21.02 -11.29
O4P FBP KA . -9.37 -21.63 -11.04
O5P FBP KA . -11.66 -21.51 -10.14
O6P FBP KA . -10.72 -19.56 -11.42
C1 OXL LA . -1.98 -30.98 18.47
C2 OXL LA . -1.49 -31.37 17.06
O1 OXL LA . -1.05 -30.61 19.33
O2 OXL LA . -0.29 -31.26 16.80
O3 OXL LA . -3.17 -31.04 18.73
O4 OXL LA . -2.41 -31.80 16.18
MG MG MA . 0.90 -30.18 18.27
K K NA . 3.71 -33.09 13.99
P1 FBP OA . -35.66 -14.93 -28.26
O1P FBP OA . -34.40 -15.20 -29.04
O2P FBP OA . -36.05 -13.48 -28.28
O3P FBP OA . -36.76 -15.81 -28.80
O1 FBP OA . -35.37 -15.42 -26.85
C1 FBP OA . -34.38 -14.85 -25.98
C2 FBP OA . -34.76 -15.21 -24.52
O2 FBP OA . -33.73 -14.75 -23.70
C3 FBP OA . -35.08 -16.71 -24.38
O3 FBP OA . -33.93 -17.53 -24.26
C4 FBP OA . -35.90 -16.72 -23.14
O4 FBP OA . -36.68 -17.91 -23.07
C5 FBP OA . -36.81 -15.53 -23.39
O5 FBP OA . -35.99 -14.59 -24.09
C6 FBP OA . -37.39 -14.92 -22.14
O6 FBP OA . -38.72 -14.45 -22.42
P2 FBP OA . -39.85 -14.42 -21.30
O4P FBP OA . -39.43 -13.43 -20.23
O5P FBP OA . -40.07 -15.74 -20.61
O6P FBP OA . -41.05 -13.96 -22.04
C1 OXL PA . -60.92 5.44 -9.54
C2 OXL PA . -61.26 5.78 -8.06
O1 OXL PA . -59.79 5.64 -10.02
O2 OXL PA . -60.30 6.19 -7.29
O3 OXL PA . -61.90 4.88 -10.20
O4 OXL PA . -62.43 5.65 -7.67
MG MG QA . -63.64 4.73 -9.06
K K RA . -63.51 4.64 -15.01
#